data_1PN0
#
_entry.id   1PN0
#
_cell.length_a   99.999
_cell.length_b   150.948
_cell.length_c   114.962
_cell.angle_alpha   90.00
_cell.angle_beta   114.63
_cell.angle_gamma   90.00
#
_symmetry.space_group_name_H-M   'P 1 21 1'
#
loop_
_entity.id
_entity.type
_entity.pdbx_description
1 polymer 'Phenol 2-monooxygenase'
2 non-polymer 'CHLORIDE ION'
3 non-polymer 'FLAVIN-ADENINE DINUCLEOTIDE'
4 non-polymer PHENOL
5 water water
#
_entity_poly.entity_id   1
_entity_poly.type   'polypeptide(L)'
_entity_poly.pdbx_seq_one_letter_code
;MTKYSESYCDVLIVGAGPAGLMAARVLSEYVRQKPDLKVRIIDKRSTKVYNGQADGLQCRTLESLKNLGLADKILSEAND
MSTIALYNPDENGHIRRTDRIPDTLPGISRYHQVVLHQGRIERRILDSIAEISDTRIKVERPLIPEKMEIDSSKAEDPEA
YPVTMTLRYMSEDESTPLQFGHKTENGLFRSNLQTQEEEDANYRLPEGKEAGEIETVHCKYVIGCDGGHSWVRRTLGFEM
IGEQTDYIWGVLDAVPASNFPDIRSRCAIHSAESGSIMIIPRENNLVRFYVQLQARAEKGGRVDRTKFTPEVVIANAKKI
FHPYTFDVQQLDWFTAYHIGQRVTEKFSKDERVFIAGDACHTHSPKAGQGMNTSMMDTYNLGWKLGLVLTGRAKRDILKT
YEEERQPFAQALIDFDHQFSRLFSGRPAKDVADEMGVSMDVFKEAFVKGNEFASGTAINYDENLVTDKKSSKQELAKNCV
VGTRFKSQPVVRHSEGLWMHFGDRLVTDGRFRIIVFAGKATDATQMSRIKKFAAYLDSENSVISRYTPKGADRNSRIDVI
TIHSCHRDDIEMHDFPAPALHPKWQYDFIYADCDSWHHPHPKSYQAWGVDETKGAVVVVRPDGYTSLVTDLEGTAEIDRY
FSGILVEPKEKSGAQTEADWTKSTA
;
_entity_poly.pdbx_strand_id   A,B,C,D
#
loop_
_chem_comp.id
_chem_comp.type
_chem_comp.name
_chem_comp.formula
CL non-polymer 'CHLORIDE ION' 'Cl -1'
FAD non-polymer 'FLAVIN-ADENINE DINUCLEOTIDE' 'C27 H33 N9 O15 P2'
IPH non-polymer PHENOL 'C6 H6 O'
#
# COMPACT_ATOMS: atom_id res chain seq x y z
N THR A 2 6.51 69.63 28.78
CA THR A 2 6.46 68.45 27.88
C THR A 2 7.55 68.58 26.82
N LYS A 3 8.28 67.49 26.59
CA LYS A 3 9.30 67.48 25.55
C LYS A 3 8.65 67.02 24.25
N TYR A 4 8.88 67.77 23.18
CA TYR A 4 8.36 67.39 21.89
C TYR A 4 9.46 66.99 20.92
N SER A 5 9.16 66.01 20.08
CA SER A 5 10.14 65.63 19.10
C SER A 5 9.47 65.34 17.80
N GLU A 6 10.28 65.22 16.75
CA GLU A 6 9.72 65.00 15.40
C GLU A 6 10.65 64.10 14.58
N SER A 7 10.08 63.20 13.79
CA SER A 7 10.91 62.27 13.01
C SER A 7 10.16 61.74 11.80
N TYR A 8 10.86 60.96 10.98
CA TYR A 8 10.28 60.36 9.77
C TYR A 8 10.55 58.88 9.73
N CYS A 9 9.62 58.13 9.15
CA CYS A 9 9.86 56.71 8.99
C CYS A 9 9.08 56.16 7.83
N ASP A 10 9.50 55.00 7.37
CA ASP A 10 8.86 54.39 6.20
C ASP A 10 7.63 53.60 6.57
N VAL A 11 7.71 52.81 7.64
CA VAL A 11 6.54 52.08 8.10
C VAL A 11 6.47 52.16 9.62
N LEU A 12 5.29 52.47 10.14
CA LEU A 12 5.08 52.39 11.59
C LEU A 12 4.07 51.27 11.84
N ILE A 13 4.47 50.27 12.62
CA ILE A 13 3.57 49.17 12.96
C ILE A 13 3.06 49.47 14.36
N VAL A 14 1.75 49.61 14.50
CA VAL A 14 1.16 49.87 15.81
C VAL A 14 0.67 48.54 16.42
N GLY A 15 1.38 48.06 17.44
CA GLY A 15 1.02 46.80 18.10
C GLY A 15 2.04 45.73 17.80
N ALA A 16 2.49 45.05 18.85
CA ALA A 16 3.51 44.03 18.73
C ALA A 16 3.04 42.69 19.26
N GLY A 17 1.82 42.34 18.89
CA GLY A 17 1.32 40.99 19.09
C GLY A 17 1.73 40.19 17.86
N PRO A 18 1.17 39.00 17.69
CA PRO A 18 1.49 38.16 16.53
C PRO A 18 1.37 38.86 15.16
N ALA A 19 0.31 39.64 14.93
CA ALA A 19 0.21 40.33 13.64
C ALA A 19 1.39 41.29 13.44
N GLY A 20 1.64 42.13 14.44
CA GLY A 20 2.67 43.16 14.32
C GLY A 20 4.05 42.57 14.21
N LEU A 21 4.33 41.58 15.04
CA LEU A 21 5.63 40.91 15.03
C LEU A 21 5.89 40.24 13.67
N MET A 22 4.87 39.60 13.12
CA MET A 22 5.02 39.00 11.78
C MET A 22 5.30 40.09 10.74
N ALA A 23 4.60 41.22 10.84
CA ALA A 23 4.87 42.32 9.95
C ALA A 23 6.32 42.77 10.06
N ALA A 24 6.82 42.90 11.28
CA ALA A 24 8.19 43.34 11.45
C ALA A 24 9.17 42.29 10.93
N ARG A 25 8.87 41.02 11.19
CA ARG A 25 9.74 39.94 10.72
C ARG A 25 9.81 39.96 9.19
N VAL A 26 8.65 40.07 8.56
CA VAL A 26 8.65 40.09 7.10
C VAL A 26 9.39 41.31 6.55
N LEU A 27 9.13 42.48 7.12
CA LEU A 27 9.77 43.71 6.63
C LEU A 27 11.28 43.73 6.93
N SER A 28 11.69 43.00 7.96
CA SER A 28 13.11 42.91 8.34
C SER A 28 14.00 42.57 7.17
N GLU A 29 13.52 41.66 6.33
CA GLU A 29 14.31 41.22 5.20
C GLU A 29 14.61 42.37 4.26
N TYR A 30 13.61 43.22 4.04
CA TYR A 30 13.76 44.34 3.12
C TYR A 30 14.68 45.40 3.70
N VAL A 31 14.61 45.59 5.00
CA VAL A 31 15.49 46.53 5.68
C VAL A 31 16.94 46.03 5.57
N ARG A 32 17.13 44.72 5.70
CA ARG A 32 18.49 44.20 5.54
C ARG A 32 19.05 44.48 4.14
N GLN A 33 18.19 44.37 3.13
CA GLN A 33 18.58 44.66 1.75
C GLN A 33 18.80 46.14 1.47
N LYS A 34 18.03 46.99 2.13
CA LYS A 34 18.09 48.45 1.92
C LYS A 34 18.03 49.10 3.29
N PRO A 35 19.18 49.15 3.94
CA PRO A 35 19.31 49.62 5.32
C PRO A 35 18.89 51.09 5.55
N ASP A 36 18.74 51.90 4.50
CA ASP A 36 18.21 53.26 4.67
C ASP A 36 16.75 53.19 5.13
N LEU A 37 16.07 52.08 4.82
CA LEU A 37 14.67 51.93 5.21
C LEU A 37 14.48 51.99 6.72
N LYS A 38 13.44 52.70 7.15
CA LYS A 38 13.17 52.82 8.57
C LYS A 38 11.81 52.25 8.94
N VAL A 39 11.82 51.12 9.64
CA VAL A 39 10.60 50.42 10.03
C VAL A 39 10.55 50.43 11.54
N ARG A 40 9.47 50.97 12.10
CA ARG A 40 9.33 51.01 13.55
C ARG A 40 8.12 50.19 13.94
N ILE A 41 8.18 49.66 15.16
CA ILE A 41 7.05 48.92 15.70
C ILE A 41 6.91 49.29 17.19
N ILE A 42 5.70 49.66 17.59
CA ILE A 42 5.49 50.12 18.96
C ILE A 42 4.42 49.29 19.65
N ASP A 43 4.37 49.38 20.98
CA ASP A 43 3.33 48.69 21.73
C ASP A 43 3.05 49.48 22.99
N LYS A 44 1.79 49.55 23.41
CA LYS A 44 1.43 50.31 24.61
C LYS A 44 1.63 49.53 25.91
N ARG A 45 1.90 48.23 25.79
CA ARG A 45 2.22 47.42 26.98
C ARG A 45 3.73 47.38 27.24
N SER A 46 4.13 47.51 28.51
CA SER A 46 5.54 47.56 28.86
C SER A 46 6.36 46.35 28.41
N THR A 47 5.75 45.17 28.38
CA THR A 47 6.48 43.98 28.00
C THR A 47 5.67 43.11 27.05
N LYS A 48 6.38 42.19 26.43
CA LYS A 48 5.76 41.14 25.62
C LYS A 48 4.88 40.29 26.52
N VAL A 49 4.08 39.44 25.90
CA VAL A 49 3.26 38.48 26.63
C VAL A 49 4.18 37.35 27.12
N TYR A 50 3.87 36.75 28.26
CA TYR A 50 4.65 35.65 28.84
C TYR A 50 3.88 34.35 29.02
N ASN A 51 2.56 34.44 29.05
CA ASN A 51 1.75 33.23 29.25
C ASN A 51 0.42 33.39 28.60
N GLY A 52 -0.18 32.26 28.23
CA GLY A 52 -1.55 32.27 27.74
C GLY A 52 -1.84 32.95 26.42
N GLN A 53 -3.06 33.48 26.33
CA GLN A 53 -3.61 34.10 25.13
C GLN A 53 -3.57 33.12 23.97
N ALA A 54 -3.24 33.58 22.77
CA ALA A 54 -3.22 32.67 21.60
C ALA A 54 -2.33 31.46 21.81
N ASP A 55 -2.74 30.29 21.31
CA ASP A 55 -1.85 29.13 21.43
C ASP A 55 -1.90 28.16 20.25
N GLY A 56 -2.67 28.50 19.23
CA GLY A 56 -2.85 27.57 18.13
C GLY A 56 -2.04 27.90 16.88
N LEU A 57 -1.32 26.92 16.36
CA LEU A 57 -0.64 27.13 15.09
C LEU A 57 -1.12 26.08 14.12
N GLN A 58 -1.82 26.52 13.09
CA GLN A 58 -2.35 25.58 12.11
C GLN A 58 -1.40 25.28 10.94
N CYS A 59 -1.80 24.32 10.11
CA CYS A 59 -0.96 23.83 9.02
C CYS A 59 -0.31 24.90 8.15
N ARG A 60 -1.11 25.77 7.52
CA ARG A 60 -0.52 26.75 6.64
C ARG A 60 0.40 27.75 7.35
N THR A 61 0.04 28.10 8.58
CA THR A 61 0.87 28.98 9.39
C THR A 61 2.23 28.34 9.62
N LEU A 62 2.23 27.03 9.90
CA LEU A 62 3.49 26.37 10.13
C LEU A 62 4.29 26.28 8.84
N GLU A 63 3.61 26.03 7.71
CA GLU A 63 4.31 26.03 6.43
C GLU A 63 5.02 27.38 6.20
N SER A 64 4.30 28.45 6.52
CA SER A 64 4.84 29.79 6.34
C SER A 64 5.97 30.08 7.34
N LEU A 65 5.78 29.66 8.59
CA LEU A 65 6.83 29.82 9.60
C LEU A 65 8.11 29.08 9.20
N LYS A 66 7.97 27.90 8.61
CA LYS A 66 9.14 27.15 8.17
C LYS A 66 9.89 27.99 7.13
N ASN A 67 9.15 28.59 6.20
CA ASN A 67 9.79 29.43 5.20
C ASN A 67 10.43 30.72 5.77
N LEU A 68 10.16 31.02 7.03
CA LEU A 68 10.78 32.15 7.72
C LEU A 68 11.86 31.66 8.70
N GLY A 69 12.08 30.35 8.74
CA GLY A 69 13.10 29.81 9.64
C GLY A 69 12.66 29.73 11.09
N LEU A 70 11.36 29.69 11.32
CA LEU A 70 10.79 29.71 12.66
C LEU A 70 10.06 28.44 13.08
N ALA A 71 9.74 27.59 12.12
CA ALA A 71 8.97 26.39 12.48
C ALA A 71 9.67 25.41 13.41
N ASP A 72 10.91 25.05 13.09
CA ASP A 72 11.58 24.01 13.87
C ASP A 72 11.74 24.39 15.34
N LYS A 73 12.06 25.66 15.59
CA LYS A 73 12.25 26.08 16.96
C LYS A 73 10.92 26.00 17.70
N ILE A 74 9.85 26.40 17.05
CA ILE A 74 8.53 26.30 17.64
C ILE A 74 8.11 24.82 17.86
N LEU A 75 8.34 23.98 16.88
CA LEU A 75 7.97 22.57 16.97
C LEU A 75 8.77 21.84 18.07
N SER A 76 9.94 22.35 18.40
CA SER A 76 10.75 21.72 19.45
C SER A 76 10.06 21.80 20.81
N GLU A 77 9.08 22.69 20.93
CA GLU A 77 8.37 22.92 22.20
C GLU A 77 6.87 22.61 22.15
N ALA A 78 6.27 22.75 20.96
CA ALA A 78 4.83 22.65 20.83
C ALA A 78 4.26 21.25 20.95
N ASN A 79 2.96 21.19 21.18
CA ASN A 79 2.27 19.89 21.36
C ASN A 79 1.31 19.60 20.23
N ASP A 80 1.39 18.40 19.67
CA ASP A 80 0.46 18.03 18.61
C ASP A 80 -0.70 17.26 19.29
N MET A 81 -1.88 17.89 19.36
CA MET A 81 -3.01 17.34 20.07
C MET A 81 -3.51 16.03 19.46
N SER A 82 -3.21 15.83 18.17
CA SER A 82 -3.41 14.56 17.46
C SER A 82 -4.84 14.11 17.20
N THR A 83 -5.63 14.01 18.27
CA THR A 83 -6.98 13.50 18.17
C THR A 83 -7.98 14.46 18.76
N ILE A 84 -9.18 14.49 18.17
CA ILE A 84 -10.28 15.20 18.77
C ILE A 84 -11.28 14.15 19.25
N ALA A 85 -11.48 14.05 20.56
CA ALA A 85 -12.44 13.09 21.08
C ALA A 85 -13.74 13.84 21.32
N LEU A 86 -14.86 13.26 20.90
CA LEU A 86 -16.15 13.89 21.07
C LEU A 86 -16.97 13.21 22.15
N TYR A 87 -17.35 13.97 23.16
CA TYR A 87 -18.12 13.43 24.27
C TYR A 87 -19.48 14.11 24.31
N ASN A 88 -20.54 13.35 24.56
CA ASN A 88 -21.87 13.93 24.73
C ASN A 88 -22.70 12.96 25.58
N PRO A 89 -23.89 13.37 26.03
CA PRO A 89 -24.69 12.54 26.93
C PRO A 89 -25.44 11.35 26.31
N ASP A 90 -25.57 10.26 27.08
CA ASP A 90 -26.34 9.10 26.63
C ASP A 90 -27.81 9.32 27.02
N GLU A 91 -28.64 8.29 26.89
CA GLU A 91 -30.06 8.43 27.21
C GLU A 91 -30.26 8.92 28.64
N ASN A 92 -29.37 8.50 29.52
CA ASN A 92 -29.51 8.89 30.92
C ASN A 92 -28.73 10.14 31.29
N GLY A 93 -28.26 10.85 30.27
CA GLY A 93 -27.59 12.13 30.47
C GLY A 93 -26.15 12.05 30.94
N HIS A 94 -25.53 10.89 30.73
CA HIS A 94 -24.16 10.69 31.16
C HIS A 94 -23.22 10.85 29.98
N ILE A 95 -22.20 11.70 30.13
CA ILE A 95 -21.28 11.93 29.02
C ILE A 95 -20.45 10.69 28.70
N ARG A 96 -20.24 10.46 27.41
CA ARG A 96 -19.45 9.31 26.96
C ARG A 96 -18.81 9.66 25.63
N ARG A 97 -17.68 9.03 25.35
CA ARG A 97 -16.99 9.26 24.08
C ARG A 97 -17.76 8.54 22.97
N THR A 98 -18.29 9.29 22.01
CA THR A 98 -19.02 8.68 20.91
C THR A 98 -18.20 8.57 19.64
N ASP A 99 -17.15 9.37 19.53
CA ASP A 99 -16.31 9.34 18.34
C ASP A 99 -14.95 9.96 18.57
N ARG A 100 -14.07 9.69 17.61
CA ARG A 100 -12.79 10.38 17.55
C ARG A 100 -12.54 10.75 16.10
N ILE A 101 -12.03 11.95 15.89
CA ILE A 101 -11.69 12.43 14.55
C ILE A 101 -10.28 12.97 14.62
N PRO A 102 -9.57 13.00 13.50
CA PRO A 102 -8.20 13.51 13.51
C PRO A 102 -8.20 15.00 13.75
N ASP A 103 -7.23 15.47 14.54
CA ASP A 103 -7.10 16.90 14.79
C ASP A 103 -6.57 17.65 13.57
N THR A 104 -5.82 16.94 12.74
CA THR A 104 -5.38 17.48 11.44
C THR A 104 -5.85 16.49 10.40
N LEU A 105 -6.45 16.97 9.31
CA LEU A 105 -6.94 16.04 8.30
C LEU A 105 -5.78 15.36 7.61
N PRO A 106 -5.79 14.04 7.52
CA PRO A 106 -4.72 13.33 6.84
C PRO A 106 -4.43 13.84 5.43
N GLY A 107 -3.14 14.07 5.16
CA GLY A 107 -2.69 14.47 3.84
C GLY A 107 -2.81 15.95 3.52
N ILE A 108 -3.36 16.75 4.44
CA ILE A 108 -3.68 18.15 4.07
C ILE A 108 -2.41 18.99 4.03
N SER A 109 -1.40 18.57 4.79
CA SER A 109 -0.15 19.32 4.91
C SER A 109 0.90 18.41 5.50
N ARG A 110 2.18 18.73 5.33
CA ARG A 110 3.22 17.96 6.01
C ARG A 110 3.33 18.37 7.48
N TYR A 111 2.77 19.54 7.82
CA TYR A 111 2.71 19.99 9.20
C TYR A 111 1.34 19.65 9.78
N HIS A 112 1.29 19.25 11.03
CA HIS A 112 0.03 19.11 11.74
C HIS A 112 -0.10 20.34 12.62
N GLN A 113 -1.34 20.69 12.97
CA GLN A 113 -1.58 21.72 13.98
C GLN A 113 -0.87 21.36 15.28
N VAL A 114 -0.30 22.39 15.91
CA VAL A 114 0.33 22.22 17.22
C VAL A 114 -0.08 23.42 18.07
N VAL A 115 0.12 23.32 19.37
CA VAL A 115 -0.28 24.37 20.27
C VAL A 115 0.91 24.71 21.17
N LEU A 116 1.04 26.00 21.48
CA LEU A 116 2.12 26.53 22.28
C LEU A 116 1.73 27.98 22.53
N HIS A 117 1.89 28.45 23.76
CA HIS A 117 1.37 29.77 24.08
C HIS A 117 2.07 30.95 23.40
N GLN A 118 1.33 32.03 23.35
CA GLN A 118 1.73 33.25 22.65
C GLN A 118 3.07 33.83 23.11
N GLY A 119 3.39 33.70 24.39
CA GLY A 119 4.67 34.18 24.88
C GLY A 119 5.86 33.54 24.19
N ARG A 120 5.76 32.24 23.92
CA ARG A 120 6.85 31.55 23.25
C ARG A 120 6.91 31.99 21.79
N ILE A 121 5.74 32.16 21.18
CA ILE A 121 5.72 32.58 19.79
C ILE A 121 6.31 33.99 19.67
N GLU A 122 5.92 34.88 20.57
CA GLU A 122 6.45 36.24 20.55
C GLU A 122 7.97 36.17 20.72
N ARG A 123 8.44 35.32 21.63
CA ARG A 123 9.87 35.22 21.85
C ARG A 123 10.59 34.84 20.56
N ARG A 124 10.09 33.80 19.89
CA ARG A 124 10.72 33.32 18.67
C ARG A 124 10.70 34.36 17.55
N ILE A 125 9.57 35.03 17.35
CA ILE A 125 9.55 36.03 16.28
C ILE A 125 10.45 37.23 16.63
N LEU A 126 10.43 37.65 17.89
CA LEU A 126 11.33 38.74 18.33
C LEU A 126 12.80 38.40 18.04
N ASP A 127 13.21 37.16 18.35
CA ASP A 127 14.60 36.75 18.11
C ASP A 127 14.94 36.76 16.62
N SER A 128 14.02 36.28 15.76
CA SER A 128 14.24 36.28 14.31
C SER A 128 14.34 37.72 13.75
N ILE A 129 13.48 38.63 14.26
CA ILE A 129 13.60 40.05 13.90
C ILE A 129 14.98 40.57 14.23
N ALA A 130 15.46 40.25 15.42
CA ALA A 130 16.79 40.69 15.85
C ALA A 130 17.87 40.17 14.91
N GLU A 131 17.81 38.89 14.55
CA GLU A 131 18.79 38.32 13.62
C GLU A 131 18.70 38.94 12.21
N ILE A 132 17.51 38.95 11.62
CA ILE A 132 17.37 39.37 10.22
C ILE A 132 17.67 40.87 10.08
N SER A 133 17.22 41.66 11.06
CA SER A 133 17.34 43.13 10.95
C SER A 133 18.64 43.58 11.53
N ASP A 134 19.36 42.63 12.12
CA ASP A 134 20.60 42.95 12.79
C ASP A 134 20.31 44.08 13.77
N THR A 135 19.30 43.84 14.61
CA THR A 135 18.76 44.79 15.58
C THR A 135 18.40 46.19 15.06
N ARG A 136 18.28 46.37 13.75
CA ARG A 136 17.87 47.67 13.23
C ARG A 136 16.36 47.87 13.49
N ILE A 137 15.64 46.79 13.83
CA ILE A 137 14.23 46.89 14.18
C ILE A 137 14.04 46.36 15.62
N LYS A 138 13.57 47.22 16.52
CA LYS A 138 13.34 46.84 17.92
C LYS A 138 11.97 47.31 18.32
N VAL A 139 11.23 46.51 19.08
CA VAL A 139 9.93 46.98 19.55
C VAL A 139 10.13 48.13 20.57
N GLU A 140 9.40 49.23 20.38
CA GLU A 140 9.49 50.40 21.27
C GLU A 140 8.26 50.40 22.16
N ARG A 141 8.45 50.32 23.47
CA ARG A 141 7.31 50.17 24.36
C ARG A 141 7.67 50.62 25.78
N PRO A 142 6.71 51.12 26.55
CA PRO A 142 5.34 51.38 26.10
C PRO A 142 5.16 52.76 25.43
N LEU A 143 4.67 52.75 24.19
CA LEU A 143 4.36 53.97 23.43
C LEU A 143 2.93 53.83 22.92
N ILE A 144 2.22 54.94 22.79
CA ILE A 144 0.85 54.88 22.34
C ILE A 144 0.49 56.04 21.43
N PRO A 145 -0.21 55.78 20.33
CA PRO A 145 -0.64 56.88 19.47
C PRO A 145 -1.73 57.71 20.11
N GLU A 146 -1.65 59.04 19.93
CA GLU A 146 -2.66 59.95 20.46
C GLU A 146 -3.43 60.56 19.29
N LYS A 147 -2.84 60.55 18.10
CA LYS A 147 -3.44 61.24 16.96
C LYS A 147 -2.90 60.70 15.62
N MET A 148 -3.76 60.63 14.61
CA MET A 148 -3.37 60.21 13.26
C MET A 148 -4.04 61.13 12.24
N GLU A 149 -3.24 61.71 11.33
CA GLU A 149 -3.74 62.58 10.27
C GLU A 149 -3.27 62.01 8.94
N ILE A 150 -4.19 61.89 7.98
CA ILE A 150 -3.87 61.30 6.70
C ILE A 150 -4.16 62.29 5.61
N ASP A 151 -3.17 62.55 4.76
CA ASP A 151 -3.34 63.47 3.65
C ASP A 151 -3.59 62.64 2.40
N SER A 152 -4.85 62.47 2.03
CA SER A 152 -5.19 61.63 0.89
C SER A 152 -4.68 62.17 -0.43
N SER A 153 -4.46 63.48 -0.51
CA SER A 153 -3.96 64.06 -1.75
C SER A 153 -2.55 63.61 -2.07
N LYS A 154 -1.86 63.04 -1.09
CA LYS A 154 -0.49 62.59 -1.31
C LYS A 154 -0.37 61.09 -1.40
N ALA A 155 -1.50 60.39 -1.51
CA ALA A 155 -1.49 58.92 -1.45
C ALA A 155 -0.59 58.26 -2.48
N GLU A 156 -0.52 58.85 -3.67
CA GLU A 156 0.24 58.23 -4.76
C GLU A 156 1.63 58.82 -4.96
N ASP A 157 2.06 59.68 -4.06
CA ASP A 157 3.37 60.28 -4.21
C ASP A 157 4.37 59.43 -3.45
N PRO A 158 5.33 58.81 -4.15
CA PRO A 158 6.28 57.88 -3.54
C PRO A 158 7.25 58.59 -2.61
N GLU A 159 7.40 59.91 -2.76
CA GLU A 159 8.33 60.62 -1.89
C GLU A 159 7.63 61.20 -0.67
N ALA A 160 6.30 61.16 -0.64
CA ALA A 160 5.57 61.77 0.47
C ALA A 160 5.48 60.90 1.74
N TYR A 161 5.14 61.54 2.87
CA TYR A 161 4.88 60.87 4.14
C TYR A 161 3.45 61.28 4.47
N PRO A 162 2.47 60.59 3.88
CA PRO A 162 1.08 61.07 3.95
C PRO A 162 0.42 60.87 5.31
N VAL A 163 1.06 60.09 6.17
CA VAL A 163 0.44 59.81 7.45
C VAL A 163 1.24 60.36 8.62
N THR A 164 0.65 61.30 9.35
CA THR A 164 1.31 61.86 10.52
C THR A 164 0.76 61.24 11.79
N MET A 165 1.64 60.59 12.55
CA MET A 165 1.24 59.91 13.78
C MET A 165 1.80 60.67 14.95
N THR A 166 0.98 60.96 15.94
CA THR A 166 1.48 61.63 17.14
C THR A 166 1.54 60.56 18.23
N LEU A 167 2.74 60.30 18.76
CA LEU A 167 2.90 59.25 19.76
C LEU A 167 3.30 59.80 21.14
N ARG A 168 2.87 59.12 22.19
CA ARG A 168 3.24 59.48 23.55
C ARG A 168 4.00 58.33 24.22
N TYR A 169 5.13 58.67 24.85
CA TYR A 169 5.95 57.72 25.60
C TYR A 169 5.34 57.59 27.00
N MET A 170 5.02 56.36 27.39
CA MET A 170 4.30 56.13 28.64
C MET A 170 5.21 55.81 29.84
N SER A 171 4.74 56.18 31.03
CA SER A 171 5.46 55.85 32.25
C SER A 171 5.14 54.40 32.59
N GLU A 172 5.95 53.80 33.47
CA GLU A 172 5.69 52.40 33.82
C GLU A 172 4.32 52.26 34.47
N ASP A 173 3.98 53.21 35.32
CA ASP A 173 2.70 53.19 36.02
C ASP A 173 1.47 53.17 35.09
N GLU A 174 1.56 53.83 33.94
CA GLU A 174 0.43 53.91 33.02
C GLU A 174 0.16 52.63 32.27
N SER A 175 1.19 51.84 32.05
CA SER A 175 1.00 50.64 31.26
C SER A 175 0.32 49.59 32.11
N THR A 176 -0.75 49.03 31.56
CA THR A 176 -1.52 48.01 32.23
C THR A 176 -0.81 46.68 32.07
N PRO A 177 -0.27 46.18 33.18
CA PRO A 177 0.52 44.96 33.19
C PRO A 177 -0.30 43.68 33.02
N LEU A 178 0.42 42.60 32.80
CA LEU A 178 -0.13 41.26 32.62
C LEU A 178 -0.35 40.64 33.99
N GLN A 179 -1.47 39.99 34.19
CA GLN A 179 -1.68 39.32 35.46
C GLN A 179 -0.71 38.15 35.62
N PHE A 180 -0.43 37.47 34.51
CA PHE A 180 0.44 36.32 34.51
C PHE A 180 1.69 36.63 33.72
N GLY A 181 2.56 37.42 34.33
CA GLY A 181 3.77 37.85 33.66
C GLY A 181 4.94 36.90 33.79
N HIS A 182 6.12 37.44 33.53
CA HIS A 182 7.36 36.69 33.55
C HIS A 182 7.67 36.14 34.94
N LYS A 183 8.20 34.94 34.96
CA LYS A 183 8.63 34.32 36.22
C LYS A 183 10.09 33.97 36.13
N THR A 184 10.84 34.35 37.14
CA THR A 184 12.26 34.06 37.21
C THR A 184 12.51 32.54 37.22
N GLU A 185 13.49 32.10 36.44
CA GLU A 185 13.82 30.67 36.43
C GLU A 185 14.52 30.28 37.72
N ASN A 186 14.46 29.00 38.07
CA ASN A 186 15.13 28.51 39.25
C ASN A 186 16.61 28.25 38.94
N GLY A 187 17.44 28.24 39.98
CA GLY A 187 18.84 27.91 39.83
C GLY A 187 19.72 28.99 39.21
N LEU A 188 20.98 28.61 38.94
CA LEU A 188 21.98 29.50 38.40
C LEU A 188 21.90 29.63 36.88
N PHE A 189 21.67 28.52 36.20
CA PHE A 189 21.68 28.49 34.75
C PHE A 189 20.65 29.37 34.07
N ARG A 190 21.07 30.07 33.00
CA ARG A 190 20.16 30.80 32.13
C ARG A 190 20.56 30.53 30.69
N SER A 191 19.65 29.98 29.89
CA SER A 191 19.94 29.82 28.49
C SER A 191 19.84 31.20 27.86
N ASN A 192 20.27 31.33 26.62
CA ASN A 192 20.14 32.62 25.94
C ASN A 192 18.67 33.02 25.91
N LEU A 193 17.80 32.04 25.64
CA LEU A 193 16.36 32.31 25.57
C LEU A 193 15.85 32.85 26.92
N GLN A 194 16.25 32.20 28.01
CA GLN A 194 15.81 32.62 29.32
C GLN A 194 16.32 34.01 29.69
N THR A 195 17.57 34.29 29.31
CA THR A 195 18.14 35.60 29.54
C THR A 195 17.38 36.71 28.81
N GLN A 196 17.03 36.44 27.55
CA GLN A 196 16.31 37.41 26.76
C GLN A 196 14.90 37.63 27.32
N GLU A 197 14.27 36.55 27.75
CA GLU A 197 12.96 36.65 28.39
C GLU A 197 13.04 37.57 29.61
N GLU A 198 14.04 37.34 30.46
CA GLU A 198 14.23 38.14 31.66
C GLU A 198 14.48 39.62 31.34
N GLU A 199 15.36 39.89 30.38
CA GLU A 199 15.66 41.27 30.00
C GLU A 199 14.43 41.98 29.46
N ASP A 200 13.65 41.24 28.65
CA ASP A 200 12.43 41.76 28.09
C ASP A 200 11.35 42.04 29.11
N ALA A 201 11.47 41.49 30.31
CA ALA A 201 10.44 41.69 31.32
C ALA A 201 10.55 43.03 32.08
N ASN A 202 11.56 43.82 31.76
CA ASN A 202 11.77 45.09 32.46
C ASN A 202 11.20 46.26 31.67
N TYR A 203 10.70 47.28 32.36
CA TYR A 203 10.19 48.46 31.69
C TYR A 203 11.41 49.22 31.22
N ARG A 204 11.45 49.55 29.95
CA ARG A 204 12.56 50.27 29.37
C ARG A 204 12.14 50.94 28.06
N LEU A 205 12.09 52.27 28.07
CA LEU A 205 11.76 53.03 26.87
C LEU A 205 12.99 53.02 25.96
N PRO A 206 12.82 53.39 24.70
CA PRO A 206 13.98 53.47 23.80
C PRO A 206 15.04 54.43 24.32
N GLU A 207 16.28 54.17 23.95
CA GLU A 207 17.43 54.97 24.38
C GLU A 207 17.15 56.45 24.23
N GLY A 208 17.36 57.21 25.30
CA GLY A 208 17.22 58.66 25.26
C GLY A 208 15.83 59.24 25.37
N LYS A 209 14.81 58.39 25.31
CA LYS A 209 13.44 58.87 25.39
C LYS A 209 12.98 58.86 26.85
N GLU A 210 12.01 59.70 27.18
CA GLU A 210 11.52 59.82 28.54
C GLU A 210 10.02 59.77 28.59
N ALA A 211 9.49 59.28 29.69
CA ALA A 211 8.04 59.20 29.82
C ALA A 211 7.47 60.60 29.66
N GLY A 212 6.39 60.72 28.90
CA GLY A 212 5.73 62.00 28.71
C GLY A 212 6.07 62.70 27.40
N GLU A 213 7.13 62.25 26.74
CA GLU A 213 7.55 62.87 25.48
C GLU A 213 6.49 62.64 24.41
N ILE A 214 6.22 63.66 23.60
CA ILE A 214 5.25 63.54 22.50
C ILE A 214 6.01 63.64 21.19
N GLU A 215 5.95 62.60 20.38
CA GLU A 215 6.70 62.56 19.13
C GLU A 215 5.79 62.59 17.93
N THR A 216 6.07 63.52 17.02
CA THR A 216 5.33 63.62 15.76
C THR A 216 6.12 62.79 14.76
N VAL A 217 5.51 61.72 14.27
CA VAL A 217 6.20 60.84 13.34
C VAL A 217 5.50 60.86 11.99
N HIS A 218 6.21 61.35 10.97
CA HIS A 218 5.72 61.39 9.61
C HIS A 218 6.00 60.03 9.01
N CYS A 219 4.97 59.38 8.50
CA CYS A 219 5.08 58.01 8.00
C CYS A 219 4.66 57.84 6.56
N LYS A 220 5.38 57.02 5.83
CA LYS A 220 4.89 56.69 4.49
C LYS A 220 3.75 55.70 4.59
N TYR A 221 3.84 54.77 5.56
CA TYR A 221 2.84 53.71 5.73
C TYR A 221 2.65 53.43 7.20
N VAL A 222 1.44 53.04 7.58
CA VAL A 222 1.16 52.63 8.95
C VAL A 222 0.36 51.31 8.91
N ILE A 223 0.73 50.35 9.77
CA ILE A 223 -0.05 49.12 9.85
C ILE A 223 -0.58 48.99 11.26
N GLY A 224 -1.90 49.06 11.40
CA GLY A 224 -2.51 48.89 12.69
C GLY A 224 -2.66 47.41 13.00
N CYS A 225 -1.86 46.93 13.95
CA CYS A 225 -1.88 45.54 14.40
C CYS A 225 -2.19 45.59 15.89
N ASP A 226 -3.13 46.46 16.24
CA ASP A 226 -3.37 46.77 17.64
C ASP A 226 -4.55 46.06 18.29
N GLY A 227 -4.92 44.91 17.74
CA GLY A 227 -5.88 44.04 18.41
C GLY A 227 -7.35 44.34 18.24
N GLY A 228 -8.16 43.55 18.94
CA GLY A 228 -9.61 43.60 18.79
C GLY A 228 -10.26 44.96 18.99
N HIS A 229 -9.66 45.79 19.83
CA HIS A 229 -10.22 47.12 20.10
C HIS A 229 -9.44 48.21 19.40
N SER A 230 -8.74 47.78 18.34
CA SER A 230 -7.89 48.64 17.50
C SER A 230 -8.22 50.11 17.49
N TRP A 231 -7.33 50.91 18.05
CA TRP A 231 -7.43 52.36 18.02
C TRP A 231 -7.27 52.81 16.58
N VAL A 232 -6.39 52.15 15.83
CA VAL A 232 -6.19 52.53 14.43
C VAL A 232 -7.51 52.35 13.66
N ARG A 233 -8.10 51.16 13.75
CA ARG A 233 -9.36 50.90 13.06
C ARG A 233 -10.41 51.94 13.40
N ARG A 234 -10.59 52.19 14.70
CA ARG A 234 -11.58 53.15 15.15
C ARG A 234 -11.32 54.56 14.64
N THR A 235 -10.05 54.93 14.59
CA THR A 235 -9.69 56.26 14.12
C THR A 235 -9.98 56.41 12.64
N LEU A 236 -9.80 55.32 11.90
CA LEU A 236 -10.09 55.28 10.48
C LEU A 236 -11.61 55.30 10.24
N GLY A 237 -12.37 54.95 11.27
CA GLY A 237 -13.83 54.92 11.15
C GLY A 237 -14.37 53.66 10.49
N PHE A 238 -13.62 52.57 10.52
CA PHE A 238 -14.07 51.34 9.92
C PHE A 238 -14.89 50.57 10.96
N GLU A 239 -16.19 50.52 10.78
CA GLU A 239 -17.07 49.85 11.74
C GLU A 239 -16.86 48.34 11.83
N MET A 240 -16.80 47.86 13.07
CA MET A 240 -16.67 46.44 13.37
C MET A 240 -18.06 45.86 13.26
N ILE A 241 -18.37 45.25 12.11
CA ILE A 241 -19.70 44.70 11.88
C ILE A 241 -19.92 43.28 12.41
N GLY A 242 -20.92 43.13 13.27
CA GLY A 242 -21.29 41.83 13.79
C GLY A 242 -22.25 41.91 14.95
N GLU A 243 -22.22 40.88 15.80
CA GLU A 243 -23.05 40.83 17.00
C GLU A 243 -22.34 40.03 18.09
N GLN A 244 -22.73 40.26 19.34
CA GLN A 244 -22.18 39.56 20.47
C GLN A 244 -23.32 38.82 21.19
N THR A 245 -23.21 37.48 21.30
CA THR A 245 -24.21 36.68 21.98
C THR A 245 -24.08 36.87 23.47
N ASP A 246 -24.92 36.15 24.21
CA ASP A 246 -24.85 36.22 25.66
C ASP A 246 -24.01 35.06 26.23
N TYR A 247 -23.44 34.23 25.36
CA TYR A 247 -22.62 33.11 25.82
C TYR A 247 -21.29 33.59 26.39
N ILE A 248 -20.97 33.14 27.60
CA ILE A 248 -19.70 33.51 28.21
C ILE A 248 -18.91 32.26 28.54
N TRP A 249 -17.63 32.27 28.21
CA TRP A 249 -16.77 31.14 28.49
C TRP A 249 -15.56 31.61 29.29
N GLY A 250 -14.96 30.68 30.03
CA GLY A 250 -13.74 30.96 30.76
C GLY A 250 -12.64 30.08 30.18
N VAL A 251 -11.40 30.41 30.49
CA VAL A 251 -10.28 29.63 30.00
C VAL A 251 -9.30 29.42 31.12
N LEU A 252 -8.82 28.18 31.27
CA LEU A 252 -7.83 27.87 32.27
C LEU A 252 -6.65 27.18 31.62
N ASP A 253 -5.44 27.70 31.85
CA ASP A 253 -4.25 26.98 31.44
C ASP A 253 -3.72 26.36 32.73
N ALA A 254 -3.83 25.04 32.83
CA ALA A 254 -3.54 24.37 34.09
C ALA A 254 -2.90 23.02 33.93
N VAL A 255 -2.16 22.58 34.95
CA VAL A 255 -1.77 21.19 35.01
C VAL A 255 -2.91 20.52 35.75
N PRO A 256 -3.68 19.70 35.05
CA PRO A 256 -4.86 19.08 35.65
C PRO A 256 -4.58 17.85 36.50
N ALA A 257 -5.50 17.60 37.42
CA ALA A 257 -5.55 16.35 38.19
C ALA A 257 -6.96 15.83 37.94
N SER A 258 -7.06 14.83 37.06
CA SER A 258 -8.35 14.35 36.61
C SER A 258 -8.29 12.92 36.15
N ASN A 259 -9.38 12.17 36.34
CA ASN A 259 -9.49 10.80 35.85
C ASN A 259 -10.25 10.75 34.52
N PHE A 260 -10.47 11.91 33.91
CA PHE A 260 -11.11 11.94 32.61
C PHE A 260 -10.19 11.22 31.63
N PRO A 261 -10.70 10.20 30.97
CA PRO A 261 -9.83 9.34 30.14
C PRO A 261 -9.10 10.07 29.02
N ASP A 262 -9.73 11.08 28.44
CA ASP A 262 -9.12 11.80 27.33
C ASP A 262 -8.61 13.17 27.68
N ILE A 263 -8.14 13.33 28.91
CA ILE A 263 -7.65 14.62 29.40
C ILE A 263 -6.46 15.16 28.59
N ARG A 264 -5.68 14.28 27.96
CA ARG A 264 -4.53 14.74 27.17
C ARG A 264 -4.81 14.80 25.67
N SER A 265 -6.07 14.59 25.29
CA SER A 265 -6.48 14.69 23.91
C SER A 265 -7.25 15.98 23.69
N ARG A 266 -7.31 16.49 22.46
CA ARG A 266 -8.27 17.56 22.25
C ARG A 266 -9.63 16.90 22.44
N CYS A 267 -10.54 17.61 23.07
CA CYS A 267 -11.89 17.07 23.25
C CYS A 267 -12.94 18.15 23.12
N ALA A 268 -14.15 17.74 22.74
CA ALA A 268 -15.32 18.59 22.84
C ALA A 268 -16.26 17.80 23.75
N ILE A 269 -16.79 18.46 24.77
CA ILE A 269 -17.70 17.82 25.69
C ILE A 269 -18.95 18.67 25.80
N HIS A 270 -20.08 18.09 25.44
CA HIS A 270 -21.37 18.75 25.63
C HIS A 270 -21.99 18.05 26.83
N SER A 271 -22.21 18.77 27.94
CA SER A 271 -22.87 18.17 29.08
C SER A 271 -24.38 18.25 28.87
N ALA A 272 -25.13 17.50 29.67
CA ALA A 272 -26.58 17.47 29.52
C ALA A 272 -27.22 18.83 29.71
N GLU A 273 -26.74 19.55 30.72
CA GLU A 273 -27.44 20.74 31.12
C GLU A 273 -26.53 21.84 31.66
N SER A 274 -25.21 21.60 31.66
CA SER A 274 -24.28 22.52 32.30
C SER A 274 -23.32 23.25 31.38
N GLY A 275 -23.45 23.08 30.07
CA GLY A 275 -22.57 23.77 29.15
C GLY A 275 -21.53 22.84 28.55
N SER A 276 -20.65 23.43 27.75
CA SER A 276 -19.63 22.68 27.04
C SER A 276 -18.20 22.99 27.48
N ILE A 277 -17.31 22.06 27.19
CA ILE A 277 -15.89 22.27 27.39
C ILE A 277 -15.12 21.88 26.13
N MET A 278 -14.05 22.60 25.84
CA MET A 278 -13.11 22.14 24.83
C MET A 278 -11.78 21.99 25.53
N ILE A 279 -11.18 20.81 25.41
CA ILE A 279 -9.88 20.55 26.00
C ILE A 279 -8.83 20.70 24.93
N ILE A 280 -7.77 21.45 25.23
CA ILE A 280 -6.67 21.69 24.31
C ILE A 280 -5.42 21.30 25.06
N PRO A 281 -4.94 20.06 24.87
CA PRO A 281 -3.76 19.61 25.60
C PRO A 281 -2.51 20.33 25.11
N ARG A 282 -1.68 20.75 26.05
CA ARG A 282 -0.58 21.63 25.72
C ARG A 282 0.79 21.07 26.02
N GLU A 283 1.80 21.92 25.89
CA GLU A 283 3.16 21.51 26.22
C GLU A 283 3.35 21.35 27.72
N ASN A 284 4.44 20.69 28.09
CA ASN A 284 4.89 20.62 29.50
C ASN A 284 3.81 20.31 30.55
N ASN A 285 3.02 19.28 30.30
CA ASN A 285 1.96 18.82 31.20
C ASN A 285 0.79 19.78 31.37
N LEU A 286 0.83 20.92 30.70
CA LEU A 286 -0.28 21.85 30.75
C LEU A 286 -1.42 21.34 29.88
N VAL A 287 -2.63 21.74 30.24
CA VAL A 287 -3.78 21.54 29.39
C VAL A 287 -4.62 22.82 29.48
N ARG A 288 -5.08 23.31 28.32
CA ARG A 288 -5.95 24.47 28.32
C ARG A 288 -7.40 24.01 28.28
N PHE A 289 -8.22 24.62 29.12
CA PHE A 289 -9.62 24.26 29.18
C PHE A 289 -10.46 25.48 28.84
N TYR A 290 -11.24 25.40 27.77
CA TYR A 290 -12.24 26.41 27.48
C TYR A 290 -13.49 25.87 28.14
N VAL A 291 -14.03 26.63 29.08
CA VAL A 291 -15.14 26.16 29.90
C VAL A 291 -16.29 27.12 29.80
N GLN A 292 -17.42 26.65 29.28
CA GLN A 292 -18.59 27.51 29.15
C GLN A 292 -19.12 27.82 30.55
N LEU A 293 -19.51 29.08 30.78
CA LEU A 293 -19.99 29.48 32.09
C LEU A 293 -21.50 29.69 32.07
N GLN A 294 -22.16 29.29 33.17
CA GLN A 294 -23.60 29.50 33.33
C GLN A 294 -23.77 30.79 34.14
N ALA A 295 -24.82 31.55 33.85
CA ALA A 295 -25.03 32.82 34.55
C ALA A 295 -26.08 32.71 35.66
N THR A 306 -20.07 41.14 40.23
CA THR A 306 -19.40 41.36 38.94
C THR A 306 -17.87 41.22 38.96
N LYS A 307 -17.33 40.06 38.51
CA LYS A 307 -15.89 39.82 38.41
C LYS A 307 -15.65 38.31 38.38
N PHE A 308 -15.51 37.60 37.30
CA PHE A 308 -15.24 36.19 36.99
C PHE A 308 -13.85 35.77 37.45
N THR A 309 -13.78 34.69 38.21
CA THR A 309 -12.50 34.23 38.71
C THR A 309 -12.25 32.81 38.27
N PRO A 310 -11.02 32.36 38.45
CA PRO A 310 -10.64 30.99 38.14
C PRO A 310 -11.52 30.02 38.94
N GLU A 311 -11.79 30.36 40.19
CA GLU A 311 -12.60 29.52 41.06
C GLU A 311 -13.97 29.23 40.44
N VAL A 312 -14.57 30.24 39.84
CA VAL A 312 -15.87 30.08 39.23
C VAL A 312 -15.76 29.21 37.99
N VAL A 313 -14.70 29.42 37.23
CA VAL A 313 -14.50 28.62 36.04
C VAL A 313 -14.27 27.16 36.41
N ILE A 314 -13.51 26.92 37.46
CA ILE A 314 -13.25 25.57 37.93
C ILE A 314 -14.56 24.89 38.39
N ALA A 315 -15.42 25.67 39.04
CA ALA A 315 -16.68 25.13 39.55
C ALA A 315 -17.54 24.67 38.39
N ASN A 316 -17.63 25.51 37.35
CA ASN A 316 -18.39 25.14 36.16
C ASN A 316 -17.78 23.92 35.48
N ALA A 317 -16.46 23.86 35.45
CA ALA A 317 -15.78 22.73 34.82
C ALA A 317 -16.11 21.43 35.54
N LYS A 318 -16.12 21.46 36.87
CA LYS A 318 -16.43 20.26 37.66
C LYS A 318 -17.82 19.74 37.32
N LYS A 319 -18.76 20.66 37.11
CA LYS A 319 -20.12 20.25 36.79
C LYS A 319 -20.18 19.63 35.41
N ILE A 320 -19.43 20.19 34.47
CA ILE A 320 -19.47 19.69 33.09
C ILE A 320 -18.76 18.34 32.97
N PHE A 321 -17.70 18.14 33.72
CA PHE A 321 -16.95 16.88 33.71
C PHE A 321 -17.68 15.72 34.38
N HIS A 322 -18.62 16.03 35.26
CA HIS A 322 -19.33 15.00 36.00
C HIS A 322 -19.70 13.79 35.13
N PRO A 323 -19.46 12.58 35.62
CA PRO A 323 -18.92 12.34 36.97
C PRO A 323 -17.40 12.22 37.08
N TYR A 324 -16.66 12.54 36.03
CA TYR A 324 -15.21 12.49 36.12
C TYR A 324 -14.72 13.61 37.05
N THR A 325 -13.55 13.43 37.65
CA THR A 325 -13.03 14.46 38.53
C THR A 325 -12.26 15.50 37.74
N PHE A 326 -12.10 16.67 38.34
CA PHE A 326 -11.31 17.73 37.74
C PHE A 326 -10.81 18.66 38.81
N ASP A 327 -9.50 18.78 38.92
CA ASP A 327 -8.87 19.73 39.83
C ASP A 327 -7.65 20.29 39.14
N VAL A 328 -7.22 21.46 39.59
CA VAL A 328 -6.08 22.15 39.02
C VAL A 328 -4.90 22.02 39.97
N GLN A 329 -3.82 21.42 39.52
CA GLN A 329 -2.63 21.29 40.36
C GLN A 329 -1.84 22.61 40.32
N GLN A 330 -1.97 23.33 39.21
CA GLN A 330 -1.19 24.54 38.99
C GLN A 330 -1.87 25.37 37.92
N LEU A 331 -1.93 26.68 38.12
CA LEU A 331 -2.61 27.53 37.15
C LEU A 331 -1.63 28.52 36.56
N ASP A 332 -1.53 28.56 35.23
CA ASP A 332 -0.56 29.42 34.56
C ASP A 332 -1.21 30.64 33.93
N TRP A 333 -2.50 30.56 33.63
CA TRP A 333 -3.17 31.68 33.00
C TRP A 333 -4.66 31.45 33.04
N PHE A 334 -5.41 32.53 32.84
CA PHE A 334 -6.84 32.42 32.79
C PHE A 334 -7.45 33.71 32.21
N THR A 335 -8.62 33.57 31.60
CA THR A 335 -9.34 34.72 31.06
C THR A 335 -10.80 34.33 30.91
N ALA A 336 -11.61 35.28 30.46
CA ALA A 336 -13.02 35.04 30.18
C ALA A 336 -13.40 35.87 28.96
N TYR A 337 -14.39 35.40 28.21
CA TYR A 337 -14.81 36.11 27.01
C TYR A 337 -16.25 35.81 26.62
N HIS A 338 -16.85 36.68 25.84
CA HIS A 338 -18.17 36.45 25.27
C HIS A 338 -17.97 35.84 23.89
N ILE A 339 -18.93 35.03 23.46
CA ILE A 339 -18.94 34.50 22.12
C ILE A 339 -19.52 35.55 21.17
N GLY A 340 -18.76 35.94 20.16
CA GLY A 340 -19.22 36.91 19.19
C GLY A 340 -18.33 36.94 17.97
N GLN A 341 -18.79 37.62 16.93
CA GLN A 341 -18.04 37.75 15.69
C GLN A 341 -18.20 39.17 15.14
N ARG A 342 -17.09 39.73 14.67
CA ARG A 342 -17.10 41.05 14.04
C ARG A 342 -16.01 41.10 12.97
N VAL A 343 -16.27 41.84 11.89
CA VAL A 343 -15.28 41.98 10.82
C VAL A 343 -15.51 43.32 10.11
N THR A 344 -14.45 43.95 9.62
CA THR A 344 -14.61 45.19 8.86
C THR A 344 -14.74 44.89 7.38
N GLU A 345 -15.36 45.83 6.68
CA GLU A 345 -15.48 45.79 5.24
C GLU A 345 -14.17 46.24 4.58
N LYS A 346 -13.47 47.17 5.23
CA LYS A 346 -12.22 47.75 4.71
C LYS A 346 -11.00 47.40 5.54
N PHE A 347 -9.88 47.17 4.87
CA PHE A 347 -8.61 46.86 5.53
C PHE A 347 -7.57 47.95 5.26
N SER A 348 -7.97 48.98 4.49
CA SER A 348 -7.00 49.99 4.09
C SER A 348 -7.63 51.35 3.80
N LYS A 349 -6.92 52.41 4.16
CA LYS A 349 -7.27 53.76 3.76
C LYS A 349 -6.13 54.20 2.85
N ASP A 350 -6.45 54.49 1.59
CA ASP A 350 -5.49 54.98 0.58
C ASP A 350 -4.32 54.04 0.29
N GLU A 351 -4.44 52.77 0.73
CA GLU A 351 -3.31 51.85 0.69
C GLU A 351 -2.11 52.56 1.35
N ARG A 352 -2.41 53.32 2.39
CA ARG A 352 -1.37 54.02 3.18
C ARG A 352 -1.45 53.60 4.63
N VAL A 353 -2.66 53.52 5.17
CA VAL A 353 -2.84 52.98 6.51
C VAL A 353 -3.59 51.67 6.38
N PHE A 354 -3.02 50.58 6.88
CA PHE A 354 -3.65 49.27 6.83
C PHE A 354 -3.99 48.80 8.22
N ILE A 355 -4.94 47.88 8.31
CA ILE A 355 -5.20 47.19 9.57
C ILE A 355 -5.10 45.71 9.27
N ALA A 356 -4.72 44.94 10.30
CA ALA A 356 -4.55 43.52 10.17
C ALA A 356 -4.85 42.84 11.50
N GLY A 357 -5.17 41.55 11.44
CA GLY A 357 -5.33 40.77 12.66
C GLY A 357 -6.65 41.00 13.36
N ASP A 358 -6.64 40.88 14.69
CA ASP A 358 -7.86 41.10 15.48
C ASP A 358 -8.47 42.48 15.17
N ALA A 359 -7.62 43.44 14.76
CA ALA A 359 -8.11 44.79 14.42
C ALA A 359 -9.16 44.70 13.32
N CYS A 360 -9.08 43.65 12.51
CA CYS A 360 -9.97 43.47 11.36
C CYS A 360 -11.06 42.44 11.56
N HIS A 361 -10.79 41.50 12.46
CA HIS A 361 -11.69 40.37 12.65
C HIS A 361 -11.59 39.77 14.04
N THR A 362 -12.73 39.67 14.74
CA THR A 362 -12.72 39.01 16.02
C THR A 362 -13.77 37.91 16.00
N HIS A 363 -13.55 36.89 16.82
CA HIS A 363 -14.37 35.70 16.79
C HIS A 363 -13.99 34.83 18.00
N SER A 364 -14.67 33.70 18.14
CA SER A 364 -14.39 32.78 19.24
C SER A 364 -13.10 32.02 19.00
N PRO A 365 -12.54 31.45 20.05
CA PRO A 365 -11.33 30.66 19.94
C PRO A 365 -11.61 29.16 19.76
N LYS A 366 -12.83 28.77 19.35
CA LYS A 366 -13.15 27.33 19.25
C LYS A 366 -12.29 26.58 18.25
N ALA A 367 -11.79 27.29 17.24
CA ALA A 367 -10.85 26.69 16.30
C ALA A 367 -9.46 27.35 16.31
N GLY A 368 -9.16 28.13 17.36
CA GLY A 368 -7.84 28.72 17.53
C GLY A 368 -7.35 29.43 16.28
N GLN A 369 -8.22 30.28 15.74
CA GLN A 369 -7.94 30.90 14.47
C GLN A 369 -7.31 32.28 14.57
N GLY A 370 -7.29 32.88 15.76
CA GLY A 370 -6.82 34.25 15.89
C GLY A 370 -5.39 34.52 15.49
N MET A 371 -4.45 33.93 16.21
CA MET A 371 -3.06 34.14 15.89
C MET A 371 -2.75 33.66 14.46
N ASN A 372 -3.29 32.51 14.07
CA ASN A 372 -3.10 32.05 12.70
C ASN A 372 -3.48 33.10 11.64
N THR A 373 -4.73 33.54 11.68
CA THR A 373 -5.22 34.43 10.64
C THR A 373 -4.48 35.76 10.67
N SER A 374 -4.22 36.25 11.87
CA SER A 374 -3.56 37.54 12.03
C SER A 374 -2.13 37.54 11.49
N MET A 375 -1.37 36.50 11.78
CA MET A 375 -0.03 36.42 11.23
C MET A 375 -0.11 36.22 9.70
N MET A 376 -1.09 35.47 9.25
CA MET A 376 -1.22 35.27 7.79
C MET A 376 -1.61 36.58 7.08
N ASP A 377 -2.30 37.47 7.79
CA ASP A 377 -2.63 38.78 7.21
C ASP A 377 -1.35 39.56 6.93
N THR A 378 -0.44 39.63 7.90
CA THR A 378 0.76 40.45 7.67
C THR A 378 1.85 39.72 6.87
N TYR A 379 1.77 38.40 6.81
CA TYR A 379 2.65 37.65 5.93
C TYR A 379 2.27 38.06 4.48
N ASN A 380 0.98 38.25 4.24
CA ASN A 380 0.47 38.68 2.92
C ASN A 380 0.85 40.17 2.65
N LEU A 381 0.51 41.07 3.55
CA LEU A 381 0.78 42.49 3.34
C LEU A 381 2.28 42.78 3.29
N GLY A 382 3.03 42.08 4.12
CA GLY A 382 4.44 42.43 4.31
C GLY A 382 5.32 42.33 3.09
N TRP A 383 5.13 41.29 2.28
CA TRP A 383 5.99 41.19 1.08
C TRP A 383 5.62 42.23 0.04
N LYS A 384 4.33 42.50 -0.06
CA LYS A 384 3.87 43.51 -1.00
C LYS A 384 4.44 44.88 -0.63
N LEU A 385 4.33 45.23 0.63
CA LEU A 385 4.87 46.50 1.09
C LEU A 385 6.41 46.52 0.96
N GLY A 386 7.06 45.41 1.25
CA GLY A 386 8.51 45.34 1.18
C GLY A 386 9.01 45.59 -0.24
N LEU A 387 8.33 45.00 -1.24
CA LEU A 387 8.73 45.24 -2.62
C LEU A 387 8.45 46.68 -3.06
N VAL A 388 7.35 47.26 -2.57
CA VAL A 388 7.07 48.65 -2.90
C VAL A 388 8.14 49.58 -2.30
N LEU A 389 8.48 49.35 -1.03
CA LEU A 389 9.44 50.21 -0.32
C LEU A 389 10.84 50.11 -0.88
N THR A 390 11.20 48.95 -1.42
CA THR A 390 12.52 48.77 -2.04
C THR A 390 12.53 49.15 -3.52
N GLY A 391 11.44 49.72 -4.01
CA GLY A 391 11.39 50.19 -5.40
C GLY A 391 11.34 49.06 -6.40
N ARG A 392 10.96 47.88 -5.93
CA ARG A 392 10.91 46.69 -6.76
C ARG A 392 9.54 46.36 -7.35
N ALA A 393 8.48 46.89 -6.74
CA ALA A 393 7.13 46.62 -7.27
C ALA A 393 6.28 47.87 -7.30
N LYS A 394 5.27 47.84 -8.17
CA LYS A 394 4.37 48.95 -8.35
C LYS A 394 3.41 49.07 -7.15
N ARG A 395 3.13 50.31 -6.75
CA ARG A 395 2.25 50.54 -5.61
C ARG A 395 0.88 49.86 -5.75
N ASP A 396 0.41 49.71 -6.98
CA ASP A 396 -0.88 49.05 -7.19
C ASP A 396 -1.00 47.65 -6.57
N ILE A 397 0.12 46.99 -6.31
CA ILE A 397 0.01 45.67 -5.71
C ILE A 397 -0.55 45.71 -4.32
N LEU A 398 -0.49 46.88 -3.67
CA LEU A 398 -0.99 46.98 -2.31
C LEU A 398 -2.50 46.77 -2.21
N LYS A 399 -3.23 47.07 -3.30
CA LYS A 399 -4.66 46.86 -3.31
C LYS A 399 -5.03 45.38 -3.12
N THR A 400 -4.12 44.48 -3.46
CA THR A 400 -4.45 43.06 -3.38
C THR A 400 -4.51 42.55 -1.94
N TYR A 401 -3.99 43.31 -1.00
CA TYR A 401 -4.02 42.87 0.39
C TYR A 401 -5.47 42.81 0.83
N GLU A 402 -6.21 43.91 0.68
CA GLU A 402 -7.61 43.89 1.07
C GLU A 402 -8.39 42.88 0.21
N GLU A 403 -8.11 42.86 -1.09
CA GLU A 403 -8.83 41.96 -2.00
C GLU A 403 -8.71 40.51 -1.61
N GLU A 404 -7.56 40.15 -1.05
CA GLU A 404 -7.30 38.78 -0.67
C GLU A 404 -7.69 38.47 0.77
N ARG A 405 -7.35 39.36 1.69
CA ARG A 405 -7.54 39.06 3.09
C ARG A 405 -8.91 39.40 3.66
N GLN A 406 -9.61 40.38 3.10
CA GLN A 406 -10.90 40.74 3.64
C GLN A 406 -11.94 39.62 3.43
N PRO A 407 -12.03 39.07 2.23
CA PRO A 407 -12.98 37.97 2.02
C PRO A 407 -12.64 36.77 2.89
N PHE A 408 -11.36 36.54 3.17
CA PHE A 408 -11.01 35.44 4.05
C PHE A 408 -11.54 35.69 5.45
N ALA A 409 -11.38 36.93 5.92
CA ALA A 409 -11.88 37.32 7.24
C ALA A 409 -13.39 37.10 7.31
N GLN A 410 -14.12 37.45 6.27
CA GLN A 410 -15.57 37.21 6.27
C GLN A 410 -15.86 35.70 6.36
N ALA A 411 -15.10 34.91 5.63
CA ALA A 411 -15.30 33.46 5.66
C ALA A 411 -15.01 32.89 7.05
N LEU A 412 -13.98 33.43 7.70
CA LEU A 412 -13.63 33.04 9.05
C LEU A 412 -14.79 33.35 9.99
N ILE A 413 -15.32 34.57 9.91
CA ILE A 413 -16.41 34.97 10.76
C ILE A 413 -17.65 34.08 10.50
N ASP A 414 -17.95 33.81 9.24
CA ASP A 414 -19.09 32.94 8.92
C ASP A 414 -18.90 31.54 9.50
N PHE A 415 -17.70 31.00 9.36
CA PHE A 415 -17.37 29.68 9.90
C PHE A 415 -17.57 29.71 11.41
N ASP A 416 -16.98 30.71 12.07
CA ASP A 416 -17.03 30.78 13.52
C ASP A 416 -18.44 31.06 14.05
N HIS A 417 -19.21 31.87 13.32
CA HIS A 417 -20.57 32.15 13.72
C HIS A 417 -21.34 30.83 13.99
N GLN A 418 -21.26 29.89 13.05
CA GLN A 418 -21.95 28.61 13.23
C GLN A 418 -21.28 27.71 14.26
N PHE A 419 -19.97 27.52 14.12
CA PHE A 419 -19.24 26.58 14.96
C PHE A 419 -19.32 26.93 16.45
N SER A 420 -19.13 28.21 16.77
CA SER A 420 -19.17 28.67 18.15
C SER A 420 -20.55 28.43 18.78
N ARG A 421 -21.60 28.62 17.98
CA ARG A 421 -22.96 28.41 18.46
C ARG A 421 -23.28 26.92 18.67
N LEU A 422 -22.83 26.07 17.75
CA LEU A 422 -23.01 24.64 17.94
C LEU A 422 -22.26 24.17 19.18
N PHE A 423 -21.09 24.73 19.39
CA PHE A 423 -20.27 24.34 20.53
C PHE A 423 -20.93 24.81 21.84
N SER A 424 -21.64 25.93 21.78
CA SER A 424 -22.21 26.54 22.99
C SER A 424 -23.63 26.12 23.31
N GLY A 425 -24.27 25.39 22.41
CA GLY A 425 -25.63 24.99 22.64
C GLY A 425 -25.78 23.71 23.47
N ARG A 426 -26.98 23.51 24.00
CA ARG A 426 -27.28 22.32 24.75
C ARG A 426 -27.48 21.18 23.74
N PRO A 427 -26.88 20.01 23.99
CA PRO A 427 -27.01 18.88 23.07
C PRO A 427 -28.45 18.37 23.07
N ALA A 428 -28.95 18.02 21.90
CA ALA A 428 -30.31 17.53 21.77
C ALA A 428 -30.51 16.24 22.59
N LYS A 429 -31.59 16.16 23.36
CA LYS A 429 -31.84 14.96 24.18
C LYS A 429 -32.40 13.82 23.35
N ASP A 430 -33.04 14.18 22.24
CA ASP A 430 -33.54 13.18 21.31
C ASP A 430 -33.64 13.82 19.93
N VAL A 431 -34.18 13.08 18.98
CA VAL A 431 -34.27 13.58 17.63
C VAL A 431 -35.22 14.79 17.48
N ALA A 432 -36.24 14.86 18.33
CA ALA A 432 -37.21 15.96 18.27
C ALA A 432 -36.85 17.16 19.16
N ASP A 433 -35.67 17.09 19.79
CA ASP A 433 -35.22 18.13 20.71
C ASP A 433 -34.60 19.28 19.91
N GLU A 434 -35.48 19.97 19.19
CA GLU A 434 -35.09 21.05 18.29
C GLU A 434 -34.36 22.22 18.95
N MET A 435 -34.58 22.42 20.25
CA MET A 435 -33.92 23.50 20.98
C MET A 435 -32.47 23.12 21.30
N GLY A 436 -32.12 21.88 20.97
CA GLY A 436 -30.78 21.38 21.21
C GLY A 436 -29.96 21.19 19.94
N VAL A 437 -28.67 20.98 20.11
CA VAL A 437 -27.76 20.82 19.00
C VAL A 437 -27.57 19.35 18.65
N SER A 438 -27.70 19.04 17.37
CA SER A 438 -27.46 17.69 16.92
C SER A 438 -25.98 17.38 17.02
N MET A 439 -25.64 16.28 17.68
CA MET A 439 -24.25 15.91 17.81
C MET A 439 -23.70 15.44 16.46
N ASP A 440 -24.57 14.90 15.60
CA ASP A 440 -24.18 14.52 14.25
C ASP A 440 -23.80 15.78 13.46
N VAL A 441 -24.63 16.82 13.57
CA VAL A 441 -24.35 18.06 12.87
C VAL A 441 -23.04 18.67 13.38
N PHE A 442 -22.82 18.59 14.70
CA PHE A 442 -21.61 19.14 15.31
C PHE A 442 -20.38 18.40 14.78
N LYS A 443 -20.44 17.09 14.75
CA LYS A 443 -19.29 16.35 14.22
C LYS A 443 -18.98 16.78 12.79
N GLU A 444 -20.01 16.85 11.95
CA GLU A 444 -19.87 17.26 10.56
C GLU A 444 -19.22 18.63 10.48
N ALA A 445 -19.73 19.56 11.28
CA ALA A 445 -19.20 20.91 11.23
C ALA A 445 -17.74 20.93 11.67
N PHE A 446 -17.40 20.04 12.61
CA PHE A 446 -16.02 19.97 13.11
C PHE A 446 -15.11 19.45 12.00
N VAL A 447 -15.53 18.37 11.35
CA VAL A 447 -14.74 17.78 10.27
C VAL A 447 -14.55 18.74 9.12
N LYS A 448 -15.63 19.35 8.65
CA LYS A 448 -15.53 20.34 7.59
C LYS A 448 -14.70 21.55 8.05
N GLY A 449 -14.94 21.97 9.30
CA GLY A 449 -14.20 23.09 9.85
C GLY A 449 -12.70 22.86 9.88
N ASN A 450 -12.31 21.60 10.09
CA ASN A 450 -10.88 21.31 10.17
C ASN A 450 -10.17 21.57 8.86
N GLU A 451 -10.89 21.47 7.73
CA GLU A 451 -10.28 21.81 6.45
C GLU A 451 -10.05 23.31 6.39
N PHE A 452 -11.10 24.07 6.67
CA PHE A 452 -10.98 25.52 6.65
C PHE A 452 -9.94 26.02 7.64
N ALA A 453 -10.03 25.49 8.85
CA ALA A 453 -9.16 25.92 9.95
C ALA A 453 -7.67 25.69 9.69
N SER A 454 -7.35 24.68 8.87
CA SER A 454 -5.97 24.40 8.51
C SER A 454 -5.32 25.58 7.80
N GLY A 455 -6.14 26.48 7.23
CA GLY A 455 -5.60 27.62 6.49
C GLY A 455 -5.05 27.27 5.12
N THR A 456 -5.19 26.01 4.71
CA THR A 456 -4.62 25.55 3.44
C THR A 456 -5.55 25.55 2.27
N ALA A 457 -6.83 25.86 2.49
CA ALA A 457 -7.82 25.80 1.43
C ALA A 457 -8.10 27.12 0.76
N ILE A 458 -7.36 28.16 1.16
CA ILE A 458 -7.57 29.48 0.59
C ILE A 458 -7.38 29.50 -0.92
N ASN A 459 -8.29 30.16 -1.61
CA ASN A 459 -8.15 30.36 -3.05
C ASN A 459 -8.41 31.83 -3.34
N TYR A 460 -7.34 32.59 -3.50
CA TYR A 460 -7.48 34.02 -3.81
C TYR A 460 -8.10 34.26 -5.20
N ASP A 461 -9.04 35.20 -5.30
CA ASP A 461 -9.62 35.54 -6.59
C ASP A 461 -8.56 36.21 -7.46
N GLU A 462 -8.72 36.06 -8.76
CA GLU A 462 -7.83 36.69 -9.73
C GLU A 462 -7.64 38.17 -9.40
N ASN A 463 -6.40 38.64 -9.46
CA ASN A 463 -6.07 40.05 -9.18
C ASN A 463 -4.72 40.38 -9.81
N LEU A 464 -4.15 41.54 -9.48
CA LEU A 464 -2.89 41.96 -10.11
C LEU A 464 -1.76 40.94 -9.98
N VAL A 465 -1.71 40.24 -8.83
CA VAL A 465 -0.66 39.27 -8.64
C VAL A 465 -1.12 37.81 -8.74
N THR A 466 -2.31 37.57 -9.30
CA THR A 466 -2.89 36.23 -9.35
C THR A 466 -3.57 36.09 -10.72
N ASP A 467 -2.89 35.43 -11.64
CA ASP A 467 -3.32 35.39 -13.04
C ASP A 467 -3.94 34.08 -13.47
N LYS A 468 -5.25 34.01 -13.34
CA LYS A 468 -5.98 32.85 -13.77
C LYS A 468 -6.24 32.87 -15.28
N LYS A 469 -6.53 34.05 -15.81
CA LYS A 469 -6.91 34.14 -17.22
C LYS A 469 -5.83 33.66 -18.18
N SER A 470 -4.57 33.90 -17.83
CA SER A 470 -3.51 33.57 -18.77
C SER A 470 -2.94 32.20 -18.57
N SER A 471 -3.43 31.51 -17.54
CA SER A 471 -2.91 30.19 -17.17
C SER A 471 -3.55 29.03 -17.96
N LYS A 472 -2.79 27.95 -18.12
CA LYS A 472 -3.29 26.71 -18.70
C LYS A 472 -3.33 25.77 -17.52
N GLN A 473 -4.39 25.89 -16.73
CA GLN A 473 -4.43 25.23 -15.42
C GLN A 473 -4.31 23.71 -15.52
N GLU A 474 -4.74 23.16 -16.66
CA GLU A 474 -4.70 21.70 -16.84
C GLU A 474 -3.25 21.11 -16.85
N LEU A 475 -2.26 21.98 -16.98
CA LEU A 475 -0.86 21.54 -17.01
C LEU A 475 -0.34 21.25 -15.60
N ALA A 476 -0.98 21.82 -14.59
CA ALA A 476 -0.62 21.54 -13.19
C ALA A 476 -1.92 21.52 -12.39
N LYS A 477 -2.65 20.43 -12.53
CA LYS A 477 -4.01 20.36 -12.02
C LYS A 477 -4.17 20.53 -10.53
N ASN A 478 -3.14 20.18 -9.77
CA ASN A 478 -3.20 20.35 -8.33
C ASN A 478 -2.28 21.46 -7.86
N CYS A 479 -2.05 22.44 -8.75
CA CYS A 479 -1.35 23.67 -8.40
C CYS A 479 -2.29 24.75 -8.90
N VAL A 480 -3.43 24.84 -8.24
CA VAL A 480 -4.46 25.75 -8.73
C VAL A 480 -4.05 27.20 -8.45
N VAL A 481 -4.09 28.03 -9.49
CA VAL A 481 -3.69 29.44 -9.32
C VAL A 481 -4.54 30.10 -8.23
N GLY A 482 -3.90 30.82 -7.32
CA GLY A 482 -4.62 31.41 -6.20
C GLY A 482 -4.52 30.60 -4.90
N THR A 483 -4.09 29.34 -4.99
CA THR A 483 -3.92 28.52 -3.79
C THR A 483 -2.46 28.42 -3.42
N ARG A 484 -2.18 27.96 -2.20
CA ARG A 484 -0.77 27.84 -1.81
C ARG A 484 -0.10 26.73 -2.61
N PHE A 485 1.17 26.93 -2.95
CA PHE A 485 1.93 25.92 -3.66
C PHE A 485 2.28 24.85 -2.63
N LYS A 486 1.66 23.70 -2.77
CA LYS A 486 1.79 22.64 -1.76
C LYS A 486 3.12 21.89 -1.86
N SER A 487 3.79 21.69 -0.72
CA SER A 487 5.01 20.96 -0.70
C SER A 487 4.74 19.53 -1.10
N GLN A 488 5.68 18.95 -1.85
CA GLN A 488 5.68 17.50 -2.08
C GLN A 488 7.13 17.04 -1.92
N PRO A 489 7.36 15.81 -1.51
CA PRO A 489 8.73 15.32 -1.43
C PRO A 489 9.43 15.23 -2.78
N VAL A 490 10.71 15.55 -2.77
CA VAL A 490 11.55 15.45 -3.95
C VAL A 490 12.91 14.96 -3.50
N VAL A 491 13.75 14.63 -4.47
CA VAL A 491 15.11 14.20 -4.15
C VAL A 491 16.05 15.27 -4.71
N ARG A 492 16.84 15.90 -3.84
CA ARG A 492 17.77 16.91 -4.30
C ARG A 492 18.81 16.19 -5.14
N HIS A 493 19.04 16.68 -6.37
CA HIS A 493 19.90 15.96 -7.30
C HIS A 493 21.36 15.84 -6.90
N SER A 494 21.90 16.89 -6.31
CA SER A 494 23.32 16.98 -5.97
C SER A 494 23.83 15.81 -5.12
N GLU A 495 23.13 15.45 -4.05
CA GLU A 495 23.57 14.30 -3.24
C GLU A 495 22.50 13.21 -3.07
N GLY A 496 21.29 13.46 -3.58
CA GLY A 496 20.21 12.48 -3.44
C GLY A 496 19.48 12.56 -2.10
N LEU A 497 19.45 13.73 -1.49
CA LEU A 497 18.73 13.96 -0.24
C LEU A 497 17.21 14.02 -0.49
N TRP A 498 16.47 13.11 0.13
CA TRP A 498 15.02 13.21 0.12
C TRP A 498 14.61 14.35 1.03
N MET A 499 13.74 15.23 0.55
CA MET A 499 13.34 16.41 1.33
C MET A 499 11.99 16.95 0.87
N HIS A 500 11.31 17.64 1.79
CA HIS A 500 10.08 18.33 1.43
C HIS A 500 10.43 19.57 0.60
N PHE A 501 9.91 19.62 -0.62
CA PHE A 501 10.25 20.76 -1.49
C PHE A 501 9.89 22.11 -0.90
N GLY A 502 8.83 22.17 -0.11
CA GLY A 502 8.44 23.42 0.50
C GLY A 502 9.56 24.05 1.32
N ASP A 503 10.47 23.24 1.85
CA ASP A 503 11.58 23.80 2.63
C ASP A 503 12.44 24.70 1.78
N ARG A 504 12.44 24.46 0.48
CA ARG A 504 13.28 25.25 -0.42
C ARG A 504 12.70 26.64 -0.72
N LEU A 505 11.39 26.82 -0.47
CA LEU A 505 10.74 28.11 -0.80
C LEU A 505 10.87 29.12 0.32
N VAL A 506 12.12 29.41 0.72
CA VAL A 506 12.42 30.35 1.80
C VAL A 506 11.80 31.73 1.46
N THR A 507 11.06 32.29 2.40
CA THR A 507 10.37 33.56 2.13
C THR A 507 11.34 34.71 2.38
N ASP A 508 11.66 35.43 1.32
CA ASP A 508 12.64 36.52 1.41
C ASP A 508 12.41 37.59 0.35
N GLY A 509 11.22 37.60 -0.21
CA GLY A 509 10.88 38.61 -1.20
C GLY A 509 10.98 38.14 -2.63
N ARG A 510 11.56 36.96 -2.85
CA ARG A 510 11.66 36.46 -4.22
C ARG A 510 10.42 35.73 -4.70
N PHE A 511 10.10 35.92 -5.99
CA PHE A 511 9.12 35.07 -6.66
C PHE A 511 9.92 33.84 -7.12
N ARG A 512 9.22 32.74 -7.38
CA ARG A 512 9.85 31.57 -7.96
C ARG A 512 9.25 31.25 -9.33
N ILE A 513 10.09 30.74 -10.21
CA ILE A 513 9.61 30.07 -11.41
C ILE A 513 10.00 28.61 -11.20
N ILE A 514 9.00 27.75 -11.02
CA ILE A 514 9.25 26.31 -10.89
C ILE A 514 9.16 25.67 -12.28
N VAL A 515 10.29 25.16 -12.73
CA VAL A 515 10.34 24.55 -14.03
C VAL A 515 10.15 23.06 -13.86
N PHE A 516 8.95 22.57 -14.18
CA PHE A 516 8.74 21.13 -14.15
C PHE A 516 9.27 20.62 -15.48
N ALA A 517 10.54 20.21 -15.47
CA ALA A 517 11.25 19.88 -16.70
C ALA A 517 10.81 18.57 -17.35
N GLY A 518 10.02 17.79 -16.62
CA GLY A 518 9.53 16.54 -17.16
C GLY A 518 10.62 15.53 -17.45
N LYS A 519 10.43 14.74 -18.51
CA LYS A 519 11.37 13.68 -18.85
C LYS A 519 12.56 14.22 -19.63
N ALA A 520 13.48 14.84 -18.89
CA ALA A 520 14.62 15.54 -19.47
C ALA A 520 15.58 14.68 -20.27
N THR A 521 15.55 13.35 -20.07
CA THR A 521 16.36 12.45 -20.88
C THR A 521 15.81 12.26 -22.31
N ASP A 522 14.55 12.64 -22.53
CA ASP A 522 13.93 12.56 -23.86
C ASP A 522 14.44 13.75 -24.71
N ALA A 523 14.93 13.46 -25.91
CA ALA A 523 15.53 14.51 -26.74
C ALA A 523 14.55 15.63 -27.05
N THR A 524 13.31 15.27 -27.40
CA THR A 524 12.31 16.28 -27.72
C THR A 524 12.06 17.18 -26.52
N GLN A 525 11.96 16.55 -25.35
CA GLN A 525 11.71 17.32 -24.13
C GLN A 525 12.89 18.22 -23.75
N MET A 526 14.10 17.72 -23.90
CA MET A 526 15.28 18.53 -23.60
C MET A 526 15.35 19.71 -24.55
N SER A 527 14.89 19.53 -25.79
CA SER A 527 14.88 20.65 -26.72
C SER A 527 13.98 21.76 -26.21
N ARG A 528 12.86 21.38 -25.61
CA ARG A 528 11.97 22.39 -25.04
C ARG A 528 12.63 23.06 -23.82
N ILE A 529 13.35 22.29 -23.02
CA ILE A 529 14.02 22.84 -21.82
C ILE A 529 15.08 23.83 -22.25
N LYS A 530 15.85 23.46 -23.27
CA LYS A 530 16.89 24.35 -23.80
C LYS A 530 16.32 25.66 -24.34
N LYS A 531 15.18 25.57 -25.04
CA LYS A 531 14.55 26.75 -25.62
C LYS A 531 14.08 27.67 -24.51
N PHE A 532 13.57 27.09 -23.43
CA PHE A 532 13.11 27.89 -22.31
C PHE A 532 14.32 28.56 -21.63
N ALA A 533 15.42 27.83 -21.48
CA ALA A 533 16.63 28.42 -20.88
C ALA A 533 17.16 29.53 -21.79
N ALA A 534 17.05 29.36 -23.09
CA ALA A 534 17.48 30.42 -24.04
C ALA A 534 16.65 31.67 -23.79
N TYR A 535 15.34 31.49 -23.55
CA TYR A 535 14.52 32.63 -23.18
C TYR A 535 15.05 33.26 -21.87
N LEU A 536 15.27 32.45 -20.84
CA LEU A 536 15.79 33.01 -19.56
C LEU A 536 17.05 33.85 -19.75
N ASP A 537 17.96 33.33 -20.56
CA ASP A 537 19.23 33.98 -20.82
C ASP A 537 19.13 35.23 -21.71
N SER A 538 18.02 35.36 -22.45
CA SER A 538 17.84 36.46 -23.39
C SER A 538 17.79 37.84 -22.76
N GLU A 539 18.19 38.83 -23.53
CA GLU A 539 18.32 40.19 -23.05
C GLU A 539 17.08 40.72 -22.35
N ASN A 540 15.90 40.35 -22.83
CA ASN A 540 14.69 40.93 -22.26
C ASN A 540 13.83 39.98 -21.44
N SER A 541 14.39 38.87 -20.99
CA SER A 541 13.62 37.93 -20.17
C SER A 541 13.35 38.54 -18.80
N VAL A 542 12.45 37.94 -18.03
CA VAL A 542 12.15 38.47 -16.70
C VAL A 542 13.40 38.40 -15.82
N ILE A 543 14.25 37.40 -16.05
CA ILE A 543 15.46 37.30 -15.25
C ILE A 543 16.41 38.43 -15.59
N SER A 544 16.63 38.64 -16.87
CA SER A 544 17.57 39.67 -17.31
C SER A 544 17.09 41.09 -17.03
N ARG A 545 15.76 41.28 -17.07
CA ARG A 545 15.12 42.58 -16.92
C ARG A 545 14.90 42.99 -15.48
N TYR A 546 14.67 42.03 -14.58
CA TYR A 546 14.39 42.36 -13.18
C TYR A 546 15.50 42.03 -12.18
N THR A 547 16.59 41.44 -12.68
CA THR A 547 17.77 41.29 -11.83
C THR A 547 18.67 42.51 -12.02
N PRO A 548 19.01 43.23 -10.95
CA PRO A 548 19.93 44.36 -11.10
C PRO A 548 21.28 43.91 -11.64
N LYS A 549 21.94 44.78 -12.39
CA LYS A 549 23.29 44.54 -12.86
C LYS A 549 24.18 44.17 -11.70
N GLY A 550 25.02 43.17 -11.88
CA GLY A 550 25.91 42.70 -10.84
C GLY A 550 25.32 41.75 -9.82
N ALA A 551 24.00 41.59 -9.81
CA ALA A 551 23.36 40.73 -8.82
C ALA A 551 23.20 39.31 -9.30
N ASP A 552 23.12 38.39 -8.35
CA ASP A 552 22.86 36.98 -8.67
C ASP A 552 21.51 36.87 -9.41
N ARG A 553 21.50 36.11 -10.51
CA ARG A 553 20.29 35.99 -11.37
C ARG A 553 19.15 35.13 -10.77
N ASN A 554 19.35 34.63 -9.56
CA ASN A 554 18.28 34.01 -8.80
C ASN A 554 17.90 34.81 -7.54
N SER A 555 18.39 36.06 -7.46
CA SER A 555 18.14 36.86 -6.24
C SER A 555 16.83 37.68 -6.26
N ARG A 556 16.15 37.70 -7.42
CA ARG A 556 14.89 38.45 -7.54
C ARG A 556 13.78 37.48 -7.95
N ILE A 557 14.04 36.72 -9.01
CA ILE A 557 13.18 35.62 -9.43
C ILE A 557 14.10 34.40 -9.36
N ASP A 558 13.67 33.42 -8.58
CA ASP A 558 14.41 32.21 -8.19
C ASP A 558 13.90 31.05 -9.08
N VAL A 559 14.76 30.59 -9.99
CA VAL A 559 14.37 29.63 -11.03
C VAL A 559 14.84 28.25 -10.61
N ILE A 560 13.86 27.40 -10.34
CA ILE A 560 14.14 26.09 -9.74
C ILE A 560 13.59 25.00 -10.63
N THR A 561 14.39 23.94 -10.80
CA THR A 561 14.01 22.87 -11.73
C THR A 561 13.70 21.57 -11.03
N ILE A 562 12.54 20.98 -11.33
CA ILE A 562 12.20 19.67 -10.76
C ILE A 562 11.91 18.78 -11.94
N HIS A 563 12.74 17.77 -12.17
CA HIS A 563 12.55 16.89 -13.32
C HIS A 563 11.98 15.54 -12.87
N SER A 564 11.56 14.73 -13.82
CA SER A 564 10.91 13.47 -13.47
C SER A 564 11.78 12.23 -13.68
N CYS A 565 13.09 12.43 -13.80
CA CYS A 565 13.99 11.32 -14.05
C CYS A 565 14.69 10.88 -12.76
N HIS A 566 15.27 9.69 -12.80
CA HIS A 566 16.07 9.24 -11.67
C HIS A 566 17.44 9.90 -11.79
N ARG A 567 18.07 10.22 -10.65
CA ARG A 567 19.36 10.88 -10.71
C ARG A 567 20.47 9.99 -11.26
N ASP A 568 20.26 8.68 -11.34
CA ASP A 568 21.26 7.82 -11.98
C ASP A 568 21.24 7.99 -13.50
N ASP A 569 20.17 8.57 -14.02
CA ASP A 569 19.97 8.62 -15.47
C ASP A 569 20.31 9.93 -16.18
N ILE A 570 20.56 11.00 -15.42
CA ILE A 570 20.89 12.28 -16.00
C ILE A 570 21.65 13.04 -14.94
N GLU A 571 22.51 13.94 -15.38
CA GLU A 571 23.32 14.73 -14.45
C GLU A 571 22.84 16.16 -14.36
N MET A 572 23.17 16.84 -13.27
CA MET A 572 22.85 18.26 -13.16
C MET A 572 23.44 18.99 -14.37
N HIS A 573 24.67 18.63 -14.77
CA HIS A 573 25.32 19.32 -15.87
C HIS A 573 24.71 19.04 -17.24
N ASP A 574 23.71 18.17 -17.30
CA ASP A 574 23.02 17.95 -18.58
C ASP A 574 21.98 19.06 -18.81
N PHE A 575 21.71 19.84 -17.78
CA PHE A 575 20.73 20.94 -17.87
C PHE A 575 21.45 22.25 -18.24
N PRO A 576 20.75 23.15 -18.92
CA PRO A 576 21.34 24.47 -19.26
C PRO A 576 22.00 25.12 -18.06
N ALA A 577 23.26 25.51 -18.22
CA ALA A 577 24.02 26.15 -17.14
C ALA A 577 24.59 27.44 -17.72
N PRO A 578 24.50 28.56 -17.00
CA PRO A 578 23.96 28.60 -15.63
C PRO A 578 22.46 28.89 -15.51
N ALA A 579 21.72 28.91 -16.62
CA ALA A 579 20.32 29.27 -16.51
C ALA A 579 19.52 28.42 -15.50
N LEU A 580 19.67 27.09 -15.56
CA LEU A 580 18.95 26.20 -14.66
C LEU A 580 19.88 25.55 -13.66
N HIS A 581 21.17 25.45 -14.00
CA HIS A 581 22.19 24.85 -13.13
C HIS A 581 23.23 25.92 -12.87
N PRO A 582 23.02 26.76 -11.85
CA PRO A 582 23.92 27.90 -11.59
C PRO A 582 25.32 27.51 -11.13
N LYS A 583 26.27 28.40 -11.35
CA LYS A 583 27.68 28.12 -11.13
C LYS A 583 28.02 27.82 -9.69
N TRP A 584 28.51 26.61 -9.48
CA TRP A 584 28.93 26.12 -8.16
C TRP A 584 27.83 26.22 -7.12
N GLN A 585 26.58 26.07 -7.53
CA GLN A 585 25.45 26.15 -6.61
C GLN A 585 24.62 24.90 -6.80
N TYR A 586 24.06 24.38 -5.71
CA TYR A 586 23.46 23.02 -5.78
C TYR A 586 22.05 22.90 -5.20
N ASP A 587 21.36 24.03 -5.07
CA ASP A 587 19.98 24.03 -4.58
C ASP A 587 19.05 24.46 -5.68
N PHE A 588 19.26 23.88 -6.85
CA PHE A 588 18.41 24.23 -8.01
C PHE A 588 17.78 23.09 -8.76
N ILE A 589 18.39 21.92 -8.70
CA ILE A 589 17.87 20.77 -9.49
C ILE A 589 17.41 19.67 -8.56
N TYR A 590 16.16 19.29 -8.72
CA TYR A 590 15.54 18.29 -7.84
C TYR A 590 14.87 17.26 -8.75
N ALA A 591 14.66 16.06 -8.20
CA ALA A 591 14.11 14.97 -8.98
C ALA A 591 12.91 14.31 -8.32
N ASP A 592 11.93 13.92 -9.14
CA ASP A 592 10.80 13.14 -8.66
C ASP A 592 11.19 11.67 -8.93
N CYS A 593 11.86 11.02 -7.97
CA CYS A 593 12.36 9.69 -8.20
C CYS A 593 12.56 8.95 -6.88
N ASP A 594 12.85 7.66 -7.01
CA ASP A 594 13.10 6.78 -5.89
C ASP A 594 14.38 7.21 -5.21
N SER A 595 14.54 6.85 -3.93
CA SER A 595 15.73 7.24 -3.19
C SER A 595 16.08 6.15 -2.19
N TRP A 596 17.17 6.31 -1.45
CA TRP A 596 17.60 5.21 -0.56
C TRP A 596 16.59 4.79 0.48
N HIS A 597 15.93 5.78 1.09
CA HIS A 597 15.09 5.53 2.26
C HIS A 597 13.61 5.72 2.05
N HIS A 598 13.22 6.10 0.82
CA HIS A 598 11.84 6.32 0.47
C HIS A 598 11.55 5.85 -0.95
N PRO A 599 10.33 5.45 -1.21
CA PRO A 599 9.95 5.07 -2.57
C PRO A 599 9.80 6.33 -3.41
N HIS A 600 9.60 6.15 -4.71
CA HIS A 600 9.32 7.28 -5.60
C HIS A 600 8.10 7.97 -4.97
N PRO A 601 8.17 9.28 -4.77
CA PRO A 601 7.11 10.00 -4.06
C PRO A 601 5.91 10.35 -4.92
N LYS A 602 6.00 10.08 -6.22
CA LYS A 602 4.91 10.38 -7.17
C LYS A 602 4.45 11.82 -7.02
N SER A 603 5.42 12.71 -6.98
CA SER A 603 5.12 14.11 -6.70
C SER A 603 4.57 14.87 -7.91
N TYR A 604 5.06 14.56 -9.10
CA TYR A 604 4.43 15.10 -10.32
C TYR A 604 2.94 14.78 -10.28
N GLN A 605 2.61 13.55 -9.89
CA GLN A 605 1.20 13.15 -9.87
C GLN A 605 0.46 13.94 -8.79
N ALA A 606 1.07 14.09 -7.63
CA ALA A 606 0.44 14.85 -6.56
C ALA A 606 0.25 16.31 -6.97
N TRP A 607 1.18 16.84 -7.76
CA TRP A 607 1.08 18.22 -8.21
C TRP A 607 0.17 18.33 -9.47
N GLY A 608 -0.14 17.20 -10.08
CA GLY A 608 -1.00 17.16 -11.27
C GLY A 608 -0.33 17.63 -12.55
N VAL A 609 0.96 17.33 -12.65
CA VAL A 609 1.77 17.74 -13.77
C VAL A 609 2.15 16.50 -14.56
N ASP A 610 2.06 16.58 -15.89
CA ASP A 610 2.40 15.44 -16.73
C ASP A 610 3.87 15.09 -16.57
N GLU A 611 4.13 13.80 -16.35
CA GLU A 611 5.48 13.37 -16.04
C GLU A 611 6.45 13.56 -17.20
N THR A 612 5.93 13.48 -18.42
CA THR A 612 6.79 13.64 -19.57
C THR A 612 6.98 15.10 -19.98
N LYS A 613 5.86 15.81 -20.20
CA LYS A 613 5.87 17.19 -20.71
C LYS A 613 6.10 18.30 -19.69
N GLY A 614 5.78 18.03 -18.42
CA GLY A 614 6.02 19.04 -17.38
C GLY A 614 5.16 20.29 -17.55
N ALA A 615 5.64 21.40 -17.00
CA ALA A 615 4.92 22.66 -16.92
C ALA A 615 5.84 23.70 -16.31
N VAL A 616 5.38 24.95 -16.30
CA VAL A 616 6.09 26.03 -15.60
C VAL A 616 5.09 26.69 -14.67
N VAL A 617 5.46 26.84 -13.40
CA VAL A 617 4.56 27.40 -12.43
C VAL A 617 5.25 28.56 -11.69
N VAL A 618 4.61 29.72 -11.72
CA VAL A 618 5.12 30.88 -10.99
C VAL A 618 4.50 30.91 -9.61
N VAL A 619 5.34 31.17 -8.62
CA VAL A 619 4.92 31.24 -7.24
C VAL A 619 5.31 32.59 -6.65
N ARG A 620 4.38 33.20 -5.93
CA ARG A 620 4.59 34.49 -5.29
C ARG A 620 5.54 34.36 -4.10
N PRO A 621 6.05 35.51 -3.62
CA PRO A 621 6.94 35.48 -2.46
C PRO A 621 6.30 34.90 -1.21
N ASP A 622 4.97 34.90 -1.13
CA ASP A 622 4.30 34.30 0.02
C ASP A 622 3.89 32.84 -0.22
N GLY A 623 4.40 32.26 -1.31
CA GLY A 623 4.21 30.85 -1.58
C GLY A 623 2.90 30.45 -2.22
N TYR A 624 2.16 31.43 -2.74
CA TYR A 624 0.93 31.18 -3.48
C TYR A 624 1.20 31.11 -4.99
N THR A 625 0.60 30.12 -5.63
CA THR A 625 0.74 29.93 -7.06
C THR A 625 0.04 31.06 -7.80
N SER A 626 0.72 31.66 -8.76
CA SER A 626 0.14 32.83 -9.46
C SER A 626 0.01 32.66 -10.96
N LEU A 627 0.65 31.65 -11.53
CA LEU A 627 0.51 31.44 -12.99
C LEU A 627 0.95 30.03 -13.29
N VAL A 628 0.26 29.38 -14.22
CA VAL A 628 0.61 28.03 -14.66
C VAL A 628 0.63 28.06 -16.18
N THR A 629 1.75 27.66 -16.77
CA THR A 629 1.83 27.66 -18.22
C THR A 629 2.79 26.56 -18.69
N ASP A 630 3.15 26.56 -19.97
CA ASP A 630 4.09 25.55 -20.44
C ASP A 630 5.42 26.18 -20.71
N LEU A 631 6.41 25.40 -21.13
CA LEU A 631 7.74 25.94 -21.38
C LEU A 631 7.70 26.99 -22.49
N GLU A 632 6.72 26.87 -23.38
CA GLU A 632 6.61 27.86 -24.45
C GLU A 632 5.91 29.15 -24.04
N GLY A 633 5.34 29.17 -22.84
CA GLY A 633 4.56 30.31 -22.37
C GLY A 633 5.35 31.49 -21.83
N THR A 634 6.45 31.82 -22.49
CA THR A 634 7.31 32.90 -22.01
C THR A 634 6.62 34.27 -22.10
N ALA A 635 5.74 34.44 -23.09
CA ALA A 635 5.03 35.70 -23.23
C ALA A 635 4.13 35.97 -22.03
N GLU A 636 3.46 34.93 -21.56
CA GLU A 636 2.60 35.02 -20.39
C GLU A 636 3.43 35.36 -19.16
N ILE A 637 4.62 34.77 -19.08
CA ILE A 637 5.50 35.03 -17.94
C ILE A 637 5.92 36.50 -17.97
N ASP A 638 6.27 36.99 -19.16
CA ASP A 638 6.66 38.39 -19.30
C ASP A 638 5.57 39.33 -18.83
N ARG A 639 4.35 39.06 -19.30
CA ARG A 639 3.21 39.91 -19.00
C ARG A 639 2.85 39.90 -17.53
N TYR A 640 2.97 38.72 -16.90
CA TYR A 640 2.68 38.60 -15.49
C TYR A 640 3.61 39.51 -14.67
N PHE A 641 4.91 39.36 -14.88
CA PHE A 641 5.87 40.14 -14.14
C PHE A 641 5.83 41.63 -14.51
N SER A 642 5.53 41.95 -15.77
CA SER A 642 5.47 43.36 -16.20
C SER A 642 4.43 44.15 -15.43
N GLY A 643 3.34 43.48 -15.02
CA GLY A 643 2.30 44.17 -14.28
C GLY A 643 2.66 44.43 -12.83
N ILE A 644 3.73 43.80 -12.35
CA ILE A 644 4.07 43.82 -10.94
C ILE A 644 5.39 44.48 -10.62
N LEU A 645 6.44 44.03 -11.28
CA LEU A 645 7.79 44.49 -10.94
C LEU A 645 8.23 45.74 -11.69
N VAL A 646 9.17 46.45 -11.08
CA VAL A 646 9.76 47.65 -11.65
C VAL A 646 11.18 47.32 -12.08
N GLU A 647 11.54 47.64 -13.31
CA GLU A 647 12.91 47.40 -13.75
C GLU A 647 13.90 48.21 -12.95
N PRO A 648 15.00 47.58 -12.53
CA PRO A 648 16.08 48.32 -11.86
C PRO A 648 16.64 49.29 -12.89
N LYS A 649 17.31 50.34 -12.41
CA LYS A 649 17.86 51.37 -13.29
C LYS A 649 18.94 50.75 -14.18
N GLU A 650 19.71 49.81 -13.64
CA GLU A 650 20.68 49.10 -14.46
C GLU A 650 20.37 47.63 -14.36
N LYS A 651 20.00 47.01 -15.47
CA LYS A 651 19.62 45.59 -15.44
C LYS A 651 20.77 44.66 -15.74
N SER A 652 20.60 43.40 -15.36
CA SER A 652 21.58 42.36 -15.65
C SER A 652 21.76 42.21 -17.18
N GLY A 653 20.68 42.27 -17.93
CA GLY A 653 20.81 42.08 -19.37
C GLY A 653 21.05 40.60 -19.69
N ALA A 654 21.35 40.30 -20.96
CA ALA A 654 21.54 38.90 -21.37
C ALA A 654 22.64 38.19 -20.58
N GLN A 655 22.45 36.91 -20.32
CA GLN A 655 23.45 36.10 -19.62
C GLN A 655 24.61 35.87 -20.57
N THR A 656 25.81 36.28 -20.18
CA THR A 656 26.95 36.12 -21.09
C THR A 656 27.98 35.08 -20.66
N GLU A 657 27.91 34.64 -19.40
CA GLU A 657 28.89 33.69 -18.89
C GLU A 657 28.82 32.36 -19.59
N ALA A 658 30.00 31.80 -19.82
CA ALA A 658 30.13 30.48 -20.44
C ALA A 658 29.69 29.40 -19.46
N ASP A 659 29.26 28.27 -20.01
CA ASP A 659 28.82 27.10 -19.24
C ASP A 659 29.95 26.63 -18.34
N TRP A 660 29.79 26.88 -17.05
CA TRP A 660 30.82 26.59 -16.08
C TRP A 660 31.15 25.09 -15.96
N THR A 661 30.27 24.22 -16.44
CA THR A 661 30.53 22.79 -16.33
C THR A 661 31.47 22.23 -17.39
N LYS A 662 31.69 22.98 -18.46
CA LYS A 662 32.56 22.48 -19.54
C LYS A 662 33.98 23.03 -19.35
N SER A 663 34.68 22.47 -18.37
CA SER A 663 36.03 22.93 -17.95
C SER A 663 36.08 24.44 -17.67
N THR B 2 -27.58 -46.07 -58.55
CA THR B 2 -27.60 -44.87 -57.67
C THR B 2 -28.94 -44.72 -56.97
N LYS B 3 -28.92 -44.48 -55.68
CA LYS B 3 -30.14 -44.26 -54.94
C LYS B 3 -30.44 -42.77 -54.91
N TYR B 4 -31.67 -42.41 -55.24
CA TYR B 4 -32.08 -41.01 -55.19
C TYR B 4 -33.08 -40.76 -54.08
N SER B 5 -32.99 -39.61 -53.44
CA SER B 5 -33.94 -39.26 -52.42
C SER B 5 -34.27 -37.80 -52.57
N GLU B 6 -35.30 -37.37 -51.85
CA GLU B 6 -35.80 -35.99 -51.97
C GLU B 6 -36.39 -35.57 -50.63
N SER B 7 -36.14 -34.33 -50.23
CA SER B 7 -36.60 -33.83 -48.96
C SER B 7 -36.73 -32.31 -48.96
N TYR B 8 -37.21 -31.76 -47.85
CA TYR B 8 -37.42 -30.33 -47.70
C TYR B 8 -36.81 -29.83 -46.41
N CYS B 9 -36.28 -28.61 -46.45
CA CYS B 9 -35.78 -28.03 -45.23
C CYS B 9 -35.87 -26.51 -45.27
N ASP B 10 -35.85 -25.91 -44.10
CA ASP B 10 -35.94 -24.45 -44.00
C ASP B 10 -34.61 -23.77 -44.24
N VAL B 11 -33.55 -24.28 -43.62
CA VAL B 11 -32.23 -23.72 -43.90
C VAL B 11 -31.21 -24.82 -44.12
N LEU B 12 -30.43 -24.71 -45.19
CA LEU B 12 -29.31 -25.62 -45.39
C LEU B 12 -28.05 -24.79 -45.26
N ILE B 13 -27.20 -25.15 -44.30
CA ILE B 13 -25.92 -24.48 -44.12
C ILE B 13 -24.86 -25.35 -44.80
N VAL B 14 -24.17 -24.81 -45.79
CA VAL B 14 -23.12 -25.56 -46.48
C VAL B 14 -21.74 -25.22 -45.88
N GLY B 15 -21.19 -26.16 -45.11
CA GLY B 15 -19.89 -25.95 -44.47
C GLY B 15 -20.05 -25.84 -42.97
N ALA B 16 -19.20 -26.56 -42.24
CA ALA B 16 -19.26 -26.60 -40.79
C ALA B 16 -17.95 -26.19 -40.18
N GLY B 17 -17.39 -25.10 -40.71
CA GLY B 17 -16.29 -24.41 -40.04
C GLY B 17 -16.91 -23.40 -39.09
N PRO B 18 -16.10 -22.49 -38.59
CA PRO B 18 -16.59 -21.45 -37.66
C PRO B 18 -17.84 -20.71 -38.16
N ALA B 19 -17.89 -20.26 -39.42
CA ALA B 19 -19.08 -19.55 -39.88
C ALA B 19 -20.33 -20.44 -39.78
N GLY B 20 -20.22 -21.65 -40.32
CA GLY B 20 -21.35 -22.57 -40.36
C GLY B 20 -21.82 -22.99 -38.98
N LEU B 21 -20.85 -23.28 -38.11
CA LEU B 21 -21.19 -23.71 -36.76
C LEU B 21 -21.87 -22.58 -36.01
N MET B 22 -21.39 -21.35 -36.16
CA MET B 22 -22.04 -20.21 -35.52
C MET B 22 -23.46 -20.09 -36.06
N ALA B 23 -23.62 -20.27 -37.38
CA ALA B 23 -24.96 -20.19 -37.95
C ALA B 23 -25.91 -21.23 -37.30
N ALA B 24 -25.41 -22.45 -37.18
CA ALA B 24 -26.21 -23.52 -36.58
C ALA B 24 -26.49 -23.25 -35.09
N ARG B 25 -25.49 -22.73 -34.37
CA ARG B 25 -25.68 -22.41 -32.97
C ARG B 25 -26.77 -21.33 -32.85
N VAL B 26 -26.67 -20.28 -33.66
CA VAL B 26 -27.64 -19.20 -33.54
C VAL B 26 -29.03 -19.74 -33.92
N LEU B 27 -29.11 -20.47 -35.03
CA LEU B 27 -30.41 -20.96 -35.45
C LEU B 27 -31.01 -21.99 -34.47
N SER B 28 -30.15 -22.67 -33.71
CA SER B 28 -30.61 -23.68 -32.77
C SER B 28 -31.68 -23.12 -31.82
N GLU B 29 -31.52 -21.88 -31.41
CA GLU B 29 -32.46 -21.29 -30.47
C GLU B 29 -33.85 -21.22 -31.08
N TYR B 30 -33.90 -20.89 -32.37
CA TYR B 30 -35.18 -20.70 -33.00
C TYR B 30 -35.84 -22.05 -33.25
N VAL B 31 -35.02 -23.05 -33.52
CA VAL B 31 -35.54 -24.42 -33.70
C VAL B 31 -36.10 -24.92 -32.35
N ARG B 32 -35.44 -24.58 -31.25
CA ARG B 32 -35.96 -25.01 -29.96
C ARG B 32 -37.33 -24.36 -29.70
N GLN B 33 -37.53 -23.11 -30.15
CA GLN B 33 -38.80 -22.43 -29.94
C GLN B 33 -39.89 -22.95 -30.88
N LYS B 34 -39.49 -23.37 -32.08
CA LYS B 34 -40.44 -23.86 -33.09
C LYS B 34 -39.85 -25.11 -33.71
N PRO B 35 -40.02 -26.23 -33.03
CA PRO B 35 -39.36 -27.49 -33.39
C PRO B 35 -39.77 -28.05 -34.77
N ASP B 36 -40.83 -27.54 -35.39
CA ASP B 36 -41.17 -27.95 -36.76
C ASP B 36 -40.06 -27.47 -37.72
N LEU B 37 -39.33 -26.41 -37.33
CA LEU B 37 -38.30 -25.86 -38.20
C LEU B 37 -37.23 -26.91 -38.47
N LYS B 38 -36.77 -26.97 -39.72
CA LYS B 38 -35.73 -27.90 -40.12
C LYS B 38 -34.47 -27.18 -40.61
N VAL B 39 -33.41 -27.26 -39.81
CA VAL B 39 -32.13 -26.66 -40.13
C VAL B 39 -31.09 -27.75 -40.28
N ARG B 40 -30.45 -27.80 -41.44
CA ARG B 40 -29.42 -28.78 -41.71
C ARG B 40 -28.09 -28.10 -41.92
N ILE B 41 -27.03 -28.80 -41.56
CA ILE B 41 -25.69 -28.30 -41.79
C ILE B 41 -24.82 -29.45 -42.29
N ILE B 42 -24.12 -29.22 -43.41
CA ILE B 42 -23.33 -30.30 -44.02
C ILE B 42 -21.89 -29.91 -44.19
N ASP B 43 -21.05 -30.91 -44.38
CA ASP B 43 -19.63 -30.64 -44.62
C ASP B 43 -19.05 -31.71 -45.49
N LYS B 44 -18.14 -31.36 -46.38
CA LYS B 44 -17.58 -32.36 -47.30
C LYS B 44 -16.37 -33.09 -46.72
N ARG B 45 -15.92 -32.68 -45.54
CA ARG B 45 -14.82 -33.35 -44.86
C ARG B 45 -15.37 -34.36 -43.83
N SER B 46 -14.72 -35.50 -43.71
CA SER B 46 -15.23 -36.57 -42.85
C SER B 46 -15.35 -36.22 -41.37
N THR B 47 -14.43 -35.40 -40.87
CA THR B 47 -14.45 -35.01 -39.47
C THR B 47 -14.23 -33.53 -39.34
N LYS B 48 -14.43 -33.08 -38.10
CA LYS B 48 -14.17 -31.70 -37.71
C LYS B 48 -12.66 -31.50 -37.72
N VAL B 49 -12.23 -30.26 -37.60
CA VAL B 49 -10.81 -29.94 -37.47
C VAL B 49 -10.38 -30.32 -36.04
N TYR B 50 -9.14 -30.81 -35.89
CA TYR B 50 -8.56 -31.20 -34.59
C TYR B 50 -7.33 -30.41 -34.17
N ASN B 51 -6.69 -29.71 -35.10
CA ASN B 51 -5.50 -28.94 -34.77
C ASN B 51 -5.31 -27.76 -35.73
N GLY B 52 -4.65 -26.72 -35.23
CA GLY B 52 -4.26 -25.59 -36.07
C GLY B 52 -5.36 -24.77 -36.70
N GLN B 53 -5.10 -24.30 -37.92
CA GLN B 53 -6.00 -23.40 -38.65
C GLN B 53 -6.25 -22.15 -37.82
N ALA B 54 -7.48 -21.67 -37.75
CA ALA B 54 -7.73 -20.41 -37.00
C ALA B 54 -7.45 -20.57 -35.54
N ASP B 55 -6.97 -19.51 -34.91
CA ASP B 55 -6.74 -19.60 -33.48
C ASP B 55 -7.01 -18.31 -32.71
N GLY B 56 -7.43 -17.25 -33.39
CA GLY B 56 -7.65 -15.99 -32.70
C GLY B 56 -9.08 -15.62 -32.35
N LEU B 57 -9.31 -15.25 -31.09
CA LEU B 57 -10.66 -14.75 -30.77
C LEU B 57 -10.49 -13.35 -30.21
N GLN B 58 -11.08 -12.39 -30.90
CA GLN B 58 -10.98 -10.98 -30.51
C GLN B 58 -12.11 -10.52 -29.58
N CYS B 59 -11.98 -9.30 -29.06
CA CYS B 59 -12.84 -8.77 -28.02
C CYS B 59 -14.31 -8.92 -28.34
N ARG B 60 -14.76 -8.38 -29.47
CA ARG B 60 -16.19 -8.44 -29.74
C ARG B 60 -16.69 -9.86 -29.94
N THR B 61 -15.88 -10.70 -30.55
CA THR B 61 -16.25 -12.11 -30.70
C THR B 61 -16.48 -12.75 -29.33
N LEU B 62 -15.58 -12.45 -28.37
CA LEU B 62 -15.71 -12.98 -27.02
C LEU B 62 -16.96 -12.46 -26.33
N GLU B 63 -17.25 -11.16 -26.49
CA GLU B 63 -18.47 -10.59 -25.94
C GLU B 63 -19.70 -11.35 -26.47
N SER B 64 -19.67 -11.68 -27.76
CA SER B 64 -20.78 -12.36 -28.39
C SER B 64 -20.85 -13.81 -27.92
N LEU B 65 -19.69 -14.45 -27.80
CA LEU B 65 -19.63 -15.85 -27.33
C LEU B 65 -20.16 -15.91 -25.89
N LYS B 66 -19.87 -14.89 -25.07
CA LYS B 66 -20.36 -14.88 -23.69
C LYS B 66 -21.87 -14.88 -23.73
N ASN B 67 -22.45 -14.05 -24.59
CA ASN B 67 -23.91 -14.02 -24.76
C ASN B 67 -24.54 -15.31 -25.31
N LEU B 68 -23.71 -16.23 -25.79
CA LEU B 68 -24.18 -17.52 -26.29
C LEU B 68 -23.81 -18.62 -25.29
N GLY B 69 -23.19 -18.23 -24.17
CA GLY B 69 -22.83 -19.19 -23.14
C GLY B 69 -21.58 -20.02 -23.44
N LEU B 70 -20.73 -19.48 -24.30
CA LEU B 70 -19.55 -20.15 -24.82
C LEU B 70 -18.23 -19.54 -24.37
N ALA B 71 -18.25 -18.31 -23.87
CA ALA B 71 -16.98 -17.66 -23.55
C ALA B 71 -16.18 -18.32 -22.43
N ASP B 72 -16.84 -18.61 -21.31
CA ASP B 72 -16.10 -19.10 -20.14
C ASP B 72 -15.39 -20.41 -20.41
N LYS B 73 -16.05 -21.31 -21.14
CA LYS B 73 -15.43 -22.57 -21.45
C LYS B 73 -14.22 -22.40 -22.33
N ILE B 74 -14.32 -21.51 -23.31
CA ILE B 74 -13.18 -21.23 -24.15
C ILE B 74 -12.06 -20.57 -23.34
N LEU B 75 -12.41 -19.58 -22.52
CA LEU B 75 -11.41 -18.85 -21.73
C LEU B 75 -10.70 -19.76 -20.73
N SER B 76 -11.34 -20.87 -20.38
CA SER B 76 -10.71 -21.80 -19.42
C SER B 76 -9.47 -22.47 -20.02
N GLU B 77 -9.35 -22.38 -21.33
CA GLU B 77 -8.22 -23.01 -22.02
C GLU B 77 -7.35 -22.05 -22.80
N ALA B 78 -7.92 -20.94 -23.25
CA ALA B 78 -7.23 -20.05 -24.16
C ALA B 78 -6.11 -19.26 -23.51
N ASN B 79 -5.22 -18.73 -24.35
CA ASN B 79 -4.09 -17.93 -23.86
C ASN B 79 -4.20 -16.46 -24.23
N ASP B 80 -4.02 -15.58 -23.24
CA ASP B 80 -4.01 -14.13 -23.49
C ASP B 80 -2.58 -13.71 -23.75
N MET B 81 -2.26 -13.42 -25.00
CA MET B 81 -0.88 -13.07 -25.38
C MET B 81 -0.36 -11.80 -24.71
N SER B 82 -1.30 -10.94 -24.29
CA SER B 82 -1.03 -9.75 -23.45
C SER B 82 -0.22 -8.61 -24.04
N THR B 83 0.96 -8.95 -24.56
CA THR B 83 1.88 -7.91 -25.06
C THR B 83 2.28 -8.20 -26.49
N ILE B 84 2.50 -7.16 -27.27
CA ILE B 84 3.10 -7.32 -28.57
C ILE B 84 4.47 -6.68 -28.49
N ALA B 85 5.55 -7.47 -28.59
CA ALA B 85 6.91 -6.91 -28.58
C ALA B 85 7.34 -6.70 -30.04
N LEU B 86 7.91 -5.54 -30.33
CA LEU B 86 8.37 -5.20 -31.68
C LEU B 86 9.90 -5.28 -31.76
N TYR B 87 10.39 -6.11 -32.66
CA TYR B 87 11.80 -6.31 -32.87
C TYR B 87 12.16 -5.93 -34.29
N ASN B 88 13.30 -5.26 -34.46
CA ASN B 88 13.79 -4.92 -35.78
C ASN B 88 15.30 -4.75 -35.69
N PRO B 89 15.99 -4.67 -36.83
CA PRO B 89 17.45 -4.70 -36.83
C PRO B 89 18.15 -3.41 -36.44
N ASP B 90 19.29 -3.57 -35.78
CA ASP B 90 20.13 -2.40 -35.51
C ASP B 90 21.15 -2.28 -36.64
N GLU B 91 22.15 -1.43 -36.44
CA GLU B 91 23.18 -1.16 -37.46
C GLU B 91 24.01 -2.40 -37.80
N ASN B 92 24.04 -3.36 -36.89
CA ASN B 92 24.79 -4.58 -37.12
C ASN B 92 23.89 -5.69 -37.66
N GLY B 93 22.63 -5.34 -37.89
CA GLY B 93 21.68 -6.28 -38.44
C GLY B 93 21.18 -7.27 -37.42
N HIS B 94 21.37 -6.97 -36.14
CA HIS B 94 20.86 -7.84 -35.08
C HIS B 94 19.48 -7.38 -34.68
N ILE B 95 18.54 -8.31 -34.58
CA ILE B 95 17.21 -7.90 -34.14
C ILE B 95 17.25 -7.54 -32.66
N ARG B 96 16.52 -6.49 -32.31
CA ARG B 96 16.46 -6.06 -30.92
C ARG B 96 15.05 -5.53 -30.66
N ARG B 97 14.63 -5.56 -29.39
CA ARG B 97 13.32 -5.09 -28.99
C ARG B 97 13.30 -3.56 -28.89
N THR B 98 12.52 -2.90 -29.75
CA THR B 98 12.49 -1.43 -29.71
C THR B 98 11.26 -0.89 -29.00
N ASP B 99 10.24 -1.72 -28.87
CA ASP B 99 9.03 -1.26 -28.20
C ASP B 99 8.12 -2.41 -27.80
N ARG B 100 7.16 -2.10 -26.94
CA ARG B 100 6.09 -3.03 -26.59
C ARG B 100 4.79 -2.24 -26.61
N ILE B 101 3.75 -2.86 -27.15
CA ILE B 101 2.43 -2.26 -27.14
C ILE B 101 1.46 -3.34 -26.64
N PRO B 102 0.32 -2.91 -26.12
CA PRO B 102 -0.65 -3.89 -25.58
C PRO B 102 -1.30 -4.66 -26.71
N ASP B 103 -1.48 -5.95 -26.47
CA ASP B 103 -2.13 -6.81 -27.46
C ASP B 103 -3.62 -6.51 -27.57
N THR B 104 -4.21 -6.05 -26.48
CA THR B 104 -5.59 -5.56 -26.50
C THR B 104 -5.54 -4.10 -26.01
N LEU B 105 -6.20 -3.17 -26.69
CA LEU B 105 -6.15 -1.77 -26.23
C LEU B 105 -6.85 -1.60 -24.88
N PRO B 106 -6.20 -0.98 -23.91
CA PRO B 106 -6.84 -0.78 -22.61
C PRO B 106 -8.20 -0.10 -22.72
N GLY B 107 -9.16 -0.66 -21.99
CA GLY B 107 -10.49 -0.09 -21.88
C GLY B 107 -11.42 -0.40 -23.04
N ILE B 108 -10.95 -1.11 -24.05
CA ILE B 108 -11.77 -1.29 -25.24
C ILE B 108 -12.88 -2.31 -25.03
N SER B 109 -12.69 -3.23 -24.09
CA SER B 109 -13.65 -4.31 -23.84
C SER B 109 -13.30 -4.92 -22.51
N ARG B 110 -14.25 -5.63 -21.91
CA ARG B 110 -13.92 -6.36 -20.69
C ARG B 110 -13.20 -7.66 -21.02
N TYR B 111 -13.25 -8.06 -22.28
CA TYR B 111 -12.52 -9.25 -22.71
C TYR B 111 -11.27 -8.79 -23.41
N HIS B 112 -10.22 -9.57 -23.33
CA HIS B 112 -9.03 -9.35 -24.10
C HIS B 112 -9.02 -10.43 -25.18
N GLN B 113 -8.33 -10.15 -26.28
CA GLN B 113 -8.04 -11.16 -27.26
C GLN B 113 -7.38 -12.38 -26.61
N VAL B 114 -7.77 -13.58 -27.05
CA VAL B 114 -7.11 -14.79 -26.57
C VAL B 114 -6.93 -15.69 -27.79
N VAL B 115 -6.11 -16.72 -27.65
CA VAL B 115 -5.85 -17.64 -28.76
C VAL B 115 -6.04 -19.05 -28.31
N LEU B 116 -6.58 -19.85 -29.22
CA LEU B 116 -6.83 -21.27 -28.93
C LEU B 116 -7.15 -21.89 -30.29
N HIS B 117 -6.66 -23.09 -30.60
CA HIS B 117 -6.92 -23.54 -31.98
C HIS B 117 -8.34 -23.93 -32.30
N GLN B 118 -8.63 -23.92 -33.60
CA GLN B 118 -9.94 -24.05 -34.16
C GLN B 118 -10.63 -25.34 -33.75
N GLY B 119 -9.86 -26.41 -33.55
CA GLY B 119 -10.46 -27.67 -33.12
C GLY B 119 -11.20 -27.55 -31.80
N ARG B 120 -10.63 -26.78 -30.86
CA ARG B 120 -11.29 -26.62 -29.59
C ARG B 120 -12.50 -25.75 -29.74
N ILE B 121 -12.38 -24.73 -30.59
CA ILE B 121 -13.52 -23.85 -30.81
C ILE B 121 -14.64 -24.66 -31.44
N GLU B 122 -14.31 -25.42 -32.48
CA GLU B 122 -15.34 -26.25 -33.12
C GLU B 122 -16.00 -27.16 -32.08
N ARG B 123 -15.19 -27.69 -31.15
CA ARG B 123 -15.71 -28.65 -30.18
C ARG B 123 -16.76 -27.96 -29.30
N ARG B 124 -16.42 -26.78 -28.80
CA ARG B 124 -17.31 -26.05 -27.91
C ARG B 124 -18.61 -25.65 -28.63
N ILE B 125 -18.51 -25.19 -29.87
CA ILE B 125 -19.74 -24.76 -30.55
C ILE B 125 -20.60 -25.99 -30.85
N LEU B 126 -19.96 -27.06 -31.30
CA LEU B 126 -20.70 -28.32 -31.53
C LEU B 126 -21.46 -28.77 -30.29
N ASP B 127 -20.81 -28.74 -29.12
CA ASP B 127 -21.50 -29.11 -27.90
C ASP B 127 -22.70 -28.21 -27.57
N SER B 128 -22.58 -26.91 -27.76
CA SER B 128 -23.68 -25.98 -27.50
C SER B 128 -24.83 -26.20 -28.46
N ILE B 129 -24.51 -26.47 -29.73
CA ILE B 129 -25.57 -26.84 -30.70
C ILE B 129 -26.35 -28.06 -30.21
N ALA B 130 -25.62 -29.07 -29.73
CA ALA B 130 -26.27 -30.27 -29.22
C ALA B 130 -27.21 -29.96 -28.06
N GLU B 131 -26.74 -29.14 -27.11
CA GLU B 131 -27.56 -28.72 -25.98
C GLU B 131 -28.80 -27.90 -26.40
N ILE B 132 -28.59 -26.83 -27.13
CA ILE B 132 -29.69 -25.91 -27.47
C ILE B 132 -30.73 -26.57 -28.38
N SER B 133 -30.24 -27.35 -29.35
CA SER B 133 -31.12 -27.94 -30.36
C SER B 133 -31.64 -29.24 -29.87
N ASP B 134 -31.11 -29.68 -28.74
CA ASP B 134 -31.46 -30.98 -28.20
C ASP B 134 -31.25 -32.00 -29.32
N THR B 135 -30.04 -32.02 -29.84
CA THR B 135 -29.64 -32.83 -31.00
C THR B 135 -30.55 -32.83 -32.23
N ARG B 136 -31.46 -31.87 -32.34
CA ARG B 136 -32.28 -31.80 -33.55
C ARG B 136 -31.41 -31.26 -34.72
N ILE B 137 -30.23 -30.71 -34.39
CA ILE B 137 -29.31 -30.26 -35.43
C ILE B 137 -27.96 -30.99 -35.27
N LYS B 138 -27.55 -31.75 -36.29
CA LYS B 138 -26.27 -32.48 -36.26
C LYS B 138 -25.57 -32.22 -37.57
N VAL B 139 -24.25 -32.13 -37.55
CA VAL B 139 -23.52 -31.91 -38.79
C VAL B 139 -23.57 -33.22 -39.59
N GLU B 140 -23.97 -33.14 -40.85
CA GLU B 140 -24.00 -34.32 -41.74
C GLU B 140 -22.77 -34.27 -42.64
N ARG B 141 -21.94 -35.32 -42.61
CA ARG B 141 -20.67 -35.30 -43.34
C ARG B 141 -20.17 -36.74 -43.55
N PRO B 142 -19.46 -37.01 -44.64
CA PRO B 142 -19.17 -36.03 -45.69
C PRO B 142 -20.26 -35.99 -46.76
N LEU B 143 -20.82 -34.81 -46.99
CA LEU B 143 -21.83 -34.57 -48.02
C LEU B 143 -21.38 -33.35 -48.82
N ILE B 144 -21.69 -33.35 -50.12
CA ILE B 144 -21.26 -32.26 -50.97
C ILE B 144 -22.31 -31.87 -51.99
N PRO B 145 -22.54 -30.57 -52.16
CA PRO B 145 -23.48 -30.13 -53.21
C PRO B 145 -22.93 -30.40 -54.60
N GLU B 146 -23.80 -30.81 -55.51
CA GLU B 146 -23.41 -30.97 -56.91
C GLU B 146 -24.14 -29.96 -57.81
N LYS B 147 -25.28 -29.46 -57.34
CA LYS B 147 -26.09 -28.53 -58.14
C LYS B 147 -26.95 -27.66 -57.23
N MET B 148 -27.14 -26.41 -57.65
CA MET B 148 -28.01 -25.46 -56.98
C MET B 148 -28.87 -24.73 -58.02
N GLU B 149 -30.18 -24.73 -57.84
CA GLU B 149 -31.09 -24.03 -58.75
C GLU B 149 -31.92 -23.05 -57.93
N ILE B 150 -31.99 -21.81 -58.38
CA ILE B 150 -32.72 -20.79 -57.64
C ILE B 150 -33.84 -20.24 -58.50
N ASP B 151 -35.06 -20.28 -57.97
CA ASP B 151 -36.21 -19.73 -58.66
C ASP B 151 -36.49 -18.34 -58.12
N SER B 152 -36.02 -17.31 -58.82
CA SER B 152 -36.15 -15.95 -58.31
C SER B 152 -37.59 -15.48 -58.27
N SER B 153 -38.45 -16.09 -59.08
CA SER B 153 -39.85 -15.67 -59.10
C SER B 153 -40.56 -16.00 -57.78
N LYS B 154 -39.94 -16.86 -56.97
CA LYS B 154 -40.55 -17.27 -55.71
C LYS B 154 -39.87 -16.64 -54.50
N ALA B 155 -38.98 -15.68 -54.73
CA ALA B 155 -38.17 -15.13 -53.62
C ALA B 155 -38.98 -14.57 -52.46
N GLU B 156 -40.14 -14.00 -52.76
CA GLU B 156 -40.92 -13.35 -51.71
C GLU B 156 -42.08 -14.17 -51.18
N ASP B 157 -42.21 -15.41 -51.65
CA ASP B 157 -43.27 -16.31 -51.19
C ASP B 157 -42.80 -17.04 -49.94
N PRO B 158 -43.46 -16.80 -48.81
CA PRO B 158 -43.04 -17.40 -47.54
C PRO B 158 -43.27 -18.90 -47.49
N GLU B 159 -44.15 -19.41 -48.35
CA GLU B 159 -44.42 -20.84 -48.32
C GLU B 159 -43.54 -21.61 -49.29
N ALA B 160 -42.83 -20.88 -50.15
CA ALA B 160 -42.04 -21.52 -51.21
C ALA B 160 -40.68 -22.08 -50.74
N TYR B 161 -40.10 -22.98 -51.53
CA TYR B 161 -38.73 -23.47 -51.29
C TYR B 161 -37.98 -23.09 -52.56
N PRO B 162 -37.52 -21.85 -52.65
CA PRO B 162 -37.00 -21.36 -53.93
C PRO B 162 -35.65 -21.91 -54.32
N VAL B 163 -34.96 -22.58 -53.41
CA VAL B 163 -33.63 -23.06 -53.71
C VAL B 163 -33.55 -24.59 -53.68
N THR B 164 -33.29 -25.19 -54.84
CA THR B 164 -33.14 -26.63 -54.90
C THR B 164 -31.67 -27.03 -54.91
N MET B 165 -31.24 -27.77 -53.89
CA MET B 165 -29.85 -28.19 -53.75
C MET B 165 -29.77 -29.69 -54.02
N THR B 166 -28.86 -30.09 -54.90
CA THR B 166 -28.63 -31.52 -55.11
C THR B 166 -27.37 -31.92 -54.36
N LEU B 167 -27.49 -32.86 -53.44
CA LEU B 167 -26.35 -33.23 -52.60
C LEU B 167 -25.92 -34.67 -52.85
N ARG B 168 -24.62 -34.94 -52.75
CA ARG B 168 -24.11 -36.29 -52.90
C ARG B 168 -23.45 -36.74 -51.58
N TYR B 169 -23.75 -37.97 -51.16
CA TYR B 169 -23.18 -38.58 -49.98
C TYR B 169 -21.84 -39.20 -50.37
N MET B 170 -20.78 -38.80 -49.68
CA MET B 170 -19.44 -39.25 -50.07
C MET B 170 -18.94 -40.49 -49.34
N SER B 171 -18.07 -41.23 -50.02
CA SER B 171 -17.42 -42.37 -49.39
C SER B 171 -16.27 -41.86 -48.55
N GLU B 172 -15.77 -42.69 -47.64
CA GLU B 172 -14.64 -42.29 -46.81
C GLU B 172 -13.44 -41.93 -47.69
N ASP B 173 -13.17 -42.76 -48.70
CA ASP B 173 -12.05 -42.54 -49.60
C ASP B 173 -12.10 -41.22 -50.37
N GLU B 174 -13.31 -40.75 -50.67
CA GLU B 174 -13.45 -39.51 -51.44
C GLU B 174 -13.06 -38.30 -50.60
N SER B 175 -13.31 -38.36 -49.30
CA SER B 175 -13.00 -37.21 -48.45
C SER B 175 -11.49 -37.07 -48.19
N THR B 176 -10.99 -35.87 -48.44
CA THR B 176 -9.58 -35.51 -48.25
C THR B 176 -9.34 -35.21 -46.77
N PRO B 177 -8.56 -36.04 -46.11
CA PRO B 177 -8.33 -35.90 -44.67
C PRO B 177 -7.38 -34.77 -44.30
N LEU B 178 -7.40 -34.43 -43.02
CA LEU B 178 -6.51 -33.44 -42.43
C LEU B 178 -5.20 -34.14 -42.14
N GLN B 179 -4.08 -33.50 -42.48
CA GLN B 179 -2.78 -34.09 -42.17
C GLN B 179 -2.52 -34.21 -40.67
N PHE B 180 -3.00 -33.25 -39.88
CA PHE B 180 -2.83 -33.28 -38.43
C PHE B 180 -4.19 -33.52 -37.77
N GLY B 181 -4.65 -34.76 -37.82
CA GLY B 181 -5.94 -35.15 -37.28
C GLY B 181 -5.97 -35.46 -35.80
N HIS B 182 -7.03 -36.16 -35.41
CA HIS B 182 -7.25 -36.52 -34.02
C HIS B 182 -6.19 -37.48 -33.52
N LYS B 183 -5.81 -37.29 -32.25
CA LYS B 183 -4.86 -38.17 -31.60
C LYS B 183 -5.48 -38.74 -30.32
N THR B 184 -5.40 -40.05 -30.19
CA THR B 184 -5.94 -40.73 -29.03
C THR B 184 -5.25 -40.25 -27.74
N GLU B 185 -6.04 -40.02 -26.69
CA GLU B 185 -5.46 -39.59 -25.41
C GLU B 185 -4.73 -40.76 -24.74
N ASN B 186 -3.79 -40.44 -23.87
CA ASN B 186 -3.07 -41.48 -23.13
C ASN B 186 -3.89 -41.93 -21.92
N GLY B 187 -3.59 -43.14 -21.43
CA GLY B 187 -4.27 -43.65 -20.25
C GLY B 187 -5.69 -44.13 -20.42
N LEU B 188 -6.31 -44.42 -19.28
CA LEU B 188 -7.68 -44.94 -19.22
C LEU B 188 -8.74 -43.85 -19.27
N PHE B 189 -8.50 -42.79 -18.51
CA PHE B 189 -9.46 -41.71 -18.36
C PHE B 189 -9.85 -41.02 -19.66
N ARG B 190 -11.14 -40.75 -19.80
CA ARG B 190 -11.67 -39.95 -20.90
C ARG B 190 -12.70 -38.99 -20.32
N SER B 191 -12.50 -37.69 -20.53
CA SER B 191 -13.50 -36.72 -20.10
C SER B 191 -14.59 -36.80 -21.14
N ASN B 192 -15.76 -36.21 -20.89
CA ASN B 192 -16.82 -36.17 -21.89
C ASN B 192 -16.32 -35.53 -23.18
N LEU B 193 -15.53 -34.46 -23.01
CA LEU B 193 -14.96 -33.71 -24.14
C LEU B 193 -14.05 -34.64 -24.95
N GLN B 194 -13.18 -35.38 -24.26
CA GLN B 194 -12.27 -36.30 -24.94
C GLN B 194 -13.04 -37.43 -25.65
N THR B 195 -14.13 -37.88 -25.03
CA THR B 195 -14.92 -38.94 -25.64
C THR B 195 -15.60 -38.45 -26.92
N GLN B 196 -16.14 -37.25 -26.86
CA GLN B 196 -16.82 -36.65 -28.02
C GLN B 196 -15.83 -36.38 -29.16
N GLU B 197 -14.63 -35.94 -28.81
CA GLU B 197 -13.60 -35.74 -29.82
C GLU B 197 -13.30 -37.06 -30.54
N GLU B 198 -13.20 -38.14 -29.76
CA GLU B 198 -12.86 -39.44 -30.31
C GLU B 198 -13.97 -39.96 -31.22
N GLU B 199 -15.22 -39.84 -30.78
CA GLU B 199 -16.36 -40.31 -31.60
C GLU B 199 -16.47 -39.53 -32.89
N ASP B 200 -16.22 -38.22 -32.81
CA ASP B 200 -16.27 -37.36 -33.98
C ASP B 200 -15.17 -37.64 -35.00
N ALA B 201 -14.14 -38.39 -34.61
CA ALA B 201 -13.01 -38.62 -35.51
C ALA B 201 -13.26 -39.77 -36.47
N ASN B 202 -14.39 -40.43 -36.32
CA ASN B 202 -14.71 -41.56 -37.17
C ASN B 202 -15.55 -41.13 -38.36
N TYR B 203 -15.37 -41.81 -39.49
CA TYR B 203 -16.20 -41.58 -40.66
C TYR B 203 -17.56 -42.18 -40.39
N ARG B 204 -18.61 -41.38 -40.53
CA ARG B 204 -19.95 -41.86 -40.27
C ARG B 204 -20.96 -40.96 -40.95
N LEU B 205 -21.63 -41.50 -41.98
CA LEU B 205 -22.69 -40.76 -42.67
C LEU B 205 -23.93 -40.77 -41.78
N PRO B 206 -24.90 -39.90 -42.05
CA PRO B 206 -26.13 -39.90 -41.26
C PRO B 206 -26.87 -41.25 -41.31
N GLU B 207 -27.60 -41.52 -40.24
CA GLU B 207 -28.37 -42.77 -40.12
C GLU B 207 -29.09 -43.11 -41.41
N GLY B 208 -28.90 -44.34 -41.88
CA GLY B 208 -29.60 -44.85 -43.05
C GLY B 208 -29.11 -44.43 -44.43
N LYS B 209 -28.18 -43.48 -44.47
CA LYS B 209 -27.65 -43.00 -45.73
C LYS B 209 -26.40 -43.80 -46.13
N GLU B 210 -26.17 -43.88 -47.44
CA GLU B 210 -25.06 -44.66 -47.97
C GLU B 210 -24.24 -43.86 -48.98
N ALA B 211 -22.93 -44.10 -49.01
CA ALA B 211 -22.05 -43.44 -49.96
C ALA B 211 -22.62 -43.58 -51.37
N GLY B 212 -22.65 -42.46 -52.11
CA GLY B 212 -23.15 -42.52 -53.47
C GLY B 212 -24.57 -42.04 -53.68
N GLU B 213 -25.37 -41.97 -52.61
CA GLU B 213 -26.75 -41.51 -52.70
C GLU B 213 -26.80 -40.03 -53.13
N ILE B 214 -27.82 -39.65 -53.90
CA ILE B 214 -28.02 -38.29 -54.41
C ILE B 214 -29.38 -37.78 -53.90
N GLU B 215 -29.34 -36.74 -53.06
CA GLU B 215 -30.53 -36.21 -52.44
C GLU B 215 -30.88 -34.83 -52.97
N THR B 216 -32.12 -34.69 -53.44
CA THR B 216 -32.63 -33.39 -53.88
C THR B 216 -33.25 -32.72 -52.66
N VAL B 217 -32.67 -31.62 -52.22
CA VAL B 217 -33.18 -30.92 -51.05
C VAL B 217 -33.77 -29.56 -51.44
N HIS B 218 -35.08 -29.43 -51.24
CA HIS B 218 -35.77 -28.17 -51.46
C HIS B 218 -35.59 -27.32 -50.21
N CYS B 219 -35.05 -26.12 -50.38
CA CYS B 219 -34.71 -25.25 -49.25
C CYS B 219 -35.37 -23.90 -49.33
N LYS B 220 -35.78 -23.38 -48.17
CA LYS B 220 -36.25 -21.99 -48.15
C LYS B 220 -35.05 -21.08 -48.18
N TYR B 221 -33.98 -21.48 -47.50
CA TYR B 221 -32.78 -20.64 -47.42
C TYR B 221 -31.54 -21.52 -47.45
N VAL B 222 -30.46 -20.98 -48.01
CA VAL B 222 -29.18 -21.67 -48.02
C VAL B 222 -28.10 -20.69 -47.58
N ILE B 223 -27.19 -21.12 -46.71
CA ILE B 223 -26.08 -20.25 -46.30
C ILE B 223 -24.79 -20.96 -46.66
N GLY B 224 -24.05 -20.36 -47.59
CA GLY B 224 -22.79 -20.89 -48.02
C GLY B 224 -21.71 -20.46 -47.05
N CYS B 225 -21.26 -21.40 -46.24
CA CYS B 225 -20.21 -21.16 -45.26
C CYS B 225 -19.08 -22.11 -45.62
N ASP B 226 -18.83 -22.21 -46.92
CA ASP B 226 -17.91 -23.21 -47.43
C ASP B 226 -16.46 -22.79 -47.73
N GLY B 227 -16.02 -21.69 -47.11
CA GLY B 227 -14.62 -21.34 -47.21
C GLY B 227 -14.16 -20.51 -48.39
N GLY B 228 -12.86 -20.25 -48.43
CA GLY B 228 -12.26 -19.34 -49.41
C GLY B 228 -12.51 -19.74 -50.86
N HIS B 229 -12.66 -21.04 -51.09
CA HIS B 229 -12.86 -21.51 -52.46
C HIS B 229 -14.34 -21.86 -52.69
N SER B 230 -15.20 -21.27 -51.86
CA SER B 230 -16.64 -21.47 -51.87
C SER B 230 -17.31 -21.90 -53.19
N TRP B 231 -17.80 -23.13 -53.21
CA TRP B 231 -18.53 -23.63 -54.34
C TRP B 231 -19.82 -22.83 -54.43
N VAL B 232 -20.40 -22.49 -53.27
CA VAL B 232 -21.63 -21.70 -53.32
C VAL B 232 -21.39 -20.35 -53.98
N ARG B 233 -20.38 -19.61 -53.50
CA ARG B 233 -20.07 -18.34 -54.12
C ARG B 233 -19.86 -18.48 -55.64
N ARG B 234 -19.02 -19.44 -56.02
CA ARG B 234 -18.68 -19.58 -57.43
C ARG B 234 -19.90 -19.95 -58.26
N THR B 235 -20.79 -20.73 -57.67
CA THR B 235 -22.00 -21.12 -58.39
C THR B 235 -22.90 -19.93 -58.60
N LEU B 236 -22.91 -19.03 -57.60
CA LEU B 236 -23.69 -17.78 -57.65
C LEU B 236 -23.07 -16.80 -58.65
N GLY B 237 -21.78 -17.00 -58.95
CA GLY B 237 -21.08 -16.13 -59.88
C GLY B 237 -20.61 -14.82 -59.29
N PHE B 238 -20.45 -14.80 -57.98
CA PHE B 238 -19.99 -13.59 -57.31
C PHE B 238 -18.46 -13.53 -57.34
N GLU B 239 -17.89 -12.58 -58.07
CA GLU B 239 -16.44 -12.48 -58.21
C GLU B 239 -15.76 -11.96 -56.95
N MET B 240 -14.61 -12.54 -56.57
CA MET B 240 -13.80 -12.07 -55.42
C MET B 240 -12.85 -11.02 -55.97
N ILE B 241 -13.11 -9.74 -55.66
CA ILE B 241 -12.27 -8.66 -56.16
C ILE B 241 -11.06 -8.47 -55.27
N GLY B 242 -9.89 -8.33 -55.90
CA GLY B 242 -8.62 -8.15 -55.19
C GLY B 242 -7.49 -8.99 -55.77
N GLU B 243 -6.24 -8.64 -55.47
CA GLU B 243 -5.08 -9.34 -56.01
C GLU B 243 -4.29 -10.11 -54.97
N GLN B 244 -3.40 -10.97 -55.47
CA GLN B 244 -2.52 -11.76 -54.62
C GLN B 244 -1.07 -11.33 -54.86
N THR B 245 -0.32 -11.15 -53.76
CA THR B 245 1.09 -10.79 -53.88
C THR B 245 1.93 -12.05 -54.07
N ASP B 246 3.24 -11.84 -54.14
CA ASP B 246 4.15 -12.95 -54.27
C ASP B 246 4.72 -13.32 -52.92
N TYR B 247 4.27 -12.66 -51.86
CA TYR B 247 4.76 -12.98 -50.51
C TYR B 247 4.20 -14.33 -50.06
N ILE B 248 5.08 -15.18 -49.55
CA ILE B 248 4.70 -16.49 -49.07
C ILE B 248 5.16 -16.64 -47.63
N TRP B 249 4.30 -17.17 -46.78
CA TRP B 249 4.62 -17.40 -45.38
C TRP B 249 4.28 -18.84 -45.01
N GLY B 250 4.95 -19.36 -43.98
CA GLY B 250 4.67 -20.67 -43.44
C GLY B 250 4.20 -20.49 -42.01
N VAL B 251 3.60 -21.53 -41.44
CA VAL B 251 3.12 -21.46 -40.06
C VAL B 251 3.51 -22.73 -39.34
N LEU B 252 4.00 -22.61 -38.12
CA LEU B 252 4.37 -23.74 -37.29
C LEU B 252 3.68 -23.62 -35.95
N ASP B 253 2.95 -24.66 -35.54
CA ASP B 253 2.43 -24.71 -34.18
C ASP B 253 3.36 -25.68 -33.46
N ALA B 254 4.16 -25.16 -32.54
CA ALA B 254 5.23 -25.96 -31.93
C ALA B 254 5.52 -25.61 -30.51
N VAL B 255 6.12 -26.55 -29.80
CA VAL B 255 6.68 -26.21 -28.49
C VAL B 255 8.11 -25.82 -28.82
N PRO B 256 8.46 -24.56 -28.61
CA PRO B 256 9.79 -24.10 -29.02
C PRO B 256 10.87 -24.37 -27.98
N ALA B 257 12.11 -24.38 -28.45
CA ALA B 257 13.30 -24.44 -27.61
C ALA B 257 14.12 -23.27 -28.14
N SER B 258 14.12 -22.17 -27.39
CA SER B 258 14.73 -20.94 -27.88
C SER B 258 15.16 -20.03 -26.73
N ASN B 259 16.21 -19.27 -26.96
CA ASN B 259 16.64 -18.30 -25.96
C ASN B 259 16.12 -16.90 -26.32
N PHE B 260 15.21 -16.82 -27.28
CA PHE B 260 14.61 -15.54 -27.64
C PHE B 260 13.86 -15.03 -26.40
N PRO B 261 14.18 -13.83 -25.95
CA PRO B 261 13.61 -13.35 -24.69
C PRO B 261 12.09 -13.26 -24.64
N ASP B 262 11.47 -12.89 -25.76
CA ASP B 262 10.02 -12.72 -25.81
C ASP B 262 9.28 -13.86 -26.54
N ILE B 263 9.83 -15.06 -26.43
CA ILE B 263 9.25 -16.23 -27.10
C ILE B 263 7.80 -16.53 -26.68
N ARG B 264 7.41 -16.11 -25.48
CA ARG B 264 6.06 -16.33 -24.97
C ARG B 264 5.16 -15.11 -25.11
N SER B 265 5.67 -14.04 -25.73
CA SER B 265 4.89 -12.86 -25.99
C SER B 265 4.45 -12.85 -27.44
N ARG B 266 3.35 -12.18 -27.76
CA ARG B 266 3.13 -11.93 -29.18
C ARG B 266 4.30 -11.06 -29.59
N CYS B 267 4.77 -11.24 -30.83
CA CYS B 267 5.89 -10.43 -31.32
C CYS B 267 5.81 -10.23 -32.80
N ALA B 268 6.32 -9.10 -33.26
CA ALA B 268 6.56 -8.87 -34.68
C ALA B 268 8.08 -8.71 -34.80
N ILE B 269 8.67 -9.47 -35.71
CA ILE B 269 10.09 -9.37 -35.96
C ILE B 269 10.35 -9.09 -37.42
N HIS B 270 11.01 -7.97 -37.70
CA HIS B 270 11.47 -7.68 -39.04
C HIS B 270 12.97 -7.93 -39.02
N SER B 271 13.46 -8.89 -39.81
CA SER B 271 14.90 -9.12 -39.88
C SER B 271 15.49 -8.21 -40.95
N ALA B 272 16.81 -8.11 -40.99
CA ALA B 272 17.47 -7.20 -41.93
C ALA B 272 17.20 -7.56 -43.38
N GLU B 273 17.32 -8.84 -43.73
CA GLU B 273 17.11 -9.22 -45.13
C GLU B 273 16.40 -10.55 -45.30
N SER B 274 16.02 -11.18 -44.20
CA SER B 274 15.51 -12.55 -44.30
C SER B 274 13.99 -12.72 -44.16
N GLY B 275 13.26 -11.62 -44.03
CA GLY B 275 11.82 -11.68 -43.87
C GLY B 275 11.39 -11.43 -42.42
N SER B 276 10.09 -11.50 -42.20
CA SER B 276 9.50 -11.27 -40.89
C SER B 276 8.92 -12.50 -40.22
N ILE B 277 8.72 -12.41 -38.91
CA ILE B 277 8.04 -13.42 -38.14
C ILE B 277 6.99 -12.76 -37.27
N MET B 278 5.88 -13.44 -37.07
CA MET B 278 4.94 -13.05 -36.02
C MET B 278 4.82 -14.22 -35.07
N ILE B 279 5.08 -13.96 -33.79
CA ILE B 279 4.95 -14.98 -32.77
C ILE B 279 3.58 -14.85 -32.12
N ILE B 280 2.88 -15.98 -31.99
CA ILE B 280 1.56 -15.99 -31.39
C ILE B 280 1.62 -17.04 -30.28
N PRO B 281 1.89 -16.64 -29.04
CA PRO B 281 2.03 -17.63 -27.96
C PRO B 281 0.69 -18.28 -27.62
N ARG B 282 0.71 -19.59 -27.46
CA ARG B 282 -0.54 -20.34 -27.35
C ARG B 282 -0.74 -21.08 -26.01
N GLU B 283 -1.81 -21.87 -25.95
CA GLU B 283 -2.07 -22.66 -24.76
C GLU B 283 -1.06 -23.80 -24.63
N ASN B 284 -0.95 -24.37 -23.43
CA ASN B 284 -0.21 -25.62 -23.20
C ASN B 284 1.22 -25.70 -23.76
N ASN B 285 1.98 -24.65 -23.52
CA ASN B 285 3.38 -24.51 -23.98
C ASN B 285 3.58 -24.41 -25.47
N LEU B 286 2.49 -24.42 -26.23
CA LEU B 286 2.64 -24.23 -27.67
C LEU B 286 2.87 -22.75 -27.98
N VAL B 287 3.51 -22.50 -29.12
CA VAL B 287 3.64 -21.16 -29.67
C VAL B 287 3.46 -21.33 -31.18
N ARG B 288 2.65 -20.46 -31.78
CA ARG B 288 2.50 -20.46 -33.23
C ARG B 288 3.46 -19.45 -33.83
N PHE B 289 4.13 -19.86 -34.89
CA PHE B 289 5.06 -18.97 -35.56
C PHE B 289 4.64 -18.79 -37.00
N TYR B 290 4.33 -17.55 -37.38
CA TYR B 290 4.11 -17.20 -38.77
C TYR B 290 5.50 -16.78 -39.24
N VAL B 291 6.00 -17.49 -40.25
CA VAL B 291 7.35 -17.29 -40.73
C VAL B 291 7.36 -16.96 -42.20
N GLN B 292 7.85 -15.77 -42.54
CA GLN B 292 7.91 -15.41 -43.94
C GLN B 292 8.98 -16.25 -44.64
N LEU B 293 8.70 -16.68 -45.87
CA LEU B 293 9.66 -17.48 -46.62
C LEU B 293 10.14 -16.70 -47.85
N GLN B 294 11.12 -17.23 -48.58
CA GLN B 294 11.59 -16.53 -49.80
C GLN B 294 10.55 -16.45 -50.91
N ALA B 295 10.17 -15.22 -51.25
CA ALA B 295 9.18 -14.96 -52.30
C ALA B 295 9.54 -15.63 -53.63
N THR B 306 4.56 -25.65 -55.37
CA THR B 306 5.44 -25.19 -54.31
C THR B 306 6.26 -26.35 -53.67
N LYS B 307 7.04 -26.03 -52.63
CA LYS B 307 7.75 -27.04 -51.81
C LYS B 307 8.23 -26.55 -50.45
N PHE B 308 7.02 -26.38 -49.82
CA PHE B 308 7.38 -25.93 -48.47
C PHE B 308 7.12 -27.00 -47.44
N THR B 309 8.19 -27.37 -46.75
CA THR B 309 8.15 -28.39 -45.74
C THR B 309 8.39 -27.68 -44.42
N PRO B 310 8.10 -28.37 -43.33
CA PRO B 310 8.39 -27.83 -42.00
C PRO B 310 9.87 -27.44 -41.94
N GLU B 311 10.70 -28.29 -42.52
CA GLU B 311 12.14 -28.10 -42.44
C GLU B 311 12.53 -26.75 -43.04
N VAL B 312 11.94 -26.43 -44.19
CA VAL B 312 12.25 -25.15 -44.83
C VAL B 312 11.75 -23.99 -43.98
N VAL B 313 10.56 -24.13 -43.40
CA VAL B 313 10.03 -23.06 -42.56
C VAL B 313 10.93 -22.87 -41.36
N ILE B 314 11.38 -23.98 -40.78
CA ILE B 314 12.26 -23.87 -39.64
C ILE B 314 13.59 -23.21 -40.01
N ALA B 315 14.08 -23.52 -41.19
CA ALA B 315 15.34 -22.97 -41.65
C ALA B 315 15.26 -21.47 -41.76
N ASN B 316 14.15 -20.98 -42.33
CA ASN B 316 13.97 -19.54 -42.48
C ASN B 316 13.77 -18.88 -41.13
N ALA B 317 13.03 -19.55 -40.24
CA ALA B 317 12.85 -18.98 -38.92
C ALA B 317 14.20 -18.78 -38.22
N LYS B 318 15.08 -19.77 -38.34
CA LYS B 318 16.40 -19.67 -37.73
C LYS B 318 17.16 -18.44 -38.23
N LYS B 319 17.05 -18.14 -39.52
CA LYS B 319 17.75 -16.99 -40.05
C LYS B 319 17.14 -15.70 -39.51
N ILE B 320 15.82 -15.68 -39.41
CA ILE B 320 15.14 -14.46 -38.96
C ILE B 320 15.40 -14.18 -37.48
N PHE B 321 15.51 -15.23 -36.68
CA PHE B 321 15.77 -15.11 -35.24
C PHE B 321 17.20 -14.66 -34.90
N HIS B 322 18.14 -14.83 -35.83
CA HIS B 322 19.54 -14.43 -35.59
C HIS B 322 19.65 -13.08 -34.87
N PRO B 323 20.44 -13.01 -33.80
CA PRO B 323 21.30 -14.11 -33.34
C PRO B 323 20.71 -15.05 -32.30
N TYR B 324 19.41 -15.00 -32.01
CA TYR B 324 18.82 -15.94 -31.04
C TYR B 324 18.63 -17.36 -31.59
N THR B 325 18.58 -18.36 -30.71
CA THR B 325 18.37 -19.72 -31.20
C THR B 325 16.89 -20.00 -31.40
N PHE B 326 16.61 -21.00 -32.23
CA PHE B 326 15.25 -21.45 -32.45
C PHE B 326 15.26 -22.90 -32.87
N ASP B 327 14.61 -23.73 -32.09
CA ASP B 327 14.40 -25.14 -32.44
C ASP B 327 13.02 -25.53 -32.00
N VAL B 328 12.50 -26.59 -32.61
CA VAL B 328 11.18 -27.12 -32.35
C VAL B 328 11.29 -28.41 -31.55
N GLN B 329 10.76 -28.43 -30.33
CA GLN B 329 10.76 -29.66 -29.54
C GLN B 329 9.68 -30.62 -29.99
N GLN B 330 8.58 -30.06 -30.50
CA GLN B 330 7.39 -30.81 -30.89
C GLN B 330 6.58 -29.99 -31.88
N LEU B 331 6.04 -30.64 -32.91
CA LEU B 331 5.29 -29.92 -33.95
C LEU B 331 3.88 -30.47 -34.07
N ASP B 332 2.90 -29.61 -33.82
CA ASP B 332 1.51 -30.03 -33.80
C ASP B 332 0.77 -29.73 -35.10
N TRP B 333 1.25 -28.78 -35.89
CA TRP B 333 0.54 -28.46 -37.14
C TRP B 333 1.42 -27.53 -37.96
N PHE B 334 1.14 -27.44 -39.26
CA PHE B 334 1.88 -26.51 -40.07
C PHE B 334 1.15 -26.27 -41.38
N THR B 335 1.42 -25.12 -42.01
CA THR B 335 0.82 -24.80 -43.30
C THR B 335 1.64 -23.73 -43.97
N ALA B 336 1.25 -23.35 -45.18
CA ALA B 336 1.90 -22.25 -45.88
C ALA B 336 0.82 -21.55 -46.69
N TYR B 337 1.01 -20.25 -46.94
CA TYR B 337 0.01 -19.47 -47.65
C TYR B 337 0.63 -18.29 -48.36
N HIS B 338 -0.12 -17.71 -49.32
CA HIS B 338 0.30 -16.48 -49.97
C HIS B 338 -0.42 -15.28 -49.35
N ILE B 339 0.23 -14.12 -49.39
CA ILE B 339 -0.39 -12.89 -48.91
C ILE B 339 -1.27 -12.34 -50.04
N GLY B 340 -2.57 -12.22 -49.78
CA GLY B 340 -3.49 -11.60 -50.72
C GLY B 340 -4.79 -11.24 -50.04
N GLN B 341 -5.61 -10.45 -50.74
CA GLN B 341 -6.89 -10.03 -50.23
C GLN B 341 -7.93 -10.19 -51.32
N ARG B 342 -9.11 -10.67 -50.95
CA ARG B 342 -10.23 -10.75 -51.89
C ARG B 342 -11.54 -10.51 -51.15
N VAL B 343 -12.50 -9.85 -51.79
CA VAL B 343 -13.81 -9.68 -51.18
C VAL B 343 -14.89 -9.58 -52.24
N THR B 344 -16.10 -10.09 -51.96
CA THR B 344 -17.20 -9.96 -52.95
C THR B 344 -17.99 -8.69 -52.74
N GLU B 345 -18.63 -8.21 -53.80
CA GLU B 345 -19.55 -7.09 -53.69
C GLU B 345 -20.91 -7.57 -53.15
N LYS B 346 -21.29 -8.82 -53.43
CA LYS B 346 -22.60 -9.30 -53.01
C LYS B 346 -22.51 -10.43 -51.99
N PHE B 347 -23.42 -10.44 -51.02
CA PHE B 347 -23.43 -11.49 -49.99
C PHE B 347 -24.73 -12.30 -50.08
N SER B 348 -25.58 -11.95 -51.04
CA SER B 348 -26.88 -12.63 -51.10
C SER B 348 -27.49 -12.59 -52.49
N LYS B 349 -28.16 -13.69 -52.84
CA LYS B 349 -28.97 -13.73 -54.05
C LYS B 349 -30.40 -13.88 -53.58
N ASP B 350 -31.23 -12.89 -53.87
CA ASP B 350 -32.66 -12.88 -53.52
C ASP B 350 -32.95 -12.90 -52.03
N GLU B 351 -31.95 -12.61 -51.20
CA GLU B 351 -32.03 -12.81 -49.75
C GLU B 351 -32.58 -14.24 -49.53
N ARG B 352 -32.13 -15.17 -50.37
CA ARG B 352 -32.51 -16.60 -50.24
C ARG B 352 -31.27 -17.47 -50.12
N VAL B 353 -30.26 -17.17 -50.92
CA VAL B 353 -28.98 -17.84 -50.75
C VAL B 353 -27.97 -16.79 -50.27
N PHE B 354 -27.35 -17.03 -49.13
CA PHE B 354 -26.40 -16.11 -48.55
C PHE B 354 -25.03 -16.75 -48.56
N ILE B 355 -24.00 -15.93 -48.55
CA ILE B 355 -22.65 -16.41 -48.26
C ILE B 355 -22.10 -15.68 -47.07
N ALA B 356 -21.21 -16.36 -46.35
CA ALA B 356 -20.64 -15.78 -45.15
C ALA B 356 -19.22 -16.29 -44.96
N GLY B 357 -18.44 -15.59 -44.16
CA GLY B 357 -17.08 -16.00 -43.84
C GLY B 357 -16.07 -15.90 -44.96
N ASP B 358 -15.14 -16.87 -45.01
CA ASP B 358 -14.09 -16.86 -46.01
C ASP B 358 -14.70 -16.88 -47.41
N ALA B 359 -15.92 -17.42 -47.50
CA ALA B 359 -16.60 -17.43 -48.80
C ALA B 359 -16.78 -16.02 -49.35
N CYS B 360 -16.78 -15.03 -48.47
CA CYS B 360 -17.02 -13.61 -48.80
C CYS B 360 -15.77 -12.77 -48.77
N HIS B 361 -14.81 -13.19 -47.95
CA HIS B 361 -13.61 -12.36 -47.75
C HIS B 361 -12.42 -13.20 -47.35
N THR B 362 -11.30 -13.03 -48.04
CA THR B 362 -10.05 -13.70 -47.62
C THR B 362 -8.94 -12.68 -47.52
N HIS B 363 -7.98 -12.97 -46.65
CA HIS B 363 -6.96 -12.00 -46.34
C HIS B 363 -5.90 -12.73 -45.54
N SER B 364 -4.85 -12.02 -45.18
CA SER B 364 -3.76 -12.59 -44.38
C SER B 364 -4.18 -12.78 -42.92
N PRO B 365 -3.45 -13.66 -42.24
CA PRO B 365 -3.70 -13.90 -40.82
C PRO B 365 -2.89 -12.99 -39.86
N LYS B 366 -2.29 -11.90 -40.36
CA LYS B 366 -1.46 -11.04 -39.50
C LYS B 366 -2.23 -10.46 -38.30
N ALA B 367 -3.55 -10.29 -38.43
CA ALA B 367 -4.37 -9.83 -37.30
C ALA B 367 -5.42 -10.88 -36.88
N GLY B 368 -5.20 -12.14 -37.27
CA GLY B 368 -6.09 -13.23 -36.88
C GLY B 368 -7.57 -12.85 -37.00
N GLN B 369 -7.93 -12.33 -38.16
CA GLN B 369 -9.28 -11.82 -38.36
C GLN B 369 -10.28 -12.81 -38.94
N GLY B 370 -9.81 -13.95 -39.44
CA GLY B 370 -10.70 -14.80 -40.22
C GLY B 370 -11.85 -15.45 -39.47
N MET B 371 -11.52 -16.26 -38.47
CA MET B 371 -12.54 -16.90 -37.68
C MET B 371 -13.43 -15.85 -37.02
N ASN B 372 -12.84 -14.79 -36.45
CA ASN B 372 -13.63 -13.71 -35.87
C ASN B 372 -14.69 -13.16 -36.81
N THR B 373 -14.25 -12.72 -37.96
CA THR B 373 -15.16 -12.02 -38.86
C THR B 373 -16.23 -12.98 -39.37
N SER B 374 -15.82 -14.22 -39.62
CA SER B 374 -16.72 -15.20 -40.21
C SER B 374 -17.83 -15.61 -39.23
N MET B 375 -17.47 -15.77 -37.97
CA MET B 375 -18.48 -16.04 -36.97
C MET B 375 -19.37 -14.83 -36.73
N MET B 376 -18.78 -13.64 -36.77
CA MET B 376 -19.58 -12.43 -36.60
C MET B 376 -20.54 -12.24 -37.77
N ASP B 377 -20.18 -12.73 -38.96
CA ASP B 377 -21.10 -12.67 -40.11
C ASP B 377 -22.37 -13.49 -39.82
N THR B 378 -22.20 -14.73 -39.37
CA THR B 378 -23.38 -15.55 -39.11
C THR B 378 -24.10 -15.24 -37.81
N TYR B 379 -23.41 -14.61 -36.86
CA TYR B 379 -24.07 -14.12 -35.66
C TYR B 379 -25.06 -13.02 -36.11
N ASN B 380 -24.66 -12.24 -37.09
CA ASN B 380 -25.52 -11.18 -37.67
C ASN B 380 -26.68 -11.76 -38.49
N LEU B 381 -26.37 -12.66 -39.42
CA LEU B 381 -27.42 -13.17 -40.28
C LEU B 381 -28.38 -14.05 -39.50
N GLY B 382 -27.83 -14.78 -38.55
CA GLY B 382 -28.62 -15.80 -37.88
C GLY B 382 -29.84 -15.34 -37.13
N TRP B 383 -29.75 -14.23 -36.41
CA TRP B 383 -30.91 -13.78 -35.65
C TRP B 383 -31.96 -13.23 -36.57
N LYS B 384 -31.52 -12.66 -37.67
CA LYS B 384 -32.46 -12.08 -38.67
C LYS B 384 -33.23 -13.21 -39.35
N LEU B 385 -32.52 -14.22 -39.79
CA LEU B 385 -33.15 -15.38 -40.40
C LEU B 385 -34.03 -16.11 -39.37
N GLY B 386 -33.56 -16.20 -38.14
CA GLY B 386 -34.30 -16.87 -37.09
C GLY B 386 -35.63 -16.20 -36.85
N LEU B 387 -35.65 -14.85 -36.73
CA LEU B 387 -36.94 -14.18 -36.55
C LEU B 387 -37.85 -14.33 -37.78
N VAL B 388 -37.27 -14.33 -38.98
CA VAL B 388 -38.09 -14.49 -40.18
C VAL B 388 -38.73 -15.88 -40.18
N LEU B 389 -37.93 -16.91 -39.93
CA LEU B 389 -38.45 -18.30 -39.98
C LEU B 389 -39.49 -18.60 -38.91
N THR B 390 -39.43 -17.89 -37.76
CA THR B 390 -40.42 -18.10 -36.71
C THR B 390 -41.62 -17.19 -36.86
N GLY B 391 -41.74 -16.46 -37.99
CA GLY B 391 -42.87 -15.60 -38.24
C GLY B 391 -42.89 -14.35 -37.37
N ARG B 392 -41.73 -14.01 -36.83
CA ARG B 392 -41.62 -12.89 -35.90
C ARG B 392 -41.16 -11.58 -36.52
N ALA B 393 -40.51 -11.65 -37.68
CA ALA B 393 -40.01 -10.44 -38.32
C ALA B 393 -40.28 -10.49 -39.80
N LYS B 394 -40.32 -9.30 -40.39
CA LYS B 394 -40.55 -9.13 -41.80
C LYS B 394 -39.32 -9.55 -42.59
N ARG B 395 -39.55 -10.19 -43.71
CA ARG B 395 -38.46 -10.66 -44.57
C ARG B 395 -37.49 -9.55 -44.98
N ASP B 396 -37.99 -8.33 -45.12
CA ASP B 396 -37.12 -7.21 -45.48
C ASP B 396 -35.91 -7.04 -44.56
N ILE B 397 -35.97 -7.54 -43.32
CA ILE B 397 -34.80 -7.35 -42.48
C ILE B 397 -33.58 -8.11 -42.99
N LEU B 398 -33.80 -9.10 -43.85
CA LEU B 398 -32.69 -9.89 -44.34
C LEU B 398 -31.75 -9.06 -45.22
N LYS B 399 -32.28 -8.01 -45.86
CA LYS B 399 -31.44 -7.12 -46.64
C LYS B 399 -30.34 -6.47 -45.80
N THR B 400 -30.56 -6.35 -44.50
CA THR B 400 -29.57 -5.66 -43.68
C THR B 400 -28.30 -6.47 -43.45
N TYR B 401 -28.34 -7.76 -43.76
CA TYR B 401 -27.14 -8.57 -43.55
C TYR B 401 -26.06 -8.06 -44.51
N GLU B 402 -26.35 -8.03 -45.79
CA GLU B 402 -25.36 -7.54 -46.73
C GLU B 402 -25.02 -6.07 -46.43
N GLU B 403 -26.01 -5.25 -46.12
CA GLU B 403 -25.79 -3.81 -45.88
C GLU B 403 -24.80 -3.57 -44.75
N GLU B 404 -24.84 -4.44 -43.77
CA GLU B 404 -23.99 -4.34 -42.60
C GLU B 404 -22.66 -5.07 -42.74
N ARG B 405 -22.71 -6.28 -43.29
CA ARG B 405 -21.52 -7.11 -43.28
C ARG B 405 -20.58 -6.94 -44.47
N GLN B 406 -21.11 -6.54 -45.62
CA GLN B 406 -20.24 -6.38 -46.76
C GLN B 406 -19.29 -5.15 -46.62
N PRO B 407 -19.78 -4.02 -46.17
CA PRO B 407 -18.88 -2.88 -45.97
C PRO B 407 -17.83 -3.21 -44.92
N PHE B 408 -18.19 -4.01 -43.92
CA PHE B 408 -17.19 -4.39 -42.94
C PHE B 408 -16.10 -5.24 -43.60
N ALA B 409 -16.50 -6.18 -44.45
CA ALA B 409 -15.54 -7.03 -45.15
C ALA B 409 -14.59 -6.18 -46.00
N GLN B 410 -15.13 -5.19 -46.70
CA GLN B 410 -14.26 -4.29 -47.47
C GLN B 410 -13.27 -3.57 -46.56
N ALA B 411 -13.73 -3.13 -45.41
CA ALA B 411 -12.85 -2.42 -44.48
C ALA B 411 -11.76 -3.37 -43.97
N LEU B 412 -12.14 -4.64 -43.74
CA LEU B 412 -11.18 -5.64 -43.28
C LEU B 412 -10.12 -5.88 -44.36
N ILE B 413 -10.57 -5.98 -45.61
CA ILE B 413 -9.63 -6.18 -46.70
C ILE B 413 -8.70 -4.96 -46.85
N ASP B 414 -9.26 -3.76 -46.72
CA ASP B 414 -8.43 -2.54 -46.84
C ASP B 414 -7.39 -2.49 -45.74
N PHE B 415 -7.81 -2.82 -44.52
CA PHE B 415 -6.90 -2.84 -43.38
C PHE B 415 -5.79 -3.87 -43.62
N ASP B 416 -6.17 -5.07 -44.03
CA ASP B 416 -5.19 -6.12 -44.22
C ASP B 416 -4.26 -5.84 -45.39
N HIS B 417 -4.78 -5.21 -46.43
CA HIS B 417 -3.95 -4.90 -47.58
C HIS B 417 -2.70 -4.14 -47.15
N GLN B 418 -2.88 -3.10 -46.34
CA GLN B 418 -1.74 -2.34 -45.85
C GLN B 418 -0.90 -3.08 -44.80
N PHE B 419 -1.58 -3.64 -43.81
CA PHE B 419 -0.88 -4.26 -42.69
C PHE B 419 -0.02 -5.45 -43.12
N SER B 420 -0.57 -6.31 -43.98
CA SER B 420 0.16 -7.48 -44.45
C SER B 420 1.39 -7.06 -45.25
N ARG B 421 1.29 -5.97 -46.00
CA ARG B 421 2.43 -5.50 -46.78
C ARG B 421 3.52 -4.87 -45.92
N LEU B 422 3.12 -4.16 -44.86
CA LEU B 422 4.10 -3.60 -43.93
C LEU B 422 4.83 -4.71 -43.22
N PHE B 423 4.09 -5.75 -42.86
CA PHE B 423 4.63 -6.87 -42.12
C PHE B 423 5.59 -7.67 -43.01
N SER B 424 5.31 -7.70 -44.32
CA SER B 424 6.09 -8.52 -45.26
C SER B 424 7.26 -7.81 -45.90
N GLY B 425 7.36 -6.50 -45.71
CA GLY B 425 8.42 -5.75 -46.36
C GLY B 425 9.72 -5.75 -45.57
N ARG B 426 10.80 -5.39 -46.24
CA ARG B 426 12.10 -5.30 -45.60
C ARG B 426 12.16 -3.99 -44.82
N PRO B 427 12.65 -4.03 -43.58
CA PRO B 427 12.72 -2.81 -42.75
C PRO B 427 13.70 -1.79 -43.33
N ALA B 428 13.34 -0.51 -43.28
CA ALA B 428 14.20 0.55 -43.80
C ALA B 428 15.56 0.62 -43.10
N LYS B 429 16.63 0.76 -43.89
CA LYS B 429 17.99 0.79 -43.36
C LYS B 429 18.47 2.18 -42.94
N ASP B 430 17.94 3.20 -43.61
CA ASP B 430 18.30 4.59 -43.32
C ASP B 430 17.25 5.48 -43.97
N VAL B 431 17.34 6.77 -43.75
CA VAL B 431 16.30 7.66 -44.25
C VAL B 431 16.27 7.79 -45.80
N ALA B 432 17.35 7.38 -46.46
CA ALA B 432 17.41 7.37 -47.93
C ALA B 432 16.89 6.06 -48.52
N ASP B 433 16.65 5.07 -47.65
CA ASP B 433 16.15 3.75 -48.06
C ASP B 433 14.64 3.82 -48.35
N GLU B 434 14.26 4.43 -49.45
CA GLU B 434 12.85 4.69 -49.70
C GLU B 434 11.94 3.47 -49.92
N MET B 435 12.49 2.35 -50.36
CA MET B 435 11.67 1.16 -50.53
C MET B 435 11.42 0.39 -49.22
N GLY B 436 12.26 0.64 -48.22
CA GLY B 436 12.15 -0.05 -46.95
C GLY B 436 10.95 0.36 -46.11
N VAL B 437 10.47 -0.57 -45.28
CA VAL B 437 9.33 -0.27 -44.43
C VAL B 437 9.79 0.51 -43.19
N SER B 438 9.08 1.61 -42.88
CA SER B 438 9.39 2.37 -41.68
C SER B 438 8.85 1.64 -40.45
N MET B 439 9.73 1.44 -39.48
CA MET B 439 9.31 0.75 -38.27
C MET B 439 8.36 1.61 -37.45
N ASP B 440 8.47 2.93 -37.57
CA ASP B 440 7.54 3.85 -36.91
C ASP B 440 6.15 3.75 -37.55
N VAL B 441 6.11 3.69 -38.87
CA VAL B 441 4.85 3.54 -39.56
C VAL B 441 4.21 2.19 -39.18
N PHE B 442 5.05 1.15 -39.07
CA PHE B 442 4.54 -0.18 -38.75
C PHE B 442 3.92 -0.19 -37.36
N LYS B 443 4.61 0.39 -36.40
CA LYS B 443 4.07 0.46 -35.04
C LYS B 443 2.73 1.18 -35.05
N GLU B 444 2.67 2.35 -35.70
CA GLU B 444 1.41 3.08 -35.67
C GLU B 444 0.30 2.31 -36.37
N ALA B 445 0.63 1.59 -37.43
CA ALA B 445 -0.38 0.81 -38.13
C ALA B 445 -0.86 -0.34 -37.22
N PHE B 446 0.06 -0.86 -36.41
CA PHE B 446 -0.30 -1.96 -35.52
C PHE B 446 -1.26 -1.44 -34.45
N VAL B 447 -0.92 -0.28 -33.87
CA VAL B 447 -1.71 0.30 -32.80
C VAL B 447 -3.11 0.65 -33.31
N LYS B 448 -3.17 1.33 -34.44
CA LYS B 448 -4.45 1.66 -35.03
C LYS B 448 -5.21 0.37 -35.43
N GLY B 449 -4.49 -0.58 -36.02
CA GLY B 449 -5.08 -1.86 -36.38
C GLY B 449 -5.71 -2.56 -35.21
N ASN B 450 -5.08 -2.45 -34.03
CA ASN B 450 -5.63 -3.15 -32.89
C ASN B 450 -7.03 -2.68 -32.52
N GLU B 451 -7.35 -1.42 -32.80
CA GLU B 451 -8.71 -0.94 -32.55
C GLU B 451 -9.66 -1.65 -33.51
N PHE B 452 -9.35 -1.63 -34.79
CA PHE B 452 -10.19 -2.29 -35.78
C PHE B 452 -10.30 -3.78 -35.49
N ALA B 453 -9.15 -4.40 -35.27
CA ALA B 453 -9.08 -5.84 -35.09
C ALA B 453 -9.91 -6.35 -33.92
N SER B 454 -10.10 -5.51 -32.89
CA SER B 454 -10.90 -5.91 -31.73
C SER B 454 -12.34 -6.24 -32.12
N GLY B 455 -12.78 -5.75 -33.28
CA GLY B 455 -14.14 -5.95 -33.73
C GLY B 455 -15.16 -5.06 -33.02
N THR B 456 -14.71 -4.20 -32.10
CA THR B 456 -15.62 -3.40 -31.28
C THR B 456 -15.94 -2.02 -31.85
N ALA B 457 -15.28 -1.62 -32.93
CA ALA B 457 -15.46 -0.24 -33.45
C ALA B 457 -16.47 -0.15 -34.60
N ILE B 458 -17.09 -1.27 -34.95
CA ILE B 458 -18.08 -1.29 -36.04
C ILE B 458 -19.20 -0.30 -35.77
N ASN B 459 -19.60 0.43 -36.82
CA ASN B 459 -20.74 1.32 -36.74
C ASN B 459 -21.55 1.08 -37.99
N TYR B 460 -22.64 0.34 -37.84
CA TYR B 460 -23.48 0.01 -38.98
C TYR B 460 -24.25 1.22 -39.43
N ASP B 461 -24.34 1.40 -40.75
CA ASP B 461 -25.06 2.54 -41.31
C ASP B 461 -26.54 2.35 -41.02
N GLU B 462 -27.25 3.45 -40.99
CA GLU B 462 -28.67 3.43 -40.77
C GLU B 462 -29.37 2.47 -41.77
N ASN B 463 -30.33 1.70 -41.27
CA ASN B 463 -31.05 0.72 -42.09
C ASN B 463 -32.33 0.29 -41.38
N LEU B 464 -33.01 -0.74 -41.90
CA LEU B 464 -34.30 -1.09 -41.33
C LEU B 464 -34.27 -1.40 -39.83
N VAL B 465 -33.15 -1.93 -39.35
CA VAL B 465 -33.04 -2.26 -37.93
C VAL B 465 -32.12 -1.34 -37.14
N THR B 466 -31.74 -0.18 -37.72
CA THR B 466 -30.78 0.72 -37.09
C THR B 466 -31.28 2.14 -37.36
N ASP B 467 -31.87 2.77 -36.35
CA ASP B 467 -32.62 4.02 -36.54
C ASP B 467 -31.90 5.22 -35.95
N LYS B 468 -31.19 5.92 -36.82
CA LYS B 468 -30.43 7.10 -36.37
C LYS B 468 -31.27 8.37 -36.43
N LYS B 469 -32.05 8.50 -37.50
CA LYS B 469 -32.82 9.73 -37.67
C LYS B 469 -33.73 9.99 -36.50
N SER B 470 -34.31 8.94 -35.94
CA SER B 470 -35.29 9.13 -34.89
C SER B 470 -34.64 9.24 -33.52
N SER B 471 -33.34 9.04 -33.44
CA SER B 471 -32.69 9.03 -32.14
C SER B 471 -32.26 10.42 -31.65
N LYS B 472 -32.20 10.58 -30.33
CA LYS B 472 -31.66 11.79 -29.69
C LYS B 472 -30.35 11.32 -29.11
N GLN B 473 -29.32 11.29 -29.96
CA GLN B 473 -28.06 10.62 -29.60
C GLN B 473 -27.39 11.24 -28.37
N GLU B 474 -27.61 12.54 -28.18
CA GLU B 474 -27.00 13.25 -27.06
C GLU B 474 -27.48 12.72 -25.70
N LEU B 475 -28.55 11.95 -25.68
CA LEU B 475 -29.04 11.41 -24.42
C LEU B 475 -28.23 10.20 -23.92
N ALA B 476 -27.49 9.57 -24.83
CA ALA B 476 -26.61 8.44 -24.46
C ALA B 476 -25.40 8.56 -25.36
N LYS B 477 -24.51 9.47 -25.01
CA LYS B 477 -23.41 9.88 -25.88
C LYS B 477 -22.43 8.79 -26.25
N ASN B 478 -22.31 7.80 -25.38
CA ASN B 478 -21.40 6.69 -25.64
C ASN B 478 -22.15 5.39 -25.90
N CYS B 479 -23.39 5.52 -26.39
CA CYS B 479 -24.17 4.40 -26.89
C CYS B 479 -24.57 4.81 -28.29
N VAL B 480 -23.60 4.94 -29.17
CA VAL B 480 -23.86 5.43 -30.51
C VAL B 480 -24.67 4.41 -31.31
N VAL B 481 -25.79 4.86 -31.86
CA VAL B 481 -26.64 3.96 -32.64
C VAL B 481 -25.80 3.35 -33.79
N GLY B 482 -25.92 2.04 -33.96
CA GLY B 482 -25.14 1.34 -34.97
C GLY B 482 -23.87 0.69 -34.43
N THR B 483 -23.49 1.01 -33.18
CA THR B 483 -22.33 0.36 -32.55
C THR B 483 -22.80 -0.64 -31.49
N ARG B 484 -21.91 -1.53 -31.05
CA ARG B 484 -22.31 -2.52 -30.07
C ARG B 484 -22.61 -1.81 -28.75
N PHE B 485 -23.61 -2.33 -28.03
CA PHE B 485 -23.92 -1.80 -26.72
C PHE B 485 -22.83 -2.31 -25.78
N LYS B 486 -22.01 -1.38 -25.28
CA LYS B 486 -20.83 -1.76 -24.50
C LYS B 486 -21.18 -2.11 -23.06
N SER B 487 -20.69 -3.23 -22.59
CA SER B 487 -20.89 -3.57 -21.18
C SER B 487 -20.25 -2.54 -20.25
N GLN B 488 -20.90 -2.26 -19.14
CA GLN B 488 -20.29 -1.50 -18.04
C GLN B 488 -20.70 -2.19 -16.76
N PRO B 489 -19.89 -2.12 -15.73
CA PRO B 489 -20.29 -2.72 -14.45
C PRO B 489 -21.52 -2.08 -13.84
N VAL B 490 -22.37 -2.91 -13.24
CA VAL B 490 -23.53 -2.42 -12.51
C VAL B 490 -23.69 -3.26 -11.27
N VAL B 491 -24.58 -2.84 -10.39
CA VAL B 491 -24.86 -3.60 -9.18
C VAL B 491 -26.28 -4.14 -9.28
N ARG B 492 -26.41 -5.45 -9.30
CA ARG B 492 -27.76 -6.01 -9.39
C ARG B 492 -28.47 -5.68 -8.09
N HIS B 493 -29.66 -5.10 -8.20
CA HIS B 493 -30.32 -4.54 -7.01
C HIS B 493 -30.74 -5.59 -6.00
N SER B 494 -31.21 -6.74 -6.50
CA SER B 494 -31.76 -7.76 -5.64
C SER B 494 -30.84 -8.16 -4.50
N GLU B 495 -29.57 -8.43 -4.78
CA GLU B 495 -28.65 -8.79 -3.69
C GLU B 495 -27.41 -7.93 -3.60
N GLY B 496 -27.24 -7.01 -4.54
CA GLY B 496 -26.07 -6.15 -4.54
C GLY B 496 -24.85 -6.78 -5.20
N LEU B 497 -25.07 -7.72 -6.13
CA LEU B 497 -23.95 -8.31 -6.85
C LEU B 497 -23.37 -7.36 -7.90
N TRP B 498 -22.08 -7.06 -7.79
CA TRP B 498 -21.39 -6.28 -8.83
C TRP B 498 -21.15 -7.23 -10.00
N MET B 499 -21.51 -6.79 -11.19
CA MET B 499 -21.38 -7.66 -12.35
C MET B 499 -21.30 -6.81 -13.63
N HIS B 500 -20.75 -7.41 -14.68
CA HIS B 500 -20.71 -6.77 -15.99
C HIS B 500 -22.10 -6.85 -16.62
N PHE B 501 -22.67 -5.69 -16.95
CA PHE B 501 -24.01 -5.67 -17.47
C PHE B 501 -24.15 -6.48 -18.77
N GLY B 502 -23.09 -6.54 -19.57
CA GLY B 502 -23.15 -7.32 -20.79
C GLY B 502 -23.53 -8.79 -20.58
N ASP B 503 -23.23 -9.33 -19.42
CA ASP B 503 -23.58 -10.73 -19.12
C ASP B 503 -25.06 -10.94 -19.14
N ARG B 504 -25.82 -9.88 -18.89
CA ARG B 504 -27.27 -9.98 -18.86
C ARG B 504 -27.90 -10.00 -20.28
N LEU B 505 -27.14 -9.60 -21.28
CA LEU B 505 -27.69 -9.50 -22.65
C LEU B 505 -27.57 -10.84 -23.41
N VAL B 506 -28.15 -11.87 -22.82
CA VAL B 506 -28.08 -13.21 -23.38
C VAL B 506 -28.68 -13.22 -24.77
N THR B 507 -27.95 -13.77 -25.73
CA THR B 507 -28.43 -13.73 -27.12
C THR B 507 -29.41 -14.89 -27.35
N ASP B 508 -30.67 -14.57 -27.57
CA ASP B 508 -31.68 -15.62 -27.74
C ASP B 508 -32.86 -15.16 -28.61
N GLY B 509 -32.64 -14.08 -29.37
CA GLY B 509 -33.68 -13.59 -30.29
C GLY B 509 -34.41 -12.38 -29.77
N ARG B 510 -34.23 -12.07 -28.49
CA ARG B 510 -34.91 -10.91 -27.93
C ARG B 510 -34.20 -9.59 -28.20
N PHE B 511 -34.99 -8.57 -28.49
CA PHE B 511 -34.51 -7.17 -28.47
C PHE B 511 -34.58 -6.76 -26.99
N ARG B 512 -33.84 -5.72 -26.64
CA ARG B 512 -33.92 -5.13 -25.32
C ARG B 512 -34.35 -3.67 -25.39
N ILE B 513 -35.10 -3.25 -24.37
CA ILE B 513 -35.28 -1.84 -24.09
C ILE B 513 -34.57 -1.61 -22.77
N ILE B 514 -33.48 -0.84 -22.81
CA ILE B 514 -32.75 -0.51 -21.58
C ILE B 514 -33.29 0.82 -21.08
N VAL B 515 -33.92 0.80 -19.92
CA VAL B 515 -34.46 1.99 -19.31
C VAL B 515 -33.45 2.56 -18.37
N PHE B 516 -32.76 3.62 -18.78
CA PHE B 516 -31.86 4.32 -17.85
C PHE B 516 -32.77 5.21 -17.04
N ALA B 517 -33.20 4.70 -15.89
CA ALA B 517 -34.21 5.37 -15.07
C ALA B 517 -33.72 6.62 -14.36
N GLY B 518 -32.41 6.82 -14.34
CA GLY B 518 -31.84 8.00 -13.70
C GLY B 518 -32.07 8.04 -12.20
N LYS B 519 -32.25 9.24 -11.67
CA LYS B 519 -32.40 9.46 -10.23
C LYS B 519 -33.83 9.19 -9.79
N ALA B 520 -34.16 7.90 -9.69
CA ALA B 520 -35.50 7.45 -9.38
C ALA B 520 -36.06 7.90 -8.04
N THR B 521 -35.20 8.34 -7.13
CA THR B 521 -35.67 8.88 -5.84
C THR B 521 -36.26 10.28 -5.96
N ASP B 522 -35.98 10.96 -7.08
CA ASP B 522 -36.52 12.29 -7.35
C ASP B 522 -37.96 12.15 -7.83
N ALA B 523 -38.88 12.88 -7.21
CA ALA B 523 -40.31 12.75 -7.54
C ALA B 523 -40.61 13.06 -9.01
N THR B 524 -39.99 14.12 -9.53
CA THR B 524 -40.22 14.47 -10.92
C THR B 524 -39.76 13.35 -11.85
N GLN B 525 -38.59 12.79 -11.54
CA GLN B 525 -38.06 11.70 -12.37
C GLN B 525 -38.92 10.43 -12.25
N MET B 526 -39.37 10.11 -11.06
CA MET B 526 -40.21 8.94 -10.89
C MET B 526 -41.53 9.10 -11.64
N SER B 527 -42.04 10.33 -11.74
CA SER B 527 -43.25 10.57 -12.51
C SER B 527 -43.02 10.23 -13.97
N ARG B 528 -41.82 10.54 -14.49
CA ARG B 528 -41.53 10.15 -15.87
C ARG B 528 -41.42 8.63 -16.02
N ILE B 529 -40.80 7.99 -15.02
CA ILE B 529 -40.66 6.55 -15.05
C ILE B 529 -42.04 5.90 -15.03
N LYS B 530 -42.92 6.39 -14.15
CA LYS B 530 -44.26 5.81 -14.08
C LYS B 530 -45.03 5.99 -15.38
N LYS B 531 -44.84 7.13 -16.02
CA LYS B 531 -45.54 7.40 -17.27
C LYS B 531 -45.07 6.44 -18.36
N PHE B 532 -43.78 6.18 -18.38
CA PHE B 532 -43.21 5.26 -19.35
C PHE B 532 -43.75 3.85 -19.10
N ALA B 533 -43.82 3.46 -17.84
CA ALA B 533 -44.35 2.14 -17.50
C ALA B 533 -45.82 2.06 -17.90
N ALA B 534 -46.55 3.16 -17.76
CA ALA B 534 -47.95 3.15 -18.18
C ALA B 534 -48.01 2.89 -19.68
N TYR B 535 -47.09 3.49 -20.44
CA TYR B 535 -47.03 3.22 -21.86
C TYR B 535 -46.79 1.71 -22.06
N LEU B 536 -45.78 1.16 -21.38
CA LEU B 536 -45.48 -0.28 -21.56
C LEU B 536 -46.71 -1.15 -21.29
N ASP B 537 -47.47 -0.80 -20.27
CA ASP B 537 -48.63 -1.60 -19.88
C ASP B 537 -49.84 -1.38 -20.77
N SER B 538 -49.81 -0.32 -21.58
CA SER B 538 -50.95 0.01 -22.44
C SER B 538 -51.23 -1.02 -23.53
N GLU B 539 -52.48 -1.06 -23.95
CA GLU B 539 -52.96 -2.02 -24.93
C GLU B 539 -52.13 -2.10 -26.20
N ASN B 540 -51.68 -0.96 -26.70
CA ASN B 540 -50.96 -0.96 -27.97
C ASN B 540 -49.45 -0.72 -27.92
N SER B 541 -48.83 -0.90 -26.75
CA SER B 541 -47.39 -0.70 -26.60
C SER B 541 -46.66 -1.80 -27.34
N VAL B 542 -45.36 -1.65 -27.55
CA VAL B 542 -44.62 -2.70 -28.22
C VAL B 542 -44.60 -4.00 -27.40
N ILE B 543 -44.68 -3.89 -26.07
CA ILE B 543 -44.71 -5.08 -25.22
C ILE B 543 -46.03 -5.82 -25.41
N SER B 544 -47.12 -5.08 -25.39
CA SER B 544 -48.45 -5.63 -25.48
C SER B 544 -48.79 -6.18 -26.86
N ARG B 545 -48.21 -5.56 -27.88
CA ARG B 545 -48.47 -5.84 -29.27
C ARG B 545 -47.62 -7.01 -29.81
N TYR B 546 -46.38 -7.12 -29.35
CA TYR B 546 -45.48 -8.13 -29.88
C TYR B 546 -45.22 -9.32 -28.94
N THR B 547 -45.82 -9.29 -27.77
CA THR B 547 -45.79 -10.47 -26.90
C THR B 547 -47.02 -11.32 -27.18
N PRO B 548 -46.85 -12.58 -27.55
CA PRO B 548 -48.02 -13.44 -27.78
C PRO B 548 -48.85 -13.59 -26.51
N LYS B 549 -50.17 -13.72 -26.67
CA LYS B 549 -51.05 -13.99 -25.55
C LYS B 549 -50.51 -15.18 -24.76
N GLY B 550 -50.51 -15.07 -23.44
CA GLY B 550 -50.05 -16.16 -22.58
C GLY B 550 -48.56 -16.18 -22.32
N ALA B 551 -47.79 -15.44 -23.12
CA ALA B 551 -46.34 -15.47 -22.99
C ALA B 551 -45.81 -14.44 -22.00
N ASP B 552 -44.63 -14.70 -21.46
CA ASP B 552 -43.98 -13.76 -20.56
C ASP B 552 -43.69 -12.45 -21.29
N ARG B 553 -44.03 -11.33 -20.66
CA ARG B 553 -43.93 -10.00 -21.30
C ARG B 553 -42.48 -9.48 -21.50
N ASN B 554 -41.50 -10.26 -21.07
CA ASN B 554 -40.12 -9.98 -21.40
C ASN B 554 -39.53 -11.06 -22.32
N SER B 555 -40.38 -11.90 -22.89
CA SER B 555 -39.88 -12.97 -23.75
C SER B 555 -39.65 -12.60 -25.22
N ARG B 556 -40.05 -11.39 -25.64
CA ARG B 556 -39.85 -10.96 -27.01
C ARG B 556 -39.05 -9.66 -27.03
N ILE B 557 -39.47 -8.73 -26.20
CA ILE B 557 -38.75 -7.49 -25.94
C ILE B 557 -38.53 -7.50 -24.44
N ASP B 558 -37.27 -7.47 -24.06
CA ASP B 558 -36.76 -7.66 -22.70
C ASP B 558 -36.48 -6.27 -22.12
N VAL B 559 -37.28 -5.84 -21.14
CA VAL B 559 -37.24 -4.47 -20.64
C VAL B 559 -36.46 -4.46 -19.32
N ILE B 560 -35.28 -3.85 -19.35
CA ILE B 560 -34.36 -3.87 -18.21
C ILE B 560 -34.09 -2.46 -17.71
N THR B 561 -34.06 -2.29 -16.39
CA THR B 561 -33.93 -0.97 -15.77
C THR B 561 -32.59 -0.82 -15.05
N ILE B 562 -31.87 0.26 -15.34
CA ILE B 562 -30.63 0.55 -14.66
C ILE B 562 -30.81 1.97 -14.16
N HIS B 563 -30.87 2.12 -12.84
CA HIS B 563 -31.05 3.43 -12.24
C HIS B 563 -29.72 3.93 -11.66
N SER B 564 -29.70 5.20 -11.25
CA SER B 564 -28.46 5.79 -10.79
C SER B 564 -28.42 6.00 -9.27
N CYS B 565 -29.29 5.30 -8.56
CA CYS B 565 -29.36 5.45 -7.10
C CYS B 565 -28.62 4.34 -6.41
N HIS B 566 -28.29 4.54 -5.13
CA HIS B 566 -27.72 3.49 -4.33
C HIS B 566 -28.86 2.58 -3.86
N ARG B 567 -28.61 1.27 -3.81
CA ARG B 567 -29.67 0.35 -3.42
C ARG B 567 -30.13 0.50 -1.95
N ASP B 568 -29.39 1.24 -1.14
CA ASP B 568 -29.86 1.52 0.22
C ASP B 568 -30.94 2.61 0.20
N ASP B 569 -31.07 3.31 -0.92
CA ASP B 569 -31.93 4.49 -0.96
C ASP B 569 -33.27 4.30 -1.68
N ILE B 570 -33.45 3.16 -2.31
CA ILE B 570 -34.69 2.89 -3.03
C ILE B 570 -34.80 1.39 -3.17
N GLU B 571 -36.03 0.87 -3.25
CA GLU B 571 -36.26 -0.58 -3.34
C GLU B 571 -36.73 -0.97 -4.74
N MET B 572 -36.53 -2.24 -5.09
CA MET B 572 -37.01 -2.73 -6.37
C MET B 572 -38.51 -2.46 -6.45
N HIS B 573 -39.21 -2.68 -5.34
CA HIS B 573 -40.65 -2.49 -5.31
C HIS B 573 -41.10 -1.02 -5.42
N ASP B 574 -40.17 -0.07 -5.43
CA ASP B 574 -40.54 1.32 -5.65
C ASP B 574 -40.74 1.62 -7.14
N PHE B 575 -40.30 0.70 -7.99
CA PHE B 575 -40.47 0.83 -9.42
C PHE B 575 -41.78 0.16 -9.88
N PRO B 576 -42.35 0.64 -10.97
CA PRO B 576 -43.57 0.06 -11.52
C PRO B 576 -43.47 -1.47 -11.64
N ALA B 577 -44.46 -2.17 -11.10
CA ALA B 577 -44.48 -3.61 -11.12
C ALA B 577 -45.84 -4.00 -11.65
N PRO B 578 -45.91 -4.94 -12.60
CA PRO B 578 -44.77 -5.68 -13.11
C PRO B 578 -44.08 -5.09 -14.35
N ALA B 579 -44.40 -3.88 -14.76
CA ALA B 579 -43.81 -3.37 -15.99
C ALA B 579 -42.28 -3.36 -15.95
N LEU B 580 -41.69 -2.87 -14.87
CA LEU B 580 -40.23 -2.79 -14.73
C LEU B 580 -39.69 -3.74 -13.68
N HIS B 581 -40.56 -4.16 -12.76
CA HIS B 581 -40.18 -5.09 -11.68
C HIS B 581 -41.11 -6.27 -11.79
N PRO B 582 -40.76 -7.25 -12.63
CA PRO B 582 -41.63 -8.40 -12.89
C PRO B 582 -41.85 -9.32 -11.69
N LYS B 583 -42.99 -10.01 -11.69
CA LYS B 583 -43.42 -10.83 -10.57
C LYS B 583 -42.46 -11.97 -10.23
N TRP B 584 -41.92 -11.89 -9.02
CA TRP B 584 -41.01 -12.90 -8.47
C TRP B 584 -39.80 -13.12 -9.37
N GLN B 585 -39.36 -12.09 -10.08
CA GLN B 585 -38.19 -12.19 -10.94
C GLN B 585 -37.23 -11.09 -10.55
N TYR B 586 -35.92 -11.38 -10.61
CA TYR B 586 -34.95 -10.47 -10.00
C TYR B 586 -33.76 -10.12 -10.89
N ASP B 587 -33.92 -10.32 -12.20
CA ASP B 587 -32.89 -9.93 -13.16
C ASP B 587 -33.36 -8.77 -14.02
N PHE B 588 -33.92 -7.76 -13.38
CA PHE B 588 -34.45 -6.63 -14.12
C PHE B 588 -34.02 -5.24 -13.66
N ILE B 589 -33.72 -5.12 -12.37
CA ILE B 589 -33.33 -3.85 -11.80
C ILE B 589 -31.87 -3.85 -11.36
N TYR B 590 -31.11 -2.88 -11.89
CA TYR B 590 -29.68 -2.75 -11.65
C TYR B 590 -29.40 -1.31 -11.29
N ALA B 591 -28.30 -1.10 -10.60
CA ALA B 591 -27.93 0.22 -10.08
C ALA B 591 -26.52 0.60 -10.47
N ASP B 592 -26.34 1.88 -10.78
CA ASP B 592 -25.02 2.44 -10.98
C ASP B 592 -24.65 3.04 -9.62
N CYS B 593 -24.02 2.26 -8.75
CA CYS B 593 -23.72 2.72 -7.40
C CYS B 593 -22.56 1.99 -6.80
N ASP B 594 -22.07 2.52 -5.66
CA ASP B 594 -21.03 1.90 -4.87
C ASP B 594 -21.46 0.52 -4.38
N SER B 595 -20.51 -0.39 -4.14
CA SER B 595 -20.81 -1.74 -3.65
C SER B 595 -19.76 -2.22 -2.69
N TRP B 596 -19.90 -3.42 -2.15
CA TRP B 596 -18.96 -3.83 -1.10
C TRP B 596 -17.50 -3.91 -1.54
N HIS B 597 -17.28 -4.40 -2.75
CA HIS B 597 -15.94 -4.74 -3.21
C HIS B 597 -15.40 -3.88 -4.32
N HIS B 598 -16.21 -2.90 -4.75
CA HIS B 598 -15.85 -2.05 -5.85
C HIS B 598 -16.41 -0.65 -5.60
N PRO B 599 -15.73 0.36 -6.11
CA PRO B 599 -16.23 1.73 -5.97
C PRO B 599 -17.39 1.90 -6.96
N HIS B 600 -18.04 3.06 -6.86
CA HIS B 600 -19.07 3.44 -7.82
C HIS B 600 -18.43 3.33 -9.20
N PRO B 601 -19.03 2.57 -10.13
CA PRO B 601 -18.41 2.32 -11.42
C PRO B 601 -18.53 3.46 -12.40
N LYS B 602 -19.30 4.51 -12.07
CA LYS B 602 -19.49 5.67 -12.96
C LYS B 602 -19.93 5.16 -14.35
N SER B 603 -20.87 4.22 -14.35
CA SER B 603 -21.29 3.61 -15.62
C SER B 603 -22.21 4.47 -16.43
N TYR B 604 -23.08 5.25 -15.79
CA TYR B 604 -23.87 6.23 -16.55
C TYR B 604 -22.89 7.16 -17.30
N GLN B 605 -21.82 7.58 -16.64
CA GLN B 605 -20.84 8.46 -17.29
C GLN B 605 -20.15 7.71 -18.45
N ALA B 606 -19.81 6.44 -18.24
CA ALA B 606 -19.18 5.67 -19.31
C ALA B 606 -20.13 5.52 -20.51
N TRP B 607 -21.40 5.36 -20.21
CA TRP B 607 -22.41 5.23 -21.26
C TRP B 607 -22.82 6.60 -21.86
N GLY B 608 -22.46 7.69 -21.18
CA GLY B 608 -22.79 9.02 -21.67
C GLY B 608 -24.24 9.42 -21.46
N VAL B 609 -24.82 8.90 -20.38
CA VAL B 609 -26.20 9.15 -20.04
C VAL B 609 -26.30 10.06 -18.82
N ASP B 610 -27.20 11.04 -18.87
CA ASP B 610 -27.35 11.95 -17.72
C ASP B 610 -27.78 11.18 -16.47
N GLU B 611 -27.05 11.40 -15.37
CA GLU B 611 -27.33 10.65 -14.17
C GLU B 611 -28.70 10.92 -13.60
N THR B 612 -29.19 12.14 -13.75
CA THR B 612 -30.51 12.45 -13.23
C THR B 612 -31.65 12.04 -14.18
N LYS B 613 -31.57 12.47 -15.44
CA LYS B 613 -32.70 12.32 -16.36
C LYS B 613 -32.77 10.97 -17.10
N GLY B 614 -31.61 10.32 -17.23
CA GLY B 614 -31.55 9.04 -17.92
C GLY B 614 -31.89 9.11 -19.40
N ALA B 615 -32.33 7.97 -19.95
CA ALA B 615 -32.59 7.81 -21.36
C ALA B 615 -33.20 6.44 -21.56
N VAL B 616 -33.59 6.14 -22.81
CA VAL B 616 -34.08 4.83 -23.17
C VAL B 616 -33.30 4.40 -24.38
N VAL B 617 -32.74 3.19 -24.31
CA VAL B 617 -31.93 2.69 -25.40
C VAL B 617 -32.42 1.32 -25.86
N VAL B 618 -32.69 1.21 -27.15
CA VAL B 618 -33.09 -0.08 -27.71
C VAL B 618 -31.85 -0.82 -28.22
N VAL B 619 -31.80 -2.12 -27.95
CA VAL B 619 -30.69 -2.93 -28.38
C VAL B 619 -31.21 -4.15 -29.15
N ARG B 620 -30.57 -4.43 -30.29
CA ARG B 620 -30.96 -5.55 -31.16
C ARG B 620 -30.58 -6.89 -30.52
N PRO B 621 -31.14 -7.98 -31.05
CA PRO B 621 -30.81 -9.32 -30.53
C PRO B 621 -29.31 -9.65 -30.60
N ASP B 622 -28.59 -9.01 -31.53
CA ASP B 622 -27.13 -9.21 -31.60
C ASP B 622 -26.31 -8.22 -30.76
N GLY B 623 -26.97 -7.48 -29.88
CA GLY B 623 -26.26 -6.62 -28.98
C GLY B 623 -25.85 -5.26 -29.53
N TYR B 624 -26.34 -4.88 -30.72
CA TYR B 624 -26.06 -3.56 -31.29
C TYR B 624 -27.16 -2.56 -30.94
N THR B 625 -26.76 -1.33 -30.61
CA THR B 625 -27.68 -0.26 -30.27
C THR B 625 -28.42 0.19 -31.51
N SER B 626 -29.74 0.31 -31.43
CA SER B 626 -30.54 0.65 -32.62
C SER B 626 -31.41 1.88 -32.47
N LEU B 627 -31.56 2.39 -31.26
CA LEU B 627 -32.35 3.62 -31.08
C LEU B 627 -32.03 4.20 -29.72
N VAL B 628 -31.88 5.53 -29.63
CA VAL B 628 -31.66 6.17 -28.33
C VAL B 628 -32.72 7.25 -28.25
N THR B 629 -33.51 7.25 -27.19
CA THR B 629 -34.53 8.27 -27.00
C THR B 629 -34.72 8.61 -25.53
N ASP B 630 -35.76 9.38 -25.19
CA ASP B 630 -36.02 9.68 -23.78
C ASP B 630 -37.23 8.88 -23.33
N LEU B 631 -37.59 8.95 -22.05
CA LEU B 631 -38.74 8.18 -21.57
C LEU B 631 -40.02 8.60 -22.28
N GLU B 632 -40.06 9.83 -22.79
CA GLU B 632 -41.25 10.30 -23.51
C GLU B 632 -41.30 9.82 -24.97
N GLY B 633 -40.22 9.26 -25.46
CA GLY B 633 -40.12 8.85 -26.86
C GLY B 633 -40.79 7.54 -27.23
N THR B 634 -41.98 7.31 -26.70
CA THR B 634 -42.67 6.07 -26.96
C THR B 634 -43.10 5.93 -28.41
N ALA B 635 -43.41 7.05 -29.07
CA ALA B 635 -43.81 7.01 -30.48
C ALA B 635 -42.67 6.47 -31.33
N GLU B 636 -41.45 6.90 -31.01
CA GLU B 636 -40.26 6.47 -31.71
C GLU B 636 -40.06 4.98 -31.54
N ILE B 637 -40.34 4.51 -30.33
CA ILE B 637 -40.19 3.10 -30.03
C ILE B 637 -41.21 2.29 -30.83
N ASP B 638 -42.45 2.76 -30.87
CA ASP B 638 -43.50 2.09 -31.63
C ASP B 638 -43.11 1.97 -33.08
N ARG B 639 -42.69 3.10 -33.62
CA ARG B 639 -42.30 3.17 -35.01
C ARG B 639 -41.15 2.23 -35.34
N TYR B 640 -40.13 2.21 -34.47
CA TYR B 640 -38.96 1.39 -34.71
C TYR B 640 -39.37 -0.09 -34.83
N PHE B 641 -40.12 -0.57 -33.85
CA PHE B 641 -40.55 -1.97 -33.87
C PHE B 641 -41.58 -2.30 -34.96
N SER B 642 -42.43 -1.32 -35.32
CA SER B 642 -43.43 -1.54 -36.36
C SER B 642 -42.82 -1.89 -37.71
N GLY B 643 -41.61 -1.41 -37.98
CA GLY B 643 -40.97 -1.69 -39.24
C GLY B 643 -40.28 -3.04 -39.27
N ILE B 644 -40.18 -3.69 -38.12
CA ILE B 644 -39.41 -4.92 -38.01
C ILE B 644 -40.23 -6.09 -37.61
N LEU B 645 -41.01 -5.93 -36.54
CA LEU B 645 -41.71 -7.12 -36.02
C LEU B 645 -43.10 -7.34 -36.59
N VAL B 646 -43.55 -8.59 -36.52
CA VAL B 646 -44.87 -8.98 -37.00
C VAL B 646 -45.73 -9.28 -35.79
N GLU B 647 -46.92 -8.68 -35.69
CA GLU B 647 -47.78 -8.96 -34.54
C GLU B 647 -48.17 -10.43 -34.53
N PRO B 648 -48.12 -11.05 -33.37
CA PRO B 648 -48.61 -12.42 -33.23
C PRO B 648 -50.10 -12.41 -33.53
N LYS B 649 -50.65 -13.56 -33.87
CA LYS B 649 -52.07 -13.63 -34.22
C LYS B 649 -52.93 -13.27 -33.02
N GLU B 650 -52.50 -13.65 -31.83
CA GLU B 650 -53.18 -13.28 -30.60
C GLU B 650 -52.16 -12.61 -29.73
N LYS B 651 -52.40 -11.35 -29.40
CA LYS B 651 -51.45 -10.57 -28.62
C LYS B 651 -51.73 -10.58 -27.13
N SER B 652 -50.71 -10.23 -26.34
CA SER B 652 -50.84 -10.17 -24.90
C SER B 652 -51.88 -9.10 -24.53
N GLY B 653 -51.88 -7.97 -25.24
CA GLY B 653 -52.79 -6.88 -24.94
C GLY B 653 -52.32 -6.15 -23.67
N ALA B 654 -53.15 -5.25 -23.15
CA ALA B 654 -52.80 -4.47 -21.95
C ALA B 654 -52.44 -5.35 -20.75
N GLN B 655 -51.48 -4.91 -19.94
CA GLN B 655 -51.10 -5.61 -18.71
C GLN B 655 -52.22 -5.40 -17.70
N THR B 656 -52.79 -6.49 -17.19
CA THR B 656 -53.92 -6.35 -16.27
C THR B 656 -53.61 -6.75 -14.84
N GLU B 657 -52.48 -7.43 -14.67
CA GLU B 657 -52.14 -7.93 -13.36
C GLU B 657 -51.96 -6.83 -12.35
N ALA B 658 -52.38 -7.11 -11.13
CA ALA B 658 -52.20 -6.18 -10.03
C ALA B 658 -50.75 -6.23 -9.60
N ASP B 659 -50.29 -5.13 -9.01
CA ASP B 659 -48.93 -5.00 -8.49
C ASP B 659 -48.66 -6.09 -7.46
N TRP B 660 -47.85 -7.07 -7.85
CA TRP B 660 -47.55 -8.20 -7.00
C TRP B 660 -46.84 -7.86 -5.71
N THR B 661 -46.26 -6.67 -5.61
CA THR B 661 -45.55 -6.30 -4.39
C THR B 661 -46.47 -5.80 -3.27
N LYS B 662 -47.70 -5.47 -3.63
CA LYS B 662 -48.69 -5.02 -2.65
C LYS B 662 -49.46 -6.20 -2.06
N SER B 663 -49.59 -7.27 -2.84
CA SER B 663 -50.30 -8.48 -2.43
C SER B 663 -50.80 -8.48 -0.97
N THR C 2 55.34 30.03 43.20
CA THR C 2 54.35 28.93 42.90
C THR C 2 53.42 28.79 44.08
N LYS C 3 52.12 28.76 43.81
CA LYS C 3 51.17 28.49 44.87
C LYS C 3 50.96 26.97 44.93
N TYR C 4 51.01 26.38 46.11
CA TYR C 4 50.74 24.92 46.21
C TYR C 4 49.37 24.73 46.87
N SER C 5 48.53 23.84 46.33
CA SER C 5 47.18 23.71 46.85
C SER C 5 46.79 22.25 46.89
N GLU C 6 45.70 21.96 47.58
CA GLU C 6 45.29 20.58 47.77
C GLU C 6 43.79 20.52 47.90
N SER C 7 43.17 19.53 47.26
CA SER C 7 41.72 19.43 47.25
C SER C 7 41.27 18.00 46.98
N TYR C 8 39.97 17.81 47.00
CA TYR C 8 39.39 16.48 46.82
C TYR C 8 38.31 16.51 45.75
N CYS C 9 38.10 15.41 45.04
CA CYS C 9 37.01 15.37 44.11
C CYS C 9 36.60 13.93 43.83
N ASP C 10 35.41 13.77 43.33
CA ASP C 10 34.90 12.43 43.08
C ASP C 10 35.38 11.90 41.75
N VAL C 11 35.30 12.73 40.72
CA VAL C 11 35.80 12.34 39.42
C VAL C 11 36.60 13.46 38.79
N LEU C 12 37.77 13.13 38.26
CA LEU C 12 38.55 14.09 37.47
C LEU C 12 38.59 13.55 36.05
N ILE C 13 38.09 14.35 35.11
CA ILE C 13 38.11 13.99 33.70
C ILE C 13 39.26 14.76 33.08
N VAL C 14 40.22 14.04 32.52
CA VAL C 14 41.39 14.69 31.95
C VAL C 14 41.20 14.77 30.43
N GLY C 15 40.96 15.98 29.92
CA GLY C 15 40.72 16.17 28.50
C GLY C 15 39.26 16.53 28.26
N ALA C 16 39.02 17.56 27.45
CA ALA C 16 37.67 18.04 27.17
C ALA C 16 37.36 18.05 25.68
N GLY C 17 37.76 16.97 25.00
CA GLY C 17 37.28 16.71 23.65
C GLY C 17 35.99 15.92 23.77
N PRO C 18 35.56 15.33 22.68
CA PRO C 18 34.30 14.57 22.65
C PRO C 18 34.16 13.55 23.78
N ALA C 19 35.18 12.72 24.03
CA ALA C 19 35.07 11.75 25.12
C ALA C 19 34.85 12.42 26.48
N GLY C 20 35.66 13.45 26.80
CA GLY C 20 35.59 14.09 28.10
C GLY C 20 34.30 14.85 28.28
N LEU C 21 33.88 15.55 27.23
CA LEU C 21 32.64 16.31 27.31
C LEU C 21 31.43 15.39 27.48
N MET C 22 31.40 14.26 26.77
CA MET C 22 30.31 13.30 26.95
C MET C 22 30.33 12.76 28.40
N ALA C 23 31.52 12.47 28.92
CA ALA C 23 31.63 12.05 30.31
C ALA C 23 31.03 13.09 31.25
N ALA C 24 31.38 14.37 31.05
CA ALA C 24 30.82 15.42 31.89
C ALA C 24 29.31 15.55 31.72
N ARG C 25 28.82 15.45 30.47
CA ARG C 25 27.40 15.56 30.26
C ARG C 25 26.65 14.43 30.96
N VAL C 26 27.15 13.21 30.81
CA VAL C 26 26.51 12.07 31.48
C VAL C 26 26.55 12.22 33.01
N LEU C 27 27.73 12.55 33.54
CA LEU C 27 27.87 12.73 34.99
C LEU C 27 27.07 13.88 35.56
N SER C 28 26.81 14.89 34.73
CA SER C 28 26.06 16.09 35.17
C SER C 28 24.72 15.69 35.79
N GLU C 29 24.08 14.67 35.23
CA GLU C 29 22.79 14.25 35.76
C GLU C 29 22.90 13.80 37.21
N TYR C 30 23.97 13.09 37.52
CA TYR C 30 24.16 12.54 38.85
C TYR C 30 24.52 13.63 39.85
N VAL C 31 25.26 14.61 39.36
CA VAL C 31 25.63 15.78 40.21
C VAL C 31 24.35 16.56 40.50
N ARG C 32 23.45 16.69 39.54
CA ARG C 32 22.20 17.39 39.80
C ARG C 32 21.38 16.68 40.88
N GLN C 33 21.36 15.35 40.84
CA GLN C 33 20.63 14.57 41.84
C GLN C 33 21.32 14.58 43.20
N LYS C 34 22.65 14.62 43.17
CA LYS C 34 23.44 14.56 44.41
C LYS C 34 24.48 15.70 44.36
N PRO C 35 24.03 16.90 44.66
CA PRO C 35 24.84 18.11 44.46
C PRO C 35 26.19 18.11 45.21
N ASP C 36 26.39 17.30 46.24
CA ASP C 36 27.71 17.35 46.87
C ASP C 36 28.78 16.59 46.09
N LEU C 37 28.35 15.89 45.03
CA LEU C 37 29.33 15.25 44.14
C LEU C 37 30.18 16.28 43.45
N LYS C 38 31.48 16.02 43.37
CA LYS C 38 32.39 16.97 42.76
C LYS C 38 33.01 16.36 41.51
N VAL C 39 32.53 16.80 40.34
CA VAL C 39 33.11 16.30 39.09
C VAL C 39 33.86 17.44 38.43
N ARG C 40 35.13 17.22 38.11
CA ARG C 40 35.95 18.24 37.47
C ARG C 40 36.38 17.71 36.11
N ILE C 41 36.58 18.65 35.19
CA ILE C 41 37.06 18.32 33.87
C ILE C 41 38.07 19.37 33.46
N ILE C 42 39.23 18.92 32.99
CA ILE C 42 40.31 19.87 32.67
C ILE C 42 40.81 19.67 31.25
N ASP C 43 41.52 20.68 30.75
CA ASP C 43 42.13 20.57 29.43
C ASP C 43 43.38 21.41 29.41
N LYS C 44 44.41 20.97 28.68
CA LYS C 44 45.67 21.72 28.65
C LYS C 44 45.74 22.76 27.56
N ARG C 45 44.82 22.73 26.61
CA ARG C 45 44.94 23.62 25.47
C ARG C 45 44.07 24.85 25.62
N SER C 46 44.56 25.97 25.09
CA SER C 46 43.73 27.16 25.05
C SER C 46 42.67 26.95 23.96
N THR C 47 41.72 27.86 23.87
CA THR C 47 40.71 27.80 22.81
C THR C 47 41.03 28.78 21.69
N LYS C 48 42.20 29.42 21.73
CA LYS C 48 42.50 30.39 20.68
C LYS C 48 42.79 29.77 19.31
N VAL C 49 43.30 28.55 19.31
CA VAL C 49 43.50 27.82 18.07
C VAL C 49 42.43 26.73 18.08
N TYR C 50 41.72 26.57 16.96
CA TYR C 50 40.70 25.52 16.91
C TYR C 50 41.26 24.16 17.33
N ASN C 51 40.66 23.57 18.36
CA ASN C 51 41.14 22.30 18.92
C ASN C 51 40.13 21.22 18.61
N GLY C 52 40.03 20.88 17.33
CA GLY C 52 39.09 19.85 16.88
C GLY C 52 39.50 19.36 15.52
N GLN C 53 38.75 18.38 14.97
CA GLN C 53 39.11 17.87 13.67
C GLN C 53 38.02 17.00 13.06
N ALA C 54 37.04 16.59 13.85
CA ALA C 54 36.04 15.64 13.36
C ALA C 54 34.79 16.33 12.82
N ASP C 55 33.93 15.58 12.14
CA ASP C 55 32.66 16.14 11.73
C ASP C 55 31.50 15.16 11.64
N GLY C 56 31.78 13.86 11.62
CA GLY C 56 30.70 12.90 11.41
C GLY C 56 30.13 12.27 12.66
N LEU C 57 28.79 12.20 12.70
CA LEU C 57 28.07 11.56 13.79
C LEU C 57 27.26 10.43 13.17
N GLN C 58 27.47 9.23 13.70
CA GLN C 58 26.75 8.06 13.17
C GLN C 58 25.44 7.75 13.88
N CYS C 59 24.68 6.81 13.30
CA CYS C 59 23.35 6.51 13.77
C CYS C 59 23.20 6.31 15.26
N ARG C 60 23.98 5.41 15.84
CA ARG C 60 23.80 5.11 17.27
C ARG C 60 24.18 6.29 18.15
N THR C 61 25.19 7.01 17.72
CA THR C 61 25.59 8.21 18.44
C THR C 61 24.42 9.19 18.46
N LEU C 62 23.77 9.36 17.30
CA LEU C 62 22.62 10.25 17.23
C LEU C 62 21.45 9.76 18.07
N GLU C 63 21.22 8.43 18.12
CA GLU C 63 20.15 7.92 18.94
C GLU C 63 20.44 8.27 20.40
N SER C 64 21.71 8.11 20.77
CA SER C 64 22.15 8.43 22.15
C SER C 64 22.05 9.93 22.45
N LEU C 65 22.46 10.75 21.50
CA LEU C 65 22.39 12.21 21.68
C LEU C 65 20.92 12.63 21.81
N LYS C 66 20.01 11.96 21.06
CA LYS C 66 18.60 12.28 21.20
C LYS C 66 18.16 12.02 22.64
N ASN C 67 18.57 10.87 23.20
CA ASN C 67 18.20 10.57 24.57
C ASN C 67 18.88 11.52 25.59
N LEU C 68 19.82 12.35 25.14
CA LEU C 68 20.46 13.36 26.01
C LEU C 68 19.89 14.75 25.68
N GLY C 69 18.92 14.80 24.76
CA GLY C 69 18.39 16.12 24.41
C GLY C 69 19.26 16.94 23.49
N LEU C 70 20.19 16.30 22.80
CA LEU C 70 21.16 17.00 21.97
C LEU C 70 21.00 16.80 20.46
N ALA C 71 20.22 15.81 20.04
CA ALA C 71 20.16 15.49 18.61
C ALA C 71 19.51 16.55 17.76
N ASP C 72 18.35 17.02 18.17
CA ASP C 72 17.59 17.95 17.32
C ASP C 72 18.38 19.24 17.04
N LYS C 73 19.11 19.74 18.04
CA LYS C 73 19.85 20.96 17.82
C LYS C 73 20.97 20.74 16.83
N ILE C 74 21.62 19.59 16.92
CA ILE C 74 22.71 19.27 16.02
C ILE C 74 22.14 19.07 14.61
N LEU C 75 21.04 18.33 14.53
CA LEU C 75 20.43 18.05 13.24
C LEU C 75 19.94 19.31 12.51
N SER C 76 19.65 20.38 13.26
CA SER C 76 19.23 21.65 12.67
C SER C 76 20.32 22.26 11.81
N GLU C 77 21.55 21.82 11.97
CA GLU C 77 22.69 22.41 11.28
C GLU C 77 23.43 21.41 10.40
N ALA C 78 23.42 20.15 10.81
CA ALA C 78 24.27 19.13 10.19
C ALA C 78 23.81 18.78 8.80
N ASN C 79 24.72 18.21 8.03
CA ASN C 79 24.40 17.78 6.67
C ASN C 79 24.33 16.27 6.52
N ASP C 80 23.28 15.76 5.87
CA ASP C 80 23.17 14.33 5.62
C ASP C 80 23.74 14.10 4.21
N MET C 81 24.90 13.49 4.15
CA MET C 81 25.56 13.26 2.87
C MET C 81 24.77 12.36 1.92
N SER C 82 23.86 11.56 2.46
CA SER C 82 22.89 10.76 1.69
C SER C 82 23.41 9.61 0.83
N THR C 83 24.32 9.92 -0.08
CA THR C 83 24.80 8.97 -1.03
C THR C 83 26.32 8.87 -0.98
N ILE C 84 26.84 7.69 -1.25
CA ILE C 84 28.25 7.52 -1.45
C ILE C 84 28.41 7.15 -2.94
N ALA C 85 29.06 8.01 -3.72
CA ALA C 85 29.30 7.73 -5.12
C ALA C 85 30.70 7.15 -5.26
N LEU C 86 30.84 6.06 -6.00
CA LEU C 86 32.13 5.39 -6.17
C LEU C 86 32.70 5.66 -7.55
N TYR C 87 33.89 6.26 -7.60
CA TYR C 87 34.55 6.57 -8.86
C TYR C 87 35.85 5.82 -8.93
N ASN C 88 36.17 5.32 -10.11
CA ASN C 88 37.42 4.61 -10.34
C ASN C 88 37.70 4.65 -11.84
N PRO C 89 38.93 4.36 -12.25
CA PRO C 89 39.34 4.50 -13.65
C PRO C 89 38.75 3.49 -14.62
N ASP C 90 38.44 3.97 -15.83
CA ASP C 90 37.94 3.16 -16.94
C ASP C 90 39.13 2.66 -17.76
N GLU C 91 38.89 2.37 -19.04
CA GLU C 91 39.95 1.94 -19.96
C GLU C 91 41.09 2.95 -20.07
N ASN C 92 40.72 4.22 -20.33
CA ASN C 92 41.69 5.27 -20.57
C ASN C 92 42.23 5.91 -19.30
N GLY C 93 41.89 5.32 -18.17
CA GLY C 93 42.35 5.81 -16.89
C GLY C 93 41.67 7.09 -16.46
N HIS C 94 40.50 7.38 -17.04
CA HIS C 94 39.72 8.51 -16.59
C HIS C 94 38.79 7.97 -15.53
N ILE C 95 38.65 8.69 -14.44
CA ILE C 95 37.75 8.22 -13.40
C ILE C 95 36.34 8.51 -13.83
N ARG C 96 35.43 7.61 -13.48
CA ARG C 96 34.03 7.90 -13.64
C ARG C 96 33.24 7.10 -12.63
N ARG C 97 31.97 7.45 -12.50
CA ARG C 97 31.13 6.86 -11.50
C ARG C 97 30.64 5.48 -11.90
N THR C 98 31.01 4.47 -11.11
CA THR C 98 30.59 3.11 -11.45
C THR C 98 29.41 2.65 -10.61
N ASP C 99 29.20 3.31 -9.48
CA ASP C 99 28.13 2.90 -8.59
C ASP C 99 27.79 3.96 -7.55
N ARG C 100 26.60 3.81 -6.97
CA ARG C 100 26.20 4.61 -5.82
C ARG C 100 25.63 3.67 -4.79
N ILE C 101 25.95 3.93 -3.52
CA ILE C 101 25.42 3.13 -2.40
C ILE C 101 24.93 4.13 -1.37
N PRO C 102 23.98 3.72 -0.54
CA PRO C 102 23.46 4.64 0.49
C PRO C 102 24.50 4.90 1.57
N ASP C 103 24.56 6.16 2.01
CA ASP C 103 25.49 6.57 3.05
C ASP C 103 25.10 6.01 4.42
N THR C 104 23.79 5.84 4.63
CA THR C 104 23.26 5.14 5.80
C THR C 104 22.45 3.95 5.27
N LEU C 105 22.64 2.76 5.82
CA LEU C 105 21.90 1.60 5.32
C LEU C 105 20.41 1.75 5.62
N PRO C 106 19.55 1.63 4.61
CA PRO C 106 18.13 1.76 4.89
C PRO C 106 17.62 0.84 6.02
N GLY C 107 16.77 1.41 6.87
CA GLY C 107 16.16 0.66 7.95
C GLY C 107 17.03 0.48 9.19
N ILE C 108 18.29 0.90 9.14
CA ILE C 108 19.17 0.55 10.25
C ILE C 108 18.92 1.35 11.52
N SER C 109 18.40 2.55 11.34
CA SER C 109 18.12 3.48 12.43
C SER C 109 17.16 4.52 11.90
N ARG C 110 16.44 5.20 12.78
CA ARG C 110 15.63 6.34 12.32
C ARG C 110 16.50 7.57 12.09
N TYR C 111 17.74 7.55 12.59
CA TYR C 111 18.67 8.64 12.32
C TYR C 111 19.61 8.22 11.19
N HIS C 112 19.98 9.16 10.35
CA HIS C 112 21.00 8.90 9.34
C HIS C 112 22.29 9.57 9.84
N GLN C 113 23.42 9.05 9.39
CA GLN C 113 24.69 9.75 9.64
C GLN C 113 24.61 11.19 9.14
N VAL C 114 25.20 12.14 9.88
CA VAL C 114 25.28 13.52 9.45
C VAL C 114 26.66 14.05 9.79
N VAL C 115 27.02 15.20 9.18
CA VAL C 115 28.32 15.82 9.45
C VAL C 115 28.13 17.28 9.86
N LEU C 116 28.96 17.74 10.80
CA LEU C 116 28.91 19.09 11.31
C LEU C 116 30.22 19.40 11.99
N HIS C 117 30.71 20.62 11.84
CA HIS C 117 31.92 21.09 12.49
C HIS C 117 31.97 20.64 13.95
N GLN C 118 33.07 20.04 14.35
CA GLN C 118 33.17 19.51 15.71
C GLN C 118 32.91 20.61 16.76
N GLY C 119 33.36 21.83 16.49
CA GLY C 119 33.17 22.94 17.43
C GLY C 119 31.70 23.19 17.72
N ARG C 120 30.84 23.02 16.72
CA ARG C 120 29.40 23.22 16.89
C ARG C 120 28.79 22.09 17.71
N ILE C 121 29.28 20.89 17.46
CA ILE C 121 28.82 19.74 18.21
C ILE C 121 29.19 19.96 19.69
N GLU C 122 30.44 20.38 19.94
CA GLU C 122 30.87 20.62 21.31
C GLU C 122 30.10 21.71 22.00
N ARG C 123 29.80 22.76 21.25
CA ARG C 123 29.06 23.89 21.82
C ARG C 123 27.72 23.36 22.34
N ARG C 124 27.06 22.52 21.54
CA ARG C 124 25.80 21.98 22.00
C ARG C 124 25.98 21.14 23.27
N ILE C 125 27.02 20.31 23.32
CA ILE C 125 27.25 19.50 24.54
C ILE C 125 27.55 20.40 25.74
N LEU C 126 28.37 21.42 25.52
CA LEU C 126 28.71 22.33 26.62
C LEU C 126 27.47 23.02 27.16
N ASP C 127 26.57 23.43 26.27
CA ASP C 127 25.36 24.12 26.71
C ASP C 127 24.54 23.19 27.58
N SER C 128 24.51 21.92 27.19
CA SER C 128 23.75 20.89 27.91
C SER C 128 24.40 20.62 29.28
N ILE C 129 25.71 20.53 29.32
CA ILE C 129 26.41 20.42 30.63
C ILE C 129 26.03 21.57 31.55
N ALA C 130 26.04 22.77 30.99
CA ALA C 130 25.76 23.94 31.81
C ALA C 130 24.35 23.84 32.35
N GLU C 131 23.41 23.40 31.50
CA GLU C 131 22.02 23.32 31.91
C GLU C 131 21.83 22.21 32.99
N ILE C 132 22.32 21.03 32.69
CA ILE C 132 22.04 19.89 33.58
C ILE C 132 22.75 20.07 34.92
N SER C 133 23.98 20.56 34.87
CA SER C 133 24.76 20.74 36.09
C SER C 133 24.47 22.05 36.82
N ASP C 134 23.60 22.87 36.23
CA ASP C 134 23.31 24.19 36.78
C ASP C 134 24.57 25.06 36.86
N THR C 135 25.40 24.94 35.82
CA THR C 135 26.62 25.71 35.63
C THR C 135 27.76 25.31 36.53
N ARG C 136 27.56 24.28 37.33
CA ARG C 136 28.56 23.90 38.30
C ARG C 136 29.72 23.10 37.71
N ILE C 137 29.49 22.38 36.62
CA ILE C 137 30.59 21.68 35.98
C ILE C 137 31.07 22.54 34.85
N LYS C 138 32.33 22.96 34.92
CA LYS C 138 32.90 23.87 33.92
C LYS C 138 34.26 23.34 33.53
N VAL C 139 34.61 23.41 32.25
CA VAL C 139 35.96 23.01 31.88
C VAL C 139 37.00 23.97 32.43
N GLU C 140 38.02 23.42 33.08
CA GLU C 140 39.12 24.21 33.64
C GLU C 140 40.30 24.11 32.71
N ARG C 141 40.78 25.26 32.25
CA ARG C 141 41.92 25.27 31.36
C ARG C 141 42.69 26.58 31.52
N PRO C 142 44.00 26.57 31.25
CA PRO C 142 44.75 25.38 30.85
C PRO C 142 45.45 24.70 32.05
N LEU C 143 45.14 23.42 32.27
CA LEU C 143 45.71 22.63 33.37
C LEU C 143 46.20 21.32 32.77
N ILE C 144 47.21 20.72 33.40
CA ILE C 144 47.85 19.52 32.88
C ILE C 144 48.38 18.69 34.03
N PRO C 145 48.13 17.39 34.02
CA PRO C 145 48.69 16.53 35.07
C PRO C 145 50.19 16.41 34.95
N GLU C 146 50.89 16.33 36.09
CA GLU C 146 52.31 16.08 36.03
C GLU C 146 52.68 14.81 36.79
N LYS C 147 51.77 14.33 37.62
CA LYS C 147 52.01 13.11 38.41
C LYS C 147 50.67 12.47 38.72
N MET C 148 50.67 11.15 38.70
CA MET C 148 49.51 10.37 39.10
C MET C 148 50.01 9.23 39.98
N GLU C 149 49.43 9.11 41.17
CA GLU C 149 49.81 8.03 42.10
C GLU C 149 48.55 7.26 42.43
N ILE C 150 48.62 5.94 42.34
CA ILE C 150 47.45 5.11 42.56
C ILE C 150 47.72 4.15 43.69
N ASP C 151 46.85 4.17 44.70
CA ASP C 151 47.01 3.26 45.82
C ASP C 151 46.08 2.08 45.63
N SER C 152 46.61 0.99 45.10
CA SER C 152 45.75 -0.15 44.76
C SER C 152 45.14 -0.81 45.98
N SER C 153 45.74 -0.61 47.14
CA SER C 153 45.24 -1.24 48.35
C SER C 153 43.91 -0.63 48.81
N LYS C 154 43.59 0.56 48.29
CA LYS C 154 42.35 1.25 48.62
C LYS C 154 41.30 1.16 47.49
N ALA C 155 41.55 0.35 46.48
CA ALA C 155 40.65 0.28 45.32
C ALA C 155 39.18 0.02 45.65
N GLU C 156 38.94 -0.80 46.67
CA GLU C 156 37.56 -1.19 46.98
C GLU C 156 36.92 -0.43 48.13
N ASP C 157 37.65 0.54 48.66
CA ASP C 157 37.13 1.35 49.75
C ASP C 157 36.31 2.52 49.19
N PRO C 158 35.01 2.54 49.48
CA PRO C 158 34.11 3.55 48.89
C PRO C 158 34.38 4.94 49.44
N GLU C 159 35.04 5.02 50.59
CA GLU C 159 35.32 6.32 51.22
C GLU C 159 36.68 6.87 50.84
N ALA C 160 37.48 6.06 50.14
CA ALA C 160 38.86 6.45 49.86
C ALA C 160 38.99 7.29 48.60
N TYR C 161 40.13 7.97 48.49
CA TYR C 161 40.48 8.70 47.27
C TYR C 161 41.78 8.07 46.81
N PRO C 162 41.68 6.95 46.11
CA PRO C 162 42.89 6.17 45.80
C PRO C 162 43.79 6.80 44.76
N VAL C 163 43.30 7.81 44.06
CA VAL C 163 44.11 8.37 42.98
C VAL C 163 44.51 9.81 43.26
N THR C 164 45.80 10.03 43.45
CA THR C 164 46.31 11.40 43.66
C THR C 164 46.86 11.95 42.37
N MET C 165 46.24 13.03 41.88
CA MET C 165 46.64 13.69 40.65
C MET C 165 47.30 15.03 41.00
N THR C 166 48.48 15.28 40.45
CA THR C 166 49.14 16.55 40.67
C THR C 166 48.93 17.33 39.39
N LEU C 167 48.30 18.50 39.49
CA LEU C 167 47.99 19.31 38.31
C LEU C 167 48.76 20.62 38.30
N ARG C 168 49.22 20.99 37.11
CA ARG C 168 49.93 22.24 36.97
C ARG C 168 49.06 23.22 36.23
N TYR C 169 48.95 24.43 36.78
CA TYR C 169 48.22 25.51 36.13
C TYR C 169 49.18 26.17 35.15
N MET C 170 48.84 26.11 33.88
CA MET C 170 49.72 26.58 32.83
C MET C 170 49.50 28.04 32.46
N SER C 171 50.49 28.61 31.79
CA SER C 171 50.39 29.93 31.23
C SER C 171 49.72 29.82 29.85
N GLU C 172 49.24 30.94 29.34
CA GLU C 172 48.63 30.96 28.01
C GLU C 172 49.55 30.45 26.89
N ASP C 173 50.80 30.91 26.89
CA ASP C 173 51.78 30.50 25.89
C ASP C 173 51.99 28.99 25.86
N GLU C 174 52.13 28.40 27.05
CA GLU C 174 52.30 26.95 27.13
C GLU C 174 51.12 26.22 26.51
N SER C 175 49.92 26.76 26.70
CA SER C 175 48.70 26.09 26.24
C SER C 175 48.38 26.32 24.77
N THR C 176 49.17 27.15 24.10
CA THR C 176 48.93 27.44 22.69
C THR C 176 49.69 26.51 21.74
N PRO C 177 48.94 25.77 20.91
CA PRO C 177 49.55 24.83 19.96
C PRO C 177 50.27 25.53 18.81
N LEU C 178 51.24 24.85 18.22
CA LEU C 178 51.97 25.38 17.08
C LEU C 178 51.06 25.36 15.84
N GLN C 179 51.37 26.20 14.87
CA GLN C 179 50.63 26.25 13.62
C GLN C 179 51.53 26.08 12.39
N PHE C 180 52.82 25.94 12.65
CA PHE C 180 53.83 25.65 11.61
C PHE C 180 53.98 26.67 10.45
N GLY C 181 53.74 27.94 10.74
CA GLY C 181 53.94 29.00 9.76
C GLY C 181 52.86 29.15 8.71
N HIS C 182 51.87 28.28 8.74
CA HIS C 182 50.77 28.32 7.79
C HIS C 182 49.75 29.36 8.20
N LYS C 183 49.31 30.17 7.24
CA LYS C 183 48.32 31.21 7.52
C LYS C 183 46.94 30.61 7.75
N THR C 184 46.66 29.49 7.11
CA THR C 184 45.37 28.83 7.29
C THR C 184 45.38 28.03 8.58
N GLU C 185 44.34 28.19 9.38
CA GLU C 185 44.27 27.46 10.64
C GLU C 185 44.36 25.97 10.31
N ASN C 186 45.05 25.20 11.14
CA ASN C 186 45.24 23.81 10.82
C ASN C 186 45.39 22.90 12.04
N GLY C 187 45.18 21.61 11.83
CA GLY C 187 45.28 20.64 12.91
C GLY C 187 46.57 19.83 12.93
N LEU C 188 47.62 20.32 12.27
CA LEU C 188 48.88 19.58 12.21
C LEU C 188 49.42 19.24 13.59
N PHE C 189 49.22 20.15 14.55
CA PHE C 189 49.72 19.97 15.91
C PHE C 189 49.11 18.79 16.63
N ARG C 190 47.91 18.38 16.25
CA ARG C 190 47.26 17.25 16.91
C ARG C 190 47.03 16.08 15.97
N SER C 191 47.76 16.08 14.87
CA SER C 191 47.68 14.97 13.93
C SER C 191 48.62 13.89 14.42
N ASN C 192 48.56 12.70 13.82
CA ASN C 192 49.44 11.63 14.25
C ASN C 192 50.84 11.80 13.64
N LEU C 193 51.08 12.95 13.02
CA LEU C 193 52.42 13.25 12.52
C LEU C 193 53.22 13.67 13.75
N GLN C 194 52.50 14.15 14.76
CA GLN C 194 53.07 14.56 16.03
C GLN C 194 53.50 13.34 16.84
N THR C 195 54.70 13.38 17.41
CA THR C 195 55.12 12.27 18.26
C THR C 195 54.67 12.51 19.70
N GLN C 196 54.62 11.44 20.50
CA GLN C 196 54.24 11.58 21.91
C GLN C 196 55.26 12.40 22.69
N GLU C 197 56.51 12.34 22.26
CA GLU C 197 57.57 13.12 22.91
C GLU C 197 57.37 14.61 22.59
N GLU C 198 57.04 14.89 21.35
CA GLU C 198 56.77 16.27 20.96
C GLU C 198 55.54 16.78 21.70
N GLU C 199 54.54 15.90 21.86
CA GLU C 199 53.32 16.28 22.56
C GLU C 199 53.68 16.73 23.98
N ASP C 200 54.45 15.91 24.69
CA ASP C 200 54.85 16.25 26.04
C ASP C 200 55.65 17.55 26.08
N ALA C 201 56.65 17.64 25.21
CA ALA C 201 57.56 18.79 25.21
C ALA C 201 56.88 20.12 24.94
N ASN C 202 55.90 20.11 24.05
CA ASN C 202 55.26 21.34 23.60
C ASN C 202 54.50 22.11 24.68
N TYR C 203 54.02 21.41 25.70
CA TYR C 203 53.22 22.06 26.75
C TYR C 203 53.94 22.15 28.08
N ARG C 204 55.24 21.85 28.08
CA ARG C 204 56.04 21.80 29.29
C ARG C 204 56.33 23.17 29.85
N LEU C 205 56.59 23.19 31.15
CA LEU C 205 57.04 24.39 31.82
C LEU C 205 58.46 24.58 31.33
N PRO C 206 58.72 25.70 30.64
CA PRO C 206 60.05 25.99 30.09
C PRO C 206 61.15 26.08 31.15
N GLU C 207 62.39 25.81 30.76
CA GLU C 207 63.52 25.94 31.68
C GLU C 207 63.55 27.38 32.17
N GLY C 208 63.68 27.54 33.49
CA GLY C 208 63.78 28.88 34.06
C GLY C 208 62.52 29.38 34.76
N LYS C 209 61.38 29.18 34.11
CA LYS C 209 60.10 29.63 34.64
C LYS C 209 59.58 28.75 35.77
N GLU C 210 58.79 29.36 36.66
CA GLU C 210 58.17 28.64 37.77
C GLU C 210 56.67 28.53 37.55
N ALA C 211 56.09 27.41 37.97
CA ALA C 211 54.66 27.19 37.76
C ALA C 211 53.80 28.14 38.58
N GLY C 212 52.67 28.57 38.03
CA GLY C 212 51.75 29.45 38.74
C GLY C 212 51.16 28.79 39.98
N GLU C 213 50.66 27.57 39.79
CA GLU C 213 50.05 26.78 40.85
C GLU C 213 50.22 25.29 40.55
N ILE C 214 50.50 24.55 41.61
CA ILE C 214 50.60 23.09 41.55
C ILE C 214 49.59 22.59 42.56
N GLU C 215 48.56 21.89 42.05
CA GLU C 215 47.47 21.43 42.87
C GLU C 215 47.49 19.91 43.02
N THR C 216 47.47 19.45 44.26
CA THR C 216 47.39 18.03 44.57
C THR C 216 45.92 17.72 44.73
N VAL C 217 45.39 16.90 43.81
CA VAL C 217 43.97 16.57 43.84
C VAL C 217 43.77 15.10 44.16
N HIS C 218 43.11 14.85 45.29
CA HIS C 218 42.80 13.48 45.69
C HIS C 218 41.48 13.10 45.00
N CYS C 219 41.49 12.03 44.22
CA CYS C 219 40.33 11.66 43.43
C CYS C 219 39.81 10.26 43.73
N LYS C 220 38.51 10.11 43.76
CA LYS C 220 37.94 8.78 43.84
C LYS C 220 38.11 8.06 42.51
N TYR C 221 37.93 8.81 41.43
CA TYR C 221 38.01 8.25 40.08
C TYR C 221 38.63 9.25 39.11
N VAL C 222 39.34 8.73 38.11
CA VAL C 222 39.94 9.57 37.08
C VAL C 222 39.62 8.94 35.71
N ILE C 223 39.23 9.76 34.75
CA ILE C 223 38.98 9.28 33.39
C ILE C 223 39.91 9.99 32.45
N GLY C 224 40.83 9.22 31.87
CA GLY C 224 41.74 9.79 30.90
C GLY C 224 41.08 9.88 29.55
N CYS C 225 40.71 11.09 29.15
CA CYS C 225 40.11 11.34 27.86
C CYS C 225 41.06 12.27 27.13
N ASP C 226 42.35 11.96 27.24
CA ASP C 226 43.38 12.87 26.76
C ASP C 226 44.02 12.60 25.39
N GLY C 227 43.30 11.90 24.51
CA GLY C 227 43.75 11.76 23.13
C GLY C 227 44.74 10.67 22.81
N GLY C 228 45.14 10.66 21.53
CA GLY C 228 45.98 9.59 20.99
C GLY C 228 47.30 9.34 21.69
N HIS C 229 47.91 10.40 22.23
CA HIS C 229 49.17 10.30 22.95
C HIS C 229 48.96 10.32 24.46
N SER C 230 47.75 9.97 24.87
CA SER C 230 47.33 9.96 26.27
C SER C 230 48.44 9.83 27.31
N TRP C 231 48.65 10.91 28.06
CA TRP C 231 49.60 10.88 29.17
C TRP C 231 49.10 9.88 30.21
N VAL C 232 47.79 9.83 30.43
CA VAL C 232 47.22 8.91 31.40
C VAL C 232 47.53 7.46 31.00
N ARG C 233 47.26 7.11 29.74
CA ARG C 233 47.51 5.74 29.28
C ARG C 233 48.97 5.35 29.47
N ARG C 234 49.88 6.23 29.03
CA ARG C 234 51.29 5.96 29.14
C ARG C 234 51.76 5.88 30.59
N THR C 235 51.15 6.67 31.46
CA THR C 235 51.53 6.65 32.87
C THR C 235 51.06 5.34 33.49
N LEU C 236 49.92 4.85 33.02
CA LEU C 236 49.38 3.57 33.49
C LEU C 236 50.22 2.41 32.96
N GLY C 237 50.98 2.68 31.90
CA GLY C 237 51.83 1.68 31.30
C GLY C 237 51.05 0.74 30.38
N PHE C 238 49.90 1.19 29.89
CA PHE C 238 49.10 0.35 29.02
C PHE C 238 49.58 0.42 27.57
N GLU C 239 50.15 -0.67 27.10
CA GLU C 239 50.71 -0.72 25.74
C GLU C 239 49.64 -0.68 24.68
N MET C 240 50.01 -0.10 23.54
CA MET C 240 49.13 -0.05 22.39
C MET C 240 49.74 -0.89 21.28
N ILE C 241 48.91 -1.66 20.60
CA ILE C 241 49.42 -2.48 19.53
C ILE C 241 48.95 -1.98 18.18
N GLY C 242 49.86 -1.95 17.22
CA GLY C 242 49.55 -1.51 15.87
C GLY C 242 50.71 -0.72 15.31
N GLU C 243 50.83 -0.68 13.99
CA GLU C 243 51.93 0.05 13.37
C GLU C 243 51.41 1.05 12.36
N GLN C 244 52.11 2.17 12.24
CA GLN C 244 51.76 3.22 11.31
C GLN C 244 52.36 2.94 9.93
N THR C 245 51.56 3.11 8.88
CA THR C 245 52.05 2.89 7.52
C THR C 245 52.73 4.14 6.99
N ASP C 246 53.16 4.10 5.72
CA ASP C 246 53.78 5.26 5.08
C ASP C 246 52.76 6.06 4.26
N TYR C 247 51.52 5.58 4.22
CA TYR C 247 50.47 6.30 3.52
C TYR C 247 50.25 7.62 4.23
N ILE C 248 50.09 8.67 3.44
CA ILE C 248 49.89 10.01 3.99
C ILE C 248 48.75 10.71 3.28
N TRP C 249 47.87 11.33 4.06
CA TRP C 249 46.72 12.03 3.49
C TRP C 249 46.64 13.44 4.03
N GLY C 250 46.00 14.31 3.25
CA GLY C 250 45.76 15.68 3.69
C GLY C 250 44.25 15.89 3.77
N VAL C 251 43.82 16.96 4.43
CA VAL C 251 42.40 17.25 4.58
C VAL C 251 42.18 18.73 4.35
N LEU C 252 41.19 19.07 3.53
CA LEU C 252 40.82 20.46 3.24
C LEU C 252 39.35 20.67 3.55
N ASP C 253 39.04 21.66 4.39
CA ASP C 253 37.65 22.04 4.61
C ASP C 253 37.50 23.29 3.78
N ALA C 254 36.80 23.16 2.67
CA ALA C 254 36.76 24.27 1.71
C ALA C 254 35.41 24.45 1.06
N VAL C 255 35.17 25.64 0.51
CA VAL C 255 34.04 25.83 -0.40
C VAL C 255 34.66 25.62 -1.77
N PRO C 256 34.26 24.55 -2.46
CA PRO C 256 34.89 24.20 -3.72
C PRO C 256 34.32 24.93 -4.93
N ALA C 257 35.14 24.94 -5.97
CA ALA C 257 34.75 25.46 -7.27
C ALA C 257 35.18 24.34 -8.18
N SER C 258 34.21 23.52 -8.59
CA SER C 258 34.51 22.31 -9.35
C SER C 258 33.34 21.88 -10.22
N ASN C 259 33.67 21.25 -11.35
CA ASN C 259 32.64 20.72 -12.23
C ASN C 259 32.46 19.22 -12.01
N PHE C 260 33.05 18.71 -10.93
CA PHE C 260 32.85 17.30 -10.60
C PHE C 260 31.37 17.12 -10.30
N PRO C 261 30.72 16.19 -11.00
CA PRO C 261 29.27 16.03 -10.88
C PRO C 261 28.79 15.71 -9.47
N ASP C 262 29.57 14.97 -8.68
CA ASP C 262 29.11 14.56 -7.35
C ASP C 262 29.85 15.26 -6.22
N ILE C 263 30.22 16.51 -6.47
CA ILE C 263 30.95 17.29 -5.48
C ILE C 263 30.18 17.46 -4.17
N ARG C 264 28.86 17.38 -4.21
CA ARG C 264 28.06 17.56 -2.99
C ARG C 264 27.60 16.24 -2.38
N SER C 265 28.09 15.14 -2.93
CA SER C 265 27.75 13.82 -2.43
C SER C 265 28.97 13.30 -1.69
N ARG C 266 28.77 12.37 -0.76
CA ARG C 266 29.94 11.67 -0.26
C ARG C 266 30.45 10.88 -1.47
N CYS C 267 31.77 10.76 -1.59
CA CYS C 267 32.38 10.04 -2.69
C CYS C 267 33.65 9.35 -2.30
N ALA C 268 33.95 8.24 -2.96
CA ALA C 268 35.26 7.63 -2.88
C ALA C 268 35.78 7.68 -4.30
N ILE C 269 36.98 8.21 -4.47
CA ILE C 269 37.58 8.27 -5.78
C ILE C 269 38.93 7.58 -5.76
N HIS C 270 39.08 6.54 -6.59
CA HIS C 270 40.39 5.91 -6.77
C HIS C 270 40.89 6.37 -8.13
N SER C 271 41.99 7.12 -8.17
CA SER C 271 42.54 7.54 -9.46
C SER C 271 43.47 6.44 -9.96
N ALA C 272 43.82 6.48 -11.23
CA ALA C 272 44.66 5.45 -11.82
C ALA C 272 46.01 5.29 -11.14
N GLU C 273 46.70 6.40 -10.86
CA GLU C 273 48.04 6.32 -10.29
C GLU C 273 48.35 7.40 -9.28
N SER C 274 47.39 8.28 -8.99
CA SER C 274 47.69 9.44 -8.15
C SER C 274 47.15 9.41 -6.74
N GLY C 275 46.50 8.33 -6.36
CA GLY C 275 45.95 8.20 -5.03
C GLY C 275 44.44 8.32 -5.00
N SER C 276 43.89 8.34 -3.79
CA SER C 276 42.44 8.41 -3.61
C SER C 276 41.96 9.69 -2.94
N ILE C 277 40.66 9.93 -3.07
CA ILE C 277 40.01 11.04 -2.39
C ILE C 277 38.72 10.56 -1.76
N MET C 278 38.39 11.11 -0.59
CA MET C 278 37.07 10.92 -0.05
C MET C 278 36.45 12.29 0.09
N ILE C 279 35.27 12.46 -0.46
CA ILE C 279 34.55 13.72 -0.37
C ILE C 279 33.50 13.61 0.70
N ILE C 280 33.51 14.58 1.64
CA ILE C 280 32.54 14.60 2.72
C ILE C 280 31.82 15.95 2.63
N PRO C 281 30.67 16.02 1.97
CA PRO C 281 29.99 17.31 1.80
C PRO C 281 29.43 17.77 3.14
N ARG C 282 29.65 19.06 3.44
CA ARG C 282 29.35 19.60 4.75
C ARG C 282 28.24 20.67 4.77
N GLU C 283 28.06 21.26 5.94
CA GLU C 283 27.08 22.32 6.08
C GLU C 283 27.56 23.60 5.40
N ASN C 284 26.62 24.50 5.15
CA ASN C 284 26.96 25.85 4.67
C ASN C 284 27.93 25.97 3.48
N ASN C 285 27.68 25.16 2.47
CA ASN C 285 28.46 25.14 1.24
C ASN C 285 29.87 24.61 1.38
N LEU C 286 30.24 24.21 2.58
CA LEU C 286 31.57 23.64 2.73
C LEU C 286 31.55 22.21 2.24
N VAL C 287 32.72 21.73 1.85
CA VAL C 287 32.94 20.32 1.55
C VAL C 287 34.32 19.98 2.12
N ARG C 288 34.41 18.84 2.81
CA ARG C 288 35.69 18.38 3.31
C ARG C 288 36.25 17.37 2.33
N PHE C 289 37.53 17.53 2.02
CA PHE C 289 38.19 16.61 1.11
C PHE C 289 39.33 15.91 1.80
N TYR C 290 39.28 14.57 1.85
CA TYR C 290 40.40 13.79 2.34
C TYR C 290 41.15 13.46 1.09
N VAL C 291 42.39 13.92 1.01
CA VAL C 291 43.17 13.78 -0.21
C VAL C 291 44.46 13.04 0.06
N GLN C 292 44.63 11.89 -0.58
CA GLN C 292 45.85 11.10 -0.40
C GLN C 292 47.00 11.82 -1.08
N LEU C 293 48.17 11.79 -0.45
CA LEU C 293 49.34 12.43 -1.03
C LEU C 293 50.35 11.38 -1.46
N GLN C 294 51.28 11.81 -2.30
CA GLN C 294 52.30 10.92 -2.87
C GLN C 294 53.40 10.47 -1.91
N ALA C 295 53.21 9.27 -1.36
CA ALA C 295 54.20 8.62 -0.49
C ALA C 295 53.58 7.45 0.27
N ARG C 302 60.35 11.52 8.73
CA ARG C 302 59.05 12.13 9.02
C ARG C 302 58.72 13.23 8.00
N VAL C 303 57.42 13.51 7.84
CA VAL C 303 57.04 14.59 6.95
C VAL C 303 57.14 15.93 7.67
N ASP C 304 57.79 16.89 7.00
CA ASP C 304 58.00 18.22 7.54
C ASP C 304 56.70 19.02 7.51
N ARG C 305 56.16 19.28 8.69
CA ARG C 305 54.87 19.97 8.80
C ARG C 305 54.86 21.40 8.30
N THR C 306 56.00 22.07 8.34
CA THR C 306 56.07 23.43 7.83
C THR C 306 56.00 23.37 6.30
N LYS C 307 56.29 22.21 5.73
CA LYS C 307 56.27 22.07 4.26
C LYS C 307 54.97 21.44 3.75
N PHE C 308 54.10 21.05 4.66
CA PHE C 308 52.81 20.50 4.29
C PHE C 308 51.82 21.66 4.15
N THR C 309 51.71 22.21 2.95
CA THR C 309 50.82 23.33 2.72
C THR C 309 49.53 22.95 2.00
N PRO C 310 48.53 23.82 2.05
CA PRO C 310 47.29 23.62 1.30
C PRO C 310 47.61 23.43 -0.18
N GLU C 311 48.56 24.20 -0.69
CA GLU C 311 48.93 24.11 -2.09
C GLU C 311 49.32 22.69 -2.47
N VAL C 312 50.11 22.05 -1.63
CA VAL C 312 50.52 20.67 -1.91
C VAL C 312 49.29 19.77 -1.98
N VAL C 313 48.40 19.93 -1.00
CA VAL C 313 47.19 19.10 -0.99
C VAL C 313 46.34 19.36 -2.22
N ILE C 314 46.15 20.63 -2.55
CA ILE C 314 45.34 21.00 -3.69
C ILE C 314 45.92 20.46 -4.99
N ALA C 315 47.25 20.52 -5.11
CA ALA C 315 47.93 20.02 -6.30
C ALA C 315 47.58 18.56 -6.56
N ASN C 316 47.68 17.72 -5.53
CA ASN C 316 47.38 16.32 -5.74
C ASN C 316 45.89 16.06 -5.95
N ALA C 317 45.05 16.86 -5.31
CA ALA C 317 43.60 16.72 -5.49
C ALA C 317 43.23 16.93 -6.95
N LYS C 318 43.82 17.96 -7.56
CA LYS C 318 43.56 18.24 -8.97
C LYS C 318 43.97 17.06 -9.85
N LYS C 319 45.06 16.41 -9.47
CA LYS C 319 45.54 15.26 -10.21
C LYS C 319 44.51 14.14 -10.09
N ILE C 320 44.06 13.93 -8.86
CA ILE C 320 43.13 12.85 -8.60
C ILE C 320 41.78 13.07 -9.31
N PHE C 321 41.35 14.33 -9.36
CA PHE C 321 40.07 14.68 -10.00
C PHE C 321 40.11 14.62 -11.52
N HIS C 322 41.30 14.66 -12.10
CA HIS C 322 41.41 14.71 -13.57
C HIS C 322 40.51 13.68 -14.25
N PRO C 323 39.78 14.09 -15.28
CA PRO C 323 39.87 15.43 -15.88
C PRO C 323 38.89 16.47 -15.35
N TYR C 324 38.22 16.22 -14.24
CA TYR C 324 37.34 17.24 -13.69
C TYR C 324 38.19 18.33 -13.06
N THR C 325 37.63 19.54 -12.96
CA THR C 325 38.38 20.65 -12.38
C THR C 325 38.17 20.67 -10.89
N PHE C 326 39.13 21.27 -10.19
CA PHE C 326 39.02 21.42 -8.76
C PHE C 326 39.73 22.66 -8.33
N ASP C 327 39.00 23.58 -7.71
CA ASP C 327 39.57 24.78 -7.15
C ASP C 327 38.86 25.09 -5.85
N VAL C 328 39.47 25.95 -5.05
CA VAL C 328 38.94 26.31 -3.75
C VAL C 328 38.54 27.79 -3.75
N GLN C 329 37.29 28.07 -3.41
CA GLN C 329 36.83 29.45 -3.36
C GLN C 329 37.25 30.02 -2.03
N GLN C 330 37.30 29.15 -1.03
CA GLN C 330 37.63 29.55 0.33
C GLN C 330 38.10 28.31 1.11
N LEU C 331 39.15 28.48 1.91
CA LEU C 331 39.70 27.39 2.70
C LEU C 331 39.65 27.75 4.17
N ASP C 332 38.87 26.99 4.92
CA ASP C 332 38.66 27.27 6.33
C ASP C 332 39.71 26.62 7.22
N TRP C 333 40.21 25.45 6.83
CA TRP C 333 41.07 24.68 7.71
C TRP C 333 41.67 23.53 6.94
N PHE C 334 42.78 22.99 7.45
CA PHE C 334 43.36 21.82 6.82
C PHE C 334 44.20 21.01 7.81
N THR C 335 44.52 19.78 7.44
CA THR C 335 45.38 18.97 8.28
C THR C 335 46.02 17.85 7.51
N ALA C 336 46.78 17.01 8.20
CA ALA C 336 47.42 15.87 7.58
C ALA C 336 47.42 14.71 8.55
N TYR C 337 47.59 13.50 8.03
CA TYR C 337 47.68 12.33 8.89
C TYR C 337 48.23 11.15 8.12
N HIS C 338 48.80 10.21 8.86
CA HIS C 338 49.25 8.95 8.29
C HIS C 338 48.16 7.93 8.54
N ILE C 339 48.18 6.87 7.75
CA ILE C 339 47.23 5.78 7.97
C ILE C 339 47.89 4.84 8.96
N GLY C 340 47.21 4.57 10.07
CA GLY C 340 47.70 3.61 11.07
C GLY C 340 46.63 3.26 12.08
N GLN C 341 46.82 2.14 12.79
CA GLN C 341 45.86 1.70 13.80
C GLN C 341 46.58 1.35 15.08
N ARG C 342 45.97 1.68 16.22
CA ARG C 342 46.52 1.34 17.53
C ARG C 342 45.37 1.10 18.49
N VAL C 343 45.52 0.14 19.40
CA VAL C 343 44.51 -0.13 20.40
C VAL C 343 45.14 -0.74 21.65
N THR C 344 44.59 -0.44 22.82
CA THR C 344 45.13 -1.03 24.05
C THR C 344 44.35 -2.29 24.42
N GLU C 345 44.94 -3.12 25.28
CA GLU C 345 44.26 -4.27 25.82
C GLU C 345 43.51 -3.90 27.09
N LYS C 346 44.00 -2.87 27.78
CA LYS C 346 43.44 -2.48 29.08
C LYS C 346 42.83 -1.09 29.03
N PHE C 347 41.66 -0.93 29.65
CA PHE C 347 40.96 0.37 29.67
C PHE C 347 40.87 0.87 31.13
N SER C 348 41.39 0.11 32.06
CA SER C 348 41.23 0.47 33.47
C SER C 348 42.31 -0.13 34.36
N LYS C 349 42.70 0.65 35.36
CA LYS C 349 43.59 0.23 36.41
C LYS C 349 42.74 0.30 37.67
N ASP C 350 42.52 -0.86 38.31
CA ASP C 350 41.77 -0.97 39.56
C ASP C 350 40.30 -0.53 39.46
N GLU C 351 39.80 -0.34 38.25
CA GLU C 351 38.49 0.28 38.07
C GLU C 351 38.46 1.60 38.84
N ARG C 352 39.59 2.30 38.84
CA ARG C 352 39.72 3.60 39.48
C ARG C 352 40.20 4.64 38.48
N VAL C 353 41.16 4.26 37.64
CA VAL C 353 41.60 5.15 36.56
C VAL C 353 41.18 4.47 35.26
N PHE C 354 40.39 5.16 34.46
CA PHE C 354 39.92 4.63 33.19
C PHE C 354 40.49 5.47 32.07
N ILE C 355 40.58 4.86 30.89
CA ILE C 355 40.89 5.62 29.70
C ILE C 355 39.76 5.39 28.72
N ALA C 356 39.55 6.37 27.87
CA ALA C 356 38.49 6.32 26.89
C ALA C 356 38.89 7.07 25.64
N GLY C 357 38.23 6.73 24.53
CA GLY C 357 38.40 7.47 23.27
C GLY C 357 39.73 7.24 22.58
N ASP C 358 40.27 8.29 21.95
CA ASP C 358 41.54 8.16 21.24
C ASP C 358 42.65 7.63 22.15
N ALA C 359 42.53 7.87 23.46
CA ALA C 359 43.50 7.34 24.39
C ALA C 359 43.56 5.80 24.33
N CYS C 360 42.48 5.17 23.87
CA CYS C 360 42.39 3.70 23.83
C CYS C 360 42.48 3.13 22.42
N HIS C 361 42.14 3.94 21.45
CA HIS C 361 42.08 3.46 20.08
C HIS C 361 42.31 4.58 19.09
N THR C 362 43.23 4.37 18.17
CA THR C 362 43.41 5.33 17.06
C THR C 362 43.37 4.60 15.73
N HIS C 363 42.96 5.32 14.70
CA HIS C 363 42.72 4.69 13.40
C HIS C 363 42.49 5.80 12.37
N SER C 364 42.24 5.41 11.14
CA SER C 364 42.01 6.37 10.07
C SER C 364 40.61 6.95 10.16
N PRO C 365 40.40 8.08 9.51
CA PRO C 365 39.07 8.71 9.45
C PRO C 365 38.23 8.28 8.25
N LYS C 366 38.61 7.23 7.54
CA LYS C 366 37.84 6.84 6.35
C LYS C 366 36.36 6.56 6.63
N ALA C 367 36.05 6.15 7.85
CA ALA C 367 34.65 5.89 8.18
C ALA C 367 34.17 6.80 9.31
N GLY C 368 34.90 7.87 9.59
CA GLY C 368 34.51 8.82 10.60
C GLY C 368 34.00 8.14 11.85
N GLN C 369 34.87 7.36 12.48
CA GLN C 369 34.54 6.52 13.65
C GLN C 369 35.02 6.99 15.02
N GLY C 370 36.02 7.86 15.04
CA GLY C 370 36.70 8.19 16.30
C GLY C 370 35.91 8.97 17.33
N MET C 371 35.43 10.14 16.94
CA MET C 371 34.59 10.93 17.83
C MET C 371 33.40 10.07 18.26
N ASN C 372 32.78 9.38 17.31
CA ASN C 372 31.64 8.52 17.66
C ASN C 372 31.99 7.50 18.73
N THR C 373 33.00 6.71 18.45
CA THR C 373 33.42 5.68 19.40
C THR C 373 33.80 6.25 20.76
N SER C 374 34.52 7.37 20.72
CA SER C 374 35.00 8.02 21.94
C SER C 374 33.84 8.49 22.79
N MET C 375 32.86 9.15 22.18
CA MET C 375 31.68 9.54 22.95
C MET C 375 30.92 8.32 23.45
N MET C 376 30.79 7.29 22.61
CA MET C 376 30.09 6.08 23.04
C MET C 376 30.83 5.38 24.20
N ASP C 377 32.15 5.53 24.29
CA ASP C 377 32.91 4.95 25.42
C ASP C 377 32.47 5.58 26.73
N THR C 378 32.44 6.93 26.78
CA THR C 378 32.06 7.56 28.04
C THR C 378 30.56 7.60 28.29
N TYR C 379 29.75 7.43 27.24
CA TYR C 379 28.32 7.24 27.46
C TYR C 379 28.11 5.91 28.23
N ASN C 380 28.94 4.92 27.92
CA ASN C 380 28.90 3.61 28.58
C ASN C 380 29.45 3.72 30.03
N LEU C 381 30.64 4.28 30.17
CA LEU C 381 31.28 4.40 31.48
C LEU C 381 30.48 5.32 32.39
N GLY C 382 29.95 6.41 31.82
CA GLY C 382 29.41 7.47 32.65
C GLY C 382 28.23 7.08 33.52
N TRP C 383 27.31 6.23 33.02
CA TRP C 383 26.16 5.87 33.84
C TRP C 383 26.56 4.89 34.93
N LYS C 384 27.56 4.09 34.63
CA LYS C 384 28.03 3.08 35.59
C LYS C 384 28.71 3.82 36.74
N LEU C 385 29.58 4.77 36.43
CA LEU C 385 30.24 5.53 37.47
C LEU C 385 29.19 6.38 38.19
N GLY C 386 28.22 6.93 37.46
CA GLY C 386 27.21 7.77 38.08
C GLY C 386 26.43 7.01 39.15
N LEU C 387 26.02 5.78 38.81
CA LEU C 387 25.27 5.01 39.80
C LEU C 387 26.14 4.57 40.98
N VAL C 388 27.41 4.29 40.71
CA VAL C 388 28.32 3.94 41.79
C VAL C 388 28.51 5.13 42.76
N LEU C 389 28.79 6.31 42.20
CA LEU C 389 29.03 7.51 42.98
C LEU C 389 27.83 7.96 43.83
N THR C 390 26.63 7.69 43.35
CA THR C 390 25.42 8.05 44.07
C THR C 390 24.95 6.94 45.03
N GLY C 391 25.75 5.89 45.17
CA GLY C 391 25.42 4.82 46.09
C GLY C 391 24.26 3.96 45.62
N ARG C 392 24.01 4.02 44.31
CA ARG C 392 22.89 3.29 43.72
C ARG C 392 23.28 1.97 43.09
N ALA C 393 24.55 1.77 42.75
CA ALA C 393 24.97 0.50 42.19
C ALA C 393 26.26 -0.03 42.80
N LYS C 394 26.47 -1.34 42.66
CA LYS C 394 27.64 -1.98 43.23
C LYS C 394 28.84 -1.66 42.36
N ARG C 395 29.97 -1.44 43.00
CA ARG C 395 31.21 -1.09 42.31
C ARG C 395 31.59 -2.11 41.22
N ASP C 396 31.25 -3.38 41.43
CA ASP C 396 31.59 -4.40 40.44
C ASP C 396 31.06 -4.09 39.01
N ILE C 397 30.03 -3.26 38.90
CA ILE C 397 29.57 -2.92 37.55
C ILE C 397 30.62 -2.20 36.72
N LEU C 398 31.60 -1.58 37.37
CA LEU C 398 32.60 -0.84 36.62
C LEU C 398 33.47 -1.74 35.77
N LYS C 399 33.57 -3.03 36.13
CA LYS C 399 34.35 -3.95 35.32
C LYS C 399 33.76 -4.13 33.94
N THR C 400 32.48 -3.84 33.80
CA THR C 400 31.82 -4.08 32.52
C THR C 400 32.21 -3.04 31.48
N TYR C 401 32.81 -1.92 31.91
CA TYR C 401 33.20 -0.93 30.93
C TYR C 401 34.29 -1.53 30.04
N GLU C 402 35.37 -2.04 30.62
CA GLU C 402 36.39 -2.64 29.78
C GLU C 402 35.84 -3.86 29.01
N GLU C 403 35.04 -4.66 29.68
CA GLU C 403 34.53 -5.89 29.07
C GLU C 403 33.69 -5.57 27.81
N GLU C 404 33.01 -4.44 27.82
CA GLU C 404 32.16 -4.08 26.69
C GLU C 404 32.89 -3.23 25.67
N ARG C 405 33.68 -2.26 26.13
CA ARG C 405 34.27 -1.31 25.20
C ARG C 405 35.59 -1.72 24.56
N GLN C 406 36.38 -2.54 25.25
CA GLN C 406 37.66 -2.95 24.69
C GLN C 406 37.50 -3.85 23.46
N PRO C 407 36.65 -4.88 23.52
CA PRO C 407 36.47 -5.70 22.32
C PRO C 407 35.90 -4.84 21.18
N PHE C 408 35.09 -3.84 21.49
CA PHE C 408 34.56 -3.03 20.39
C PHE C 408 35.71 -2.25 19.73
N ALA C 409 36.62 -1.72 20.55
CA ALA C 409 37.77 -1.00 20.02
C ALA C 409 38.60 -1.92 19.11
N GLN C 410 38.82 -3.16 19.56
CA GLN C 410 39.56 -4.09 18.70
C GLN C 410 38.84 -4.30 17.36
N ALA C 411 37.52 -4.44 17.39
CA ALA C 411 36.78 -4.64 16.16
C ALA C 411 36.89 -3.40 15.26
N LEU C 412 36.87 -2.22 15.87
CA LEU C 412 37.00 -0.99 15.12
C LEU C 412 38.35 -0.96 14.43
N ILE C 413 39.40 -1.29 15.18
CA ILE C 413 40.73 -1.31 14.61
C ILE C 413 40.83 -2.34 13.47
N ASP C 414 40.23 -3.52 13.65
CA ASP C 414 40.28 -4.55 12.61
C ASP C 414 39.56 -4.09 11.35
N PHE C 415 38.42 -3.46 11.54
CA PHE C 415 37.65 -2.94 10.43
C PHE C 415 38.47 -1.89 9.70
N ASP C 416 39.00 -0.92 10.43
CA ASP C 416 39.75 0.14 9.80
C ASP C 416 41.05 -0.33 9.16
N HIS C 417 41.69 -1.33 9.76
CA HIS C 417 42.94 -1.86 9.20
C HIS C 417 42.71 -2.23 7.73
N GLN C 418 41.66 -3.00 7.44
CA GLN C 418 41.35 -3.36 6.06
C GLN C 418 40.83 -2.21 5.20
N PHE C 419 39.81 -1.50 5.71
CA PHE C 419 39.17 -0.45 4.95
C PHE C 419 40.14 0.67 4.53
N SER C 420 40.98 1.10 5.46
CA SER C 420 41.93 2.19 5.18
C SER C 420 42.94 1.79 4.11
N ARG C 421 43.35 0.53 4.12
CA ARG C 421 44.29 0.06 3.12
C ARG C 421 43.63 -0.08 1.75
N LEU C 422 42.38 -0.53 1.71
CA LEU C 422 41.69 -0.65 0.44
C LEU C 422 41.49 0.74 -0.14
N PHE C 423 41.24 1.70 0.73
CA PHE C 423 40.99 3.08 0.31
C PHE C 423 42.29 3.72 -0.19
N SER C 424 43.42 3.29 0.36
CA SER C 424 44.72 3.89 0.05
C SER C 424 45.51 3.23 -1.07
N GLY C 425 45.06 2.05 -1.50
CA GLY C 425 45.78 1.32 -2.52
C GLY C 425 45.42 1.77 -3.94
N ARG C 426 46.29 1.41 -4.88
CA ARG C 426 46.05 1.72 -6.29
C ARG C 426 45.01 0.73 -6.83
N PRO C 427 44.04 1.24 -7.57
CA PRO C 427 42.99 0.37 -8.12
C PRO C 427 43.56 -0.59 -9.14
N ALA C 428 43.07 -1.82 -9.14
CA ALA C 428 43.53 -2.83 -10.09
C ALA C 428 43.07 -2.45 -11.50
N LYS C 429 43.93 -2.68 -12.49
CA LYS C 429 43.61 -2.36 -13.88
C LYS C 429 42.70 -3.41 -14.49
N ASP C 430 42.90 -4.66 -14.08
CA ASP C 430 42.08 -5.77 -14.55
C ASP C 430 42.12 -6.87 -13.53
N VAL C 431 41.57 -8.03 -13.87
CA VAL C 431 41.56 -9.17 -12.95
C VAL C 431 42.96 -9.75 -12.75
N ALA C 432 43.88 -9.39 -13.64
CA ALA C 432 45.25 -9.88 -13.58
C ALA C 432 46.16 -8.96 -12.75
N ASP C 433 45.64 -7.81 -12.34
CA ASP C 433 46.41 -6.84 -11.55
C ASP C 433 46.38 -7.17 -10.05
N GLU C 434 47.10 -8.23 -9.69
CA GLU C 434 47.16 -8.76 -8.33
C GLU C 434 47.53 -7.72 -7.26
N MET C 435 48.45 -6.84 -7.59
CA MET C 435 48.92 -5.85 -6.63
C MET C 435 47.87 -4.77 -6.35
N GLY C 436 47.01 -4.51 -7.31
CA GLY C 436 45.98 -3.50 -7.15
C GLY C 436 44.81 -3.92 -6.30
N VAL C 437 44.02 -2.92 -5.87
CA VAL C 437 42.82 -3.14 -5.08
C VAL C 437 41.63 -3.39 -6.00
N SER C 438 40.88 -4.44 -5.72
CA SER C 438 39.67 -4.73 -6.51
C SER C 438 38.58 -3.74 -6.13
N MET C 439 38.00 -3.10 -7.14
CA MET C 439 36.95 -2.13 -6.89
C MET C 439 35.67 -2.83 -6.43
N ASP C 440 35.51 -4.09 -6.83
CA ASP C 440 34.38 -4.87 -6.35
C ASP C 440 34.53 -5.19 -4.88
N VAL C 441 35.74 -5.56 -4.48
CA VAL C 441 36.03 -5.83 -3.08
C VAL C 441 35.82 -4.57 -2.23
N PHE C 442 36.29 -3.44 -2.76
CA PHE C 442 36.15 -2.16 -2.07
C PHE C 442 34.68 -1.84 -1.84
N LYS C 443 33.87 -1.96 -2.89
CA LYS C 443 32.45 -1.67 -2.71
C LYS C 443 31.86 -2.57 -1.62
N GLU C 444 32.21 -3.85 -1.68
CA GLU C 444 31.70 -4.81 -0.72
C GLU C 444 32.12 -4.46 0.70
N ALA C 445 33.37 -4.05 0.86
CA ALA C 445 33.86 -3.65 2.17
C ALA C 445 33.16 -2.39 2.66
N PHE C 446 32.84 -1.50 1.73
CA PHE C 446 32.17 -0.25 2.11
C PHE C 446 30.74 -0.57 2.60
N VAL C 447 30.03 -1.40 1.85
CA VAL C 447 28.65 -1.73 2.20
C VAL C 447 28.58 -2.47 3.53
N LYS C 448 29.45 -3.47 3.70
CA LYS C 448 29.53 -4.16 4.98
C LYS C 448 29.97 -3.21 6.10
N GLY C 449 30.98 -2.38 5.81
CA GLY C 449 31.47 -1.44 6.81
C GLY C 449 30.40 -0.47 7.27
N ASN C 450 29.47 -0.13 6.39
CA ASN C 450 28.43 0.82 6.76
C ASN C 450 27.54 0.29 7.87
N GLU C 451 27.42 -1.03 8.00
CA GLU C 451 26.65 -1.59 9.10
C GLU C 451 27.41 -1.39 10.40
N PHE C 452 28.67 -1.81 10.40
CA PHE C 452 29.52 -1.60 11.57
C PHE C 452 29.65 -0.14 11.96
N ALA C 453 29.89 0.70 10.97
CA ALA C 453 30.13 2.12 11.20
C ALA C 453 28.95 2.84 11.83
N SER C 454 27.74 2.32 11.58
CA SER C 454 26.55 2.90 12.15
C SER C 454 26.59 2.88 13.68
N GLY C 455 27.38 1.97 14.25
CA GLY C 455 27.45 1.85 15.70
C GLY C 455 26.26 1.08 16.27
N THR C 456 25.33 0.62 15.40
CA THR C 456 24.12 -0.03 15.88
C THR C 456 24.19 -1.55 15.98
N ALA C 457 25.29 -2.15 15.57
CA ALA C 457 25.35 -3.61 15.49
C ALA C 457 26.06 -4.26 16.69
N ILE C 458 26.49 -3.42 17.63
CA ILE C 458 27.17 -3.89 18.86
C ILE C 458 26.35 -4.90 19.63
N ASN C 459 27.00 -5.98 20.06
CA ASN C 459 26.34 -6.97 20.87
C ASN C 459 27.33 -7.26 22.00
N TYR C 460 27.05 -6.68 23.16
CA TYR C 460 27.88 -6.93 24.35
C TYR C 460 27.76 -8.37 24.85
N ASP C 461 28.90 -8.97 25.21
CA ASP C 461 28.87 -10.32 25.78
C ASP C 461 28.24 -10.28 27.18
N GLU C 462 27.72 -11.42 27.60
CA GLU C 462 27.16 -11.60 28.94
C GLU C 462 28.08 -11.05 29.99
N ASN C 463 27.51 -10.30 30.91
CA ASN C 463 28.30 -9.75 32.01
C ASN C 463 27.37 -9.35 33.13
N LEU C 464 27.90 -8.70 34.18
CA LEU C 464 27.06 -8.38 35.33
C LEU C 464 25.78 -7.58 34.97
N VAL C 465 25.84 -6.75 33.93
CA VAL C 465 24.66 -5.94 33.59
C VAL C 465 23.96 -6.40 32.31
N THR C 466 24.35 -7.57 31.81
CA THR C 466 23.84 -8.09 30.54
C THR C 466 23.55 -9.59 30.73
N ASP C 467 22.27 -9.92 30.90
CA ASP C 467 21.89 -11.26 31.34
C ASP C 467 21.24 -12.10 30.26
N LYS C 468 22.07 -12.82 29.53
CA LYS C 468 21.60 -13.72 28.47
C LYS C 468 21.12 -15.04 29.03
N LYS C 469 21.85 -15.57 30.01
CA LYS C 469 21.53 -16.87 30.53
C LYS C 469 20.16 -16.95 31.16
N SER C 470 19.68 -15.87 31.77
CA SER C 470 18.39 -15.95 32.42
C SER C 470 17.27 -15.53 31.47
N SER C 471 17.63 -15.19 30.24
CA SER C 471 16.62 -14.67 29.32
C SER C 471 15.96 -15.76 28.49
N LYS C 472 14.72 -15.49 28.07
CA LYS C 472 14.01 -16.34 27.13
C LYS C 472 13.99 -15.51 25.85
N GLN C 473 15.06 -15.57 25.08
CA GLN C 473 15.26 -14.65 23.96
C GLN C 473 14.19 -14.72 22.88
N GLU C 474 13.61 -15.91 22.74
CA GLU C 474 12.60 -16.13 21.71
C GLU C 474 11.36 -15.27 21.93
N LEU C 475 11.18 -14.76 23.14
CA LEU C 475 9.99 -13.95 23.45
C LEU C 475 10.11 -12.53 22.87
N ALA C 476 11.33 -12.11 22.55
CA ALA C 476 11.51 -10.79 21.89
C ALA C 476 12.68 -11.01 20.97
N LYS C 477 12.40 -11.66 19.86
CA LYS C 477 13.44 -12.12 18.99
C LYS C 477 14.33 -11.07 18.42
N ASN C 478 13.79 -9.88 18.21
CA ASN C 478 14.60 -8.79 17.68
C ASN C 478 14.98 -7.77 18.73
N CYS C 479 15.00 -8.20 19.99
CA CYS C 479 15.53 -7.38 21.09
C CYS C 479 16.58 -8.25 21.71
N VAL C 480 17.67 -8.44 20.98
CA VAL C 480 18.67 -9.41 21.43
C VAL C 480 19.43 -8.80 22.63
N VAL C 481 19.53 -9.57 23.71
CA VAL C 481 20.21 -9.06 24.92
C VAL C 481 21.65 -8.73 24.56
N GLY C 482 22.12 -7.57 24.98
CA GLY C 482 23.46 -7.13 24.65
C GLY C 482 23.46 -6.13 23.49
N THR C 483 22.35 -5.99 22.78
CA THR C 483 22.30 -5.02 21.67
C THR C 483 21.45 -3.83 22.08
N ARG C 484 21.56 -2.73 21.35
CA ARG C 484 20.78 -1.56 21.71
C ARG C 484 19.29 -1.84 21.49
N PHE C 485 18.45 -1.31 22.36
CA PHE C 485 17.01 -1.46 22.22
C PHE C 485 16.57 -0.53 21.08
N LYS C 486 16.13 -1.12 19.97
CA LYS C 486 15.84 -0.34 18.77
C LYS C 486 14.51 0.37 18.83
N SER C 487 14.49 1.65 18.44
CA SER C 487 13.27 2.38 18.44
C SER C 487 12.34 1.78 17.37
N GLN C 488 11.06 1.71 17.68
CA GLN C 488 10.03 1.44 16.65
C GLN C 488 8.90 2.41 16.87
N PRO C 489 8.14 2.75 15.84
CA PRO C 489 7.00 3.66 16.04
C PRO C 489 5.92 3.04 16.93
N VAL C 490 5.30 3.88 17.74
CA VAL C 490 4.19 3.47 18.57
C VAL C 490 3.21 4.64 18.61
N VAL C 491 2.02 4.40 19.16
CA VAL C 491 1.02 5.42 19.30
C VAL C 491 0.83 5.67 20.79
N ARG C 492 1.14 6.89 21.24
CA ARG C 492 0.96 7.20 22.65
C ARG C 492 -0.52 7.16 22.93
N HIS C 493 -0.93 6.42 23.96
CA HIS C 493 -2.35 6.16 24.17
C HIS C 493 -3.17 7.40 24.56
N SER C 494 -2.56 8.28 25.35
CA SER C 494 -3.25 9.42 25.89
C SER C 494 -3.94 10.29 24.83
N GLU C 495 -3.23 10.63 23.76
CA GLU C 495 -3.87 11.44 22.71
C GLU C 495 -3.79 10.82 21.33
N GLY C 496 -3.09 9.70 21.21
CA GLY C 496 -2.96 9.04 19.92
C GLY C 496 -1.82 9.59 19.05
N LEU C 497 -0.79 10.17 19.69
CA LEU C 497 0.35 10.67 18.94
C LEU C 497 1.23 9.54 18.42
N TRP C 498 1.43 9.49 17.11
CA TRP C 498 2.39 8.57 16.54
C TRP C 498 3.78 9.14 16.81
N MET C 499 4.67 8.31 17.35
CA MET C 499 6.01 8.79 17.71
C MET C 499 7.00 7.62 17.75
N HIS C 500 8.27 7.95 17.60
CA HIS C 500 9.34 6.97 17.73
C HIS C 500 9.53 6.63 19.23
N PHE C 501 9.37 5.35 19.59
CA PHE C 501 9.44 4.98 21.00
C PHE C 501 10.79 5.30 21.60
N GLY C 502 11.83 5.28 20.79
CA GLY C 502 13.14 5.62 21.31
C GLY C 502 13.20 7.01 21.96
N ASP C 503 12.35 7.92 21.53
CA ASP C 503 12.35 9.27 22.12
C ASP C 503 11.97 9.23 23.59
N ARG C 504 11.27 8.18 23.97
CA ARG C 504 10.82 8.03 25.37
C ARG C 504 11.92 7.57 26.34
N LEU C 505 12.99 7.00 25.79
CA LEU C 505 14.07 6.41 26.62
C LEU C 505 15.14 7.45 26.97
N VAL C 506 14.67 8.54 27.58
CA VAL C 506 15.56 9.65 27.96
C VAL C 506 16.66 9.12 28.89
N THR C 507 17.91 9.42 28.56
CA THR C 507 19.02 8.89 29.34
C THR C 507 19.21 9.79 30.56
N ASP C 508 18.98 9.23 31.74
CA ASP C 508 19.08 9.99 32.96
C ASP C 508 19.39 9.13 34.17
N GLY C 509 19.90 7.92 33.94
CA GLY C 509 20.32 7.08 35.05
C GLY C 509 19.34 5.96 35.34
N ARG C 510 18.14 6.04 34.77
CA ARG C 510 17.13 5.02 35.02
C ARG C 510 17.25 3.82 34.12
N PHE C 511 16.99 2.65 34.70
CA PHE C 511 16.80 1.46 33.89
C PHE C 511 15.31 1.50 33.48
N ARG C 512 14.94 0.73 32.44
CA ARG C 512 13.54 0.59 32.07
C ARG C 512 13.10 -0.88 32.16
N ILE C 513 11.83 -1.07 32.53
CA ILE C 513 11.19 -2.37 32.32
C ILE C 513 10.12 -2.07 31.26
N ILE C 514 10.30 -2.65 30.08
CA ILE C 514 9.32 -2.46 29.01
C ILE C 514 8.35 -3.62 29.08
N VAL C 515 7.10 -3.30 29.39
CA VAL C 515 6.11 -4.36 29.55
C VAL C 515 5.36 -4.44 28.23
N PHE C 516 5.67 -5.45 27.42
CA PHE C 516 4.89 -5.68 26.19
C PHE C 516 3.65 -6.44 26.67
N ALA C 517 2.60 -5.67 26.96
CA ALA C 517 1.40 -6.20 27.56
C ALA C 517 0.55 -7.08 26.63
N GLY C 518 0.87 -7.06 25.33
CA GLY C 518 0.17 -7.89 24.36
C GLY C 518 -1.30 -7.54 24.20
N LYS C 519 -2.14 -8.55 23.96
CA LYS C 519 -3.57 -8.31 23.70
C LYS C 519 -4.33 -8.14 25.01
N ALA C 520 -4.24 -6.94 25.56
CA ALA C 520 -4.78 -6.63 26.88
C ALA C 520 -6.29 -6.71 26.97
N THR C 521 -6.98 -6.71 25.83
CA THR C 521 -8.44 -6.86 25.84
C THR C 521 -8.85 -8.33 26.10
N ASP C 522 -7.91 -9.26 25.95
CA ASP C 522 -8.18 -10.69 26.21
C ASP C 522 -8.12 -10.92 27.72
N ALA C 523 -9.17 -11.50 28.27
CA ALA C 523 -9.25 -11.74 29.71
C ALA C 523 -8.07 -12.53 30.29
N THR C 524 -7.66 -13.59 29.60
CA THR C 524 -6.55 -14.38 30.06
C THR C 524 -5.27 -13.54 30.11
N GLN C 525 -5.06 -12.74 29.08
CA GLN C 525 -3.87 -11.92 29.00
C GLN C 525 -3.89 -10.81 30.08
N MET C 526 -5.06 -10.21 30.30
CA MET C 526 -5.16 -9.16 31.31
C MET C 526 -4.89 -9.75 32.70
N SER C 527 -5.29 -11.02 32.90
CA SER C 527 -5.00 -11.66 34.17
C SER C 527 -3.49 -11.74 34.38
N ARG C 528 -2.75 -12.01 33.31
CA ARG C 528 -1.30 -12.03 33.43
C ARG C 528 -0.73 -10.64 33.72
N ILE C 529 -1.30 -9.62 33.10
CA ILE C 529 -0.84 -8.26 33.31
C ILE C 529 -1.10 -7.86 34.74
N LYS C 530 -2.27 -8.20 35.27
CA LYS C 530 -2.60 -7.87 36.65
C LYS C 530 -1.68 -8.53 37.65
N LYS C 531 -1.35 -9.80 37.43
CA LYS C 531 -0.45 -10.54 38.29
C LYS C 531 0.93 -9.88 38.27
N PHE C 532 1.38 -9.46 37.09
CA PHE C 532 2.68 -8.80 37.02
C PHE C 532 2.65 -7.47 37.77
N ALA C 533 1.56 -6.73 37.63
CA ALA C 533 1.45 -5.45 38.36
C ALA C 533 1.39 -5.70 39.86
N ALA C 534 0.77 -6.81 40.26
CA ALA C 534 0.71 -7.13 41.67
C ALA C 534 2.13 -7.39 42.14
N TYR C 535 2.95 -8.00 41.29
CA TYR C 535 4.34 -8.19 41.67
C TYR C 535 5.00 -6.80 41.85
N LEU C 536 4.84 -5.91 40.88
CA LEU C 536 5.45 -4.58 40.98
C LEU C 536 5.07 -3.85 42.26
N ASP C 537 3.80 -3.98 42.65
CA ASP C 537 3.29 -3.29 43.83
C ASP C 537 3.70 -3.96 45.14
N SER C 538 4.19 -5.20 45.06
CA SER C 538 4.54 -5.96 46.25
C SER C 538 5.72 -5.38 47.02
N GLU C 539 5.76 -5.69 48.32
CA GLU C 539 6.74 -5.14 49.23
C GLU C 539 8.17 -5.34 48.77
N ASN C 540 8.48 -6.49 48.19
CA ASN C 540 9.86 -6.76 47.81
C ASN C 540 10.19 -6.74 46.33
N SER C 541 9.34 -6.10 45.52
CA SER C 541 9.60 -6.04 44.09
C SER C 541 10.78 -5.10 43.84
N VAL C 542 11.35 -5.14 42.64
CA VAL C 542 12.45 -4.23 42.35
C VAL C 542 12.02 -2.76 42.46
N ILE C 543 10.75 -2.46 42.16
CA ILE C 543 10.28 -1.06 42.25
C ILE C 543 10.22 -0.64 43.71
N SER C 544 9.68 -1.53 44.54
CA SER C 544 9.48 -1.21 45.94
C SER C 544 10.76 -1.14 46.75
N ARG C 545 11.73 -1.96 46.39
CA ARG C 545 12.95 -1.94 47.15
C ARG C 545 14.06 -1.04 46.61
N TYR C 546 14.04 -0.68 45.33
CA TYR C 546 15.06 0.23 44.80
C TYR C 546 14.59 1.68 44.59
N THR C 547 13.34 1.98 44.91
CA THR C 547 12.86 3.35 44.89
C THR C 547 12.94 3.85 46.31
N PRO C 548 13.66 4.95 46.54
CA PRO C 548 13.75 5.50 47.90
C PRO C 548 12.37 5.90 48.40
N LYS C 549 12.18 5.83 49.71
CA LYS C 549 10.94 6.26 50.34
C LYS C 549 10.67 7.71 49.96
N GLY C 550 9.42 8.00 49.58
CA GLY C 550 9.03 9.34 49.20
C GLY C 550 9.28 9.73 47.74
N ALA C 551 9.98 8.86 47.01
CA ALA C 551 10.33 9.16 45.64
C ALA C 551 9.33 8.57 44.68
N ASP C 552 9.23 9.17 43.51
CA ASP C 552 8.36 8.63 42.47
C ASP C 552 8.79 7.21 42.07
N ARG C 553 7.81 6.31 41.94
CA ARG C 553 8.11 4.91 41.66
C ARG C 553 8.61 4.57 40.26
N ASN C 554 8.66 5.58 39.38
CA ASN C 554 9.31 5.42 38.09
C ASN C 554 10.60 6.22 38.01
N SER C 555 11.12 6.64 39.17
CA SER C 555 12.33 7.51 39.16
C SER C 555 13.67 6.76 39.23
N ARG C 556 13.63 5.45 39.46
CA ARG C 556 14.84 4.64 39.48
C ARG C 556 14.74 3.54 38.43
N ILE C 557 13.60 2.84 38.42
CA ILE C 557 13.28 1.91 37.35
C ILE C 557 11.96 2.41 36.77
N ASP C 558 11.99 2.67 35.48
CA ASP C 558 10.94 3.35 34.70
C ASP C 558 10.13 2.25 33.98
N VAL C 559 8.88 2.04 34.39
CA VAL C 559 8.08 0.89 33.95
C VAL C 559 7.09 1.40 32.91
N ILE C 560 7.30 0.99 31.67
CA ILE C 560 6.54 1.50 30.51
C ILE C 560 5.81 0.35 29.82
N THR C 561 4.57 0.61 29.42
CA THR C 561 3.73 -0.45 28.84
C THR C 561 3.43 -0.16 27.38
N ILE C 562 3.69 -1.14 26.51
CA ILE C 562 3.32 -1.02 25.10
C ILE C 562 2.42 -2.22 24.86
N HIS C 563 1.15 -1.95 24.58
CA HIS C 563 0.20 -3.04 24.31
C HIS C 563 -0.06 -3.15 22.81
N SER C 564 -0.73 -4.22 22.39
CA SER C 564 -0.93 -4.46 20.96
C SER C 564 -2.36 -4.17 20.48
N CYS C 565 -3.13 -3.45 21.30
CA CYS C 565 -4.51 -3.12 20.96
C CYS C 565 -4.65 -1.73 20.35
N HIS C 566 -5.80 -1.50 19.71
CA HIS C 566 -6.09 -0.18 19.20
C HIS C 566 -6.63 0.64 20.36
N ARG C 567 -6.29 1.93 20.41
CA ARG C 567 -6.72 2.77 21.53
C ARG C 567 -8.23 2.99 21.57
N ASP C 568 -8.94 2.69 20.49
CA ASP C 568 -10.39 2.77 20.57
C ASP C 568 -10.97 1.58 21.34
N ASP C 569 -10.16 0.54 21.55
CA ASP C 569 -10.69 -0.69 22.12
C ASP C 569 -10.39 -0.97 23.60
N ILE C 570 -9.53 -0.15 24.18
CA ILE C 570 -9.19 -0.29 25.58
C ILE C 570 -8.70 1.08 26.05
N GLU C 571 -8.90 1.37 27.34
CA GLU C 571 -8.51 2.68 27.88
C GLU C 571 -7.26 2.56 28.75
N MET C 572 -6.58 3.68 28.98
CA MET C 572 -5.41 3.65 29.87
C MET C 572 -5.86 3.14 31.23
N HIS C 573 -7.04 3.58 31.68
CA HIS C 573 -7.52 3.21 33.01
C HIS C 573 -7.94 1.74 33.12
N ASP C 574 -7.86 0.98 32.03
CA ASP C 574 -8.15 -0.44 32.11
C ASP C 574 -6.90 -1.21 32.57
N PHE C 575 -5.76 -0.52 32.59
CA PHE C 575 -4.51 -1.11 33.06
C PHE C 575 -4.34 -0.86 34.56
N PRO C 576 -3.62 -1.72 35.26
CA PRO C 576 -3.34 -1.52 36.68
C PRO C 576 -2.78 -0.13 36.98
N ALA C 577 -3.43 0.55 37.92
CA ALA C 577 -3.01 1.91 38.29
C ALA C 577 -2.85 1.92 39.79
N PRO C 578 -1.77 2.50 40.30
CA PRO C 578 -0.76 3.21 39.50
C PRO C 578 0.42 2.39 39.01
N ALA C 579 0.40 1.07 39.14
CA ALA C 579 1.59 0.31 38.74
C ALA C 579 2.02 0.53 37.30
N LEU C 580 1.06 0.48 36.38
CA LEU C 580 1.36 0.68 34.97
C LEU C 580 0.80 1.99 34.43
N HIS C 581 -0.22 2.53 35.11
CA HIS C 581 -0.86 3.81 34.71
C HIS C 581 -0.72 4.77 35.90
N PRO C 582 0.40 5.48 35.99
CA PRO C 582 0.68 6.33 37.14
C PRO C 582 -0.26 7.53 37.26
N LYS C 583 -0.41 8.03 38.48
CA LYS C 583 -1.38 9.06 38.80
C LYS C 583 -1.14 10.39 38.07
N TRP C 584 -2.11 10.75 37.24
CA TRP C 584 -2.09 11.99 36.48
C TRP C 584 -0.85 12.13 35.60
N GLN C 585 -0.34 11.00 35.10
CA GLN C 585 0.84 11.02 34.25
C GLN C 585 0.49 10.24 32.99
N TYR C 586 1.00 10.69 31.85
CA TYR C 586 0.53 10.13 30.58
C TYR C 586 1.60 9.71 29.60
N ASP C 587 2.80 9.40 30.11
CA ASP C 587 3.88 8.95 29.26
C ASP C 587 4.24 7.54 29.63
N PHE C 588 3.22 6.71 29.79
CA PHE C 588 3.48 5.33 30.21
C PHE C 588 2.79 4.25 29.39
N ILE C 589 1.69 4.61 28.75
CA ILE C 589 0.97 3.59 27.97
C ILE C 589 0.99 3.94 26.49
N TYR C 590 1.50 3.01 25.69
CA TYR C 590 1.66 3.16 24.25
C TYR C 590 1.04 1.96 23.55
N ALA C 591 0.68 2.16 22.28
CA ALA C 591 -0.03 1.13 21.54
C ALA C 591 0.63 0.84 20.21
N ASP C 592 0.61 -0.42 19.80
CA ASP C 592 1.08 -0.82 18.49
C ASP C 592 -0.20 -0.92 17.68
N CYS C 593 -0.61 0.18 17.07
CA CYS C 593 -1.87 0.20 16.33
C CYS C 593 -1.88 1.26 15.24
N ASP C 594 -2.92 1.17 14.42
CA ASP C 594 -3.19 2.14 13.37
C ASP C 594 -3.47 3.53 13.98
N SER C 595 -3.17 4.59 13.21
CA SER C 595 -3.33 5.98 13.71
C SER C 595 -3.78 6.87 12.56
N TRP C 596 -4.05 8.13 12.84
CA TRP C 596 -4.64 8.98 11.79
C TRP C 596 -3.76 9.13 10.57
N HIS C 597 -2.45 9.27 10.78
CA HIS C 597 -1.55 9.64 9.69
C HIS C 597 -0.60 8.55 9.26
N HIS C 598 -0.69 7.39 9.92
CA HIS C 598 0.22 6.29 9.64
C HIS C 598 -0.53 4.98 9.78
N PRO C 599 -0.09 3.99 9.04
CA PRO C 599 -0.70 2.67 9.15
C PRO C 599 -0.21 1.98 10.43
N HIS C 600 -0.80 0.84 10.76
CA HIS C 600 -0.30 0.05 11.90
C HIS C 600 1.19 -0.18 11.63
N PRO C 601 2.07 0.16 12.58
CA PRO C 601 3.51 0.09 12.34
C PRO C 601 4.09 -1.33 12.45
N LYS C 602 3.27 -2.30 12.88
CA LYS C 602 3.73 -3.68 13.09
C LYS C 602 4.98 -3.69 13.95
N SER C 603 4.95 -2.92 15.03
CA SER C 603 6.15 -2.78 15.86
C SER C 603 6.42 -3.99 16.77
N TYR C 604 5.39 -4.63 17.30
CA TYR C 604 5.63 -5.91 18.00
C TYR C 604 6.39 -6.86 17.09
N GLN C 605 5.95 -6.95 15.84
CA GLN C 605 6.63 -7.80 14.90
C GLN C 605 8.08 -7.37 14.64
N ALA C 606 8.32 -6.06 14.49
CA ALA C 606 9.67 -5.57 14.28
C ALA C 606 10.55 -5.88 15.50
N TRP C 607 9.94 -5.89 16.68
CA TRP C 607 10.67 -6.21 17.92
C TRP C 607 10.75 -7.72 18.16
N GLY C 608 9.98 -8.48 17.37
CA GLY C 608 9.97 -9.93 17.52
C GLY C 608 9.21 -10.45 18.72
N VAL C 609 8.18 -9.71 19.10
CA VAL C 609 7.37 -10.05 20.26
C VAL C 609 5.99 -10.55 19.84
N ASP C 610 5.53 -11.64 20.45
CA ASP C 610 4.20 -12.15 20.12
C ASP C 610 3.10 -11.14 20.44
N GLU C 611 2.22 -10.88 19.48
CA GLU C 611 1.21 -9.86 19.67
C GLU C 611 0.20 -10.16 20.77
N THR C 612 -0.11 -11.43 20.97
CA THR C 612 -1.04 -11.78 22.03
C THR C 612 -0.41 -11.87 23.41
N LYS C 613 0.66 -12.64 23.50
CA LYS C 613 1.27 -12.93 24.81
C LYS C 613 2.25 -11.89 25.31
N GLY C 614 2.86 -11.13 24.40
CA GLY C 614 3.84 -10.13 24.83
C GLY C 614 5.09 -10.71 25.49
N ALA C 615 5.74 -9.88 26.31
CA ALA C 615 7.04 -10.16 26.90
C ALA C 615 7.39 -9.04 27.85
N VAL C 616 8.47 -9.21 28.60
CA VAL C 616 9.02 -8.12 29.42
C VAL C 616 10.46 -7.97 29.04
N VAL C 617 10.90 -6.73 28.78
CA VAL C 617 12.27 -6.49 28.38
C VAL C 617 12.87 -5.40 29.26
N VAL C 618 14.00 -5.73 29.89
CA VAL C 618 14.72 -4.74 30.69
C VAL C 618 15.75 -4.05 29.85
N VAL C 619 15.85 -2.73 30.02
CA VAL C 619 16.77 -1.91 29.26
C VAL C 619 17.64 -1.11 30.25
N ARG C 620 18.94 -1.14 29.99
CA ARG C 620 19.92 -0.40 30.79
C ARG C 620 19.78 1.12 30.61
N PRO C 621 20.38 1.89 31.51
CA PRO C 621 20.35 3.36 31.38
C PRO C 621 20.98 3.88 30.09
N ASP C 622 21.86 3.11 29.46
CA ASP C 622 22.42 3.52 28.18
C ASP C 622 21.65 2.98 26.95
N GLY C 623 20.47 2.42 27.20
CA GLY C 623 19.61 1.99 26.10
C GLY C 623 19.90 0.62 25.50
N TYR C 624 20.72 -0.19 26.18
CA TYR C 624 21.00 -1.56 25.76
C TYR C 624 20.09 -2.54 26.50
N THR C 625 19.53 -3.48 25.72
CA THR C 625 18.69 -4.52 26.28
C THR C 625 19.50 -5.46 27.17
N SER C 626 19.01 -5.74 28.37
CA SER C 626 19.82 -6.54 29.32
C SER C 626 19.12 -7.82 29.82
N LEU C 627 17.81 -7.94 29.55
CA LEU C 627 17.08 -9.16 29.97
C LEU C 627 15.79 -9.25 29.17
N VAL C 628 15.41 -10.45 28.77
CA VAL C 628 14.13 -10.66 28.06
C VAL C 628 13.44 -11.81 28.74
N THR C 629 12.23 -11.60 29.23
CA THR C 629 11.52 -12.69 29.91
C THR C 629 10.00 -12.58 29.67
N ASP C 630 9.19 -13.37 30.38
CA ASP C 630 7.75 -13.22 30.24
C ASP C 630 7.19 -12.50 31.46
N LEU C 631 5.90 -12.23 31.46
CA LEU C 631 5.28 -11.55 32.60
C LEU C 631 5.43 -12.36 33.89
N GLU C 632 5.58 -13.68 33.77
CA GLU C 632 5.80 -14.53 34.96
C GLU C 632 7.26 -14.55 35.47
N GLY C 633 8.16 -13.97 34.69
CA GLY C 633 9.58 -13.98 34.98
C GLY C 633 10.07 -12.98 36.03
N THR C 634 9.27 -12.76 37.06
CA THR C 634 9.61 -11.79 38.10
C THR C 634 10.85 -12.19 38.91
N ALA C 635 11.09 -13.50 39.07
CA ALA C 635 12.29 -13.94 39.79
C ALA C 635 13.55 -13.55 39.00
N GLU C 636 13.48 -13.69 37.67
CA GLU C 636 14.58 -13.29 36.79
C GLU C 636 14.84 -11.77 36.84
N ILE C 637 13.76 -10.99 36.86
CA ILE C 637 13.88 -9.53 36.95
C ILE C 637 14.49 -9.16 38.30
N ASP C 638 13.96 -9.82 39.31
CA ASP C 638 14.44 -9.60 40.66
C ASP C 638 15.93 -9.86 40.79
N ARG C 639 16.38 -11.02 40.32
CA ARG C 639 17.81 -11.35 40.40
C ARG C 639 18.67 -10.43 39.57
N TYR C 640 18.21 -10.07 38.36
CA TYR C 640 18.99 -9.17 37.53
C TYR C 640 19.33 -7.89 38.28
N PHE C 641 18.32 -7.29 38.90
CA PHE C 641 18.56 -6.02 39.59
C PHE C 641 19.34 -6.24 40.91
N SER C 642 19.16 -7.39 41.55
CA SER C 642 19.88 -7.65 42.80
C SER C 642 21.38 -7.66 42.60
N GLY C 643 21.82 -8.07 41.43
CA GLY C 643 23.24 -8.16 41.14
C GLY C 643 23.86 -6.79 40.89
N ILE C 644 23.02 -5.79 40.69
CA ILE C 644 23.46 -4.45 40.27
C ILE C 644 23.19 -3.33 41.22
N LEU C 645 21.93 -3.20 41.65
CA LEU C 645 21.55 -2.04 42.44
C LEU C 645 21.71 -2.25 43.95
N VAL C 646 21.81 -1.13 44.65
CA VAL C 646 21.93 -1.12 46.10
C VAL C 646 20.66 -0.53 46.70
N GLU C 647 20.04 -1.24 47.64
CA GLU C 647 18.85 -0.70 48.30
C GLU C 647 19.11 0.65 48.97
N PRO C 648 18.21 1.61 48.80
CA PRO C 648 18.28 2.88 49.53
C PRO C 648 18.12 2.63 51.03
N LYS C 649 18.60 3.57 51.84
CA LYS C 649 18.54 3.44 53.30
C LYS C 649 17.11 3.23 53.76
N GLU C 650 16.19 3.97 53.14
CA GLU C 650 14.77 3.84 53.41
C GLU C 650 14.11 3.60 52.05
N LYS C 651 13.37 2.51 51.95
CA LYS C 651 12.74 2.12 50.69
C LYS C 651 11.29 2.51 50.64
N SER C 652 10.75 2.50 49.42
CA SER C 652 9.35 2.85 49.19
C SER C 652 8.46 1.78 49.79
N GLY C 653 8.86 0.53 49.63
CA GLY C 653 8.05 -0.58 50.13
C GLY C 653 6.79 -0.71 49.29
N ALA C 654 5.87 -1.55 49.74
CA ALA C 654 4.64 -1.84 48.98
C ALA C 654 3.87 -0.61 48.53
N GLN C 655 3.33 -0.68 47.32
CA GLN C 655 2.50 0.38 46.75
C GLN C 655 1.28 0.51 47.65
N THR C 656 1.04 1.69 48.22
CA THR C 656 -0.11 1.84 49.12
C THR C 656 -1.22 2.78 48.63
N GLU C 657 -1.08 3.34 47.44
CA GLU C 657 -2.10 4.25 46.95
C GLU C 657 -3.27 3.53 46.30
N ALA C 658 -4.47 4.05 46.53
CA ALA C 658 -5.65 3.52 45.88
C ALA C 658 -5.61 3.90 44.41
N ASP C 659 -6.31 3.13 43.58
CA ASP C 659 -6.40 3.37 42.15
C ASP C 659 -6.99 4.76 41.90
N TRP C 660 -6.15 5.68 41.43
CA TRP C 660 -6.58 7.05 41.22
C TRP C 660 -7.66 7.24 40.17
N THR C 661 -7.84 6.26 39.29
CA THR C 661 -8.87 6.38 38.27
C THR C 661 -10.31 6.14 38.79
N LYS C 662 -10.46 5.60 40.00
CA LYS C 662 -11.77 5.48 40.63
C LYS C 662 -11.92 6.70 41.50
N SER C 663 -10.94 6.88 42.37
CA SER C 663 -10.87 8.00 43.29
C SER C 663 -10.63 9.32 42.54
N THR D 2 -22.12 -66.55 2.23
CA THR D 2 -21.19 -65.38 2.42
C THR D 2 -19.83 -65.68 1.83
N LYS D 3 -19.33 -64.81 0.99
CA LYS D 3 -17.97 -64.95 0.50
C LYS D 3 -17.07 -64.23 1.49
N TYR D 4 -15.95 -64.85 1.86
CA TYR D 4 -14.98 -64.21 2.75
C TYR D 4 -13.72 -63.86 1.95
N SER D 5 -13.20 -62.65 2.08
CA SER D 5 -12.06 -62.27 1.25
C SER D 5 -11.06 -61.50 2.08
N GLU D 6 -9.86 -61.35 1.54
CA GLU D 6 -8.78 -60.67 2.28
C GLU D 6 -7.92 -59.90 1.31
N SER D 7 -7.53 -58.69 1.67
CA SER D 7 -6.75 -57.85 0.77
C SER D 7 -5.93 -56.83 1.57
N TYR D 8 -5.11 -56.07 0.86
CA TYR D 8 -4.23 -55.08 1.45
C TYR D 8 -4.39 -53.74 0.76
N CYS D 9 -4.25 -52.67 1.52
CA CYS D 9 -4.27 -51.35 0.90
C CYS D 9 -3.47 -50.37 1.73
N ASP D 10 -3.12 -49.27 1.09
CA ASP D 10 -2.32 -48.25 1.78
C ASP D 10 -3.18 -47.29 2.59
N VAL D 11 -4.27 -46.83 1.99
CA VAL D 11 -5.18 -45.99 2.73
C VAL D 11 -6.62 -46.42 2.48
N LEU D 12 -7.39 -46.58 3.55
CA LEU D 12 -8.82 -46.77 3.40
C LEU D 12 -9.54 -45.54 3.93
N ILE D 13 -10.29 -44.87 3.06
CA ILE D 13 -11.11 -43.73 3.45
C ILE D 13 -12.52 -44.21 3.71
N VAL D 14 -13.00 -44.02 4.93
CA VAL D 14 -14.34 -44.48 5.27
C VAL D 14 -15.31 -43.31 5.18
N GLY D 15 -16.15 -43.31 4.13
CA GLY D 15 -17.08 -42.22 3.92
C GLY D 15 -16.71 -41.39 2.72
N ALA D 16 -17.68 -41.12 1.86
CA ALA D 16 -17.44 -40.39 0.62
C ALA D 16 -18.27 -39.13 0.53
N GLY D 17 -18.35 -38.40 1.64
CA GLY D 17 -18.90 -37.06 1.65
C GLY D 17 -17.74 -36.11 1.38
N PRO D 18 -17.95 -34.82 1.63
CA PRO D 18 -16.92 -33.81 1.35
C PRO D 18 -15.55 -34.14 1.94
N ALA D 19 -15.46 -34.54 3.20
CA ALA D 19 -14.14 -34.85 3.75
C ALA D 19 -13.48 -36.00 2.99
N GLY D 20 -14.22 -37.08 2.80
CA GLY D 20 -13.72 -38.27 2.13
C GLY D 20 -13.29 -38.01 0.69
N LEU D 21 -14.15 -37.31 -0.03
CA LEU D 21 -13.83 -36.99 -1.40
C LEU D 21 -12.60 -36.10 -1.55
N MET D 22 -12.45 -35.10 -0.67
CA MET D 22 -11.25 -34.27 -0.69
C MET D 22 -9.99 -35.13 -0.40
N ALA D 23 -10.12 -36.03 0.56
CA ALA D 23 -9.01 -36.94 0.87
C ALA D 23 -8.62 -37.73 -0.37
N ALA D 24 -9.62 -38.32 -1.05
CA ALA D 24 -9.33 -39.08 -2.27
C ALA D 24 -8.74 -38.19 -3.38
N ARG D 25 -9.27 -36.97 -3.53
CA ARG D 25 -8.72 -36.06 -4.52
C ARG D 25 -7.27 -35.70 -4.24
N VAL D 26 -6.98 -35.36 -2.98
CA VAL D 26 -5.60 -35.01 -2.62
C VAL D 26 -4.67 -36.25 -2.82
N LEU D 27 -5.12 -37.41 -2.36
CA LEU D 27 -4.29 -38.60 -2.48
C LEU D 27 -4.10 -39.09 -3.92
N SER D 28 -5.05 -38.76 -4.81
CA SER D 28 -4.98 -39.20 -6.19
C SER D 28 -3.68 -38.76 -6.84
N GLU D 29 -3.22 -37.57 -6.48
CA GLU D 29 -1.97 -37.06 -7.05
C GLU D 29 -0.80 -38.00 -6.75
N TYR D 30 -0.74 -38.49 -5.51
CA TYR D 30 0.37 -39.35 -5.08
C TYR D 30 0.25 -40.72 -5.73
N VAL D 31 -0.98 -41.15 -5.97
CA VAL D 31 -1.19 -42.43 -6.62
C VAL D 31 -0.72 -42.32 -8.08
N ARG D 32 -1.01 -41.19 -8.73
CA ARG D 32 -0.52 -40.98 -10.06
C ARG D 32 0.99 -41.03 -10.15
N GLN D 33 1.68 -40.45 -9.16
CA GLN D 33 3.14 -40.48 -9.13
C GLN D 33 3.70 -41.86 -8.79
N LYS D 34 2.97 -42.59 -7.96
CA LYS D 34 3.42 -43.92 -7.49
C LYS D 34 2.24 -44.88 -7.62
N PRO D 35 2.04 -45.35 -8.84
CA PRO D 35 0.87 -46.17 -9.17
C PRO D 35 0.67 -47.44 -8.33
N ASP D 36 1.68 -47.95 -7.64
CA ASP D 36 1.39 -49.15 -6.85
C ASP D 36 0.74 -48.84 -5.51
N LEU D 37 0.60 -47.54 -5.20
CA LEU D 37 -0.16 -47.15 -4.02
C LEU D 37 -1.61 -47.51 -4.23
N LYS D 38 -2.23 -48.06 -3.19
CA LYS D 38 -3.60 -48.47 -3.26
C LYS D 38 -4.45 -47.68 -2.28
N VAL D 39 -5.25 -46.76 -2.80
CA VAL D 39 -6.11 -45.95 -1.97
C VAL D 39 -7.54 -46.34 -2.25
N ARG D 40 -8.29 -46.70 -1.21
CA ARG D 40 -9.69 -47.03 -1.42
C ARG D 40 -10.56 -46.07 -0.65
N ILE D 41 -11.79 -45.91 -1.15
CA ILE D 41 -12.75 -45.05 -0.49
C ILE D 41 -14.09 -45.71 -0.57
N ILE D 42 -14.78 -45.83 0.57
CA ILE D 42 -16.04 -46.57 0.63
C ILE D 42 -17.13 -45.74 1.22
N ASP D 43 -18.37 -46.13 0.93
CA ASP D 43 -19.53 -45.47 1.51
C ASP D 43 -20.66 -46.46 1.71
N LYS D 44 -21.39 -46.32 2.81
CA LYS D 44 -22.47 -47.25 3.11
C LYS D 44 -23.81 -46.92 2.46
N ARG D 45 -23.96 -45.73 1.92
CA ARG D 45 -25.25 -45.30 1.43
C ARG D 45 -25.38 -45.44 -0.08
N SER D 46 -26.59 -45.72 -0.52
CA SER D 46 -26.83 -45.78 -1.94
C SER D 46 -26.90 -44.33 -2.43
N THR D 47 -26.93 -44.14 -3.73
CA THR D 47 -27.07 -42.79 -4.27
C THR D 47 -28.51 -42.54 -4.71
N LYS D 48 -29.41 -43.45 -4.40
CA LYS D 48 -30.79 -43.27 -4.88
C LYS D 48 -31.55 -42.17 -4.12
N VAL D 49 -31.17 -41.95 -2.86
CA VAL D 49 -31.72 -40.84 -2.09
C VAL D 49 -30.59 -39.81 -1.99
N TYR D 50 -30.89 -38.55 -2.25
CA TYR D 50 -29.86 -37.51 -2.16
C TYR D 50 -29.14 -37.56 -0.81
N ASN D 51 -27.83 -37.77 -0.83
CA ASN D 51 -27.02 -37.90 0.40
C ASN D 51 -26.14 -36.69 0.55
N GLY D 52 -26.77 -35.57 0.88
CA GLY D 52 -26.06 -34.31 1.02
C GLY D 52 -26.95 -33.35 1.76
N GLN D 53 -26.44 -32.16 2.05
CA GLN D 53 -27.22 -31.15 2.75
C GLN D 53 -26.60 -29.77 2.73
N ALA D 54 -25.34 -29.65 2.32
CA ALA D 54 -24.64 -28.35 2.40
C ALA D 54 -24.73 -27.58 1.10
N ASP D 55 -24.34 -26.30 1.14
CA ASP D 55 -24.28 -25.58 -0.13
C ASP D 55 -23.21 -24.49 -0.13
N GLY D 56 -22.68 -24.11 1.03
CA GLY D 56 -21.76 -22.97 1.06
C GLY D 56 -20.27 -23.28 1.02
N LEU D 57 -19.54 -22.56 0.16
CA LEU D 57 -18.08 -22.68 0.07
C LEU D 57 -17.47 -21.34 0.43
N GLN D 58 -16.61 -21.33 1.42
CA GLN D 58 -15.98 -20.09 1.89
C GLN D 58 -14.66 -19.78 1.19
N CYS D 59 -14.17 -18.57 1.40
CA CYS D 59 -13.00 -18.05 0.71
C CYS D 59 -11.82 -19.00 0.67
N ARG D 60 -11.34 -19.46 1.83
CA ARG D 60 -10.13 -20.28 1.82
C ARG D 60 -10.37 -21.62 1.13
N THR D 61 -11.56 -22.16 1.27
CA THR D 61 -11.91 -23.40 0.59
C THR D 61 -11.83 -23.20 -0.94
N LEU D 62 -12.30 -22.04 -1.40
CA LEU D 62 -12.26 -21.72 -2.82
C LEU D 62 -10.84 -21.54 -3.29
N GLU D 63 -9.99 -20.89 -2.46
CA GLU D 63 -8.59 -20.70 -2.82
C GLU D 63 -7.94 -22.07 -2.99
N SER D 64 -8.29 -22.97 -2.09
CA SER D 64 -7.74 -24.32 -2.12
C SER D 64 -8.29 -25.12 -3.31
N LEU D 65 -9.59 -25.00 -3.57
CA LEU D 65 -10.19 -25.68 -4.71
C LEU D 65 -9.57 -25.15 -6.02
N LYS D 66 -9.24 -23.86 -6.07
CA LYS D 66 -8.57 -23.34 -7.26
C LYS D 66 -7.27 -24.08 -7.46
N ASN D 67 -6.49 -24.26 -6.38
CA ASN D 67 -5.22 -24.94 -6.50
C ASN D 67 -5.35 -26.44 -6.79
N LEU D 68 -6.59 -26.94 -6.79
CA LEU D 68 -6.87 -28.32 -7.18
C LEU D 68 -7.53 -28.37 -8.57
N GLY D 69 -7.69 -27.20 -9.18
CA GLY D 69 -8.32 -27.12 -10.50
C GLY D 69 -9.81 -27.30 -10.48
N LEU D 70 -10.44 -26.97 -9.36
CA LEU D 70 -11.88 -27.19 -9.15
C LEU D 70 -12.69 -25.91 -8.98
N ALA D 71 -12.05 -24.79 -8.67
CA ALA D 71 -12.81 -23.59 -8.40
C ALA D 71 -13.63 -23.05 -9.59
N ASP D 72 -13.01 -22.94 -10.75
CA ASP D 72 -13.70 -22.29 -11.88
C ASP D 72 -14.96 -23.00 -12.28
N LYS D 73 -14.92 -24.33 -12.27
CA LYS D 73 -16.09 -25.07 -12.64
C LYS D 73 -17.21 -24.84 -11.65
N ILE D 74 -16.87 -24.85 -10.38
CA ILE D 74 -17.87 -24.60 -9.36
C ILE D 74 -18.42 -23.19 -9.48
N LEU D 75 -17.53 -22.23 -9.68
CA LEU D 75 -17.94 -20.82 -9.75
C LEU D 75 -18.84 -20.54 -10.97
N SER D 76 -18.78 -21.40 -11.95
CA SER D 76 -19.60 -21.21 -13.16
C SER D 76 -21.08 -21.46 -12.86
N GLU D 77 -21.36 -22.09 -11.75
CA GLU D 77 -22.71 -22.42 -11.35
C GLU D 77 -23.16 -21.76 -10.05
N ALA D 78 -22.21 -21.54 -9.14
CA ALA D 78 -22.53 -21.09 -7.79
C ALA D 78 -23.03 -19.67 -7.72
N ASN D 79 -23.77 -19.36 -6.65
CA ASN D 79 -24.31 -18.01 -6.45
C ASN D 79 -23.57 -17.22 -5.36
N ASP D 80 -23.17 -15.98 -5.66
CA ASP D 80 -22.54 -15.14 -4.65
C ASP D 80 -23.66 -14.34 -3.99
N MET D 81 -23.95 -14.67 -2.73
CA MET D 81 -25.03 -14.02 -2.00
C MET D 81 -24.79 -12.54 -1.77
N SER D 82 -23.53 -12.10 -1.79
CA SER D 82 -23.14 -10.68 -1.81
C SER D 82 -23.39 -9.85 -0.56
N THR D 83 -24.65 -9.81 -0.14
CA THR D 83 -25.03 -8.96 0.98
C THR D 83 -25.74 -9.76 2.05
N ILE D 84 -25.56 -9.35 3.30
CA ILE D 84 -26.34 -9.90 4.38
C ILE D 84 -27.23 -8.76 4.85
N ALA D 85 -28.54 -8.90 4.66
CA ALA D 85 -29.47 -7.90 5.17
C ALA D 85 -29.97 -8.33 6.57
N LEU D 86 -29.99 -7.40 7.52
CA LEU D 86 -30.41 -7.71 8.87
C LEU D 86 -31.79 -7.10 9.13
N TYR D 87 -32.74 -7.97 9.47
CA TYR D 87 -34.09 -7.54 9.79
C TYR D 87 -34.41 -7.89 11.23
N ASN D 88 -35.09 -6.98 11.92
CA ASN D 88 -35.53 -7.17 13.29
C ASN D 88 -36.71 -6.22 13.55
N PRO D 89 -37.46 -6.48 14.61
CA PRO D 89 -38.70 -5.75 14.88
C PRO D 89 -38.55 -4.31 15.31
N ASP D 90 -39.50 -3.49 14.88
CA ASP D 90 -39.55 -2.09 15.27
C ASP D 90 -40.24 -1.96 16.62
N GLU D 91 -40.84 -0.80 16.88
CA GLU D 91 -41.58 -0.55 18.11
C GLU D 91 -42.91 -1.28 18.06
N ASN D 92 -43.54 -1.24 16.88
CA ASN D 92 -44.80 -1.94 16.63
C ASN D 92 -44.56 -3.42 16.43
N GLY D 93 -43.29 -3.82 16.52
CA GLY D 93 -42.92 -5.21 16.35
C GLY D 93 -42.97 -5.71 14.91
N HIS D 94 -42.92 -4.79 13.94
CA HIS D 94 -42.89 -5.20 12.56
C HIS D 94 -41.45 -5.27 12.12
N ILE D 95 -41.09 -6.32 11.40
CA ILE D 95 -39.72 -6.45 10.94
C ILE D 95 -39.42 -5.42 9.86
N ARG D 96 -38.22 -4.87 9.94
CA ARG D 96 -37.77 -3.91 8.97
C ARG D 96 -36.29 -4.17 8.84
N ARG D 97 -35.72 -3.82 7.69
CA ARG D 97 -34.29 -3.93 7.49
C ARG D 97 -33.57 -2.80 8.25
N THR D 98 -32.70 -3.14 9.20
CA THR D 98 -31.98 -2.10 9.95
C THR D 98 -30.56 -1.91 9.45
N ASP D 99 -30.03 -2.90 8.74
CA ASP D 99 -28.67 -2.79 8.25
C ASP D 99 -28.35 -3.76 7.14
N ARG D 100 -27.24 -3.49 6.47
CA ARG D 100 -26.69 -4.42 5.51
C ARG D 100 -25.19 -4.50 5.76
N ILE D 101 -24.65 -5.72 5.74
CA ILE D 101 -23.23 -5.92 5.84
C ILE D 101 -22.77 -6.82 4.71
N PRO D 102 -21.51 -6.75 4.30
CA PRO D 102 -21.05 -7.60 3.20
C PRO D 102 -20.99 -9.07 3.61
N ASP D 103 -21.37 -9.95 2.69
CA ASP D 103 -21.38 -11.38 2.95
C ASP D 103 -19.96 -11.92 2.99
N THR D 104 -19.07 -11.27 2.24
CA THR D 104 -17.64 -11.57 2.32
C THR D 104 -16.94 -10.26 2.68
N LEU D 105 -16.03 -10.26 3.66
CA LEU D 105 -15.37 -9.02 4.06
C LEU D 105 -14.48 -8.50 2.95
N PRO D 106 -14.61 -7.23 2.58
CA PRO D 106 -13.76 -6.69 1.51
C PRO D 106 -12.29 -6.91 1.76
N GLY D 107 -11.60 -7.32 0.69
CA GLY D 107 -10.16 -7.47 0.73
C GLY D 107 -9.65 -8.74 1.38
N ILE D 108 -10.55 -9.60 1.87
CA ILE D 108 -10.06 -10.73 2.66
C ILE D 108 -9.50 -11.86 1.78
N SER D 109 -9.99 -11.94 0.55
CA SER D 109 -9.61 -12.98 -0.40
C SER D 109 -10.00 -12.50 -1.78
N ARG D 110 -9.42 -13.08 -2.82
CA ARG D 110 -9.88 -12.75 -4.18
C ARG D 110 -11.17 -13.53 -4.50
N TYR D 111 -11.44 -14.57 -3.72
CA TYR D 111 -12.70 -15.32 -3.87
C TYR D 111 -13.71 -14.82 -2.85
N HIS D 112 -14.98 -14.84 -3.23
CA HIS D 112 -16.04 -14.53 -2.28
C HIS D 112 -16.74 -15.85 -1.96
N GLN D 113 -17.36 -15.92 -0.79
CA GLN D 113 -18.22 -17.03 -0.46
C GLN D 113 -19.29 -17.23 -1.57
N VAL D 114 -19.54 -18.49 -1.95
CA VAL D 114 -20.62 -18.76 -2.89
C VAL D 114 -21.38 -19.99 -2.40
N VAL D 115 -22.57 -20.21 -2.98
CA VAL D 115 -23.38 -21.36 -2.58
C VAL D 115 -23.77 -22.16 -3.80
N LEU D 116 -23.82 -23.47 -3.65
CA LEU D 116 -24.16 -24.38 -4.75
C LEU D 116 -24.54 -25.74 -4.19
N HIS D 117 -25.54 -26.38 -4.79
CA HIS D 117 -25.98 -27.73 -4.39
C HIS D 117 -24.78 -28.63 -4.11
N GLN D 118 -24.75 -29.26 -2.93
CA GLN D 118 -23.60 -30.11 -2.58
C GLN D 118 -23.35 -31.19 -3.63
N GLY D 119 -24.42 -31.71 -4.24
CA GLY D 119 -24.28 -32.75 -5.24
C GLY D 119 -23.45 -32.29 -6.43
N ARG D 120 -23.58 -31.02 -6.79
CA ARG D 120 -22.83 -30.47 -7.93
C ARG D 120 -21.37 -30.30 -7.52
N ILE D 121 -21.15 -29.86 -6.28
CA ILE D 121 -19.78 -29.73 -5.77
C ILE D 121 -19.09 -31.09 -5.81
N GLU D 122 -19.76 -32.10 -5.26
CA GLU D 122 -19.23 -33.45 -5.31
C GLU D 122 -18.93 -33.98 -6.72
N ARG D 123 -19.84 -33.71 -7.64
CA ARG D 123 -19.64 -34.17 -9.00
C ARG D 123 -18.33 -33.63 -9.54
N ARG D 124 -18.07 -32.34 -9.30
CA ARG D 124 -16.84 -31.74 -9.75
C ARG D 124 -15.63 -32.45 -9.12
N ILE D 125 -15.68 -32.74 -7.82
CA ILE D 125 -14.55 -33.40 -7.16
C ILE D 125 -14.38 -34.83 -7.70
N LEU D 126 -15.50 -35.51 -7.90
CA LEU D 126 -15.44 -36.86 -8.44
C LEU D 126 -14.82 -36.88 -9.84
N ASP D 127 -15.19 -35.90 -10.67
CA ASP D 127 -14.63 -35.84 -12.00
C ASP D 127 -13.12 -35.66 -11.92
N SER D 128 -12.68 -34.85 -10.96
CA SER D 128 -11.28 -34.57 -10.80
C SER D 128 -10.53 -35.81 -10.29
N ILE D 129 -11.14 -36.54 -9.35
CA ILE D 129 -10.53 -37.79 -8.87
C ILE D 129 -10.34 -38.75 -10.03
N ALA D 130 -11.35 -38.85 -10.88
CA ALA D 130 -11.26 -39.77 -12.01
C ALA D 130 -10.12 -39.36 -12.94
N GLU D 131 -9.99 -38.06 -13.18
CA GLU D 131 -8.94 -37.58 -14.06
C GLU D 131 -7.56 -37.80 -13.44
N ILE D 132 -7.37 -37.35 -12.21
CA ILE D 132 -6.03 -37.39 -11.60
C ILE D 132 -5.60 -38.85 -11.37
N SER D 133 -6.53 -39.68 -10.93
CA SER D 133 -6.19 -41.07 -10.60
C SER D 133 -6.22 -41.97 -11.82
N ASP D 134 -6.59 -41.40 -12.96
CA ASP D 134 -6.76 -42.17 -14.18
C ASP D 134 -7.81 -43.27 -14.00
N THR D 135 -8.87 -42.91 -13.27
CA THR D 135 -10.05 -43.74 -13.02
C THR D 135 -9.81 -44.85 -12.02
N ARG D 136 -8.63 -44.88 -11.45
CA ARG D 136 -8.28 -45.99 -10.55
C ARG D 136 -8.84 -45.88 -9.15
N ILE D 137 -9.07 -44.66 -8.65
CA ILE D 137 -9.69 -44.50 -7.34
C ILE D 137 -11.18 -44.32 -7.63
N LYS D 138 -12.02 -45.22 -7.11
CA LYS D 138 -13.47 -45.15 -7.31
C LYS D 138 -14.16 -45.38 -6.01
N VAL D 139 -15.23 -44.66 -5.75
CA VAL D 139 -15.98 -44.91 -4.53
C VAL D 139 -16.66 -46.28 -4.60
N GLU D 140 -16.45 -47.10 -3.57
CA GLU D 140 -17.06 -48.42 -3.47
C GLU D 140 -18.26 -48.33 -2.55
N ARG D 141 -19.41 -48.77 -3.04
CA ARG D 141 -20.61 -48.73 -2.21
C ARG D 141 -21.61 -49.78 -2.71
N PRO D 142 -22.47 -50.27 -1.82
CA PRO D 142 -22.47 -49.91 -0.38
C PRO D 142 -21.65 -50.87 0.48
N LEU D 143 -20.69 -50.34 1.22
CA LEU D 143 -19.83 -51.13 2.13
C LEU D 143 -19.78 -50.43 3.48
N ILE D 144 -19.58 -51.21 4.54
CA ILE D 144 -19.59 -50.65 5.89
C ILE D 144 -18.65 -51.46 6.77
N PRO D 145 -17.84 -50.79 7.56
CA PRO D 145 -16.96 -51.48 8.50
C PRO D 145 -17.78 -52.17 9.57
N GLU D 146 -17.36 -53.37 9.99
CA GLU D 146 -17.99 -54.04 11.13
C GLU D 146 -17.00 -54.25 12.27
N LYS D 147 -15.71 -54.16 11.96
CA LYS D 147 -14.67 -54.34 12.96
C LYS D 147 -13.42 -53.57 12.57
N MET D 148 -12.72 -53.04 13.58
CA MET D 148 -11.45 -52.38 13.35
C MET D 148 -10.49 -52.84 14.45
N GLU D 149 -9.32 -53.32 14.05
CA GLU D 149 -8.33 -53.76 15.03
C GLU D 149 -7.05 -53.02 14.73
N ILE D 150 -6.45 -52.43 15.77
CA ILE D 150 -5.26 -51.64 15.60
C ILE D 150 -4.15 -52.27 16.41
N ASP D 151 -3.05 -52.57 15.74
CA ASP D 151 -1.88 -53.08 16.44
C ASP D 151 -0.94 -51.92 16.70
N SER D 152 -0.96 -51.37 17.92
CA SER D 152 -0.15 -50.20 18.22
C SER D 152 1.34 -50.52 18.23
N SER D 153 1.69 -51.79 18.40
CA SER D 153 3.09 -52.17 18.41
C SER D 153 3.76 -52.02 17.04
N LYS D 154 2.93 -51.89 16.00
CA LYS D 154 3.46 -51.74 14.66
C LYS D 154 3.34 -50.32 14.10
N ALA D 155 2.96 -49.36 14.96
CA ALA D 155 2.65 -48.00 14.51
C ALA D 155 3.78 -47.35 13.71
N GLU D 156 5.01 -47.63 14.08
CA GLU D 156 6.14 -46.98 13.43
C GLU D 156 6.82 -47.78 12.34
N ASP D 157 6.28 -48.96 12.03
CA ASP D 157 6.88 -49.81 11.02
C ASP D 157 6.32 -49.42 9.66
N PRO D 158 7.18 -48.96 8.75
CA PRO D 158 6.72 -48.47 7.44
C PRO D 158 6.21 -49.58 6.57
N GLU D 159 6.61 -50.82 6.85
CA GLU D 159 6.19 -51.95 6.02
C GLU D 159 4.93 -52.62 6.55
N ALA D 160 4.50 -52.25 7.74
CA ALA D 160 3.38 -52.92 8.38
C ALA D 160 2.02 -52.40 7.93
N TYR D 161 0.99 -53.20 8.17
CA TYR D 161 -0.39 -52.81 7.94
C TYR D 161 -1.03 -52.93 9.30
N PRO D 162 -0.89 -51.91 10.12
CA PRO D 162 -1.31 -52.02 11.52
C PRO D 162 -2.79 -51.97 11.76
N VAL D 163 -3.55 -51.58 10.75
CA VAL D 163 -4.98 -51.47 10.95
C VAL D 163 -5.75 -52.48 10.11
N THR D 164 -6.44 -53.39 10.77
CA THR D 164 -7.27 -54.39 10.07
C THR D 164 -8.71 -53.96 10.11
N MET D 165 -9.31 -53.77 8.93
CA MET D 165 -10.67 -53.32 8.83
C MET D 165 -11.50 -54.47 8.22
N THR D 166 -12.60 -54.80 8.86
CA THR D 166 -13.49 -55.85 8.33
C THR D 166 -14.67 -55.12 7.75
N LEU D 167 -14.90 -55.34 6.45
CA LEU D 167 -15.94 -54.62 5.72
C LEU D 167 -17.01 -55.57 5.26
N ARG D 168 -18.25 -55.14 5.40
CA ARG D 168 -19.38 -55.94 4.93
C ARG D 168 -19.95 -55.30 3.67
N TYR D 169 -20.11 -56.10 2.63
CA TYR D 169 -20.76 -55.65 1.41
C TYR D 169 -22.26 -55.74 1.63
N MET D 170 -22.93 -54.59 1.52
CA MET D 170 -24.34 -54.50 1.86
C MET D 170 -25.23 -54.70 0.67
N SER D 171 -26.51 -54.99 0.96
CA SER D 171 -27.53 -55.05 -0.05
C SER D 171 -28.04 -53.65 -0.33
N GLU D 172 -28.77 -53.50 -1.43
CA GLU D 172 -29.32 -52.20 -1.78
C GLU D 172 -30.28 -51.66 -0.70
N ASP D 173 -31.18 -52.54 -0.23
CA ASP D 173 -32.13 -52.15 0.82
C ASP D 173 -31.45 -51.63 2.09
N GLU D 174 -30.40 -52.31 2.53
CA GLU D 174 -29.69 -51.91 3.73
C GLU D 174 -29.12 -50.51 3.54
N SER D 175 -28.66 -50.23 2.33
CA SER D 175 -27.99 -48.97 2.03
C SER D 175 -28.92 -47.78 1.83
N THR D 176 -30.23 -48.06 1.69
CA THR D 176 -31.20 -47.00 1.44
C THR D 176 -31.73 -46.35 2.72
N PRO D 177 -31.55 -45.04 2.84
CA PRO D 177 -32.00 -44.29 4.02
C PRO D 177 -33.51 -44.09 4.04
N LEU D 178 -34.05 -43.90 5.24
CA LEU D 178 -35.48 -43.67 5.41
C LEU D 178 -35.85 -42.28 4.91
N GLN D 179 -37.11 -42.10 4.53
CA GLN D 179 -37.60 -40.78 4.11
C GLN D 179 -38.79 -40.31 4.94
N PHE D 180 -39.25 -41.17 5.85
CA PHE D 180 -40.31 -40.83 6.81
C PHE D 180 -41.69 -40.47 6.26
N GLY D 181 -42.06 -41.08 5.13
CA GLY D 181 -43.38 -40.88 4.56
C GLY D 181 -43.61 -39.56 3.82
N HIS D 182 -42.58 -38.71 3.78
CA HIS D 182 -42.70 -37.44 3.10
C HIS D 182 -42.47 -37.63 1.62
N LYS D 183 -43.31 -36.98 0.80
CA LYS D 183 -43.16 -37.06 -0.64
C LYS D 183 -41.97 -36.23 -1.15
N THR D 184 -41.66 -35.14 -0.45
CA THR D 184 -40.51 -34.32 -0.82
C THR D 184 -39.23 -34.97 -0.31
N GLU D 185 -38.23 -35.09 -1.18
CA GLU D 185 -36.96 -35.65 -0.77
C GLU D 185 -36.44 -34.84 0.40
N ASN D 186 -35.84 -35.51 1.39
CA ASN D 186 -35.41 -34.80 2.58
C ASN D 186 -34.18 -35.42 3.25
N GLY D 187 -33.54 -34.65 4.11
CA GLY D 187 -32.36 -35.12 4.81
C GLY D 187 -32.57 -35.47 6.28
N LEU D 188 -33.81 -35.75 6.64
CA LEU D 188 -34.11 -36.08 8.04
C LEU D 188 -33.28 -37.24 8.53
N PHE D 189 -33.04 -38.21 7.65
CA PHE D 189 -32.29 -39.41 8.00
C PHE D 189 -30.86 -39.15 8.44
N ARG D 190 -30.26 -38.05 7.96
CA ARG D 190 -28.89 -37.74 8.34
C ARG D 190 -28.79 -36.42 9.12
N SER D 191 -29.91 -36.02 9.71
CA SER D 191 -29.92 -34.84 10.56
C SER D 191 -29.52 -35.26 11.97
N ASN D 192 -29.23 -34.29 12.83
CA ASN D 192 -28.86 -34.64 14.21
C ASN D 192 -30.09 -35.02 15.04
N LEU D 193 -31.25 -35.16 14.38
CA LEU D 193 -32.43 -35.65 15.10
C LEU D 193 -32.23 -37.16 15.21
N GLN D 194 -31.41 -37.69 14.31
CA GLN D 194 -31.08 -39.10 14.29
C GLN D 194 -30.12 -39.40 15.43
N THR D 195 -30.34 -40.51 16.14
CA THR D 195 -29.41 -40.91 17.20
C THR D 195 -28.35 -41.84 16.63
N GLN D 196 -27.22 -41.97 17.33
CA GLN D 196 -26.16 -42.85 16.87
C GLN D 196 -26.60 -44.32 16.88
N GLU D 197 -27.48 -44.67 17.81
CA GLU D 197 -28.01 -46.02 17.87
C GLU D 197 -28.87 -46.29 16.64
N GLU D 198 -29.70 -45.32 16.28
CA GLU D 198 -30.54 -45.43 15.10
C GLU D 198 -29.68 -45.48 13.84
N GLU D 199 -28.60 -44.72 13.82
CA GLU D 199 -27.71 -44.72 12.65
C GLU D 199 -27.17 -46.14 12.46
N ASP D 200 -26.64 -46.72 13.53
CA ASP D 200 -26.13 -48.09 13.46
C ASP D 200 -27.18 -49.07 13.00
N ALA D 201 -28.34 -49.06 13.66
CA ALA D 201 -29.42 -50.03 13.39
C ALA D 201 -29.98 -49.99 11.97
N ASN D 202 -30.05 -48.80 11.40
CA ASN D 202 -30.66 -48.62 10.09
C ASN D 202 -29.92 -49.29 8.93
N TYR D 203 -28.61 -49.51 9.07
CA TYR D 203 -27.85 -50.11 7.98
C TYR D 203 -27.38 -51.53 8.32
N ARG D 204 -27.93 -52.09 9.39
CA ARG D 204 -27.49 -53.40 9.85
C ARG D 204 -27.96 -54.54 8.96
N LEU D 205 -27.23 -55.64 9.03
CA LEU D 205 -27.64 -56.86 8.38
C LEU D 205 -28.82 -57.34 9.22
N PRO D 206 -29.98 -57.45 8.59
CA PRO D 206 -31.21 -57.84 9.31
C PRO D 206 -31.19 -59.21 9.94
N GLU D 207 -32.06 -59.34 10.94
CA GLU D 207 -32.30 -60.53 11.74
C GLU D 207 -32.10 -61.83 10.96
N GLY D 208 -31.11 -62.62 11.39
CA GLY D 208 -30.81 -63.90 10.79
C GLY D 208 -30.69 -63.92 9.27
N LYS D 209 -30.00 -62.94 8.71
CA LYS D 209 -29.75 -62.88 7.27
C LYS D 209 -28.23 -62.95 7.03
N GLU D 210 -27.82 -63.30 5.83
CA GLU D 210 -26.40 -63.50 5.51
C GLU D 210 -25.78 -62.38 4.70
N ALA D 211 -24.54 -62.05 5.03
CA ALA D 211 -23.84 -61.02 4.29
C ALA D 211 -23.35 -61.56 2.97
N GLY D 212 -23.37 -60.72 1.94
CA GLY D 212 -22.91 -61.12 0.62
C GLY D 212 -21.42 -61.42 0.63
N GLU D 213 -20.64 -60.50 1.21
CA GLU D 213 -19.19 -60.63 1.30
C GLU D 213 -18.69 -59.91 2.56
N ILE D 214 -17.74 -60.55 3.26
CA ILE D 214 -17.05 -59.96 4.42
C ILE D 214 -15.59 -59.93 4.03
N GLU D 215 -15.04 -58.72 3.90
CA GLU D 215 -13.66 -58.56 3.45
C GLU D 215 -12.79 -58.05 4.57
N THR D 216 -11.71 -58.78 4.82
CA THR D 216 -10.70 -58.33 5.81
C THR D 216 -9.68 -57.51 5.05
N VAL D 217 -9.59 -56.21 5.37
CA VAL D 217 -8.67 -55.31 4.66
C VAL D 217 -7.58 -54.85 5.62
N HIS D 218 -6.35 -55.25 5.32
CA HIS D 218 -5.18 -54.82 6.06
C HIS D 218 -4.76 -53.47 5.49
N CYS D 219 -4.71 -52.45 6.36
CA CYS D 219 -4.46 -51.08 5.94
C CYS D 219 -3.25 -50.48 6.61
N LYS D 220 -2.51 -49.68 5.86
CA LYS D 220 -1.43 -48.92 6.50
C LYS D 220 -2.05 -47.75 7.24
N TYR D 221 -3.10 -47.15 6.63
CA TYR D 221 -3.73 -45.96 7.23
C TYR D 221 -5.23 -46.00 6.99
N VAL D 222 -5.99 -45.42 7.91
CA VAL D 222 -7.44 -45.35 7.74
C VAL D 222 -7.87 -43.92 8.07
N ILE D 223 -8.76 -43.36 7.28
CA ILE D 223 -9.27 -42.02 7.58
C ILE D 223 -10.77 -42.12 7.75
N GLY D 224 -11.25 -41.88 8.95
CA GLY D 224 -12.66 -41.95 9.23
C GLY D 224 -13.29 -40.64 8.84
N CYS D 225 -14.02 -40.64 7.71
CA CYS D 225 -14.69 -39.43 7.23
C CYS D 225 -16.16 -39.80 7.21
N ASP D 226 -16.60 -40.41 8.30
CA ASP D 226 -17.92 -40.99 8.34
C ASP D 226 -19.03 -40.23 9.07
N GLY D 227 -18.90 -38.91 9.16
CA GLY D 227 -20.01 -38.11 9.66
C GLY D 227 -20.15 -37.96 11.16
N GLY D 228 -21.21 -37.25 11.55
CA GLY D 228 -21.40 -36.86 12.94
C GLY D 228 -21.51 -38.01 13.93
N HIS D 229 -22.00 -39.16 13.47
CA HIS D 229 -22.13 -40.35 14.32
C HIS D 229 -21.03 -41.35 14.04
N SER D 230 -19.94 -40.85 13.47
CA SER D 230 -18.76 -41.62 13.11
C SER D 230 -18.57 -42.92 13.88
N TRP D 231 -18.70 -44.04 13.16
CA TRP D 231 -18.45 -45.34 13.74
C TRP D 231 -16.96 -45.42 14.06
N VAL D 232 -16.14 -44.82 13.21
CA VAL D 232 -14.69 -44.84 13.45
C VAL D 232 -14.34 -44.10 14.76
N ARG D 233 -14.86 -42.91 14.94
CA ARG D 233 -14.61 -42.16 16.17
C ARG D 233 -15.05 -42.97 17.38
N ARG D 234 -16.27 -43.50 17.34
CA ARG D 234 -16.78 -44.23 18.49
C ARG D 234 -15.98 -45.49 18.78
N THR D 235 -15.48 -46.12 17.73
CA THR D 235 -14.70 -47.35 17.91
C THR D 235 -13.35 -47.03 18.55
N LEU D 236 -12.80 -45.88 18.18
CA LEU D 236 -11.54 -45.41 18.73
C LEU D 236 -11.75 -44.98 20.18
N GLY D 237 -13.00 -44.69 20.52
CA GLY D 237 -13.33 -44.34 21.90
C GLY D 237 -13.05 -42.87 22.16
N PHE D 238 -12.99 -42.08 21.10
CA PHE D 238 -12.74 -40.65 21.24
C PHE D 238 -14.00 -39.89 21.59
N GLU D 239 -14.05 -39.41 22.82
CA GLU D 239 -15.18 -38.68 23.36
C GLU D 239 -15.43 -37.35 22.67
N MET D 240 -16.70 -37.03 22.49
CA MET D 240 -17.10 -35.76 21.91
C MET D 240 -17.79 -34.94 22.97
N ILE D 241 -17.22 -33.78 23.27
CA ILE D 241 -17.77 -32.93 24.32
C ILE D 241 -18.70 -31.90 23.72
N GLY D 242 -19.88 -31.75 24.33
CA GLY D 242 -20.87 -30.79 23.89
C GLY D 242 -22.27 -31.34 24.03
N GLU D 243 -23.23 -30.46 24.29
CA GLU D 243 -24.60 -30.91 24.50
C GLU D 243 -25.58 -30.15 23.62
N GLN D 244 -26.62 -30.84 23.17
CA GLN D 244 -27.61 -30.27 22.27
C GLN D 244 -28.66 -29.44 22.99
N THR D 245 -29.09 -28.33 22.37
CA THR D 245 -30.14 -27.50 22.94
C THR D 245 -31.51 -27.97 22.46
N ASP D 246 -32.56 -27.27 22.89
CA ASP D 246 -33.92 -27.62 22.49
C ASP D 246 -34.37 -26.81 21.28
N TYR D 247 -33.50 -25.92 20.81
CA TYR D 247 -33.81 -25.14 19.62
C TYR D 247 -33.95 -26.08 18.42
N ILE D 248 -34.95 -25.85 17.59
CA ILE D 248 -35.18 -26.69 16.45
C ILE D 248 -35.45 -25.85 15.19
N TRP D 249 -34.79 -26.18 14.08
CA TRP D 249 -34.94 -25.43 12.85
C TRP D 249 -35.27 -26.36 11.69
N GLY D 250 -35.92 -25.82 10.67
CA GLY D 250 -36.22 -26.56 9.46
C GLY D 250 -35.51 -25.89 8.30
N VAL D 251 -35.40 -26.60 7.19
CA VAL D 251 -34.73 -26.04 6.00
C VAL D 251 -35.55 -26.32 4.78
N LEU D 252 -35.72 -25.31 3.94
CA LEU D 252 -36.45 -25.47 2.69
C LEU D 252 -35.61 -24.98 1.52
N ASP D 253 -35.44 -25.83 0.50
CA ASP D 253 -34.77 -25.42 -0.72
C ASP D 253 -35.90 -25.23 -1.71
N ALA D 254 -36.22 -23.98 -2.01
CA ALA D 254 -37.41 -23.71 -2.81
C ALA D 254 -37.26 -22.53 -3.75
N VAL D 255 -38.14 -22.48 -4.74
CA VAL D 255 -38.27 -21.30 -5.57
C VAL D 255 -39.38 -20.54 -4.89
N PRO D 256 -39.08 -19.38 -4.33
CA PRO D 256 -40.07 -18.65 -3.54
C PRO D 256 -40.97 -17.75 -4.35
N ALA D 257 -42.12 -17.44 -3.77
CA ALA D 257 -43.04 -16.46 -4.32
C ALA D 257 -43.30 -15.56 -3.13
N SER D 258 -42.65 -14.40 -3.12
CA SER D 258 -42.68 -13.54 -1.96
C SER D 258 -42.45 -12.08 -2.33
N ASN D 259 -43.05 -11.17 -1.58
CA ASN D 259 -42.82 -9.75 -1.79
C ASN D 259 -41.77 -9.20 -0.81
N PHE D 260 -41.07 -10.10 -0.12
CA PHE D 260 -40.02 -9.70 0.79
C PHE D 260 -38.95 -9.02 -0.06
N PRO D 261 -38.60 -7.78 0.25
CA PRO D 261 -37.67 -7.02 -0.59
C PRO D 261 -36.32 -7.65 -0.78
N ASP D 262 -35.79 -8.33 0.25
CA ASP D 262 -34.46 -8.90 0.15
C ASP D 262 -34.43 -10.42 0.02
N ILE D 263 -35.43 -10.96 -0.66
CA ILE D 263 -35.58 -12.40 -0.83
C ILE D 263 -34.40 -13.05 -1.57
N ARG D 264 -33.68 -12.28 -2.38
CA ARG D 264 -32.54 -12.80 -3.14
C ARG D 264 -31.20 -12.46 -2.48
N SER D 265 -31.27 -11.87 -1.31
CA SER D 265 -30.05 -11.50 -0.56
C SER D 265 -29.90 -12.50 0.58
N ARG D 266 -28.68 -12.71 1.06
CA ARG D 266 -28.58 -13.42 2.34
C ARG D 266 -29.25 -12.47 3.33
N CYS D 267 -29.99 -13.04 4.29
CA CYS D 267 -30.65 -12.27 5.31
C CYS D 267 -30.68 -12.97 6.65
N ALA D 268 -30.69 -12.18 7.72
CA ALA D 268 -30.99 -12.69 9.04
C ALA D 268 -32.27 -11.96 9.44
N ILE D 269 -33.27 -12.71 9.88
CA ILE D 269 -34.51 -12.11 10.31
C ILE D 269 -34.85 -12.60 11.71
N HIS D 270 -34.97 -11.67 12.65
CA HIS D 270 -35.41 -11.99 13.99
C HIS D 270 -36.82 -11.45 14.07
N SER D 271 -37.82 -12.31 14.23
CA SER D 271 -39.19 -11.83 14.38
C SER D 271 -39.44 -11.51 15.85
N ALA D 272 -40.53 -10.81 16.14
CA ALA D 272 -40.81 -10.39 17.52
C ALA D 272 -40.95 -11.56 18.49
N GLU D 273 -41.69 -12.59 18.10
CA GLU D 273 -41.94 -13.69 19.02
C GLU D 273 -41.98 -15.05 18.32
N SER D 274 -41.80 -15.08 17.00
CA SER D 274 -41.98 -16.32 16.27
C SER D 274 -40.72 -17.05 15.82
N GLY D 275 -39.55 -16.54 16.20
CA GLY D 275 -38.31 -17.19 15.81
C GLY D 275 -37.58 -16.44 14.71
N SER D 276 -36.48 -17.03 14.25
CA SER D 276 -35.65 -16.39 13.25
C SER D 276 -35.60 -17.16 11.94
N ILE D 277 -35.15 -16.46 10.90
CA ILE D 277 -34.93 -17.06 9.61
C ILE D 277 -33.58 -16.64 9.07
N MET D 278 -32.91 -17.55 8.36
CA MET D 278 -31.75 -17.14 7.57
C MET D 278 -32.05 -17.48 6.12
N ILE D 279 -31.95 -16.47 5.27
CA ILE D 279 -32.15 -16.66 3.84
C ILE D 279 -30.80 -16.85 3.17
N ILE D 280 -30.69 -17.88 2.35
CA ILE D 280 -29.46 -18.19 1.63
C ILE D 280 -29.85 -18.30 0.16
N PRO D 281 -29.73 -17.21 -0.60
CA PRO D 281 -30.15 -17.22 -2.01
C PRO D 281 -29.24 -18.13 -2.83
N ARG D 282 -29.84 -18.95 -3.69
CA ARG D 282 -29.07 -19.97 -4.38
C ARG D 282 -29.04 -19.83 -5.90
N GLU D 283 -28.51 -20.85 -6.55
CA GLU D 283 -28.43 -20.88 -7.99
C GLU D 283 -29.81 -21.16 -8.59
N ASN D 284 -29.95 -20.83 -9.86
CA ASN D 284 -31.16 -21.18 -10.62
C ASN D 284 -32.50 -20.88 -9.98
N ASN D 285 -32.63 -19.67 -9.48
CA ASN D 285 -33.87 -19.18 -8.86
C ASN D 285 -34.23 -19.84 -7.55
N LEU D 286 -33.40 -20.75 -7.07
CA LEU D 286 -33.67 -21.36 -5.77
C LEU D 286 -33.24 -20.42 -4.67
N VAL D 287 -33.89 -20.56 -3.52
CA VAL D 287 -33.46 -19.88 -2.31
C VAL D 287 -33.60 -20.90 -1.20
N ARG D 288 -32.58 -21.00 -0.33
CA ARG D 288 -32.66 -21.89 0.81
C ARG D 288 -33.10 -21.07 2.01
N PHE D 289 -34.06 -21.60 2.75
CA PHE D 289 -34.55 -20.93 3.94
C PHE D 289 -34.31 -21.78 5.17
N TYR D 290 -33.56 -21.23 6.13
CA TYR D 290 -33.39 -21.88 7.43
C TYR D 290 -34.47 -21.22 8.27
N VAL D 291 -35.41 -22.02 8.75
CA VAL D 291 -36.55 -21.49 9.46
C VAL D 291 -36.63 -22.08 10.86
N GLN D 292 -36.55 -21.22 11.88
CA GLN D 292 -36.65 -21.69 13.24
C GLN D 292 -38.08 -22.13 13.53
N LEU D 293 -38.25 -23.20 14.30
CA LEU D 293 -39.57 -23.64 14.65
C LEU D 293 -39.75 -23.49 16.16
N GLN D 294 -41.00 -23.56 16.62
CA GLN D 294 -41.26 -23.48 18.05
C GLN D 294 -41.27 -24.89 18.64
N ALA D 295 -40.53 -25.10 19.73
CA ALA D 295 -39.74 -24.05 20.36
C ALA D 295 -38.45 -24.61 20.96
N ARG D 302 -38.26 -35.54 22.06
CA ARG D 302 -37.87 -36.12 20.78
C ARG D 302 -38.85 -35.71 19.67
N VAL D 303 -38.35 -35.03 18.64
CA VAL D 303 -39.17 -34.55 17.51
C VAL D 303 -39.51 -35.70 16.56
N ASP D 304 -40.81 -35.94 16.33
CA ASP D 304 -41.27 -37.01 15.44
C ASP D 304 -41.02 -36.62 13.99
N ARG D 305 -40.10 -37.33 13.34
CA ARG D 305 -39.71 -36.98 11.98
C ARG D 305 -40.80 -37.19 10.95
N THR D 306 -41.74 -38.10 11.21
CA THR D 306 -42.82 -38.31 10.28
C THR D 306 -43.78 -37.12 10.37
N LYS D 307 -43.72 -36.39 11.48
CA LYS D 307 -44.60 -35.25 11.67
C LYS D 307 -43.96 -33.92 11.30
N PHE D 308 -42.69 -33.96 10.95
CA PHE D 308 -41.97 -32.76 10.53
C PHE D 308 -42.15 -32.58 9.01
N THR D 309 -43.18 -31.86 8.61
CA THR D 309 -43.50 -31.68 7.20
C THR D 309 -43.13 -30.30 6.68
N PRO D 310 -43.05 -30.18 5.36
CA PRO D 310 -42.79 -28.87 4.74
C PRO D 310 -43.84 -27.88 5.21
N GLU D 311 -45.09 -28.32 5.30
CA GLU D 311 -46.18 -27.45 5.72
C GLU D 311 -45.90 -26.80 7.06
N VAL D 312 -45.41 -27.60 8.01
CA VAL D 312 -45.10 -27.05 9.32
C VAL D 312 -44.05 -25.96 9.19
N VAL D 313 -43.00 -26.24 8.42
CA VAL D 313 -41.93 -25.27 8.24
C VAL D 313 -42.44 -23.99 7.57
N ILE D 314 -43.20 -24.15 6.51
CA ILE D 314 -43.77 -23.03 5.77
C ILE D 314 -44.67 -22.18 6.67
N ALA D 315 -45.44 -22.84 7.53
CA ALA D 315 -46.35 -22.14 8.42
C ALA D 315 -45.59 -21.18 9.31
N ASN D 316 -44.51 -21.63 9.93
CA ASN D 316 -43.77 -20.75 10.80
C ASN D 316 -42.99 -19.68 10.02
N ALA D 317 -42.57 -20.02 8.80
CA ALA D 317 -41.86 -19.05 7.96
C ALA D 317 -42.76 -17.85 7.68
N LYS D 318 -44.00 -18.12 7.31
CA LYS D 318 -44.98 -17.07 7.03
C LYS D 318 -45.19 -16.19 8.25
N LYS D 319 -45.18 -16.80 9.43
CA LYS D 319 -45.35 -16.02 10.65
C LYS D 319 -44.12 -15.14 10.90
N ILE D 320 -42.94 -15.66 10.59
CA ILE D 320 -41.70 -14.92 10.80
C ILE D 320 -41.59 -13.78 9.79
N PHE D 321 -42.04 -14.03 8.56
CA PHE D 321 -41.99 -13.02 7.51
C PHE D 321 -43.01 -11.89 7.66
N HIS D 322 -44.06 -12.10 8.45
CA HIS D 322 -45.12 -11.11 8.61
C HIS D 322 -44.58 -9.70 8.84
N PRO D 323 -45.10 -8.70 8.13
CA PRO D 323 -46.25 -8.86 7.23
C PRO D 323 -45.93 -9.14 5.77
N TYR D 324 -44.69 -9.50 5.45
CA TYR D 324 -44.40 -9.84 4.06
C TYR D 324 -45.00 -11.20 3.75
N THR D 325 -45.27 -11.46 2.47
CA THR D 325 -45.84 -12.74 2.08
C THR D 325 -44.73 -13.74 1.85
N PHE D 326 -45.09 -15.02 1.97
CA PHE D 326 -44.15 -16.08 1.68
C PHE D 326 -44.87 -17.31 1.20
N ASP D 327 -44.59 -17.71 -0.03
CA ASP D 327 -45.13 -18.94 -0.59
C ASP D 327 -44.03 -19.65 -1.37
N VAL D 328 -44.28 -20.91 -1.69
CA VAL D 328 -43.32 -21.72 -2.39
C VAL D 328 -43.87 -22.12 -3.75
N GLN D 329 -43.16 -21.75 -4.82
CA GLN D 329 -43.60 -22.11 -6.15
C GLN D 329 -43.21 -23.55 -6.42
N GLN D 330 -42.11 -23.97 -5.81
CA GLN D 330 -41.60 -25.33 -5.99
C GLN D 330 -40.68 -25.66 -4.84
N LEU D 331 -40.77 -26.89 -4.33
CA LEU D 331 -39.94 -27.30 -3.21
C LEU D 331 -39.08 -28.48 -3.62
N ASP D 332 -37.77 -28.28 -3.60
CA ASP D 332 -36.86 -29.32 -4.04
C ASP D 332 -36.46 -30.30 -2.94
N TRP D 333 -36.35 -29.81 -1.71
CA TRP D 333 -35.80 -30.61 -0.64
C TRP D 333 -36.02 -29.90 0.68
N PHE D 334 -35.99 -30.66 1.76
CA PHE D 334 -36.10 -30.04 3.08
C PHE D 334 -35.45 -30.90 4.14
N THR D 335 -35.20 -30.29 5.28
CA THR D 335 -34.68 -31.08 6.40
C THR D 335 -34.93 -30.36 7.71
N ALA D 336 -34.37 -30.87 8.80
CA ALA D 336 -34.53 -30.28 10.12
C ALA D 336 -33.30 -30.56 10.94
N TYR D 337 -33.10 -29.81 12.01
CA TYR D 337 -31.95 -30.05 12.86
C TYR D 337 -32.11 -29.32 14.18
N HIS D 338 -31.43 -29.83 15.20
CA HIS D 338 -31.35 -29.15 16.49
C HIS D 338 -30.09 -28.31 16.50
N ILE D 339 -30.06 -27.28 17.35
CA ILE D 339 -28.87 -26.47 17.53
C ILE D 339 -28.04 -27.15 18.62
N GLY D 340 -26.78 -27.48 18.30
CA GLY D 340 -25.87 -28.06 19.25
C GLY D 340 -24.44 -28.09 18.73
N GLN D 341 -23.48 -28.27 19.63
CA GLN D 341 -22.08 -28.31 19.25
C GLN D 341 -21.38 -29.51 19.90
N ARG D 342 -20.51 -30.17 19.14
CA ARG D 342 -19.71 -31.27 19.68
C ARG D 342 -18.34 -31.28 19.02
N VAL D 343 -17.32 -31.61 19.79
CA VAL D 343 -15.96 -31.66 19.25
C VAL D 343 -15.12 -32.65 20.05
N THR D 344 -14.20 -33.35 19.37
CA THR D 344 -13.32 -34.28 20.09
C THR D 344 -12.02 -33.62 20.47
N GLU D 345 -11.28 -34.27 21.36
CA GLU D 345 -9.96 -33.80 21.73
C GLU D 345 -8.90 -34.48 20.88
N LYS D 346 -9.23 -35.68 20.39
CA LYS D 346 -8.28 -36.46 19.62
C LYS D 346 -8.73 -36.68 18.18
N PHE D 347 -7.80 -36.55 17.24
CA PHE D 347 -8.11 -36.73 15.81
C PHE D 347 -7.35 -37.93 15.24
N SER D 348 -6.59 -38.61 16.08
CA SER D 348 -5.75 -39.69 15.60
C SER D 348 -5.40 -40.71 16.67
N LYS D 349 -5.34 -41.98 16.24
CA LYS D 349 -4.84 -43.04 17.11
C LYS D 349 -3.57 -43.52 16.40
N ASP D 350 -2.44 -43.40 17.09
CA ASP D 350 -1.12 -43.84 16.59
C ASP D 350 -0.66 -43.16 15.30
N GLU D 351 -1.31 -42.06 14.91
CA GLU D 351 -1.08 -41.48 13.59
C GLU D 351 -1.25 -42.59 12.51
N ARG D 352 -2.21 -43.47 12.77
CA ARG D 352 -2.52 -44.57 11.85
C ARG D 352 -3.99 -44.53 11.47
N VAL D 353 -4.85 -44.29 12.46
CA VAL D 353 -6.27 -44.08 12.15
C VAL D 353 -6.59 -42.63 12.50
N PHE D 354 -7.08 -41.89 11.50
CA PHE D 354 -7.43 -40.49 11.68
C PHE D 354 -8.92 -40.33 11.52
N ILE D 355 -9.47 -39.29 12.13
CA ILE D 355 -10.83 -38.91 11.83
C ILE D 355 -10.79 -37.46 11.34
N ALA D 356 -11.76 -37.11 10.52
CA ALA D 356 -11.82 -35.78 9.95
C ALA D 356 -13.28 -35.40 9.73
N GLY D 357 -13.54 -34.12 9.61
CA GLY D 357 -14.88 -33.64 9.28
C GLY D 357 -15.89 -33.69 10.41
N ASP D 358 -17.15 -33.96 10.04
CA ASP D 358 -18.21 -34.04 11.03
C ASP D 358 -17.88 -35.11 12.09
N ALA D 359 -17.05 -36.08 11.73
CA ALA D 359 -16.62 -37.09 12.69
C ALA D 359 -15.93 -36.48 13.89
N CYS D 360 -15.33 -35.31 13.68
CA CYS D 360 -14.54 -34.60 14.70
C CYS D 360 -15.25 -33.43 15.31
N HIS D 361 -16.15 -32.82 14.54
CA HIS D 361 -16.78 -31.60 14.97
C HIS D 361 -18.15 -31.43 14.34
N THR D 362 -19.16 -31.18 15.17
CA THR D 362 -20.50 -30.86 14.64
C THR D 362 -21.00 -29.57 15.27
N HIS D 363 -21.87 -28.87 14.55
CA HIS D 363 -22.32 -27.55 14.98
C HIS D 363 -23.46 -27.13 14.08
N SER D 364 -23.98 -25.92 14.31
CA SER D 364 -25.08 -25.42 13.48
C SER D 364 -24.59 -24.95 12.13
N PRO D 365 -25.52 -24.84 11.20
CA PRO D 365 -25.21 -24.34 9.85
C PRO D 365 -25.35 -22.82 9.69
N LYS D 366 -25.47 -22.06 10.78
CA LYS D 366 -25.67 -20.60 10.65
C LYS D 366 -24.58 -19.88 9.85
N ALA D 367 -23.36 -20.42 9.85
CA ALA D 367 -22.26 -19.81 9.11
C ALA D 367 -21.71 -20.76 8.05
N GLY D 368 -22.49 -21.79 7.72
CA GLY D 368 -22.14 -22.74 6.68
C GLY D 368 -20.67 -23.13 6.73
N GLN D 369 -20.28 -23.73 7.84
CA GLN D 369 -18.90 -24.05 8.12
C GLN D 369 -18.44 -25.50 7.99
N GLY D 370 -19.40 -26.44 8.06
CA GLY D 370 -19.08 -27.86 8.20
C GLY D 370 -18.39 -28.50 7.01
N MET D 371 -19.02 -28.44 5.84
CA MET D 371 -18.38 -28.92 4.63
C MET D 371 -17.02 -28.25 4.41
N ASN D 372 -16.95 -26.94 4.65
CA ASN D 372 -15.70 -26.21 4.49
C ASN D 372 -14.63 -26.76 5.40
N THR D 373 -14.94 -26.87 6.68
CA THR D 373 -13.95 -27.31 7.65
C THR D 373 -13.53 -28.76 7.40
N SER D 374 -14.52 -29.57 7.02
CA SER D 374 -14.31 -30.97 6.77
C SER D 374 -13.40 -31.17 5.56
N MET D 375 -13.64 -30.44 4.47
CA MET D 375 -12.71 -30.52 3.35
C MET D 375 -11.31 -29.97 3.69
N MET D 376 -11.27 -28.90 4.45
CA MET D 376 -9.98 -28.33 4.85
C MET D 376 -9.20 -29.29 5.79
N ASP D 377 -9.93 -30.10 6.55
CA ASP D 377 -9.24 -31.09 7.42
C ASP D 377 -8.47 -32.08 6.52
N THR D 378 -9.13 -32.64 5.50
CA THR D 378 -8.44 -33.63 4.67
C THR D 378 -7.50 -33.01 3.65
N TYR D 379 -7.68 -31.74 3.33
CA TYR D 379 -6.72 -31.03 2.49
C TYR D 379 -5.41 -30.96 3.30
N ASN D 380 -5.53 -30.73 4.60
CA ASN D 380 -4.35 -30.69 5.51
C ASN D 380 -3.72 -32.11 5.66
N LEU D 381 -4.53 -33.11 6.00
CA LEU D 381 -3.99 -34.44 6.24
C LEU D 381 -3.48 -35.09 4.97
N GLY D 382 -4.16 -34.82 3.86
CA GLY D 382 -3.83 -35.55 2.65
C GLY D 382 -2.43 -35.36 2.12
N TRP D 383 -1.89 -34.14 2.17
CA TRP D 383 -0.56 -33.95 1.61
C TRP D 383 0.48 -34.60 2.52
N LYS D 384 0.18 -34.60 3.80
CA LYS D 384 1.13 -35.14 4.79
C LYS D 384 1.21 -36.65 4.60
N LEU D 385 0.04 -37.28 4.50
CA LEU D 385 -0.02 -38.71 4.29
C LEU D 385 0.56 -39.05 2.89
N GLY D 386 0.23 -38.24 1.88
CA GLY D 386 0.79 -38.49 0.56
C GLY D 386 2.32 -38.50 0.52
N LEU D 387 2.97 -37.51 1.14
CA LEU D 387 4.44 -37.48 1.19
C LEU D 387 4.98 -38.67 2.00
N VAL D 388 4.27 -39.07 3.05
CA VAL D 388 4.75 -40.22 3.84
C VAL D 388 4.65 -41.50 3.02
N LEU D 389 3.52 -41.68 2.35
CA LEU D 389 3.31 -42.90 1.58
C LEU D 389 4.23 -43.05 0.38
N THR D 390 4.67 -41.94 -0.19
CA THR D 390 5.61 -41.97 -1.30
C THR D 390 7.09 -41.97 -0.85
N GLY D 391 7.32 -42.10 0.44
CA GLY D 391 8.68 -42.16 0.97
C GLY D 391 9.41 -40.82 0.90
N ARG D 392 8.64 -39.75 0.79
CA ARG D 392 9.22 -38.42 0.67
C ARG D 392 9.33 -37.63 1.95
N ALA D 393 8.51 -37.97 2.94
CA ALA D 393 8.54 -37.27 4.21
C ALA D 393 8.55 -38.22 5.40
N LYS D 394 9.08 -37.72 6.52
CA LYS D 394 9.15 -38.51 7.72
C LYS D 394 7.79 -38.65 8.36
N ARG D 395 7.50 -39.83 8.87
CA ARG D 395 6.23 -40.10 9.53
C ARG D 395 5.83 -39.10 10.57
N ASP D 396 6.81 -38.53 11.29
CA ASP D 396 6.52 -37.56 12.32
C ASP D 396 5.68 -36.37 11.84
N ILE D 397 5.67 -36.05 10.54
CA ILE D 397 4.83 -34.94 10.10
C ILE D 397 3.36 -35.18 10.32
N LEU D 398 2.96 -36.46 10.42
CA LEU D 398 1.56 -36.77 10.64
C LEU D 398 1.00 -36.23 11.94
N LYS D 399 1.85 -36.08 12.94
CA LYS D 399 1.39 -35.53 14.20
C LYS D 399 0.85 -34.12 14.03
N THR D 400 1.31 -33.42 13.00
CA THR D 400 0.89 -32.03 12.85
C THR D 400 -0.56 -31.90 12.40
N TYR D 401 -1.19 -32.99 11.94
CA TYR D 401 -2.57 -32.90 11.55
C TYR D 401 -3.44 -32.57 12.76
N GLU D 402 -3.36 -33.38 13.80
CA GLU D 402 -4.14 -33.09 14.99
C GLU D 402 -3.70 -31.73 15.61
N GLU D 403 -2.40 -31.47 15.61
CA GLU D 403 -1.90 -30.22 16.21
C GLU D 403 -2.48 -28.97 15.56
N GLU D 404 -2.75 -29.07 14.27
CA GLU D 404 -3.26 -27.94 13.52
C GLU D 404 -4.77 -27.94 13.45
N ARG D 405 -5.37 -29.10 13.22
CA ARG D 405 -6.80 -29.12 12.95
C ARG D 405 -7.69 -29.26 14.17
N GLN D 406 -7.19 -29.84 15.27
CA GLN D 406 -8.09 -29.96 16.42
C GLN D 406 -8.32 -28.59 17.11
N PRO D 407 -7.31 -27.75 17.29
CA PRO D 407 -7.57 -26.44 17.88
C PRO D 407 -8.48 -25.62 16.98
N PHE D 408 -8.39 -25.82 15.67
CA PHE D 408 -9.32 -25.07 14.81
C PHE D 408 -10.76 -25.52 15.05
N ALA D 409 -10.94 -26.83 15.22
CA ALA D 409 -12.26 -27.37 15.48
C ALA D 409 -12.82 -26.78 16.77
N GLN D 410 -11.99 -26.71 17.81
CA GLN D 410 -12.48 -26.12 19.04
C GLN D 410 -12.91 -24.66 18.83
N ALA D 411 -12.13 -23.93 18.03
CA ALA D 411 -12.44 -22.52 17.78
C ALA D 411 -13.75 -22.40 17.01
N LEU D 412 -13.96 -23.33 16.07
CA LEU D 412 -15.20 -23.36 15.30
C LEU D 412 -16.39 -23.60 16.21
N ILE D 413 -16.26 -24.60 17.08
CA ILE D 413 -17.32 -24.89 18.02
C ILE D 413 -17.59 -23.69 18.92
N ASP D 414 -16.53 -23.02 19.39
CA ASP D 414 -16.71 -21.87 20.29
C ASP D 414 -17.45 -20.74 19.57
N PHE D 415 -17.06 -20.51 18.33
CA PHE D 415 -17.70 -19.50 17.50
C PHE D 415 -19.18 -19.82 17.32
N ASP D 416 -19.45 -21.05 16.89
CA ASP D 416 -20.83 -21.44 16.66
C ASP D 416 -21.67 -21.46 17.93
N HIS D 417 -21.07 -21.87 19.06
CA HIS D 417 -21.81 -21.92 20.31
C HIS D 417 -22.51 -20.58 20.55
N GLN D 418 -21.78 -19.47 20.44
CA GLN D 418 -22.37 -18.15 20.62
C GLN D 418 -23.29 -17.72 19.46
N PHE D 419 -22.80 -17.85 18.24
CA PHE D 419 -23.53 -17.34 17.08
C PHE D 419 -24.89 -18.03 16.91
N SER D 420 -24.91 -19.35 17.05
CA SER D 420 -26.16 -20.10 16.90
C SER D 420 -27.18 -19.68 17.96
N ARG D 421 -26.71 -19.38 19.16
CA ARG D 421 -27.61 -18.98 20.23
C ARG D 421 -28.15 -17.56 20.01
N LEU D 422 -27.30 -16.67 19.51
CA LEU D 422 -27.75 -15.32 19.23
C LEU D 422 -28.79 -15.38 18.11
N PHE D 423 -28.55 -16.26 17.15
CA PHE D 423 -29.44 -16.37 16.00
C PHE D 423 -30.78 -16.98 16.42
N SER D 424 -30.75 -17.82 17.46
CA SER D 424 -31.95 -18.55 17.90
C SER D 424 -32.74 -17.88 19.00
N GLY D 425 -32.20 -16.82 19.59
CA GLY D 425 -32.88 -16.15 20.69
C GLY D 425 -33.90 -15.13 20.23
N ARG D 426 -34.80 -14.77 21.13
CA ARG D 426 -35.81 -13.76 20.86
C ARG D 426 -35.12 -12.40 20.95
N PRO D 427 -35.38 -11.52 20.00
CA PRO D 427 -34.74 -10.19 19.99
C PRO D 427 -35.24 -9.34 21.14
N ALA D 428 -34.32 -8.58 21.75
CA ALA D 428 -34.65 -7.69 22.85
C ALA D 428 -35.58 -6.57 22.41
N LYS D 429 -36.52 -6.21 23.28
CA LYS D 429 -37.48 -5.15 22.97
C LYS D 429 -36.89 -3.76 23.23
N ASP D 430 -36.01 -3.68 24.22
CA ASP D 430 -35.37 -2.42 24.59
C ASP D 430 -34.10 -2.74 25.37
N VAL D 431 -33.49 -1.70 25.94
CA VAL D 431 -32.27 -1.89 26.72
C VAL D 431 -32.55 -2.59 28.05
N ALA D 432 -33.81 -2.61 28.45
CA ALA D 432 -34.21 -3.23 29.71
C ALA D 432 -34.56 -4.72 29.55
N ASP D 433 -34.61 -5.19 28.30
CA ASP D 433 -34.95 -6.58 27.99
C ASP D 433 -33.73 -7.50 28.09
N GLU D 434 -33.30 -7.73 29.32
CA GLU D 434 -32.13 -8.55 29.66
C GLU D 434 -32.11 -9.95 29.04
N MET D 435 -33.27 -10.59 28.97
CA MET D 435 -33.36 -11.94 28.44
C MET D 435 -33.22 -11.99 26.92
N GLY D 436 -33.71 -10.95 26.24
CA GLY D 436 -33.64 -10.91 24.79
C GLY D 436 -32.24 -10.73 24.23
N VAL D 437 -32.08 -11.02 22.94
CA VAL D 437 -30.80 -10.87 22.26
C VAL D 437 -30.65 -9.46 21.72
N SER D 438 -29.52 -8.81 22.02
CA SER D 438 -29.26 -7.47 21.48
C SER D 438 -28.96 -7.56 20.00
N MET D 439 -29.69 -6.78 19.21
CA MET D 439 -29.49 -6.78 17.77
C MET D 439 -28.14 -6.17 17.41
N ASP D 440 -27.67 -5.23 18.24
CA ASP D 440 -26.35 -4.64 18.06
C ASP D 440 -25.27 -5.71 18.30
N VAL D 441 -25.45 -6.51 19.33
CA VAL D 441 -24.51 -7.58 19.64
C VAL D 441 -24.49 -8.61 18.51
N PHE D 442 -25.68 -8.92 17.99
CA PHE D 442 -25.80 -9.89 16.91
C PHE D 442 -25.05 -9.41 15.67
N LYS D 443 -25.24 -8.14 15.32
CA LYS D 443 -24.54 -7.59 14.15
C LYS D 443 -23.02 -7.72 14.33
N GLU D 444 -22.51 -7.34 15.50
CA GLU D 444 -21.06 -7.40 15.73
C GLU D 444 -20.59 -8.83 15.66
N ALA D 445 -21.36 -9.75 16.22
CA ALA D 445 -20.96 -11.15 16.17
C ALA D 445 -20.96 -11.64 14.72
N PHE D 446 -21.88 -11.12 13.91
CA PHE D 446 -21.93 -11.55 12.53
C PHE D 446 -20.69 -11.03 11.81
N VAL D 447 -20.41 -9.75 11.96
CA VAL D 447 -19.27 -9.12 11.29
C VAL D 447 -17.96 -9.79 11.70
N LYS D 448 -17.75 -9.97 13.00
CA LYS D 448 -16.56 -10.66 13.47
C LYS D 448 -16.53 -12.11 12.99
N GLY D 449 -17.69 -12.76 13.04
CA GLY D 449 -17.79 -14.13 12.57
C GLY D 449 -17.41 -14.27 11.13
N ASN D 450 -17.74 -13.25 10.33
CA ASN D 450 -17.43 -13.33 8.90
C ASN D 450 -15.94 -13.46 8.63
N GLU D 451 -15.10 -12.89 9.50
CA GLU D 451 -13.66 -13.05 9.33
C GLU D 451 -13.28 -14.50 9.60
N PHE D 452 -13.75 -15.05 10.71
CA PHE D 452 -13.44 -16.45 11.05
C PHE D 452 -14.01 -17.40 10.00
N ALA D 453 -15.26 -17.15 9.61
CA ALA D 453 -15.98 -18.01 8.69
C ALA D 453 -15.32 -18.10 7.33
N SER D 454 -14.60 -17.07 6.95
CA SER D 454 -13.92 -17.09 5.66
C SER D 454 -12.90 -18.22 5.59
N GLY D 455 -12.43 -18.70 6.75
CA GLY D 455 -11.39 -19.70 6.77
C GLY D 455 -9.98 -19.18 6.51
N THR D 456 -9.83 -17.87 6.32
CA THR D 456 -8.54 -17.29 5.96
C THR D 456 -7.73 -16.78 7.10
N ALA D 457 -8.26 -16.80 8.31
CA ALA D 457 -7.55 -16.17 9.45
C ALA D 457 -6.79 -17.18 10.31
N ILE D 458 -6.81 -18.44 9.90
CA ILE D 458 -6.11 -19.51 10.62
C ILE D 458 -4.63 -19.22 10.78
N ASN D 459 -4.11 -19.45 11.98
CA ASN D 459 -2.69 -19.27 12.22
C ASN D 459 -2.27 -20.50 13.00
N TYR D 460 -1.63 -21.44 12.33
CA TYR D 460 -1.17 -22.66 12.99
C TYR D 460 0.01 -22.40 13.93
N ASP D 461 -0.01 -23.02 15.10
CA ASP D 461 1.07 -22.87 16.05
C ASP D 461 2.33 -23.52 15.49
N GLU D 462 3.48 -23.08 15.99
CA GLU D 462 4.77 -23.68 15.66
C GLU D 462 4.71 -25.19 15.81
N ASN D 463 5.26 -25.92 14.82
CA ASN D 463 5.31 -27.38 14.83
C ASN D 463 6.34 -27.85 13.81
N LEU D 464 6.44 -29.16 13.59
CA LEU D 464 7.49 -29.69 12.71
C LEU D 464 7.48 -29.07 11.31
N VAL D 465 6.31 -28.70 10.81
CA VAL D 465 6.29 -28.11 9.46
C VAL D 465 5.98 -26.61 9.45
N THR D 466 6.11 -25.97 10.62
CA THR D 466 5.78 -24.54 10.73
C THR D 466 6.81 -23.90 11.63
N ASP D 467 7.75 -23.19 11.02
CA ASP D 467 8.96 -22.74 11.73
C ASP D 467 8.97 -21.23 12.00
N LYS D 468 8.47 -20.85 13.17
CA LYS D 468 8.46 -19.43 13.58
C LYS D 468 9.78 -19.00 14.18
N LYS D 469 10.34 -19.86 15.00
CA LYS D 469 11.52 -19.47 15.76
C LYS D 469 12.74 -19.18 14.93
N SER D 470 12.82 -19.77 13.75
CA SER D 470 13.96 -19.54 12.88
C SER D 470 13.64 -18.48 11.85
N SER D 471 12.43 -17.94 11.88
CA SER D 471 12.03 -16.97 10.85
C SER D 471 12.38 -15.53 11.23
N LYS D 472 12.56 -14.71 10.21
CA LYS D 472 12.75 -13.27 10.42
C LYS D 472 11.48 -12.69 9.87
N GLN D 473 10.44 -12.68 10.71
CA GLN D 473 9.09 -12.36 10.24
C GLN D 473 8.96 -10.93 9.71
N GLU D 474 9.80 -10.04 10.24
CA GLU D 474 9.75 -8.63 9.84
C GLU D 474 10.12 -8.43 8.36
N LEU D 475 10.64 -9.47 7.72
CA LEU D 475 11.01 -9.39 6.31
C LEU D 475 9.83 -9.59 5.37
N ALA D 476 8.77 -10.18 5.88
CA ALA D 476 7.54 -10.38 5.08
C ALA D 476 6.40 -10.17 6.06
N LYS D 477 6.09 -8.90 6.31
CA LYS D 477 5.21 -8.48 7.40
C LYS D 477 3.82 -9.04 7.33
N ASN D 478 3.35 -9.28 6.11
CA ASN D 478 2.02 -9.83 5.93
C ASN D 478 2.03 -11.23 5.34
N CYS D 479 3.13 -11.96 5.55
CA CYS D 479 3.16 -13.39 5.24
C CYS D 479 3.53 -14.07 6.56
N VAL D 480 2.59 -14.06 7.51
CA VAL D 480 2.89 -14.53 8.86
C VAL D 480 3.01 -16.07 8.85
N VAL D 481 4.11 -16.57 9.37
CA VAL D 481 4.30 -18.01 9.40
C VAL D 481 3.14 -18.66 10.15
N GLY D 482 2.58 -19.72 9.57
CA GLY D 482 1.43 -20.40 10.14
C GLY D 482 0.12 -19.98 9.49
N THR D 483 0.14 -18.91 8.69
CA THR D 483 -1.07 -18.47 7.98
C THR D 483 -1.00 -18.82 6.51
N ARG D 484 -2.14 -18.80 5.83
CA ARG D 484 -2.09 -19.12 4.41
C ARG D 484 -1.34 -18.05 3.62
N PHE D 485 -0.57 -18.48 2.62
CA PHE D 485 0.13 -17.51 1.79
C PHE D 485 -0.92 -16.86 0.89
N LYS D 486 -1.15 -15.56 1.11
CA LYS D 486 -2.23 -14.86 0.44
C LYS D 486 -1.87 -14.47 -0.98
N SER D 487 -2.77 -14.79 -1.91
CA SER D 487 -2.54 -14.38 -3.29
C SER D 487 -2.48 -12.84 -3.38
N GLN D 488 -1.63 -12.36 -4.27
CA GLN D 488 -1.61 -10.93 -4.65
C GLN D 488 -1.43 -10.90 -6.17
N PRO D 489 -1.93 -9.89 -6.85
CA PRO D 489 -1.68 -9.81 -8.30
C PRO D 489 -0.22 -9.61 -8.62
N VAL D 490 0.23 -10.24 -9.71
CA VAL D 490 1.59 -10.05 -10.20
C VAL D 490 1.51 -10.01 -11.72
N VAL D 491 2.61 -9.66 -12.36
CA VAL D 491 2.69 -9.67 -13.81
C VAL D 491 3.65 -10.76 -14.25
N ARG D 492 3.16 -11.79 -14.94
CA ARG D 492 4.07 -12.82 -15.39
C ARG D 492 5.05 -12.21 -16.37
N HIS D 493 6.35 -12.42 -16.16
CA HIS D 493 7.37 -11.71 -16.93
C HIS D 493 7.39 -12.08 -18.42
N SER D 494 7.19 -13.36 -18.71
CA SER D 494 7.33 -13.85 -20.07
C SER D 494 6.50 -13.07 -21.08
N GLU D 495 5.23 -12.84 -20.80
CA GLU D 495 4.42 -12.05 -21.75
C GLU D 495 3.73 -10.82 -21.16
N GLY D 496 3.85 -10.64 -19.85
CA GLY D 496 3.25 -9.47 -19.20
C GLY D 496 1.80 -9.72 -18.79
N LEU D 497 1.42 -10.99 -18.62
CA LEU D 497 0.07 -11.28 -18.15
C LEU D 497 -0.14 -10.88 -16.68
N TRP D 498 -1.13 -10.04 -16.42
CA TRP D 498 -1.53 -9.76 -15.04
C TRP D 498 -2.34 -10.94 -14.56
N MET D 499 -1.99 -11.44 -13.39
CA MET D 499 -2.66 -12.62 -12.86
C MET D 499 -2.55 -12.68 -11.33
N HIS D 500 -3.46 -13.44 -10.72
CA HIS D 500 -3.40 -13.67 -9.28
C HIS D 500 -2.32 -14.72 -9.01
N PHE D 501 -1.33 -14.35 -8.21
CA PHE D 501 -0.21 -15.24 -7.99
C PHE D 501 -0.67 -16.56 -7.38
N GLY D 502 -1.73 -16.55 -6.59
CA GLY D 502 -2.22 -17.80 -6.00
C GLY D 502 -2.53 -18.88 -7.03
N ASP D 503 -2.84 -18.48 -8.26
CA ASP D 503 -3.18 -19.46 -9.28
C ASP D 503 -1.99 -20.33 -9.60
N ARG D 504 -0.80 -19.79 -9.37
CA ARG D 504 0.46 -20.48 -9.63
C ARG D 504 0.77 -21.56 -8.59
N LEU D 505 0.15 -21.50 -7.42
CA LEU D 505 0.48 -22.45 -6.34
C LEU D 505 -0.36 -23.73 -6.43
N VAL D 506 -0.30 -24.40 -7.59
CA VAL D 506 -1.06 -25.61 -7.83
C VAL D 506 -0.71 -26.66 -6.77
N THR D 507 -1.72 -27.22 -6.13
CA THR D 507 -1.48 -28.17 -5.05
C THR D 507 -1.21 -29.52 -5.65
N ASP D 508 0.01 -30.02 -5.45
CA ASP D 508 0.37 -31.33 -6.03
C ASP D 508 1.49 -32.00 -5.26
N GLY D 509 1.67 -31.59 -4.00
CA GLY D 509 2.67 -32.25 -3.16
C GLY D 509 3.95 -31.45 -3.04
N ARG D 510 4.14 -30.47 -3.90
CA ARG D 510 5.36 -29.64 -3.81
C ARG D 510 5.29 -28.56 -2.76
N PHE D 511 6.43 -28.36 -2.08
CA PHE D 511 6.64 -27.15 -1.30
C PHE D 511 7.10 -26.08 -2.30
N ARG D 512 7.00 -24.82 -1.91
CA ARG D 512 7.53 -23.71 -2.70
C ARG D 512 8.57 -22.93 -1.90
N ILE D 513 9.56 -22.43 -2.64
CA ILE D 513 10.43 -21.37 -2.10
C ILE D 513 10.11 -20.17 -2.97
N ILE D 514 9.52 -19.15 -2.34
CA ILE D 514 9.21 -17.92 -3.06
C ILE D 514 10.36 -16.95 -2.85
N VAL D 515 11.06 -16.65 -3.94
CA VAL D 515 12.19 -15.75 -3.86
C VAL D 515 11.72 -14.35 -4.21
N PHE D 516 11.53 -13.53 -3.18
CA PHE D 516 11.20 -12.11 -3.42
C PHE D 516 12.55 -11.46 -3.73
N ALA D 517 12.89 -11.44 -5.00
CA ALA D 517 14.20 -10.98 -5.45
C ALA D 517 14.42 -9.48 -5.32
N GLY D 518 13.36 -8.73 -5.07
CA GLY D 518 13.52 -7.29 -4.86
C GLY D 518 13.96 -6.53 -6.10
N LYS D 519 14.72 -5.46 -5.89
CA LYS D 519 15.17 -4.63 -6.99
C LYS D 519 16.37 -5.24 -7.69
N ALA D 520 16.07 -6.19 -8.57
CA ALA D 520 17.09 -7.00 -9.23
C ALA D 520 17.99 -6.22 -10.17
N THR D 521 17.60 -5.01 -10.56
CA THR D 521 18.46 -4.16 -11.40
C THR D 521 19.58 -3.50 -10.59
N ASP D 522 19.47 -3.52 -9.27
CA ASP D 522 20.51 -2.96 -8.39
C ASP D 522 21.65 -3.98 -8.27
N ALA D 523 22.89 -3.54 -8.52
CA ALA D 523 24.05 -4.46 -8.51
C ALA D 523 24.25 -5.17 -7.17
N THR D 524 24.10 -4.44 -6.07
CA THR D 524 24.24 -5.07 -4.76
C THR D 524 23.15 -6.14 -4.57
N GLN D 525 21.93 -5.82 -4.95
CA GLN D 525 20.85 -6.77 -4.77
C GLN D 525 21.04 -7.99 -5.68
N MET D 526 21.46 -7.78 -6.92
CA MET D 526 21.70 -8.92 -7.82
C MET D 526 22.82 -9.79 -7.28
N SER D 527 23.82 -9.17 -6.62
CA SER D 527 24.87 -10.01 -6.02
C SER D 527 24.28 -10.95 -5.00
N ARG D 528 23.32 -10.47 -4.22
CA ARG D 528 22.68 -11.38 -3.25
C ARG D 528 21.83 -12.46 -3.94
N ILE D 529 21.17 -12.09 -5.02
CA ILE D 529 20.36 -13.06 -5.78
C ILE D 529 21.26 -14.14 -6.35
N LYS D 530 22.41 -13.73 -6.89
CA LYS D 530 23.34 -14.71 -7.46
C LYS D 530 23.90 -15.66 -6.41
N LYS D 531 24.19 -15.13 -5.21
CA LYS D 531 24.72 -15.97 -4.14
C LYS D 531 23.68 -16.99 -3.72
N PHE D 532 22.40 -16.58 -3.72
CA PHE D 532 21.33 -17.49 -3.33
C PHE D 532 21.19 -18.59 -4.38
N ALA D 533 21.28 -18.18 -5.65
CA ALA D 533 21.18 -19.18 -6.71
C ALA D 533 22.36 -20.15 -6.65
N ALA D 534 23.52 -19.65 -6.24
CA ALA D 534 24.68 -20.51 -6.14
C ALA D 534 24.40 -21.51 -5.04
N TYR D 535 23.72 -21.06 -3.98
CA TYR D 535 23.35 -22.00 -2.94
C TYR D 535 22.42 -23.06 -3.55
N LEU D 536 21.37 -22.62 -4.25
CA LEU D 536 20.43 -23.60 -4.85
C LEU D 536 21.13 -24.65 -5.72
N ASP D 537 22.12 -24.22 -6.49
CA ASP D 537 22.84 -25.09 -7.40
C ASP D 537 23.87 -25.98 -6.73
N SER D 538 24.22 -25.67 -5.48
CA SER D 538 25.24 -26.41 -4.74
C SER D 538 24.85 -27.86 -4.43
N GLU D 539 25.87 -28.70 -4.31
CA GLU D 539 25.71 -30.14 -4.09
C GLU D 539 24.74 -30.51 -2.97
N ASN D 540 24.76 -29.75 -1.89
CA ASN D 540 23.94 -30.09 -0.73
C ASN D 540 22.75 -29.19 -0.42
N SER D 541 22.31 -28.39 -1.39
CA SER D 541 21.18 -27.53 -1.16
C SER D 541 19.91 -28.37 -1.07
N VAL D 542 18.81 -27.77 -0.62
CA VAL D 542 17.57 -28.55 -0.55
C VAL D 542 17.09 -28.99 -1.92
N ILE D 543 17.41 -28.22 -2.95
CA ILE D 543 17.03 -28.60 -4.29
C ILE D 543 17.81 -29.84 -4.73
N SER D 544 19.12 -29.79 -4.51
CA SER D 544 20.00 -30.86 -4.98
C SER D 544 19.84 -32.14 -4.18
N ARG D 545 19.43 -31.99 -2.91
CA ARG D 545 19.34 -33.10 -1.98
C ARG D 545 17.99 -33.80 -2.02
N TYR D 546 16.92 -33.05 -2.27
CA TYR D 546 15.59 -33.63 -2.25
C TYR D 546 14.95 -33.86 -3.62
N THR D 547 15.65 -33.48 -4.68
CA THR D 547 15.20 -33.80 -6.03
C THR D 547 15.85 -35.14 -6.43
N PRO D 548 15.07 -36.13 -6.82
CA PRO D 548 15.68 -37.39 -7.27
C PRO D 548 16.52 -37.19 -8.51
N LYS D 549 17.60 -37.95 -8.63
CA LYS D 549 18.42 -37.95 -9.83
C LYS D 549 17.53 -38.16 -11.05
N GLY D 550 17.73 -37.35 -12.09
CA GLY D 550 16.96 -37.47 -13.32
C GLY D 550 15.67 -36.67 -13.33
N ALA D 551 15.25 -36.17 -12.17
CA ALA D 551 13.99 -35.45 -12.10
C ALA D 551 14.16 -33.95 -12.25
N ASP D 552 13.10 -33.31 -12.69
CA ASP D 552 13.08 -31.85 -12.81
C ASP D 552 13.33 -31.21 -11.43
N ARG D 553 14.24 -30.24 -11.39
CA ARG D 553 14.62 -29.59 -10.13
C ARG D 553 13.57 -28.67 -9.50
N ASN D 554 12.41 -28.54 -10.14
CA ASN D 554 11.28 -27.86 -9.52
C ASN D 554 10.12 -28.83 -9.26
N SER D 555 10.39 -30.13 -9.31
CA SER D 555 9.34 -31.12 -9.15
C SER D 555 9.10 -31.56 -7.70
N ARG D 556 9.97 -31.18 -6.77
CA ARG D 556 9.79 -31.52 -5.34
C ARG D 556 9.67 -30.23 -4.52
N ILE D 557 10.59 -29.31 -4.76
CA ILE D 557 10.54 -27.95 -4.20
C ILE D 557 10.56 -27.05 -5.42
N ASP D 558 9.53 -26.21 -5.50
CA ASP D 558 9.22 -25.37 -6.67
C ASP D 558 9.70 -23.96 -6.35
N VAL D 559 10.76 -23.53 -7.04
CA VAL D 559 11.43 -22.27 -6.71
C VAL D 559 10.98 -21.18 -7.66
N ILE D 560 10.27 -20.19 -7.12
CA ILE D 560 9.58 -19.22 -7.95
C ILE D 560 10.08 -17.83 -7.55
N THR D 561 10.32 -16.96 -8.52
CA THR D 561 10.89 -15.63 -8.27
C THR D 561 9.89 -14.52 -8.58
N ILE D 562 9.69 -13.60 -7.66
CA ILE D 562 8.83 -12.45 -7.88
C ILE D 562 9.73 -11.26 -7.57
N HIS D 563 10.04 -10.46 -8.58
CA HIS D 563 10.92 -9.30 -8.39
C HIS D 563 10.09 -8.02 -8.41
N SER D 564 10.71 -6.89 -8.05
CA SER D 564 9.95 -5.64 -7.91
C SER D 564 10.22 -4.65 -9.05
N CYS D 565 10.78 -5.14 -10.16
CA CYS D 565 11.12 -4.28 -11.29
C CYS D 565 10.06 -4.35 -12.38
N HIS D 566 10.08 -3.36 -13.26
CA HIS D 566 9.17 -3.39 -14.41
C HIS D 566 9.81 -4.30 -15.45
N ARG D 567 9.00 -5.09 -16.17
CA ARG D 567 9.58 -6.01 -17.16
C ARG D 567 10.28 -5.32 -18.33
N ASP D 568 10.08 -4.01 -18.51
CA ASP D 568 10.81 -3.27 -19.54
C ASP D 568 12.25 -3.02 -19.07
N ASP D 569 12.52 -3.18 -17.78
CA ASP D 569 13.84 -2.80 -17.23
C ASP D 569 14.82 -3.93 -16.97
N ILE D 570 14.35 -5.16 -17.10
CA ILE D 570 15.20 -6.34 -16.84
C ILE D 570 14.56 -7.53 -17.56
N GLU D 571 15.39 -8.47 -17.97
CA GLU D 571 14.88 -9.65 -18.70
C GLU D 571 14.89 -10.89 -17.82
N MET D 572 14.10 -11.89 -18.22
CA MET D 572 14.12 -13.15 -17.48
C MET D 572 15.55 -13.68 -17.50
N HIS D 573 16.24 -13.55 -18.62
CA HIS D 573 17.59 -14.09 -18.74
C HIS D 573 18.66 -13.34 -17.93
N ASP D 574 18.27 -12.25 -17.27
CA ASP D 574 19.22 -11.57 -16.39
C ASP D 574 19.29 -12.25 -15.02
N PHE D 575 18.37 -13.18 -14.77
CA PHE D 575 18.34 -13.96 -13.55
C PHE D 575 19.12 -15.27 -13.73
N PRO D 576 19.69 -15.79 -12.64
CA PRO D 576 20.42 -17.07 -12.69
C PRO D 576 19.61 -18.16 -13.39
N ALA D 577 20.24 -18.80 -14.35
CA ALA D 577 19.59 -19.85 -15.12
C ALA D 577 20.52 -21.03 -15.12
N PRO D 578 19.99 -22.23 -14.88
CA PRO D 578 18.57 -22.48 -14.68
C PRO D 578 18.05 -22.40 -13.24
N ALA D 579 18.84 -21.90 -12.29
CA ALA D 579 18.36 -21.95 -10.92
C ALA D 579 17.04 -21.24 -10.68
N LEU D 580 16.90 -20.03 -11.23
CA LEU D 580 15.67 -19.24 -11.08
C LEU D 580 14.92 -19.09 -12.41
N HIS D 581 15.62 -19.25 -13.52
CA HIS D 581 15.04 -19.16 -14.87
C HIS D 581 15.29 -20.50 -15.56
N PRO D 582 14.41 -21.48 -15.35
CA PRO D 582 14.61 -22.85 -15.87
C PRO D 582 14.53 -22.95 -17.41
N LYS D 583 15.18 -23.97 -17.95
CA LYS D 583 15.36 -24.09 -19.38
C LYS D 583 14.06 -24.26 -20.18
N TRP D 584 13.82 -23.29 -21.06
CA TRP D 584 12.62 -23.27 -21.89
C TRP D 584 11.32 -23.37 -21.11
N GLN D 585 11.31 -22.84 -19.90
CA GLN D 585 10.10 -22.82 -19.07
C GLN D 585 9.82 -21.38 -18.65
N TYR D 586 8.55 -21.01 -18.57
CA TYR D 586 8.21 -19.59 -18.40
C TYR D 586 7.20 -19.28 -17.29
N ASP D 587 7.06 -20.20 -16.34
CA ASP D 587 6.17 -19.96 -15.19
C ASP D 587 6.99 -19.85 -13.92
N PHE D 588 8.05 -19.06 -13.98
CA PHE D 588 8.94 -18.92 -12.82
C PHE D 588 9.30 -17.51 -12.42
N ILE D 589 9.21 -16.57 -13.36
CA ILE D 589 9.58 -15.20 -13.08
C ILE D 589 8.38 -14.28 -13.23
N TYR D 590 8.06 -13.57 -12.14
CA TYR D 590 6.91 -12.69 -12.06
C TYR D 590 7.39 -11.33 -11.51
N ALA D 591 6.61 -10.31 -11.82
CA ALA D 591 6.99 -8.95 -11.49
C ALA D 591 5.89 -8.23 -10.74
N ASP D 592 6.28 -7.41 -9.76
CA ASP D 592 5.36 -6.50 -9.09
C ASP D 592 5.51 -5.16 -9.83
N CYS D 593 4.74 -4.97 -10.89
CA CYS D 593 4.92 -3.76 -11.67
C CYS D 593 3.62 -3.38 -12.40
N ASP D 594 3.64 -2.21 -13.01
CA ASP D 594 2.54 -1.70 -13.79
C ASP D 594 2.34 -2.57 -15.04
N SER D 595 1.11 -2.65 -15.56
CA SER D 595 0.84 -3.47 -16.75
C SER D 595 -0.17 -2.78 -17.64
N TRP D 596 -0.55 -3.41 -18.75
CA TRP D 596 -1.39 -2.68 -19.71
C TRP D 596 -2.76 -2.31 -19.18
N HIS D 597 -3.37 -3.23 -18.44
CA HIS D 597 -4.75 -3.06 -18.02
C HIS D 597 -4.98 -2.80 -16.56
N HIS D 598 -3.90 -2.75 -15.80
CA HIS D 598 -3.96 -2.58 -14.36
C HIS D 598 -2.78 -1.74 -13.89
N PRO D 599 -2.99 -0.98 -12.82
CA PRO D 599 -1.91 -0.20 -12.26
C PRO D 599 -0.95 -1.13 -11.52
N HIS D 600 0.16 -0.57 -11.08
CA HIS D 600 1.12 -1.34 -10.25
C HIS D 600 0.28 -1.87 -9.08
N PRO D 601 0.31 -3.17 -8.83
CA PRO D 601 -0.57 -3.74 -7.80
C PRO D 601 -0.05 -3.55 -6.38
N LYS D 602 1.15 -2.99 -6.24
CA LYS D 602 1.75 -2.78 -4.91
C LYS D 602 1.66 -4.07 -4.08
N SER D 603 2.04 -5.17 -4.71
CA SER D 603 1.94 -6.48 -4.07
C SER D 603 3.05 -6.78 -3.06
N TYR D 604 4.26 -6.30 -3.31
CA TYR D 604 5.31 -6.37 -2.26
C TYR D 604 4.76 -5.68 -0.98
N GLN D 605 4.14 -4.51 -1.13
CA GLN D 605 3.59 -3.82 0.04
C GLN D 605 2.45 -4.64 0.67
N ALA D 606 1.57 -5.23 -0.16
CA ALA D 606 0.52 -6.05 0.43
C ALA D 606 1.09 -7.26 1.14
N TRP D 607 2.20 -7.81 0.65
CA TRP D 607 2.85 -8.93 1.31
C TRP D 607 3.73 -8.52 2.51
N GLY D 608 4.02 -7.22 2.59
CA GLY D 608 4.88 -6.66 3.66
C GLY D 608 6.37 -6.94 3.42
N VAL D 609 6.76 -7.05 2.16
CA VAL D 609 8.15 -7.31 1.81
C VAL D 609 8.83 -6.06 1.29
N ASP D 610 10.05 -5.78 1.76
CA ASP D 610 10.77 -4.59 1.28
C ASP D 610 11.03 -4.66 -0.24
N GLU D 611 10.69 -3.58 -0.95
CA GLU D 611 10.77 -3.61 -2.40
C GLU D 611 12.17 -3.73 -2.92
N THR D 612 13.14 -3.28 -2.14
CA THR D 612 14.52 -3.35 -2.59
C THR D 612 15.17 -4.66 -2.19
N LYS D 613 15.13 -4.97 -0.90
CA LYS D 613 15.86 -6.13 -0.38
C LYS D 613 15.16 -7.47 -0.52
N GLY D 614 13.84 -7.46 -0.60
CA GLY D 614 13.10 -8.70 -0.76
C GLY D 614 13.19 -9.62 0.46
N ALA D 615 12.99 -10.92 0.22
CA ALA D 615 12.93 -11.92 1.27
C ALA D 615 12.84 -13.28 0.60
N VAL D 616 12.90 -14.32 1.42
CA VAL D 616 12.64 -15.68 0.94
C VAL D 616 11.55 -16.26 1.81
N VAL D 617 10.51 -16.84 1.17
CA VAL D 617 9.41 -17.38 1.94
C VAL D 617 9.13 -18.82 1.51
N VAL D 618 9.12 -19.73 2.47
CA VAL D 618 8.78 -21.13 2.16
C VAL D 618 7.31 -21.34 2.37
N VAL D 619 6.69 -22.08 1.45
CA VAL D 619 5.28 -22.35 1.53
C VAL D 619 5.05 -23.87 1.44
N ARG D 620 4.21 -24.38 2.33
CA ARG D 620 3.91 -25.82 2.38
C ARG D 620 3.05 -26.23 1.17
N PRO D 621 2.95 -27.53 0.92
CA PRO D 621 2.12 -28.03 -0.21
C PRO D 621 0.66 -27.63 -0.10
N ASP D 622 0.17 -27.38 1.11
CA ASP D 622 -1.19 -26.88 1.30
C ASP D 622 -1.33 -25.34 1.27
N GLY D 623 -0.29 -24.67 0.84
CA GLY D 623 -0.38 -23.22 0.68
C GLY D 623 -0.23 -22.37 1.93
N TYR D 624 0.22 -22.97 3.03
CA TYR D 624 0.53 -22.21 4.27
C TYR D 624 2.00 -21.85 4.38
N THR D 625 2.26 -20.59 4.79
CA THR D 625 3.62 -20.12 4.95
C THR D 625 4.28 -20.84 6.13
N SER D 626 5.49 -21.33 5.91
CA SER D 626 6.17 -22.11 6.96
C SER D 626 7.53 -21.57 7.42
N LEU D 627 8.09 -20.61 6.67
CA LEU D 627 9.37 -20.01 7.08
C LEU D 627 9.55 -18.72 6.31
N VAL D 628 10.04 -17.67 6.98
CA VAL D 628 10.35 -16.43 6.29
C VAL D 628 11.78 -16.13 6.65
N THR D 629 12.62 -15.90 5.65
CA THR D 629 14.02 -15.54 5.93
C THR D 629 14.58 -14.60 4.86
N ASP D 630 15.88 -14.31 4.89
CA ASP D 630 16.48 -13.48 3.86
C ASP D 630 17.23 -14.36 2.87
N LEU D 631 17.76 -13.77 1.80
CA LEU D 631 18.50 -14.56 0.82
C LEU D 631 19.71 -15.24 1.45
N GLU D 632 20.22 -14.69 2.55
CA GLU D 632 21.37 -15.31 3.22
C GLU D 632 20.98 -16.48 4.15
N GLY D 633 19.70 -16.66 4.40
CA GLY D 633 19.23 -17.63 5.36
C GLY D 633 19.15 -19.07 4.85
N THR D 634 20.14 -19.49 4.08
CA THR D 634 20.11 -20.83 3.51
C THR D 634 20.22 -21.91 4.57
N ALA D 635 20.89 -21.61 5.68
CA ALA D 635 21.02 -22.61 6.73
C ALA D 635 19.67 -22.91 7.34
N GLU D 636 18.86 -21.89 7.51
CA GLU D 636 17.52 -22.05 8.07
C GLU D 636 16.64 -22.83 7.10
N ILE D 637 16.82 -22.59 5.81
CA ILE D 637 16.06 -23.35 4.81
C ILE D 637 16.47 -24.84 4.87
N ASP D 638 17.78 -25.11 4.97
CA ASP D 638 18.28 -26.48 5.09
C ASP D 638 17.69 -27.17 6.31
N ARG D 639 17.69 -26.48 7.44
CA ARG D 639 17.24 -27.05 8.71
C ARG D 639 15.76 -27.37 8.67
N TYR D 640 15.00 -26.49 8.05
CA TYR D 640 13.57 -26.65 7.96
C TYR D 640 13.22 -27.91 7.17
N PHE D 641 13.84 -28.06 5.99
CA PHE D 641 13.52 -29.20 5.14
C PHE D 641 14.09 -30.51 5.71
N SER D 642 15.23 -30.44 6.40
CA SER D 642 15.86 -31.62 6.98
C SER D 642 14.96 -32.31 7.97
N GLY D 643 14.09 -31.55 8.62
CA GLY D 643 13.25 -32.16 9.65
C GLY D 643 12.00 -32.80 9.04
N ILE D 644 11.79 -32.59 7.74
CA ILE D 644 10.55 -33.01 7.10
C ILE D 644 10.77 -34.00 5.99
N LEU D 645 11.68 -33.68 5.10
CA LEU D 645 11.85 -34.52 3.91
C LEU D 645 12.90 -35.62 4.05
N VAL D 646 12.71 -36.68 3.27
CA VAL D 646 13.61 -37.81 3.22
C VAL D 646 14.40 -37.75 1.91
N GLU D 647 15.73 -37.83 1.98
CA GLU D 647 16.52 -37.85 0.75
C GLU D 647 16.19 -39.06 -0.12
N PRO D 648 16.06 -38.85 -1.42
CA PRO D 648 15.86 -39.97 -2.35
C PRO D 648 17.09 -40.87 -2.35
N LYS D 649 16.92 -42.10 -2.79
CA LYS D 649 18.03 -43.03 -2.87
C LYS D 649 19.17 -42.45 -3.69
N GLU D 650 18.84 -41.86 -4.84
CA GLU D 650 19.85 -41.21 -5.67
C GLU D 650 19.40 -39.75 -5.82
N LYS D 651 20.19 -38.84 -5.27
CA LYS D 651 19.88 -37.40 -5.33
C LYS D 651 20.37 -36.74 -6.63
N SER D 652 19.76 -35.61 -6.99
CA SER D 652 20.17 -34.87 -8.18
C SER D 652 21.59 -34.36 -8.01
N GLY D 653 21.93 -33.87 -6.83
CA GLY D 653 23.26 -33.35 -6.60
C GLY D 653 23.42 -32.00 -7.25
N ALA D 654 24.64 -31.50 -7.33
CA ALA D 654 24.92 -30.16 -7.87
C ALA D 654 24.33 -29.95 -9.26
N GLN D 655 23.88 -28.72 -9.50
CA GLN D 655 23.32 -28.35 -10.78
C GLN D 655 24.45 -28.48 -11.82
N THR D 656 24.20 -29.29 -12.86
CA THR D 656 25.20 -29.59 -13.90
C THR D 656 25.09 -28.82 -15.21
N GLU D 657 23.91 -28.28 -15.50
CA GLU D 657 23.67 -27.63 -16.80
C GLU D 657 24.30 -26.24 -16.99
N ALA D 658 24.76 -25.96 -18.20
CA ALA D 658 25.24 -24.63 -18.56
C ALA D 658 24.02 -23.72 -18.72
N ASP D 659 24.24 -22.42 -18.57
CA ASP D 659 23.19 -21.42 -18.72
C ASP D 659 22.59 -21.50 -20.14
N TRP D 660 21.38 -22.03 -20.23
CA TRP D 660 20.73 -22.21 -21.51
C TRP D 660 20.46 -20.94 -22.31
N THR D 661 20.48 -19.79 -21.64
CA THR D 661 20.20 -18.54 -22.36
C THR D 661 21.41 -18.03 -23.12
N LYS D 662 22.57 -18.61 -22.81
CA LYS D 662 23.83 -18.27 -23.45
C LYS D 662 24.16 -19.21 -24.61
N SER D 663 24.45 -18.64 -25.78
CA SER D 663 24.88 -19.46 -26.91
C SER D 663 26.21 -18.93 -27.47
CL CL E . 12.35 26.42 10.71
PA FAD F . -3.12 41.18 19.80
O1A FAD F . -2.62 39.83 20.05
O2A FAD F . -4.30 41.64 20.67
O5B FAD F . -1.89 42.20 19.99
C5B FAD F . -2.10 43.60 19.77
C4B FAD F . -0.90 44.30 20.38
O4B FAD F . -1.11 45.68 20.18
C3B FAD F . -0.76 44.06 21.90
O3B FAD F . 0.57 43.75 22.26
C2B FAD F . -1.16 45.40 22.54
O2B FAD F . -0.39 45.79 23.67
C1B FAD F . -0.90 46.37 21.41
N9A FAD F . -1.78 47.55 21.40
C8A FAD F . -3.14 47.61 21.57
N7A FAD F . -3.54 48.89 21.47
C5A FAD F . -2.45 49.65 21.21
C6A FAD F . -2.28 51.00 21.01
N6A FAD F . -3.34 51.82 20.92
N1A FAD F . -1.02 51.47 20.76
C2A FAD F . 0.08 50.64 20.73
N3A FAD F . -0.09 49.29 20.94
C4A FAD F . -1.34 48.82 21.16
N1 FAD F . -7.02 33.49 21.23
C2 FAD F . -7.34 32.14 21.39
O2 FAD F . -7.30 31.37 20.44
N3 FAD F . -7.70 31.63 22.63
C4 FAD F . -7.76 32.46 23.72
O4 FAD F . -8.12 31.99 24.81
C4X FAD F . -7.43 33.80 23.58
N5 FAD F . -7.49 34.63 24.67
C5X FAD F . -7.17 35.97 24.54
C6 FAD F . -7.22 36.80 25.65
C7 FAD F . -6.88 38.16 25.50
C7M FAD F . -6.72 39.03 26.72
C8 FAD F . -6.52 38.66 24.27
C8M FAD F . -6.04 40.08 24.12
C9 FAD F . -6.47 37.82 23.16
C9A FAD F . -6.80 36.47 23.29
N10 FAD F . -6.76 35.66 22.17
C10 FAD F . -7.08 34.31 22.32
C1' FAD F . -6.72 36.23 20.79
C2' FAD F . -5.31 36.08 20.23
O2' FAD F . -4.35 36.41 21.22
C3' FAD F . -5.19 36.96 18.98
O3' FAD F . -6.14 36.57 18.01
C4' FAD F . -3.77 36.88 18.39
O4' FAD F . -2.80 37.27 19.35
C5' FAD F . -3.65 37.76 17.15
O5' FAD F . -4.01 39.06 17.54
P FAD F . -3.21 40.38 17.06
O1P FAD F . -3.85 40.97 15.86
O2P FAD F . -1.69 40.20 16.83
O3P FAD F . -3.55 41.38 18.26
C1 IPH G . -6.87 26.40 20.63
C2 IPH G . -5.89 25.85 19.84
C3 IPH G . -6.22 25.14 18.67
C4 IPH G . -7.57 25.00 18.36
C5 IPH G . -8.55 25.54 19.16
C6 IPH G . -8.23 26.25 20.32
O1 IPH G . -6.60 27.11 21.79
CL CL H . -20.00 -18.14 -21.15
PA FAD I . -13.62 -22.62 -43.32
O1A FAD I . -12.91 -22.55 -41.98
O2A FAD I . -12.68 -22.80 -44.51
O5B FAD I . -14.66 -23.84 -43.26
C5B FAD I . -15.38 -24.20 -44.44
C4B FAD I . -15.98 -25.57 -44.18
O4B FAD I . -16.75 -25.91 -45.33
C3B FAD I . -14.90 -26.63 -44.06
O3B FAD I . -15.16 -27.43 -42.92
C2B FAD I . -14.99 -27.44 -45.35
O2B FAD I . -14.79 -28.85 -45.19
C1B FAD I . -16.41 -27.18 -45.79
N9A FAD I . -16.57 -27.17 -47.26
C8A FAD I . -15.78 -26.55 -48.21
N7A FAD I . -16.34 -26.78 -49.42
C5A FAD I . -17.47 -27.50 -49.25
C6A FAD I . -18.42 -27.97 -50.13
N6A FAD I . -18.28 -27.80 -51.45
N1A FAD I . -19.49 -28.69 -49.62
C2A FAD I . -19.64 -28.92 -48.27
N3A FAD I . -18.69 -28.43 -47.41
C4A FAD I . -17.64 -27.72 -47.90
N1 FAD I . -6.47 -18.34 -40.13
C2 FAD I . -5.46 -17.79 -39.37
O2 FAD I . -5.66 -16.79 -38.67
N3 FAD I . -4.20 -18.34 -39.37
C4 FAD I . -3.90 -19.43 -40.11
O4 FAD I . -2.73 -19.79 -40.18
C4X FAD I . -4.89 -20.02 -40.87
N5 FAD I . -4.59 -21.13 -41.62
C5X FAD I . -5.57 -21.73 -42.38
C6 FAD I . -5.26 -22.86 -43.13
C7 FAD I . -6.24 -23.46 -43.89
C7M FAD I . -5.99 -24.80 -44.54
C8 FAD I . -7.53 -22.93 -43.91
C8M FAD I . -8.62 -23.62 -44.68
C9 FAD I . -7.83 -21.81 -43.16
C9A FAD I . -6.85 -21.19 -42.40
N10 FAD I . -7.16 -20.06 -41.65
C10 FAD I . -6.18 -19.47 -40.88
C1' FAD I . -8.41 -19.27 -41.95
C2' FAD I . -9.45 -19.50 -40.86
O2' FAD I . -9.44 -20.88 -40.52
C3' FAD I . -10.82 -19.12 -41.41
O3' FAD I . -10.90 -17.73 -41.69
C4' FAD I . -11.92 -19.47 -40.41
O4' FAD I . -11.91 -20.86 -40.21
C5' FAD I . -13.31 -19.03 -40.85
O5' FAD I . -13.59 -19.57 -42.10
P FAD I . -15.02 -20.22 -42.54
O1P FAD I . -15.80 -19.19 -43.28
O2P FAD I . -15.90 -20.86 -41.43
O3P FAD I . -14.54 -21.32 -43.60
C1 IPH J . -3.32 -15.17 -34.69
C2 IPH J . -4.08 -14.94 -33.56
C3 IPH J . -4.34 -13.64 -33.13
C4 IPH J . -3.80 -12.60 -33.89
C5 IPH J . -3.04 -12.82 -35.01
C6 IPH J . -2.79 -14.12 -35.45
O1 IPH J . -3.06 -16.46 -35.11
CL CL K . 17.14 16.20 20.96
PA FAD L . 40.72 14.25 21.55
O1A FAD L . 39.75 14.70 20.51
O2A FAD L . 42.19 14.18 21.09
O5B FAD L . 40.62 15.24 22.80
C5B FAD L . 41.62 15.19 23.79
C4B FAD L . 41.50 16.45 24.60
O4B FAD L . 42.34 16.31 25.75
C3B FAD L . 42.05 17.66 23.83
O3B FAD L . 41.23 18.78 24.10
C2B FAD L . 43.43 17.86 24.42
O2B FAD L . 43.92 19.20 24.42
C1B FAD L . 43.26 17.37 25.83
N9A FAD L . 44.51 16.85 26.45
C8A FAD L . 45.44 16.04 25.85
N7A FAD L . 46.41 15.77 26.74
C5A FAD L . 46.09 16.39 27.90
C6A FAD L . 46.73 16.46 29.11
N6A FAD L . 47.89 15.80 29.33
N1A FAD L . 46.14 17.21 30.11
C2A FAD L . 44.96 17.88 29.95
N3A FAD L . 44.34 17.80 28.72
C4A FAD L . 44.90 17.07 27.72
N1 FAD L . 35.76 10.83 14.19
C2 FAD L . 34.40 10.77 13.92
O2 FAD L . 33.60 10.18 14.65
N3 FAD L . 33.90 11.39 12.82
C4 FAD L . 34.71 12.10 11.95
O4 FAD L . 34.20 12.69 11.00
C4X FAD L . 36.09 12.15 12.18
N5 FAD L . 36.92 12.84 11.31
C5X FAD L . 38.29 12.88 11.55
C6 FAD L . 39.14 13.58 10.69
C7 FAD L . 40.51 13.62 10.95
C7M FAD L . 41.45 14.31 10.01
C8 FAD L . 41.04 12.97 12.07
C8M FAD L . 42.52 12.72 12.14
C9 FAD L . 40.18 12.30 12.93
C9A FAD L . 38.80 12.24 12.68
N10 FAD L . 37.96 11.57 13.56
C10 FAD L . 36.60 11.52 13.31
C1' FAD L . 38.47 11.01 14.85
C2' FAD L . 38.27 11.97 16.03
O2' FAD L . 38.90 13.21 15.76
C3' FAD L . 38.89 11.42 17.31
O3' FAD L . 38.75 10.02 17.41
C4' FAD L . 38.24 12.03 18.53
O4' FAD L . 38.43 13.43 18.49
C5' FAD L . 38.92 11.51 19.79
O5' FAD L . 38.24 12.14 20.84
P FAD L . 38.85 12.16 22.33
O1P FAD L . 39.07 10.80 22.81
O2P FAD L . 37.97 13.06 23.22
O3P FAD L . 40.33 12.82 22.15
C1 IPH M . 33.89 12.05 7.82
C2 IPH M . 32.56 12.04 8.19
C3 IPH M . 31.79 10.88 8.04
C4 IPH M . 32.40 9.73 7.55
C5 IPH M . 33.72 9.73 7.17
C6 IPH M . 34.48 10.90 7.32
O1 IPH M . 34.63 13.22 7.94
CL CL N . -10.08 -23.99 -11.16
PA FAD O . -20.83 -36.29 5.96
O1A FAD O . -21.29 -35.22 5.03
O2A FAD O . -21.85 -36.68 7.05
O5B FAD O . -20.46 -37.58 5.07
C5B FAD O . -20.21 -38.83 5.69
C4B FAD O . -20.27 -39.92 4.61
O4B FAD O . -19.89 -41.14 5.22
C3B FAD O . -21.71 -40.13 4.11
O3B FAD O . -21.73 -40.31 2.70
C2B FAD O . -22.17 -41.41 4.81
O2B FAD O . -23.06 -42.18 4.00
C1B FAD O . -20.86 -42.14 5.00
N9A FAD O . -20.84 -43.02 6.17
C8A FAD O . -21.29 -42.73 7.43
N7A FAD O . -21.05 -43.81 8.22
C5A FAD O . -20.43 -44.76 7.46
C6A FAD O . -19.97 -46.03 7.74
N6A FAD O . -20.08 -46.49 8.99
N1A FAD O . -19.37 -46.78 6.74
C2A FAD O . -19.24 -46.27 5.46
N3A FAD O . -19.72 -45.00 5.20
C4A FAD O . -20.30 -44.27 6.18
N1 FAD O . -21.39 -26.84 5.73
C2 FAD O . -20.81 -25.88 4.91
O2 FAD O . -19.59 -25.76 4.79
N3 FAD O . -21.63 -25.03 4.17
C4 FAD O . -23.01 -25.15 4.28
O4 FAD O . -23.71 -24.45 3.56
C4X FAD O . -23.59 -26.08 5.12
N5 FAD O . -24.95 -26.15 5.21
C5X FAD O . -25.52 -27.11 6.03
C6 FAD O . -26.90 -27.19 6.12
C7 FAD O . -27.48 -28.13 6.97
C7M FAD O . -28.98 -28.25 7.02
C8 FAD O . -26.68 -28.99 7.72
C8M FAD O . -27.29 -29.71 8.89
C9 FAD O . -25.30 -28.92 7.61
C9A FAD O . -24.71 -27.96 6.78
N10 FAD O . -23.34 -27.88 6.67
C10 FAD O . -22.77 -26.94 5.85
C1' FAD O . -22.45 -28.88 7.39
C2' FAD O . -22.01 -30.00 6.42
O2' FAD O . -23.13 -30.66 5.90
C3' FAD O . -21.20 -31.07 7.15
O3' FAD O . -20.34 -30.50 8.09
C4' FAD O . -20.38 -31.84 6.13
O4' FAD O . -21.27 -32.51 5.22
C5' FAD O . -19.51 -32.85 6.84
O5' FAD O . -18.81 -33.58 5.86
P FAD O . -18.21 -35.02 6.24
O1P FAD O . -17.26 -34.89 7.37
O2P FAD O . -17.57 -35.64 4.96
O3P FAD O . -19.45 -35.93 6.75
C1 IPH P . -25.35 -21.67 4.04
C2 IPH P . -24.36 -21.23 3.17
C3 IPH P . -23.45 -20.24 3.57
C4 IPH P . -23.53 -19.72 4.86
C5 IPH P . -24.52 -20.15 5.73
C6 IPH P . -25.43 -21.13 5.33
O1 IPH P . -26.25 -22.63 3.62
#